data_2MY2
#
_entry.id   2MY2
#
loop_
_entity.id
_entity.type
_entity.pdbx_description
1 polymer 'U2 snRNP component IST3'
2 polymer 'Pre-mRNA-splicing factor CWC26'
#
loop_
_entity_poly.entity_id
_entity_poly.type
_entity_poly.pdbx_seq_one_letter_code
_entity_poly.pdbx_strand_id
1 'polypeptide(L)'
;GAMGNEYKDNAYIYIGNLNRELTEGDILTVFSEYGVPVDVILSRDENTGESQGFAYLKYEDQRSTILAVDNLNGFKIGGR
ALKIDHTFYRPKRSLQKYYEAVKEELDRDIVSKNNAEK
;
A
2 'polypeptide(L)' YDKPAPENRFAIMPGSRWDGVHRSNGFEEKWFAKQNEINEK B
#
# COMPACT_ATOMS: atom_id res chain seq x y z
N GLY A 1 -14.98 -10.16 5.86
CA GLY A 1 -13.94 -9.09 5.88
C GLY A 1 -13.84 -8.52 7.30
N ALA A 2 -13.35 -9.33 8.22
CA ALA A 2 -13.20 -8.89 9.61
C ALA A 2 -14.51 -8.31 10.13
N MET A 3 -15.53 -9.15 10.24
CA MET A 3 -16.83 -8.71 10.73
C MET A 3 -16.85 -8.66 12.25
N GLY A 4 -17.49 -7.62 12.80
CA GLY A 4 -17.57 -7.46 14.26
C GLY A 4 -16.39 -6.64 14.78
N ASN A 5 -15.41 -6.39 13.92
CA ASN A 5 -14.22 -5.62 14.31
C ASN A 5 -14.13 -4.32 13.50
N GLU A 6 -14.32 -4.44 12.19
CA GLU A 6 -14.27 -3.27 11.32
C GLU A 6 -13.10 -2.37 11.69
N TYR A 7 -11.91 -2.72 11.21
CA TYR A 7 -10.71 -1.93 11.50
C TYR A 7 -10.78 -0.58 10.81
N LYS A 8 -10.23 0.44 11.46
CA LYS A 8 -10.23 1.79 10.90
C LYS A 8 -9.14 1.94 9.85
N ASP A 9 -8.62 3.15 9.71
CA ASP A 9 -7.57 3.41 8.73
C ASP A 9 -6.36 2.53 8.97
N ASN A 10 -6.46 1.26 8.60
CA ASN A 10 -5.37 0.29 8.80
C ASN A 10 -5.04 -0.41 7.49
N ALA A 11 -5.12 0.33 6.38
CA ALA A 11 -4.83 -0.25 5.08
C ALA A 11 -3.33 -0.35 4.85
N TYR A 12 -2.84 -1.58 4.68
CA TYR A 12 -1.41 -1.83 4.45
C TYR A 12 -1.22 -2.85 3.33
N ILE A 13 -0.15 -2.66 2.54
CA ILE A 13 0.16 -3.57 1.43
C ILE A 13 1.61 -4.00 1.50
N TYR A 14 1.88 -5.24 1.09
CA TYR A 14 3.23 -5.79 1.10
C TYR A 14 3.88 -5.56 -0.26
N ILE A 15 5.10 -5.00 -0.24
CA ILE A 15 5.84 -4.74 -1.47
C ILE A 15 7.10 -5.58 -1.52
N GLY A 16 7.23 -6.42 -2.55
CA GLY A 16 8.41 -7.28 -2.70
C GLY A 16 9.01 -7.17 -4.10
N ASN A 17 10.20 -7.74 -4.27
CA ASN A 17 10.88 -7.70 -5.56
C ASN A 17 11.18 -6.26 -5.97
N LEU A 18 11.66 -5.47 -5.01
CA LEU A 18 11.99 -4.06 -5.26
C LEU A 18 13.50 -3.89 -5.40
N ASN A 19 13.91 -2.82 -6.09
CA ASN A 19 15.33 -2.55 -6.29
C ASN A 19 16.00 -2.26 -4.94
N ARG A 20 17.24 -2.73 -4.79
CA ARG A 20 17.98 -2.50 -3.55
C ARG A 20 18.24 -1.02 -3.34
N GLU A 21 18.57 -0.32 -4.41
CA GLU A 21 18.85 1.11 -4.34
C GLU A 21 17.56 1.89 -4.16
N LEU A 22 16.43 1.21 -4.33
CA LEU A 22 15.14 1.86 -4.20
C LEU A 22 14.99 2.48 -2.80
N THR A 23 14.76 3.79 -2.74
CA THR A 23 14.60 4.48 -1.46
C THR A 23 13.14 4.84 -1.21
N GLU A 24 12.87 5.47 -0.07
CA GLU A 24 11.51 5.86 0.28
C GLU A 24 10.96 6.86 -0.75
N GLY A 25 11.82 7.77 -1.20
CA GLY A 25 11.39 8.76 -2.17
C GLY A 25 10.91 8.09 -3.46
N ASP A 26 11.67 7.10 -3.91
CA ASP A 26 11.29 6.39 -5.14
C ASP A 26 9.97 5.66 -4.96
N ILE A 27 9.80 5.02 -3.81
CA ILE A 27 8.57 4.29 -3.53
C ILE A 27 7.39 5.25 -3.48
N LEU A 28 7.57 6.38 -2.81
CA LEU A 28 6.50 7.36 -2.70
C LEU A 28 6.09 7.84 -4.08
N THR A 29 7.07 8.13 -4.92
CA THR A 29 6.79 8.62 -6.27
C THR A 29 6.04 7.57 -7.08
N VAL A 30 6.46 6.32 -6.98
CA VAL A 30 5.82 5.26 -7.73
C VAL A 30 4.35 5.11 -7.35
N PHE A 31 4.09 5.04 -6.05
CA PHE A 31 2.73 4.90 -5.54
C PHE A 31 2.03 6.26 -5.36
N SER A 32 2.82 7.32 -5.43
CA SER A 32 2.26 8.67 -5.24
C SER A 32 0.93 8.86 -5.98
N GLU A 33 0.94 8.65 -7.29
CA GLU A 33 -0.28 8.81 -8.10
C GLU A 33 -1.31 7.72 -7.79
N TYR A 34 -0.82 6.51 -7.58
CA TYR A 34 -1.69 5.37 -7.30
C TYR A 34 -2.14 5.37 -5.84
N GLY A 35 -2.32 6.55 -5.25
CA GLY A 35 -2.74 6.60 -3.84
C GLY A 35 -1.56 6.83 -2.91
N VAL A 36 -1.01 8.04 -2.93
CA VAL A 36 0.17 8.34 -2.13
C VAL A 36 -0.09 8.05 -0.63
N PRO A 37 0.76 7.24 0.00
CA PRO A 37 0.63 6.87 1.43
C PRO A 37 1.05 8.00 2.37
N VAL A 38 0.62 7.93 3.62
CA VAL A 38 0.96 8.95 4.60
C VAL A 38 2.19 8.52 5.43
N ASP A 39 2.62 7.27 5.23
CA ASP A 39 3.78 6.75 5.94
C ASP A 39 4.35 5.53 5.24
N VAL A 40 5.68 5.39 5.25
CA VAL A 40 6.34 4.24 4.61
C VAL A 40 7.23 3.50 5.62
N ILE A 41 7.01 2.20 5.76
CA ILE A 41 7.78 1.38 6.70
C ILE A 41 8.73 0.44 5.96
N LEU A 42 10.02 0.49 6.31
CA LEU A 42 11.03 -0.36 5.67
C LEU A 42 11.67 -1.30 6.69
N SER A 43 11.61 -2.59 6.40
CA SER A 43 12.20 -3.59 7.31
C SER A 43 13.72 -3.54 7.24
N ARG A 44 14.37 -3.67 8.39
CA ARG A 44 15.84 -3.65 8.44
C ARG A 44 16.35 -4.67 9.46
N ASP A 45 17.45 -5.32 9.13
CA ASP A 45 18.05 -6.33 10.02
C ASP A 45 18.89 -5.64 11.09
N GLU A 46 18.45 -5.76 12.33
CA GLU A 46 19.17 -5.13 13.44
C GLU A 46 20.60 -5.66 13.51
N ASN A 47 20.80 -6.88 13.05
CA ASN A 47 22.12 -7.48 13.06
C ASN A 47 23.09 -6.69 12.16
N THR A 48 22.61 -6.31 10.97
CA THR A 48 23.45 -5.54 10.03
C THR A 48 22.65 -4.37 9.44
N GLY A 49 21.43 -4.65 9.02
CA GLY A 49 20.58 -3.63 8.43
C GLY A 49 20.89 -3.44 6.95
N GLU A 50 21.10 -2.19 6.54
CA GLU A 50 21.40 -1.88 5.15
C GLU A 50 20.29 -2.39 4.24
N SER A 51 20.32 -3.68 3.93
CA SER A 51 19.30 -4.28 3.07
C SER A 51 17.97 -4.40 3.80
N GLN A 52 16.88 -4.56 3.04
CA GLN A 52 15.53 -4.68 3.63
C GLN A 52 14.86 -5.97 3.17
N GLY A 53 14.45 -6.01 1.91
CA GLY A 53 13.79 -7.18 1.35
C GLY A 53 12.28 -7.13 1.59
N PHE A 54 11.84 -6.21 2.44
CA PHE A 54 10.42 -6.06 2.74
C PHE A 54 10.09 -4.61 3.09
N ALA A 55 8.91 -4.16 2.68
CA ALA A 55 8.48 -2.80 2.97
C ALA A 55 6.95 -2.70 2.98
N TYR A 56 6.43 -1.80 3.82
CA TYR A 56 4.98 -1.61 3.92
C TYR A 56 4.65 -0.13 4.09
N LEU A 57 3.63 0.34 3.38
CA LEU A 57 3.21 1.75 3.45
C LEU A 57 1.72 1.84 3.74
N LYS A 58 1.31 2.88 4.49
CA LYS A 58 -0.09 3.06 4.84
C LYS A 58 -0.82 3.87 3.76
N TYR A 59 -1.96 3.35 3.29
CA TYR A 59 -2.75 4.03 2.26
C TYR A 59 -3.88 4.84 2.90
N GLU A 60 -4.15 6.01 2.34
CA GLU A 60 -5.22 6.86 2.86
C GLU A 60 -6.55 6.14 2.76
N ASP A 61 -6.78 5.46 1.63
CA ASP A 61 -8.03 4.72 1.41
C ASP A 61 -7.74 3.25 1.13
N GLN A 62 -8.51 2.37 1.77
CA GLN A 62 -8.33 0.94 1.57
C GLN A 62 -8.77 0.52 0.18
N ARG A 63 -9.64 1.32 -0.43
CA ARG A 63 -10.13 1.01 -1.78
C ARG A 63 -9.12 1.46 -2.82
N SER A 64 -8.36 2.49 -2.49
CA SER A 64 -7.35 3.01 -3.40
C SER A 64 -6.23 2.00 -3.59
N THR A 65 -6.06 1.13 -2.60
CA THR A 65 -5.01 0.13 -2.65
C THR A 65 -5.20 -0.78 -3.87
N ILE A 66 -6.44 -0.92 -4.31
CA ILE A 66 -6.74 -1.76 -5.46
C ILE A 66 -6.03 -1.23 -6.71
N LEU A 67 -6.01 0.09 -6.86
CA LEU A 67 -5.37 0.71 -8.02
C LEU A 67 -3.91 0.28 -8.15
N ALA A 68 -3.11 0.58 -7.13
CA ALA A 68 -1.69 0.23 -7.17
C ALA A 68 -1.50 -1.26 -7.34
N VAL A 69 -2.35 -2.04 -6.68
CA VAL A 69 -2.26 -3.49 -6.77
C VAL A 69 -2.41 -3.96 -8.21
N ASP A 70 -3.58 -3.76 -8.78
CA ASP A 70 -3.86 -4.19 -10.15
C ASP A 70 -2.98 -3.45 -11.16
N ASN A 71 -2.39 -2.34 -10.72
CA ASN A 71 -1.55 -1.55 -11.62
C ASN A 71 -0.08 -1.98 -11.57
N LEU A 72 0.47 -2.06 -10.35
CA LEU A 72 1.87 -2.45 -10.18
C LEU A 72 2.02 -3.97 -10.01
N ASN A 73 0.92 -4.70 -10.21
CA ASN A 73 0.96 -6.17 -10.08
C ASN A 73 1.57 -6.78 -11.35
N GLY A 74 2.77 -7.31 -11.22
CA GLY A 74 3.45 -7.94 -12.35
C GLY A 74 4.12 -6.89 -13.23
N PHE A 75 4.02 -5.62 -12.82
CA PHE A 75 4.62 -4.54 -13.58
C PHE A 75 6.14 -4.61 -13.48
N LYS A 76 6.81 -4.45 -14.61
CA LYS A 76 8.28 -4.52 -14.64
C LYS A 76 8.90 -3.14 -14.41
N ILE A 77 9.83 -3.08 -13.46
CA ILE A 77 10.53 -1.83 -13.13
C ILE A 77 12.00 -2.12 -12.84
N GLY A 78 12.89 -1.68 -13.73
CA GLY A 78 14.31 -1.89 -13.53
C GLY A 78 14.70 -3.33 -13.80
N GLY A 79 13.84 -4.05 -14.54
CA GLY A 79 14.10 -5.45 -14.85
C GLY A 79 13.58 -6.37 -13.75
N ARG A 80 12.81 -5.80 -12.82
CA ARG A 80 12.25 -6.58 -11.72
C ARG A 80 10.73 -6.39 -11.64
N ALA A 81 10.01 -7.49 -11.55
CA ALA A 81 8.55 -7.43 -11.47
C ALA A 81 8.09 -7.16 -10.03
N LEU A 82 7.28 -6.14 -9.85
CA LEU A 82 6.78 -5.79 -8.51
C LEU A 82 5.74 -6.80 -8.04
N LYS A 83 5.77 -7.11 -6.75
CA LYS A 83 4.81 -8.05 -6.16
C LYS A 83 4.00 -7.36 -5.07
N ILE A 84 2.77 -6.99 -5.41
CA ILE A 84 1.88 -6.31 -4.46
C ILE A 84 0.92 -7.30 -3.83
N ASP A 85 0.73 -7.19 -2.51
CA ASP A 85 -0.17 -8.09 -1.80
C ASP A 85 -0.70 -7.42 -0.53
N HIS A 86 -1.88 -7.84 -0.08
CA HIS A 86 -2.48 -7.27 1.12
C HIS A 86 -1.79 -7.81 2.36
N THR A 87 -1.59 -6.93 3.36
CA THR A 87 -0.94 -7.32 4.60
C THR A 87 -1.97 -7.79 5.63
N PHE A 88 -1.50 -8.19 6.81
CA PHE A 88 -2.39 -8.67 7.87
C PHE A 88 -1.85 -8.27 9.24
N TYR A 89 -0.65 -7.70 9.26
CA TYR A 89 -0.03 -7.29 10.52
C TYR A 89 -0.60 -5.95 10.98
N ARG A 90 -0.57 -5.70 12.28
CA ARG A 90 -1.07 -4.43 12.84
C ARG A 90 0.08 -3.51 13.26
N PRO A 91 -0.11 -2.20 13.16
CA PRO A 91 0.93 -1.20 13.56
C PRO A 91 1.13 -1.15 15.08
N LYS A 92 2.25 -0.56 15.50
CA LYS A 92 2.55 -0.46 16.92
C LYS A 92 1.33 0.02 17.70
N ARG A 93 0.97 -0.72 18.74
CA ARG A 93 -0.19 -0.36 19.56
C ARG A 93 0.09 0.90 20.37
N SER A 94 -0.95 1.71 20.58
CA SER A 94 -0.80 2.95 21.35
C SER A 94 -2.05 3.21 22.19
N LEU A 95 -1.97 2.90 23.49
CA LEU A 95 -3.11 3.11 24.38
C LEU A 95 -3.00 4.46 25.09
N GLN A 96 -3.56 5.50 24.47
CA GLN A 96 -3.52 6.85 25.06
C GLN A 96 -4.82 7.59 24.78
N LYS A 97 -4.86 8.35 23.70
CA LYS A 97 -6.05 9.10 23.33
C LYS A 97 -7.17 8.15 22.98
N TYR A 98 -6.81 6.94 22.57
CA TYR A 98 -7.80 5.92 22.20
C TYR A 98 -8.70 5.60 23.38
N TYR A 99 -8.27 5.97 24.58
CA TYR A 99 -9.05 5.70 25.78
C TYR A 99 -10.46 6.25 25.65
N GLU A 100 -10.58 7.45 25.08
CA GLU A 100 -11.89 8.07 24.90
C GLU A 100 -12.74 7.25 23.93
N ALA A 101 -12.08 6.40 23.15
CA ALA A 101 -12.79 5.56 22.19
C ALA A 101 -13.50 4.40 22.90
N VAL A 102 -13.16 4.19 24.17
CA VAL A 102 -13.77 3.11 24.94
C VAL A 102 -15.28 3.32 25.04
N LYS A 103 -16.04 2.22 24.94
CA LYS A 103 -17.49 2.27 25.02
C LYS A 103 -18.06 3.01 23.80
N GLU A 104 -19.32 2.72 23.48
CA GLU A 104 -19.97 3.35 22.34
C GLU A 104 -20.30 4.80 22.65
N GLU A 105 -19.28 5.66 22.55
CA GLU A 105 -19.47 7.08 22.81
C GLU A 105 -20.41 7.69 21.77
N LEU A 106 -20.25 7.30 20.51
CA LEU A 106 -21.08 7.81 19.43
C LEU A 106 -22.05 6.73 18.94
N ASP A 107 -21.56 5.88 18.05
CA ASP A 107 -22.38 4.79 17.52
C ASP A 107 -23.75 5.30 17.11
N ARG A 108 -23.77 6.37 16.32
CA ARG A 108 -25.03 6.95 15.86
C ARG A 108 -25.94 7.24 17.06
N ASP A 109 -25.35 7.78 18.12
CA ASP A 109 -26.12 8.09 19.32
C ASP A 109 -26.78 6.84 19.88
N ILE A 110 -25.98 5.79 20.05
CA ILE A 110 -26.50 4.53 20.58
C ILE A 110 -27.65 4.02 19.71
N VAL A 111 -27.42 3.95 18.40
CA VAL A 111 -28.44 3.48 17.48
C VAL A 111 -29.73 4.27 17.65
N SER A 112 -29.79 5.45 17.04
CA SER A 112 -30.98 6.29 17.13
C SER A 112 -32.18 5.58 16.54
N LYS A 113 -31.97 4.90 15.42
CA LYS A 113 -33.04 4.17 14.74
C LYS A 113 -33.47 2.98 15.59
N ASN A 114 -32.67 2.65 16.60
CA ASN A 114 -32.99 1.52 17.48
C ASN A 114 -33.10 0.23 16.67
N ASN A 115 -34.07 -0.61 17.03
CA ASN A 115 -34.27 -1.89 16.32
C ASN A 115 -35.23 -1.70 15.15
N ALA A 116 -34.68 -1.67 13.94
CA ALA A 116 -35.51 -1.50 12.75
C ALA A 116 -36.46 -0.32 12.92
N GLU A 117 -37.31 -0.11 11.92
CA GLU A 117 -38.28 0.99 11.96
C GLU A 117 -39.48 0.61 12.82
N LYS A 118 -40.13 1.62 13.41
CA LYS A 118 -41.30 1.38 14.25
C LYS A 118 -42.37 0.65 13.46
N TYR B 1 -24.71 -1.05 -22.76
CA TYR B 1 -23.62 -1.28 -23.76
C TYR B 1 -22.47 -2.05 -23.10
N ASP B 2 -22.06 -3.13 -23.74
CA ASP B 2 -20.97 -3.95 -23.21
C ASP B 2 -19.64 -3.23 -23.39
N LYS B 3 -18.92 -3.06 -22.28
CA LYS B 3 -17.63 -2.37 -22.32
C LYS B 3 -16.58 -3.23 -23.06
N PRO B 4 -15.64 -2.60 -23.75
CA PRO B 4 -14.58 -3.33 -24.51
C PRO B 4 -13.60 -4.06 -23.59
N ALA B 5 -13.30 -3.44 -22.45
CA ALA B 5 -12.38 -4.04 -21.50
C ALA B 5 -12.46 -3.33 -20.13
N PRO B 6 -12.12 -4.01 -19.06
CA PRO B 6 -12.15 -3.42 -17.68
C PRO B 6 -11.05 -2.38 -17.50
N GLU B 7 -11.29 -1.43 -16.59
CA GLU B 7 -10.31 -0.38 -16.31
C GLU B 7 -10.50 0.16 -14.90
N ASN B 8 -9.67 1.13 -14.52
CA ASN B 8 -9.75 1.72 -13.20
C ASN B 8 -10.98 2.62 -13.09
N ARG B 9 -11.72 2.47 -11.99
CA ARG B 9 -12.93 3.27 -11.76
C ARG B 9 -12.58 4.56 -11.02
N PHE B 10 -11.89 4.41 -9.90
CA PHE B 10 -11.50 5.57 -9.08
C PHE B 10 -10.37 6.34 -9.77
N ALA B 11 -10.70 7.48 -10.35
CA ALA B 11 -9.69 8.30 -11.03
C ALA B 11 -9.06 9.29 -10.06
N ILE B 12 -8.23 8.77 -9.16
CA ILE B 12 -7.57 9.63 -8.17
C ILE B 12 -6.55 10.53 -8.87
N MET B 13 -6.68 11.83 -8.65
CA MET B 13 -5.77 12.79 -9.27
C MET B 13 -4.34 12.66 -8.71
N PRO B 14 -3.34 12.93 -9.51
CA PRO B 14 -1.90 12.84 -9.08
C PRO B 14 -1.52 13.99 -8.15
N GLY B 15 -0.40 13.81 -7.43
CA GLY B 15 0.08 14.83 -6.49
C GLY B 15 1.47 15.33 -6.89
N SER B 16 1.91 16.42 -6.27
CA SER B 16 3.22 16.99 -6.57
C SER B 16 4.32 15.99 -6.23
N ARG B 17 4.12 15.24 -5.16
CA ARG B 17 5.11 14.24 -4.73
C ARG B 17 5.44 13.28 -5.87
N TRP B 18 4.49 13.13 -6.80
CA TRP B 18 4.69 12.23 -7.93
C TRP B 18 5.89 12.65 -8.78
N ASP B 19 6.44 13.81 -8.49
CA ASP B 19 7.59 14.32 -9.23
C ASP B 19 7.25 14.56 -10.70
N GLY B 20 6.21 13.86 -11.18
CA GLY B 20 5.80 13.99 -12.58
C GLY B 20 6.54 13.01 -13.47
N VAL B 21 7.15 12.00 -12.85
CA VAL B 21 7.89 10.98 -13.61
C VAL B 21 6.93 10.05 -14.33
N HIS B 22 7.38 9.47 -15.43
CA HIS B 22 6.54 8.57 -16.20
C HIS B 22 6.27 7.26 -15.45
N ARG B 23 4.99 6.93 -15.26
CA ARG B 23 4.60 5.70 -14.55
C ARG B 23 3.43 5.05 -15.28
N SER B 24 3.69 3.89 -15.90
CA SER B 24 2.65 3.17 -16.64
C SER B 24 2.40 1.82 -16.02
N ASN B 25 1.20 1.29 -16.24
CA ASN B 25 0.83 -0.02 -15.69
C ASN B 25 0.05 -0.84 -16.71
N GLY B 26 -0.53 -0.16 -17.69
CA GLY B 26 -1.31 -0.84 -18.74
C GLY B 26 -1.40 0.02 -19.99
N PHE B 27 -1.41 -0.63 -21.15
CA PHE B 27 -1.50 0.07 -22.42
C PHE B 27 -2.87 0.70 -22.58
N GLU B 28 -3.86 0.14 -21.89
CA GLU B 28 -5.23 0.64 -21.95
C GLU B 28 -5.28 2.12 -21.56
N GLU B 29 -4.25 2.56 -20.83
CA GLU B 29 -4.20 3.95 -20.39
C GLU B 29 -4.46 4.90 -21.55
N LYS B 30 -4.20 4.42 -22.76
CA LYS B 30 -4.43 5.25 -23.95
C LYS B 30 -5.87 5.71 -24.01
N TRP B 31 -6.78 4.89 -23.48
CA TRP B 31 -8.19 5.23 -23.48
C TRP B 31 -8.45 6.51 -22.69
N PHE B 32 -7.86 6.60 -21.50
CA PHE B 32 -8.04 7.77 -20.66
C PHE B 32 -7.48 9.01 -21.36
N ALA B 33 -6.34 8.84 -22.03
CA ALA B 33 -5.73 9.96 -22.74
C ALA B 33 -6.64 10.47 -23.84
N LYS B 34 -7.28 9.55 -24.55
CA LYS B 34 -8.17 9.92 -25.64
C LYS B 34 -9.34 10.75 -25.12
N GLN B 35 -9.87 10.36 -23.97
CA GLN B 35 -10.99 11.10 -23.37
C GLN B 35 -10.57 12.51 -23.00
N ASN B 36 -9.37 12.63 -22.44
CA ASN B 36 -8.86 13.93 -22.05
C ASN B 36 -8.49 14.75 -23.27
N GLU B 37 -8.10 14.06 -24.34
CA GLU B 37 -7.71 14.74 -25.58
C GLU B 37 -8.88 14.82 -26.55
N ILE B 38 -9.75 15.81 -26.35
CA ILE B 38 -10.92 16.00 -27.22
C ILE B 38 -11.01 17.46 -27.68
N ASN B 39 -10.82 17.69 -28.97
CA ASN B 39 -10.88 19.04 -29.53
C ASN B 39 -12.03 19.15 -30.54
N GLU B 40 -12.83 18.10 -30.66
CA GLU B 40 -13.96 18.10 -31.59
C GLU B 40 -15.19 17.46 -30.93
N LYS B 41 -16.32 18.16 -30.99
CA LYS B 41 -17.55 17.66 -30.41
C LYS B 41 -18.73 18.56 -30.77
N GLY A 1 -21.67 12.42 3.33
CA GLY A 1 -20.42 13.19 3.13
C GLY A 1 -19.24 12.23 3.06
N ALA A 2 -19.47 11.05 2.48
CA ALA A 2 -18.42 10.05 2.36
C ALA A 2 -17.83 9.72 3.72
N MET A 3 -18.62 9.06 4.57
CA MET A 3 -18.16 8.69 5.91
C MET A 3 -18.80 7.37 6.34
N GLY A 4 -18.18 6.72 7.33
CA GLY A 4 -18.69 5.45 7.82
C GLY A 4 -17.96 5.03 9.09
N ASN A 5 -18.24 3.82 9.55
CA ASN A 5 -17.60 3.31 10.76
C ASN A 5 -16.21 2.78 10.46
N GLU A 6 -15.29 3.70 10.15
CA GLU A 6 -13.91 3.32 9.83
C GLU A 6 -12.93 4.30 10.49
N TYR A 7 -12.04 3.77 11.34
CA TYR A 7 -11.06 4.61 12.03
C TYR A 7 -9.66 3.99 11.93
N LYS A 8 -9.60 2.77 11.43
CA LYS A 8 -8.33 2.08 11.28
C LYS A 8 -7.56 2.61 10.07
N ASP A 9 -8.00 2.23 8.89
CA ASP A 9 -7.35 2.68 7.66
C ASP A 9 -5.84 2.47 7.76
N ASN A 10 -5.43 1.45 8.51
CA ASN A 10 -4.01 1.16 8.68
C ASN A 10 -3.60 -0.05 7.85
N ALA A 11 -4.43 -0.38 6.86
CA ALA A 11 -4.14 -1.52 5.99
C ALA A 11 -2.78 -1.37 5.34
N TYR A 12 -2.04 -2.48 5.25
CA TYR A 12 -0.70 -2.46 4.65
C TYR A 12 -0.63 -3.41 3.46
N ILE A 13 0.25 -3.11 2.50
CA ILE A 13 0.41 -3.94 1.30
C ILE A 13 1.80 -4.57 1.28
N TYR A 14 1.87 -5.84 0.92
CA TYR A 14 3.14 -6.54 0.87
C TYR A 14 3.85 -6.23 -0.45
N ILE A 15 5.01 -5.58 -0.36
CA ILE A 15 5.78 -5.25 -1.56
C ILE A 15 7.03 -6.12 -1.64
N GLY A 16 6.95 -7.21 -2.42
CA GLY A 16 8.08 -8.12 -2.57
C GLY A 16 8.91 -7.80 -3.81
N ASN A 17 10.04 -8.49 -3.96
CA ASN A 17 10.91 -8.28 -5.11
C ASN A 17 11.19 -6.79 -5.29
N LEU A 18 11.39 -6.08 -4.17
CA LEU A 18 11.65 -4.66 -4.22
C LEU A 18 13.15 -4.40 -4.40
N ASN A 19 13.49 -3.60 -5.39
CA ASN A 19 14.88 -3.28 -5.66
C ASN A 19 15.46 -2.44 -4.52
N ARG A 20 16.62 -2.87 -4.00
CA ARG A 20 17.26 -2.15 -2.91
C ARG A 20 17.74 -0.78 -3.37
N GLU A 21 17.95 -0.63 -4.68
CA GLU A 21 18.42 0.63 -5.23
C GLU A 21 17.40 1.74 -5.00
N LEU A 22 16.13 1.36 -4.94
CA LEU A 22 15.06 2.34 -4.73
C LEU A 22 15.00 2.74 -3.25
N THR A 23 14.81 4.04 -3.01
CA THR A 23 14.73 4.55 -1.64
C THR A 23 13.29 4.94 -1.28
N GLU A 24 13.12 5.59 -0.14
CA GLU A 24 11.80 6.00 0.30
C GLU A 24 11.15 6.93 -0.73
N GLY A 25 11.93 7.88 -1.24
CA GLY A 25 11.43 8.82 -2.22
C GLY A 25 10.96 8.11 -3.49
N ASP A 26 11.74 7.12 -3.92
CA ASP A 26 11.40 6.38 -5.13
C ASP A 26 10.07 5.65 -4.96
N ILE A 27 9.89 5.00 -3.81
CA ILE A 27 8.65 4.28 -3.54
C ILE A 27 7.46 5.23 -3.53
N LEU A 28 7.65 6.38 -2.91
CA LEU A 28 6.58 7.36 -2.82
C LEU A 28 6.15 7.84 -4.20
N THR A 29 7.12 8.15 -5.06
CA THR A 29 6.82 8.63 -6.41
C THR A 29 6.12 7.54 -7.22
N VAL A 30 6.55 6.31 -7.05
CA VAL A 30 5.96 5.20 -7.78
C VAL A 30 4.49 5.02 -7.41
N PHE A 31 4.21 4.96 -6.11
CA PHE A 31 2.83 4.78 -5.62
C PHE A 31 2.10 6.12 -5.49
N SER A 32 2.85 7.22 -5.57
CA SER A 32 2.26 8.56 -5.43
C SER A 32 0.93 8.66 -6.19
N GLU A 33 0.95 8.38 -7.48
CA GLU A 33 -0.26 8.45 -8.31
C GLU A 33 -1.25 7.34 -7.92
N TYR A 34 -0.73 6.18 -7.61
CA TYR A 34 -1.57 5.04 -7.24
C TYR A 34 -1.95 5.07 -5.76
N GLY A 35 -2.18 6.28 -5.22
CA GLY A 35 -2.54 6.40 -3.80
C GLY A 35 -1.33 6.80 -2.96
N VAL A 36 -0.88 8.04 -3.11
CA VAL A 36 0.30 8.50 -2.37
C VAL A 36 0.15 8.24 -0.87
N PRO A 37 0.89 7.26 -0.35
CA PRO A 37 0.84 6.86 1.10
C PRO A 37 1.24 8.01 2.02
N VAL A 38 0.76 7.96 3.25
CA VAL A 38 1.08 9.00 4.23
C VAL A 38 2.27 8.57 5.07
N ASP A 39 2.47 7.26 5.19
CA ASP A 39 3.59 6.72 5.98
C ASP A 39 4.13 5.43 5.36
N VAL A 40 5.46 5.30 5.30
CA VAL A 40 6.09 4.09 4.72
C VAL A 40 7.10 3.50 5.71
N ILE A 41 6.98 2.19 5.96
CA ILE A 41 7.90 1.51 6.89
C ILE A 41 8.97 0.74 6.12
N LEU A 42 10.24 1.04 6.43
CA LEU A 42 11.36 0.37 5.76
C LEU A 42 11.96 -0.69 6.68
N SER A 43 11.73 -1.96 6.36
CA SER A 43 12.26 -3.05 7.17
C SER A 43 13.77 -3.14 7.03
N ARG A 44 14.43 -3.71 8.04
CA ARG A 44 15.89 -3.84 8.02
C ARG A 44 16.30 -5.27 8.36
N ASP A 45 17.17 -5.85 7.52
CA ASP A 45 17.64 -7.21 7.75
C ASP A 45 18.78 -7.22 8.76
N GLU A 46 18.61 -7.98 9.84
CA GLU A 46 19.63 -8.07 10.87
C GLU A 46 20.92 -8.69 10.32
N ASN A 47 20.80 -9.39 9.18
CA ASN A 47 21.96 -10.03 8.57
C ASN A 47 22.92 -8.99 7.99
N THR A 48 22.36 -7.95 7.36
CA THR A 48 23.19 -6.89 6.76
C THR A 48 23.06 -5.59 7.54
N GLY A 49 21.89 -5.37 8.09
CA GLY A 49 21.63 -4.17 8.86
C GLY A 49 21.45 -2.97 7.95
N GLU A 50 21.14 -3.23 6.69
CA GLU A 50 20.94 -2.15 5.72
C GLU A 50 20.04 -2.62 4.58
N SER A 51 20.18 -3.89 4.19
CA SER A 51 19.38 -4.44 3.11
C SER A 51 17.93 -4.58 3.53
N GLN A 52 17.03 -4.64 2.55
CA GLN A 52 15.59 -4.79 2.83
C GLN A 52 14.96 -5.78 1.86
N GLY A 53 14.68 -5.31 0.64
CA GLY A 53 14.06 -6.17 -0.38
C GLY A 53 12.55 -6.12 -0.30
N PHE A 54 12.04 -5.51 0.76
CA PHE A 54 10.58 -5.38 0.94
C PHE A 54 10.25 -4.22 1.87
N ALA A 55 9.02 -3.72 1.79
CA ALA A 55 8.60 -2.61 2.63
C ALA A 55 7.07 -2.59 2.75
N TYR A 56 6.57 -1.79 3.69
CA TYR A 56 5.12 -1.69 3.90
C TYR A 56 4.68 -0.22 3.96
N LEU A 57 3.67 0.13 3.16
CA LEU A 57 3.16 1.50 3.13
C LEU A 57 1.64 1.50 3.21
N LYS A 58 1.08 2.54 3.87
CA LYS A 58 -0.38 2.65 4.02
C LYS A 58 -0.88 4.02 3.58
N TYR A 59 -2.04 4.07 2.95
CA TYR A 59 -2.64 5.33 2.49
C TYR A 59 -3.97 5.59 3.18
N GLU A 60 -4.47 6.81 3.04
CA GLU A 60 -5.74 7.17 3.67
C GLU A 60 -6.86 6.28 3.16
N ASP A 61 -6.88 6.04 1.84
CA ASP A 61 -7.92 5.19 1.24
C ASP A 61 -7.36 3.82 0.90
N GLN A 62 -7.84 2.79 1.59
CA GLN A 62 -7.39 1.43 1.34
C GLN A 62 -7.76 0.99 -0.08
N ARG A 63 -8.90 1.48 -0.55
CA ARG A 63 -9.38 1.13 -1.88
C ARG A 63 -8.36 1.51 -2.95
N SER A 64 -7.58 2.55 -2.67
CA SER A 64 -6.56 3.01 -3.61
C SER A 64 -5.54 1.91 -3.88
N THR A 65 -5.38 1.01 -2.92
CA THR A 65 -4.42 -0.08 -3.07
C THR A 65 -4.79 -0.98 -4.24
N ILE A 66 -6.08 -0.99 -4.60
CA ILE A 66 -6.55 -1.80 -5.71
C ILE A 66 -5.90 -1.35 -7.01
N LEU A 67 -5.72 -0.04 -7.17
CA LEU A 67 -5.11 0.49 -8.38
C LEU A 67 -3.74 -0.14 -8.62
N ALA A 68 -2.91 -0.15 -7.58
CA ALA A 68 -1.58 -0.74 -7.69
C ALA A 68 -1.67 -2.23 -7.97
N VAL A 69 -2.62 -2.89 -7.32
CA VAL A 69 -2.80 -4.32 -7.50
C VAL A 69 -3.28 -4.63 -8.91
N ASP A 70 -4.05 -3.72 -9.50
CA ASP A 70 -4.58 -3.91 -10.85
C ASP A 70 -3.64 -3.32 -11.90
N ASN A 71 -2.67 -2.49 -11.46
CA ASN A 71 -1.73 -1.84 -12.39
C ASN A 71 -0.25 -2.22 -12.14
N LEU A 72 0.22 -2.03 -10.92
CA LEU A 72 1.62 -2.33 -10.57
C LEU A 72 1.81 -3.77 -10.08
N ASN A 73 0.87 -4.65 -10.43
CA ASN A 73 0.97 -6.06 -10.03
C ASN A 73 1.82 -6.84 -11.03
N GLY A 74 3.01 -7.22 -10.61
CA GLY A 74 3.90 -8.00 -11.48
C GLY A 74 4.53 -7.10 -12.55
N PHE A 75 4.24 -5.81 -12.49
CA PHE A 75 4.79 -4.86 -13.46
C PHE A 75 6.29 -4.79 -13.35
N LYS A 76 6.97 -4.99 -14.48
CA LYS A 76 8.42 -4.95 -14.49
C LYS A 76 8.90 -3.53 -14.26
N ILE A 77 9.58 -3.30 -13.15
CA ILE A 77 10.08 -1.97 -12.83
C ILE A 77 11.45 -2.06 -12.16
N GLY A 78 12.39 -1.25 -12.63
CA GLY A 78 13.73 -1.24 -12.06
C GLY A 78 14.49 -2.50 -12.46
N GLY A 79 14.03 -3.16 -13.51
CA GLY A 79 14.67 -4.38 -14.00
C GLY A 79 14.03 -5.61 -13.36
N ARG A 80 13.18 -5.40 -12.36
CA ARG A 80 12.50 -6.49 -11.68
C ARG A 80 11.03 -6.16 -11.44
N ALA A 81 10.20 -7.20 -11.35
CA ALA A 81 8.77 -7.00 -11.13
C ALA A 81 8.44 -7.05 -9.64
N LEU A 82 7.71 -6.03 -9.16
CA LEU A 82 7.34 -5.96 -7.75
C LEU A 82 6.03 -6.73 -7.52
N LYS A 83 5.88 -7.29 -6.33
CA LYS A 83 4.66 -8.06 -5.99
C LYS A 83 3.76 -7.22 -5.08
N ILE A 84 2.54 -6.95 -5.55
CA ILE A 84 1.58 -6.15 -4.77
C ILE A 84 0.50 -7.06 -4.17
N ASP A 85 0.46 -7.12 -2.83
CA ASP A 85 -0.54 -7.94 -2.14
C ASP A 85 -1.01 -7.25 -0.86
N HIS A 86 -2.15 -7.69 -0.35
CA HIS A 86 -2.71 -7.10 0.88
C HIS A 86 -2.18 -7.79 2.13
N THR A 87 -1.72 -7.01 3.11
CA THR A 87 -1.21 -7.57 4.37
C THR A 87 -1.68 -6.73 5.54
N PHE A 88 -1.97 -7.39 6.67
CA PHE A 88 -2.45 -6.71 7.88
C PHE A 88 -1.60 -7.07 9.09
N TYR A 89 -0.29 -7.13 8.90
CA TYR A 89 0.62 -7.47 9.98
C TYR A 89 0.52 -6.43 11.10
N ARG A 90 0.45 -6.90 12.34
CA ARG A 90 0.34 -5.99 13.47
C ARG A 90 1.53 -5.00 13.51
N PRO A 91 1.28 -3.73 13.78
CA PRO A 91 2.34 -2.68 13.85
C PRO A 91 3.16 -2.77 15.13
N LYS A 92 4.35 -2.19 15.11
CA LYS A 92 5.22 -2.20 16.29
C LYS A 92 4.58 -1.41 17.43
N ARG A 93 3.65 -0.53 17.08
CA ARG A 93 2.98 0.29 18.08
C ARG A 93 2.16 -0.59 19.02
N SER A 94 2.35 -0.40 20.32
CA SER A 94 1.62 -1.18 21.32
C SER A 94 1.66 -0.49 22.68
N LEU A 95 0.98 0.65 22.78
CA LEU A 95 0.95 1.39 24.04
C LEU A 95 -0.38 2.13 24.18
N GLN A 96 -1.20 1.70 25.14
CA GLN A 96 -2.50 2.33 25.38
C GLN A 96 -2.98 2.07 26.80
N LYS A 97 -2.89 0.80 27.22
CA LYS A 97 -3.33 0.44 28.57
C LYS A 97 -2.94 -1.02 28.86
N TYR A 98 -1.79 -1.44 28.36
CA TYR A 98 -1.33 -2.80 28.59
C TYR A 98 -1.40 -3.16 30.07
N TYR A 99 -1.99 -4.32 30.38
CA TYR A 99 -2.10 -4.77 31.77
C TYR A 99 -1.75 -6.24 31.88
N GLU A 100 -2.06 -7.00 30.83
CA GLU A 100 -1.78 -8.42 30.82
C GLU A 100 -0.29 -8.68 30.71
N ALA A 101 0.46 -7.66 30.28
CA ALA A 101 1.90 -7.78 30.13
C ALA A 101 2.59 -7.79 31.50
N VAL A 102 1.88 -7.34 32.54
CA VAL A 102 2.44 -7.30 33.90
C VAL A 102 1.73 -8.29 34.82
N LYS A 103 0.54 -8.72 34.40
CA LYS A 103 -0.22 -9.68 35.20
C LYS A 103 0.65 -10.85 35.64
N GLU A 104 0.68 -11.92 34.84
CA GLU A 104 1.48 -13.10 35.16
C GLU A 104 2.26 -13.58 33.93
N GLU A 105 2.53 -12.65 33.01
CA GLU A 105 3.26 -13.00 31.80
C GLU A 105 4.66 -13.52 32.14
N LEU A 106 5.31 -12.86 33.09
CA LEU A 106 6.66 -13.25 33.50
C LEU A 106 6.61 -14.57 34.29
N ASP A 107 5.62 -14.68 35.17
CA ASP A 107 5.49 -15.89 35.98
C ASP A 107 5.31 -17.12 35.11
N ARG A 108 4.49 -17.00 34.07
CA ARG A 108 4.24 -18.12 33.15
C ARG A 108 3.72 -19.32 33.93
N ASP A 109 4.63 -20.24 34.26
CA ASP A 109 4.25 -21.44 35.01
C ASP A 109 5.46 -21.98 35.78
N ILE A 110 6.43 -21.12 36.03
CA ILE A 110 7.63 -21.53 36.75
C ILE A 110 7.34 -21.64 38.25
N VAL A 111 6.13 -21.23 38.66
CA VAL A 111 5.73 -21.28 40.07
C VAL A 111 6.34 -22.51 40.77
N SER A 112 7.09 -22.25 41.84
CA SER A 112 7.72 -23.34 42.59
C SER A 112 6.67 -24.25 43.22
N LYS A 113 5.56 -23.66 43.66
CA LYS A 113 4.49 -24.43 44.28
C LYS A 113 3.81 -25.32 43.25
N ASN A 114 3.45 -26.54 43.66
CA ASN A 114 2.80 -27.48 42.76
C ASN A 114 1.63 -28.18 43.45
N ASN A 115 1.33 -27.73 44.67
CA ASN A 115 0.23 -28.31 45.44
C ASN A 115 0.35 -29.83 45.48
N ALA A 116 1.58 -30.31 45.70
CA ALA A 116 1.82 -31.75 45.76
C ALA A 116 1.02 -32.38 46.90
N GLU A 117 0.95 -31.67 48.03
CA GLU A 117 0.21 -32.16 49.19
C GLU A 117 -1.27 -32.34 48.84
N LYS A 118 -1.77 -31.55 47.90
CA LYS A 118 -3.18 -31.64 47.48
C LYS A 118 -4.08 -31.96 48.68
N TYR B 1 -23.78 1.41 -24.54
CA TYR B 1 -23.88 2.90 -24.50
C TYR B 1 -22.78 3.45 -23.61
N ASP B 2 -22.71 4.77 -23.50
CA ASP B 2 -21.70 5.42 -22.68
C ASP B 2 -21.87 5.01 -21.21
N LYS B 3 -20.76 4.80 -20.53
CA LYS B 3 -20.80 4.41 -19.12
C LYS B 3 -21.42 5.52 -18.26
N PRO B 4 -22.10 5.16 -17.19
CA PRO B 4 -22.76 6.13 -16.28
C PRO B 4 -21.75 6.99 -15.52
N ALA B 5 -20.51 6.49 -15.42
CA ALA B 5 -19.45 7.20 -14.70
C ALA B 5 -18.23 7.45 -15.61
N PRO B 6 -17.32 8.29 -15.19
CA PRO B 6 -16.09 8.62 -15.98
C PRO B 6 -15.37 7.35 -16.45
N GLU B 7 -14.77 7.43 -17.64
CA GLU B 7 -14.05 6.30 -18.21
C GLU B 7 -12.91 5.86 -17.28
N ASN B 8 -12.57 6.73 -16.33
CA ASN B 8 -11.49 6.43 -15.39
C ASN B 8 -11.95 5.39 -14.38
N ARG B 9 -11.07 4.45 -14.07
CA ARG B 9 -11.39 3.40 -13.10
C ARG B 9 -11.67 4.01 -11.73
N PHE B 10 -10.86 5.00 -11.34
CA PHE B 10 -11.03 5.66 -10.05
C PHE B 10 -10.92 7.17 -10.20
N ALA B 11 -10.97 7.89 -9.07
CA ALA B 11 -10.89 9.35 -9.09
C ALA B 11 -9.78 9.85 -8.17
N ILE B 12 -8.59 9.26 -8.30
CA ILE B 12 -7.46 9.65 -7.46
C ILE B 12 -6.81 10.91 -8.02
N MET B 13 -6.65 11.92 -7.17
CA MET B 13 -6.05 13.19 -7.58
C MET B 13 -4.51 13.15 -7.43
N PRO B 14 -3.75 13.31 -8.51
CA PRO B 14 -2.25 13.31 -8.48
C PRO B 14 -1.71 14.32 -7.47
N GLY B 15 -0.57 13.99 -6.85
CA GLY B 15 0.06 14.88 -5.86
C GLY B 15 1.44 15.33 -6.32
N SER B 16 1.94 16.39 -5.70
CA SER B 16 3.26 16.91 -6.04
C SER B 16 4.33 15.86 -5.81
N ARG B 17 4.15 15.07 -4.75
CA ARG B 17 5.12 14.02 -4.43
C ARG B 17 5.33 13.10 -5.63
N TRP B 18 4.37 13.09 -6.54
CA TRP B 18 4.45 12.26 -7.72
C TRP B 18 5.64 12.63 -8.59
N ASP B 19 6.09 13.87 -8.44
CA ASP B 19 7.24 14.35 -9.22
C ASP B 19 6.89 14.42 -10.71
N GLY B 20 5.76 13.82 -11.08
CA GLY B 20 5.33 13.82 -12.48
C GLY B 20 6.04 12.73 -13.28
N VAL B 21 6.61 11.75 -12.58
CA VAL B 21 7.32 10.65 -13.24
C VAL B 21 6.36 9.85 -14.11
N HIS B 22 6.89 9.26 -15.18
CA HIS B 22 6.06 8.47 -16.08
C HIS B 22 5.87 7.05 -15.53
N ARG B 23 4.63 6.57 -15.55
CA ARG B 23 4.31 5.23 -15.04
C ARG B 23 3.28 4.55 -15.96
N SER B 24 3.44 3.24 -16.14
CA SER B 24 2.52 2.49 -16.98
C SER B 24 2.57 1.01 -16.63
N ASN B 25 1.55 0.26 -17.06
CA ASN B 25 1.49 -1.18 -16.78
C ASN B 25 1.35 -1.97 -18.08
N GLY B 26 0.13 -2.23 -18.48
CA GLY B 26 -0.13 -2.98 -19.71
C GLY B 26 0.14 -2.11 -20.93
N PHE B 27 0.29 -2.76 -22.09
CA PHE B 27 0.55 -2.04 -23.32
C PHE B 27 -0.61 -1.10 -23.64
N GLU B 28 -1.84 -1.62 -23.54
CA GLU B 28 -3.03 -0.83 -23.81
C GLU B 28 -3.12 0.36 -22.87
N GLU B 29 -2.41 0.28 -21.75
CA GLU B 29 -2.44 1.36 -20.76
C GLU B 29 -2.23 2.71 -21.44
N LYS B 30 -1.40 2.73 -22.47
CA LYS B 30 -1.13 3.97 -23.20
C LYS B 30 -2.43 4.57 -23.73
N TRP B 31 -3.33 3.70 -24.18
CA TRP B 31 -4.61 4.15 -24.71
C TRP B 31 -5.44 4.81 -23.61
N PHE B 32 -5.49 4.16 -22.45
CA PHE B 32 -6.25 4.68 -21.32
C PHE B 32 -5.75 6.08 -20.95
N ALA B 33 -4.42 6.22 -20.87
CA ALA B 33 -3.82 7.50 -20.52
C ALA B 33 -4.15 8.55 -21.57
N LYS B 34 -4.14 8.14 -22.84
CA LYS B 34 -4.43 9.06 -23.93
C LYS B 34 -5.80 9.68 -23.74
N GLN B 35 -6.78 8.85 -23.39
CA GLN B 35 -8.14 9.34 -23.18
C GLN B 35 -8.19 10.32 -22.02
N ASN B 36 -7.40 10.04 -20.98
CA ASN B 36 -7.37 10.91 -19.79
C ASN B 36 -6.32 12.01 -19.96
N GLU B 37 -5.58 11.97 -21.07
CA GLU B 37 -4.54 12.97 -21.34
C GLU B 37 -4.77 13.64 -22.68
N ILE B 38 -6.04 13.81 -23.04
CA ILE B 38 -6.39 14.45 -24.30
C ILE B 38 -5.85 15.87 -24.34
N ASN B 39 -5.97 16.58 -23.21
CA ASN B 39 -5.50 17.96 -23.14
C ASN B 39 -4.02 18.03 -23.50
N GLU B 40 -3.67 19.00 -24.34
CA GLU B 40 -2.28 19.17 -24.77
C GLU B 40 -1.38 19.46 -23.57
N LYS B 41 -1.87 20.29 -22.66
CA LYS B 41 -1.10 20.65 -21.47
C LYS B 41 -0.57 19.39 -20.79
N GLY A 1 -14.24 -6.41 18.80
CA GLY A 1 -13.90 -7.56 17.92
C GLY A 1 -14.10 -7.17 16.47
N ALA A 2 -13.01 -6.80 15.80
CA ALA A 2 -13.10 -6.41 14.39
C ALA A 2 -13.94 -5.15 14.23
N MET A 3 -15.25 -5.30 14.39
CA MET A 3 -16.16 -4.17 14.25
C MET A 3 -15.94 -3.45 12.92
N GLY A 4 -15.80 -2.12 12.97
CA GLY A 4 -15.59 -1.34 11.76
C GLY A 4 -14.10 -1.25 11.41
N ASN A 5 -13.27 -1.87 12.25
CA ASN A 5 -11.84 -1.85 12.01
C ASN A 5 -11.34 -0.42 11.82
N GLU A 6 -11.85 0.49 12.64
CA GLU A 6 -11.45 1.89 12.55
C GLU A 6 -11.66 2.42 11.13
N TYR A 7 -12.86 2.22 10.60
CA TYR A 7 -13.18 2.69 9.26
C TYR A 7 -12.24 2.06 8.23
N LYS A 8 -11.73 0.87 8.56
CA LYS A 8 -10.81 0.17 7.67
C LYS A 8 -9.67 1.10 7.24
N ASP A 9 -9.24 1.97 8.16
CA ASP A 9 -8.14 2.89 7.87
C ASP A 9 -6.82 2.34 8.38
N ASN A 10 -6.85 1.09 8.85
CA ASN A 10 -5.64 0.44 9.37
C ASN A 10 -5.10 -0.58 8.38
N ALA A 11 -5.53 -0.46 7.13
CA ALA A 11 -5.09 -1.38 6.08
C ALA A 11 -3.65 -1.06 5.67
N TYR A 12 -2.89 -2.11 5.32
CA TYR A 12 -1.50 -1.94 4.89
C TYR A 12 -1.24 -2.72 3.60
N ILE A 13 -0.32 -2.22 2.78
CA ILE A 13 0.01 -2.87 1.51
C ILE A 13 1.42 -3.44 1.60
N TYR A 14 1.53 -4.76 1.44
CA TYR A 14 2.82 -5.41 1.50
C TYR A 14 3.48 -5.37 0.14
N ILE A 15 4.65 -4.71 0.06
CA ILE A 15 5.38 -4.58 -1.19
C ILE A 15 6.70 -5.33 -1.09
N GLY A 16 6.98 -6.18 -2.06
CA GLY A 16 8.22 -6.96 -2.06
C GLY A 16 8.77 -7.11 -3.47
N ASN A 17 9.97 -7.67 -3.57
CA ASN A 17 10.61 -7.86 -4.87
C ASN A 17 10.93 -6.52 -5.53
N LEU A 18 11.33 -5.55 -4.72
CA LEU A 18 11.66 -4.22 -5.23
C LEU A 18 13.17 -4.05 -5.33
N ASN A 19 13.63 -3.25 -6.28
CA ASN A 19 15.06 -3.03 -6.47
C ASN A 19 15.61 -2.20 -5.31
N ARG A 20 16.79 -2.57 -4.84
CA ARG A 20 17.43 -1.85 -3.74
C ARG A 20 17.87 -0.47 -4.20
N GLU A 21 17.98 -0.30 -5.51
CA GLU A 21 18.38 0.98 -6.07
C GLU A 21 17.35 2.06 -5.76
N LEU A 22 16.11 1.64 -5.52
CA LEU A 22 15.03 2.58 -5.22
C LEU A 22 15.01 2.90 -3.72
N THR A 23 14.78 4.17 -3.39
CA THR A 23 14.74 4.60 -1.99
C THR A 23 13.30 4.89 -1.58
N GLU A 24 13.14 5.42 -0.37
CA GLU A 24 11.81 5.73 0.13
C GLU A 24 11.12 6.76 -0.77
N GLY A 25 11.88 7.75 -1.20
CA GLY A 25 11.34 8.78 -2.08
C GLY A 25 10.89 8.19 -3.41
N ASP A 26 11.69 7.26 -3.94
CA ASP A 26 11.37 6.63 -5.22
C ASP A 26 10.06 5.84 -5.11
N ILE A 27 9.90 5.12 -4.02
CA ILE A 27 8.69 4.33 -3.80
C ILE A 27 7.48 5.25 -3.74
N LEU A 28 7.61 6.35 -2.99
CA LEU A 28 6.51 7.29 -2.87
C LEU A 28 6.06 7.77 -4.23
N THR A 29 7.01 8.17 -5.07
CA THR A 29 6.68 8.65 -6.40
C THR A 29 5.99 7.57 -7.23
N VAL A 30 6.51 6.35 -7.14
CA VAL A 30 5.93 5.24 -7.90
C VAL A 30 4.48 5.00 -7.48
N PHE A 31 4.24 4.95 -6.19
CA PHE A 31 2.90 4.74 -5.64
C PHE A 31 2.12 6.05 -5.53
N SER A 32 2.82 7.18 -5.66
CA SER A 32 2.16 8.48 -5.52
C SER A 32 0.87 8.59 -6.34
N GLU A 33 0.96 8.35 -7.64
CA GLU A 33 -0.21 8.41 -8.53
C GLU A 33 -1.19 7.29 -8.24
N TYR A 34 -0.67 6.20 -7.69
CA TYR A 34 -1.47 5.02 -7.38
C TYR A 34 -1.90 5.01 -5.92
N GLY A 35 -2.18 6.18 -5.34
CA GLY A 35 -2.57 6.21 -3.93
C GLY A 35 -1.41 6.62 -3.04
N VAL A 36 -0.99 7.89 -3.16
CA VAL A 36 0.17 8.35 -2.39
C VAL A 36 -0.08 8.18 -0.88
N PRO A 37 0.76 7.39 -0.21
CA PRO A 37 0.64 7.11 1.25
C PRO A 37 1.07 8.29 2.11
N VAL A 38 0.60 8.30 3.35
CA VAL A 38 0.94 9.38 4.28
C VAL A 38 2.19 9.01 5.08
N ASP A 39 2.52 7.72 5.08
CA ASP A 39 3.69 7.25 5.81
C ASP A 39 3.96 5.77 5.51
N VAL A 40 5.24 5.40 5.35
CA VAL A 40 5.61 4.01 5.06
C VAL A 40 6.69 3.55 6.04
N ILE A 41 6.70 2.25 6.35
CA ILE A 41 7.69 1.68 7.28
C ILE A 41 8.64 0.73 6.55
N LEU A 42 9.96 0.99 6.68
CA LEU A 42 10.97 0.14 6.03
C LEU A 42 11.73 -0.66 7.08
N SER A 43 11.38 -1.93 7.22
CA SER A 43 12.05 -2.81 8.18
C SER A 43 13.48 -3.12 7.72
N ARG A 44 14.43 -3.05 8.64
CA ARG A 44 15.84 -3.34 8.32
C ARG A 44 16.46 -4.26 9.37
N ASP A 45 17.31 -5.18 8.92
CA ASP A 45 17.97 -6.12 9.82
C ASP A 45 19.22 -5.48 10.44
N GLU A 46 19.26 -5.42 11.76
CA GLU A 46 20.40 -4.82 12.45
C GLU A 46 21.62 -5.74 12.37
N ASN A 47 21.39 -6.98 11.95
CA ASN A 47 22.48 -7.95 11.83
C ASN A 47 23.51 -7.48 10.81
N THR A 48 23.04 -6.90 9.71
CA THR A 48 23.94 -6.39 8.66
C THR A 48 23.76 -4.89 8.48
N GLY A 49 22.55 -4.40 8.73
CA GLY A 49 22.27 -2.98 8.60
C GLY A 49 21.97 -2.61 7.15
N GLU A 50 22.01 -3.62 6.27
CA GLU A 50 21.75 -3.40 4.84
C GLU A 50 20.88 -4.53 4.28
N SER A 51 19.66 -4.65 4.79
CA SER A 51 18.73 -5.68 4.33
C SER A 51 17.34 -5.11 4.12
N GLN A 52 16.79 -5.31 2.92
CA GLN A 52 15.45 -4.80 2.59
C GLN A 52 14.74 -5.75 1.64
N GLY A 53 14.27 -5.24 0.51
CA GLY A 53 13.56 -6.06 -0.47
C GLY A 53 12.07 -6.10 -0.18
N PHE A 54 11.67 -5.45 0.92
CA PHE A 54 10.27 -5.40 1.31
C PHE A 54 9.97 -4.17 2.18
N ALA A 55 8.73 -3.68 2.11
CA ALA A 55 8.33 -2.51 2.89
C ALA A 55 6.81 -2.49 3.08
N TYR A 56 6.34 -1.68 4.04
CA TYR A 56 4.89 -1.57 4.31
C TYR A 56 4.36 -0.20 3.89
N LEU A 57 3.22 -0.19 3.18
CA LEU A 57 2.61 1.06 2.71
C LEU A 57 1.31 1.35 3.47
N LYS A 58 1.04 2.65 3.70
CA LYS A 58 -0.19 3.05 4.42
C LYS A 58 -0.92 4.17 3.66
N TYR A 59 -2.07 3.83 3.06
CA TYR A 59 -2.89 4.82 2.32
C TYR A 59 -4.13 5.16 3.12
N GLU A 60 -4.70 6.34 2.89
CA GLU A 60 -5.89 6.76 3.62
C GLU A 60 -7.07 5.80 3.39
N ASP A 61 -7.25 5.37 2.14
CA ASP A 61 -8.35 4.45 1.80
C ASP A 61 -7.83 3.04 1.50
N GLN A 62 -8.69 2.05 1.65
CA GLN A 62 -8.32 0.66 1.40
C GLN A 62 -8.49 0.33 -0.08
N ARG A 63 -9.34 1.10 -0.77
CA ARG A 63 -9.59 0.88 -2.19
C ARG A 63 -8.34 1.16 -3.02
N SER A 64 -7.48 2.04 -2.51
CA SER A 64 -6.26 2.40 -3.22
C SER A 64 -5.36 1.17 -3.39
N THR A 65 -5.55 0.18 -2.52
CA THR A 65 -4.74 -1.03 -2.59
C THR A 65 -4.99 -1.77 -3.90
N ILE A 66 -6.24 -1.75 -4.35
CA ILE A 66 -6.60 -2.43 -5.59
C ILE A 66 -5.86 -1.80 -6.76
N LEU A 67 -5.78 -0.48 -6.76
CA LEU A 67 -5.10 0.23 -7.83
C LEU A 67 -3.62 -0.15 -7.91
N ALA A 68 -2.88 0.15 -6.86
CA ALA A 68 -1.45 -0.15 -6.83
C ALA A 68 -1.20 -1.57 -7.27
N VAL A 69 -2.09 -2.48 -6.90
CA VAL A 69 -1.92 -3.87 -7.28
C VAL A 69 -2.13 -4.06 -8.78
N ASP A 70 -3.35 -3.88 -9.24
CA ASP A 70 -3.67 -4.05 -10.65
C ASP A 70 -2.86 -3.10 -11.52
N ASN A 71 -2.24 -2.10 -10.91
CA ASN A 71 -1.44 -1.13 -11.66
C ASN A 71 0.04 -1.54 -11.76
N LEU A 72 0.64 -1.91 -10.63
CA LEU A 72 2.05 -2.31 -10.60
C LEU A 72 2.24 -3.83 -10.57
N ASN A 73 1.13 -4.57 -10.58
CA ASN A 73 1.20 -6.04 -10.56
C ASN A 73 1.49 -6.58 -11.96
N GLY A 74 2.64 -7.21 -12.12
CA GLY A 74 3.03 -7.76 -13.42
C GLY A 74 3.84 -6.75 -14.22
N PHE A 75 3.89 -5.52 -13.72
CA PHE A 75 4.64 -4.47 -14.40
C PHE A 75 6.13 -4.63 -14.13
N LYS A 76 6.91 -4.87 -15.18
CA LYS A 76 8.33 -5.05 -15.02
C LYS A 76 9.01 -3.71 -14.86
N ILE A 77 9.51 -3.42 -13.65
CA ILE A 77 10.19 -2.15 -13.38
C ILE A 77 11.62 -2.41 -12.91
N GLY A 78 12.57 -1.73 -13.53
CA GLY A 78 13.97 -1.89 -13.16
C GLY A 78 14.48 -3.27 -13.57
N GLY A 79 13.74 -3.93 -14.44
CA GLY A 79 14.12 -5.26 -14.91
C GLY A 79 13.56 -6.35 -13.99
N ARG A 80 12.86 -5.94 -12.93
CA ARG A 80 12.27 -6.90 -11.97
C ARG A 80 10.78 -6.60 -11.75
N ALA A 81 10.00 -7.64 -11.49
CA ALA A 81 8.57 -7.49 -11.26
C ALA A 81 8.28 -7.17 -9.79
N LEU A 82 7.18 -6.44 -9.54
CA LEU A 82 6.80 -6.07 -8.18
C LEU A 82 5.83 -7.10 -7.60
N LYS A 83 5.82 -7.20 -6.27
CA LYS A 83 4.92 -8.14 -5.60
C LYS A 83 4.04 -7.37 -4.62
N ILE A 84 2.81 -7.11 -5.04
CA ILE A 84 1.86 -6.37 -4.20
C ILE A 84 0.89 -7.36 -3.53
N ASP A 85 0.70 -7.19 -2.22
CA ASP A 85 -0.21 -8.07 -1.48
C ASP A 85 -0.80 -7.32 -0.30
N HIS A 86 -2.06 -7.62 0.01
CA HIS A 86 -2.74 -6.96 1.12
C HIS A 86 -2.31 -7.56 2.45
N THR A 87 -2.12 -6.71 3.46
CA THR A 87 -1.72 -7.18 4.78
C THR A 87 -2.33 -6.30 5.87
N PHE A 88 -2.71 -6.93 6.98
CA PHE A 88 -3.31 -6.19 8.10
C PHE A 88 -2.25 -5.87 9.13
N TYR A 89 -0.99 -5.98 8.73
CA TYR A 89 0.11 -5.69 9.64
C TYR A 89 -0.11 -4.33 10.30
N ARG A 90 0.01 -4.30 11.64
CA ARG A 90 -0.18 -3.07 12.39
C ARG A 90 1.17 -2.39 12.68
N PRO A 91 1.20 -1.07 12.78
CA PRO A 91 2.46 -0.31 13.06
C PRO A 91 3.00 -0.62 14.46
N LYS A 92 4.33 -0.62 14.59
CA LYS A 92 4.97 -0.88 15.88
C LYS A 92 5.08 0.39 16.71
N ARG A 93 4.70 0.29 17.98
CA ARG A 93 4.75 1.45 18.90
C ARG A 93 5.68 1.17 20.07
N SER A 94 6.14 2.23 20.71
CA SER A 94 7.06 2.09 21.84
C SER A 94 6.52 1.06 22.83
N LEU A 95 7.12 -0.12 22.84
CA LEU A 95 6.70 -1.19 23.74
C LEU A 95 5.17 -1.24 23.83
N GLN A 96 4.62 -0.52 24.80
CA GLN A 96 3.17 -0.49 24.98
C GLN A 96 2.62 -1.90 25.16
N LYS A 97 2.04 -2.46 24.09
CA LYS A 97 1.46 -3.80 24.15
C LYS A 97 2.57 -4.85 24.17
N TYR A 98 3.37 -4.82 25.23
CA TYR A 98 4.45 -5.78 25.36
C TYR A 98 4.95 -5.81 26.81
N TYR A 99 4.67 -4.75 27.55
CA TYR A 99 5.09 -4.67 28.94
C TYR A 99 4.52 -5.83 29.74
N GLU A 100 3.23 -6.06 29.59
CA GLU A 100 2.56 -7.15 30.31
C GLU A 100 3.09 -8.50 29.83
N ALA A 101 3.38 -8.58 28.53
CA ALA A 101 3.88 -9.82 27.96
C ALA A 101 5.17 -10.24 28.65
N VAL A 102 5.98 -9.26 29.07
CA VAL A 102 7.24 -9.53 29.74
C VAL A 102 7.12 -10.74 30.67
N LYS A 103 6.65 -10.50 31.90
CA LYS A 103 6.48 -11.58 32.89
C LYS A 103 5.29 -11.30 33.80
N GLU A 104 4.25 -10.69 33.26
CA GLU A 104 3.04 -10.38 34.04
C GLU A 104 1.96 -11.40 33.75
N GLU A 105 1.50 -11.43 32.50
CA GLU A 105 0.46 -12.39 32.11
C GLU A 105 0.97 -13.82 32.25
N LEU A 106 2.21 -14.04 31.86
CA LEU A 106 2.80 -15.37 31.96
C LEU A 106 2.95 -15.79 33.42
N ASP A 107 3.27 -14.83 34.28
CA ASP A 107 3.45 -15.11 35.70
C ASP A 107 2.12 -15.04 36.45
N ARG A 108 1.02 -15.15 35.70
CA ARG A 108 -0.30 -15.12 36.31
C ARG A 108 -0.45 -16.19 37.37
N ASP A 109 0.43 -17.20 37.31
CA ASP A 109 0.39 -18.29 38.28
C ASP A 109 0.66 -17.76 39.68
N ILE A 110 1.38 -16.64 39.76
CA ILE A 110 1.71 -16.04 41.05
C ILE A 110 0.45 -15.84 41.89
N VAL A 111 -0.69 -15.69 41.22
CA VAL A 111 -1.95 -15.48 41.92
C VAL A 111 -2.25 -16.66 42.83
N SER A 112 -2.07 -17.88 42.29
CA SER A 112 -2.33 -19.10 43.07
C SER A 112 -1.18 -20.09 42.90
N LYS A 113 -0.77 -20.71 44.00
CA LYS A 113 0.33 -21.69 43.96
C LYS A 113 -0.22 -23.10 43.81
N ASN A 114 -1.56 -23.22 43.81
CA ASN A 114 -2.20 -24.52 43.67
C ASN A 114 -3.58 -24.36 43.03
N ASN A 115 -4.43 -25.37 43.21
CA ASN A 115 -5.78 -25.33 42.65
C ASN A 115 -5.72 -25.31 41.12
N ALA A 116 -5.29 -24.19 40.56
CA ALA A 116 -5.20 -24.05 39.12
C ALA A 116 -4.22 -25.06 38.54
N GLU A 117 -3.10 -25.27 39.24
CA GLU A 117 -2.08 -26.23 38.79
C GLU A 117 -2.20 -27.53 39.57
N LYS A 118 -2.25 -28.65 38.85
CA LYS A 118 -2.37 -29.97 39.48
C LYS A 118 -1.32 -30.93 38.91
N TYR B 1 -6.92 -16.88 -11.38
CA TYR B 1 -6.04 -15.78 -10.87
C TYR B 1 -6.63 -14.43 -11.28
N ASP B 2 -5.79 -13.56 -11.85
CA ASP B 2 -6.24 -12.25 -12.29
C ASP B 2 -6.84 -12.33 -13.69
N LYS B 3 -7.51 -11.27 -14.12
CA LYS B 3 -8.14 -11.24 -15.45
C LYS B 3 -7.27 -10.45 -16.44
N PRO B 4 -7.29 -10.81 -17.72
CA PRO B 4 -6.50 -10.10 -18.78
C PRO B 4 -7.08 -8.73 -19.09
N ALA B 5 -6.29 -7.89 -19.76
CA ALA B 5 -6.72 -6.56 -20.12
C ALA B 5 -7.23 -5.80 -18.89
N PRO B 6 -6.39 -5.64 -17.91
CA PRO B 6 -6.75 -4.92 -16.64
C PRO B 6 -6.91 -3.41 -16.87
N GLU B 7 -7.75 -2.78 -16.04
CA GLU B 7 -8.00 -1.34 -16.16
C GLU B 7 -8.31 -0.74 -14.78
N ASN B 8 -8.48 0.59 -14.74
CA ASN B 8 -8.80 1.26 -13.47
C ASN B 8 -10.02 2.16 -13.62
N ARG B 9 -11.02 1.93 -12.77
CA ARG B 9 -12.26 2.72 -12.81
C ARG B 9 -12.19 3.88 -11.81
N PHE B 10 -11.14 3.91 -11.01
CA PHE B 10 -10.97 4.95 -10.01
C PHE B 10 -10.54 6.25 -10.68
N ALA B 11 -10.13 7.21 -9.86
CA ALA B 11 -9.68 8.50 -10.37
C ALA B 11 -8.85 9.23 -9.33
N ILE B 12 -7.89 8.51 -8.73
CA ILE B 12 -7.04 9.11 -7.72
C ILE B 12 -6.20 10.23 -8.32
N MET B 13 -6.22 11.40 -7.68
CA MET B 13 -5.46 12.55 -8.17
C MET B 13 -3.97 12.43 -7.81
N PRO B 14 -3.10 13.00 -8.61
CA PRO B 14 -1.62 12.96 -8.36
C PRO B 14 -1.22 13.78 -7.13
N GLY B 15 -0.04 13.49 -6.57
CA GLY B 15 0.45 14.20 -5.39
C GLY B 15 1.79 14.88 -5.67
N SER B 16 2.21 15.76 -4.77
CA SER B 16 3.47 16.48 -4.94
C SER B 16 4.64 15.52 -4.94
N ARG B 17 4.50 14.41 -4.22
CA ARG B 17 5.56 13.41 -4.15
C ARG B 17 5.74 12.72 -5.49
N TRP B 18 4.75 12.87 -6.36
CA TRP B 18 4.80 12.26 -7.67
C TRP B 18 5.99 12.76 -8.48
N ASP B 19 6.43 13.94 -8.16
CA ASP B 19 7.57 14.56 -8.85
C ASP B 19 7.30 14.63 -10.36
N GLY B 20 6.12 14.22 -10.77
CA GLY B 20 5.75 14.25 -12.19
C GLY B 20 6.51 13.18 -12.99
N VAL B 21 7.03 12.19 -12.28
CA VAL B 21 7.77 11.10 -12.93
C VAL B 21 6.82 10.23 -13.76
N HIS B 22 7.32 9.74 -14.89
CA HIS B 22 6.52 8.89 -15.76
C HIS B 22 6.25 7.53 -15.10
N ARG B 23 5.00 7.06 -15.22
CA ARG B 23 4.60 5.78 -14.64
C ARG B 23 3.69 5.03 -15.62
N SER B 24 3.81 3.70 -15.63
CA SER B 24 2.99 2.88 -16.53
C SER B 24 2.41 1.70 -15.78
N ASN B 25 1.17 1.34 -16.09
CA ASN B 25 0.51 0.22 -15.44
C ASN B 25 0.49 -1.00 -16.37
N GLY B 26 0.65 -0.76 -17.66
CA GLY B 26 0.66 -1.85 -18.64
C GLY B 26 0.45 -1.31 -20.05
N PHE B 27 0.43 -2.23 -21.01
CA PHE B 27 0.23 -1.86 -22.41
C PHE B 27 -1.19 -1.33 -22.61
N GLU B 28 -2.10 -1.71 -21.72
CA GLU B 28 -3.49 -1.29 -21.81
C GLU B 28 -3.60 0.23 -21.88
N GLU B 29 -2.56 0.92 -21.44
CA GLU B 29 -2.55 2.37 -21.47
C GLU B 29 -2.75 2.89 -22.89
N LYS B 30 -2.48 2.03 -23.87
CA LYS B 30 -2.62 2.41 -25.28
C LYS B 30 -4.06 2.84 -25.60
N TRP B 31 -5.01 1.93 -25.43
CA TRP B 31 -6.41 2.22 -25.71
C TRP B 31 -7.00 3.13 -24.63
N PHE B 32 -6.39 3.10 -23.46
CA PHE B 32 -6.88 3.91 -22.36
C PHE B 32 -6.64 5.39 -22.66
N ALA B 33 -5.43 5.70 -23.13
CA ALA B 33 -5.07 7.07 -23.46
C ALA B 33 -5.87 7.55 -24.67
N LYS B 34 -6.07 6.65 -25.63
CA LYS B 34 -6.81 7.00 -26.84
C LYS B 34 -8.23 7.43 -26.50
N GLN B 35 -8.87 6.70 -25.57
CA GLN B 35 -10.22 7.03 -25.16
C GLN B 35 -10.25 8.40 -24.50
N ASN B 36 -9.26 8.68 -23.66
CA ASN B 36 -9.17 9.95 -22.98
C ASN B 36 -8.77 11.05 -23.96
N GLU B 37 -8.03 10.67 -24.99
CA GLU B 37 -7.57 11.62 -26.00
C GLU B 37 -8.76 12.25 -26.71
N ILE B 38 -9.76 11.43 -27.01
CA ILE B 38 -10.95 11.92 -27.70
C ILE B 38 -11.50 13.17 -27.01
N ASN B 39 -11.22 14.34 -27.58
CA ASN B 39 -11.68 15.61 -27.01
C ASN B 39 -12.26 16.50 -28.11
N GLU B 40 -13.37 17.16 -27.78
CA GLU B 40 -14.02 18.06 -28.75
C GLU B 40 -13.30 19.40 -28.80
N LYS B 41 -13.22 19.99 -29.99
CA LYS B 41 -12.56 21.27 -30.15
C LYS B 41 -13.46 22.41 -29.67
N GLY A 1 -16.29 -2.16 26.04
CA GLY A 1 -16.43 -0.75 26.50
C GLY A 1 -16.46 0.17 25.28
N ALA A 2 -15.36 0.89 25.07
CA ALA A 2 -15.28 1.81 23.93
C ALA A 2 -15.35 1.04 22.62
N MET A 3 -14.69 -0.11 22.57
CA MET A 3 -14.70 -0.94 21.37
C MET A 3 -14.42 -0.08 20.14
N GLY A 4 -13.35 0.71 20.21
CA GLY A 4 -12.99 1.56 19.09
C GLY A 4 -12.47 0.75 17.91
N ASN A 5 -13.35 -0.07 17.36
CA ASN A 5 -12.98 -0.91 16.21
C ASN A 5 -13.04 -0.10 14.92
N GLU A 6 -13.55 1.11 15.01
CA GLU A 6 -13.66 1.98 13.84
C GLU A 6 -12.29 2.52 13.44
N TYR A 7 -12.27 3.74 12.93
CA TYR A 7 -11.02 4.36 12.51
C TYR A 7 -10.31 3.50 11.48
N LYS A 8 -11.08 2.67 10.78
CA LYS A 8 -10.53 1.78 9.76
C LYS A 8 -9.43 0.90 10.36
N ASP A 9 -9.20 -0.25 9.75
CA ASP A 9 -8.17 -1.17 10.21
C ASP A 9 -6.79 -0.75 9.72
N ASN A 10 -5.76 -1.08 10.49
CA ASN A 10 -4.40 -0.74 10.11
C ASN A 10 -3.88 -1.70 9.05
N ALA A 11 -4.42 -1.59 7.84
CA ALA A 11 -4.01 -2.46 6.75
C ALA A 11 -2.73 -1.95 6.11
N TYR A 12 -1.96 -2.87 5.50
CA TYR A 12 -0.70 -2.50 4.85
C TYR A 12 -0.56 -3.24 3.52
N ILE A 13 0.20 -2.64 2.59
CA ILE A 13 0.43 -3.26 1.28
C ILE A 13 1.80 -3.93 1.25
N TYR A 14 1.80 -5.25 1.05
CA TYR A 14 3.06 -6.00 1.01
C TYR A 14 3.82 -5.74 -0.28
N ILE A 15 4.93 -5.02 -0.16
CA ILE A 15 5.76 -4.70 -1.34
C ILE A 15 7.07 -5.48 -1.26
N GLY A 16 7.25 -6.44 -2.16
CA GLY A 16 8.47 -7.26 -2.19
C GLY A 16 8.97 -7.46 -3.61
N ASN A 17 10.11 -8.13 -3.75
CA ASN A 17 10.69 -8.38 -5.06
C ASN A 17 10.89 -7.06 -5.81
N LEU A 18 11.31 -6.03 -5.08
CA LEU A 18 11.53 -4.71 -5.69
C LEU A 18 13.03 -4.46 -5.86
N ASN A 19 13.37 -3.60 -6.82
CA ASN A 19 14.77 -3.27 -7.07
C ASN A 19 15.33 -2.45 -5.92
N ARG A 20 16.44 -2.94 -5.35
CA ARG A 20 17.08 -2.24 -4.23
C ARG A 20 17.43 -0.81 -4.61
N GLU A 21 17.47 -0.55 -5.92
CA GLU A 21 17.78 0.78 -6.41
C GLU A 21 16.75 1.79 -5.92
N LEU A 22 15.51 1.32 -5.75
CA LEU A 22 14.44 2.19 -5.29
C LEU A 22 14.64 2.58 -3.82
N THR A 23 14.49 3.86 -3.53
CA THR A 23 14.65 4.35 -2.15
C THR A 23 13.30 4.67 -1.54
N GLU A 24 13.32 5.16 -0.30
CA GLU A 24 12.08 5.50 0.39
C GLU A 24 11.31 6.56 -0.39
N GLY A 25 12.01 7.60 -0.81
CA GLY A 25 11.40 8.67 -1.58
C GLY A 25 10.88 8.14 -2.91
N ASP A 26 11.64 7.23 -3.51
CA ASP A 26 11.26 6.66 -4.79
C ASP A 26 9.93 5.92 -4.67
N ILE A 27 9.75 5.20 -3.57
CA ILE A 27 8.53 4.45 -3.33
C ILE A 27 7.34 5.40 -3.29
N LEU A 28 7.51 6.52 -2.60
CA LEU A 28 6.43 7.49 -2.50
C LEU A 28 5.99 7.95 -3.89
N THR A 29 6.96 8.33 -4.72
CA THR A 29 6.65 8.80 -6.07
C THR A 29 5.97 7.70 -6.89
N VAL A 30 6.44 6.48 -6.74
CA VAL A 30 5.88 5.37 -7.48
C VAL A 30 4.40 5.14 -7.10
N PHE A 31 4.12 5.10 -5.80
CA PHE A 31 2.76 4.88 -5.31
C PHE A 31 1.98 6.19 -5.15
N SER A 32 2.68 7.32 -5.15
CA SER A 32 2.04 8.63 -4.96
C SER A 32 0.79 8.80 -5.83
N GLU A 33 0.97 8.67 -7.15
CA GLU A 33 -0.13 8.82 -8.10
C GLU A 33 -1.15 7.70 -7.95
N TYR A 34 -0.77 6.67 -7.20
CA TYR A 34 -1.64 5.51 -7.00
C TYR A 34 -2.13 5.45 -5.56
N GLY A 35 -2.36 6.61 -4.95
CA GLY A 35 -2.82 6.65 -3.57
C GLY A 35 -1.66 6.89 -2.61
N VAL A 36 -1.11 8.11 -2.65
CA VAL A 36 0.03 8.43 -1.81
C VAL A 36 -0.27 8.16 -0.33
N PRO A 37 0.54 7.32 0.31
CA PRO A 37 0.37 6.95 1.74
C PRO A 37 0.83 8.06 2.68
N VAL A 38 0.37 8.01 3.92
CA VAL A 38 0.74 9.03 4.91
C VAL A 38 1.95 8.57 5.71
N ASP A 39 2.45 7.38 5.40
CA ASP A 39 3.62 6.83 6.11
C ASP A 39 4.18 5.62 5.37
N VAL A 40 5.51 5.48 5.37
CA VAL A 40 6.16 4.35 4.70
C VAL A 40 7.12 3.65 5.66
N ILE A 41 6.93 2.32 5.83
CA ILE A 41 7.78 1.54 6.73
C ILE A 41 8.67 0.60 5.93
N LEU A 42 9.99 0.76 6.09
CA LEU A 42 10.95 -0.09 5.37
C LEU A 42 11.56 -1.11 6.32
N SER A 43 11.59 -2.37 5.88
CA SER A 43 12.14 -3.44 6.70
C SER A 43 13.66 -3.30 6.78
N ARG A 44 14.17 -3.21 8.01
CA ARG A 44 15.61 -3.08 8.21
C ARG A 44 15.98 -3.50 9.63
N ASP A 45 17.24 -3.91 9.81
CA ASP A 45 17.72 -4.35 11.12
C ASP A 45 18.27 -3.15 11.90
N GLU A 46 17.59 -2.77 12.97
CA GLU A 46 18.02 -1.64 13.78
C GLU A 46 19.42 -1.88 14.34
N ASN A 47 19.78 -3.15 14.52
CA ASN A 47 21.10 -3.50 15.04
C ASN A 47 22.20 -3.04 14.10
N THR A 48 21.98 -3.21 12.79
CA THR A 48 22.97 -2.81 11.78
C THR A 48 22.30 -2.08 10.62
N GLY A 49 21.19 -2.64 10.14
CA GLY A 49 20.46 -2.03 9.02
C GLY A 49 20.83 -2.68 7.70
N GLU A 50 20.79 -4.02 7.67
CA GLU A 50 21.12 -4.76 6.46
C GLU A 50 20.17 -4.40 5.33
N SER A 51 20.24 -5.17 4.24
CA SER A 51 19.39 -4.92 3.09
C SER A 51 17.92 -5.07 3.48
N GLN A 52 17.05 -4.31 2.81
CA GLN A 52 15.63 -4.37 3.09
C GLN A 52 14.96 -5.52 2.32
N GLY A 53 14.45 -5.21 1.13
CA GLY A 53 13.80 -6.22 0.30
C GLY A 53 12.29 -6.24 0.55
N PHE A 54 11.86 -5.52 1.59
CA PHE A 54 10.43 -5.46 1.92
C PHE A 54 10.05 -4.06 2.40
N ALA A 55 8.81 -3.66 2.13
CA ALA A 55 8.33 -2.35 2.55
C ALA A 55 6.82 -2.38 2.80
N TYR A 56 6.36 -1.58 3.76
CA TYR A 56 4.93 -1.51 4.08
C TYR A 56 4.51 -0.06 4.34
N LEU A 57 3.56 0.43 3.54
CA LEU A 57 3.07 1.81 3.67
C LEU A 57 1.59 1.83 4.05
N LYS A 58 1.21 2.78 4.92
CA LYS A 58 -0.18 2.89 5.34
C LYS A 58 -0.93 3.87 4.45
N TYR A 59 -2.05 3.42 3.90
CA TYR A 59 -2.86 4.26 3.02
C TYR A 59 -4.11 4.76 3.74
N GLU A 60 -4.70 5.83 3.24
CA GLU A 60 -5.90 6.39 3.83
C GLU A 60 -7.13 5.55 3.49
N ASP A 61 -7.24 5.15 2.21
CA ASP A 61 -8.38 4.35 1.75
C ASP A 61 -7.91 3.07 1.06
N GLN A 62 -8.73 2.02 1.14
CA GLN A 62 -8.39 0.74 0.52
C GLN A 62 -8.31 0.88 -0.99
N ARG A 63 -8.91 1.94 -1.50
CA ARG A 63 -8.91 2.19 -2.94
C ARG A 63 -7.48 2.30 -3.45
N SER A 64 -6.60 2.82 -2.60
CA SER A 64 -5.19 2.97 -2.98
C SER A 64 -4.57 1.61 -3.29
N THR A 65 -4.93 0.61 -2.48
CA THR A 65 -4.39 -0.73 -2.67
C THR A 65 -4.84 -1.31 -3.99
N ILE A 66 -6.13 -1.19 -4.27
CA ILE A 66 -6.68 -1.72 -5.51
C ILE A 66 -6.01 -1.07 -6.72
N LEU A 67 -5.83 0.24 -6.64
CA LEU A 67 -5.21 0.97 -7.75
C LEU A 67 -3.76 0.56 -7.95
N ALA A 68 -2.94 0.75 -6.92
CA ALA A 68 -1.51 0.42 -7.02
C ALA A 68 -1.30 -1.03 -7.42
N VAL A 69 -2.13 -1.92 -6.90
CA VAL A 69 -2.01 -3.34 -7.22
C VAL A 69 -2.16 -3.59 -8.72
N ASP A 70 -3.36 -3.39 -9.25
CA ASP A 70 -3.62 -3.64 -10.66
C ASP A 70 -2.80 -2.72 -11.57
N ASN A 71 -2.34 -1.60 -11.01
CA ASN A 71 -1.56 -0.63 -11.79
C ASN A 71 -0.08 -1.03 -11.90
N LEU A 72 0.44 -1.68 -10.85
CA LEU A 72 1.85 -2.10 -10.83
C LEU A 72 1.99 -3.62 -10.82
N ASN A 73 0.86 -4.32 -10.81
CA ASN A 73 0.87 -5.77 -10.81
C ASN A 73 1.21 -6.31 -12.20
N GLY A 74 2.40 -6.89 -12.32
CA GLY A 74 2.84 -7.43 -13.60
C GLY A 74 3.79 -6.49 -14.31
N PHE A 75 4.06 -5.33 -13.68
CA PHE A 75 4.96 -4.34 -14.26
C PHE A 75 6.37 -4.52 -13.70
N LYS A 76 7.34 -4.74 -14.59
CA LYS A 76 8.73 -4.93 -14.18
C LYS A 76 9.43 -3.60 -13.97
N ILE A 77 10.22 -3.50 -12.91
CA ILE A 77 10.97 -2.27 -12.61
C ILE A 77 12.40 -2.60 -12.18
N GLY A 78 13.37 -2.04 -12.89
CA GLY A 78 14.77 -2.27 -12.55
C GLY A 78 15.18 -3.69 -12.92
N GLY A 79 14.41 -4.32 -13.79
CA GLY A 79 14.71 -5.69 -14.23
C GLY A 79 14.03 -6.71 -13.31
N ARG A 80 13.50 -6.23 -12.18
CA ARG A 80 12.82 -7.11 -11.22
C ARG A 80 11.34 -6.74 -11.10
N ALA A 81 10.49 -7.75 -10.94
CA ALA A 81 9.05 -7.52 -10.80
C ALA A 81 8.65 -7.44 -9.34
N LEU A 82 8.07 -6.32 -8.94
CA LEU A 82 7.62 -6.12 -7.56
C LEU A 82 6.33 -6.88 -7.31
N LYS A 83 6.09 -7.25 -6.06
CA LYS A 83 4.88 -8.00 -5.69
C LYS A 83 3.97 -7.15 -4.80
N ILE A 84 2.74 -6.90 -5.26
CA ILE A 84 1.78 -6.11 -4.49
C ILE A 84 0.69 -7.02 -3.92
N ASP A 85 0.63 -7.09 -2.60
CA ASP A 85 -0.38 -7.93 -1.94
C ASP A 85 -0.76 -7.34 -0.58
N HIS A 86 -2.02 -7.48 -0.22
CA HIS A 86 -2.50 -6.95 1.05
C HIS A 86 -1.95 -7.76 2.22
N THR A 87 -1.65 -7.09 3.33
CA THR A 87 -1.11 -7.76 4.51
C THR A 87 -1.73 -7.18 5.79
N PHE A 88 -2.04 -8.06 6.74
CA PHE A 88 -2.65 -7.62 8.00
C PHE A 88 -1.55 -7.29 9.01
N TYR A 89 -0.31 -7.42 8.59
CA TYR A 89 0.82 -7.13 9.46
C TYR A 89 0.64 -5.77 10.12
N ARG A 90 0.73 -5.73 11.46
CA ARG A 90 0.58 -4.48 12.20
C ARG A 90 1.92 -3.99 12.75
N PRO A 91 2.10 -2.69 12.90
CA PRO A 91 3.36 -2.09 13.46
C PRO A 91 3.78 -2.75 14.77
N LYS A 92 5.06 -3.09 14.88
CA LYS A 92 5.57 -3.72 16.09
C LYS A 92 4.73 -4.95 16.44
N ARG A 93 5.26 -6.13 16.14
CA ARG A 93 4.55 -7.37 16.42
C ARG A 93 3.99 -7.35 17.84
N SER A 94 2.68 -7.50 17.96
CA SER A 94 2.02 -7.50 19.26
C SER A 94 0.67 -8.22 19.20
N LEU A 95 0.52 -9.26 20.02
CA LEU A 95 -0.74 -10.02 20.05
C LEU A 95 -1.60 -9.57 21.23
N GLN A 96 -2.88 -9.33 20.96
CA GLN A 96 -3.81 -8.90 22.01
C GLN A 96 -4.63 -10.08 22.51
N LYS A 97 -4.88 -10.12 23.82
CA LYS A 97 -5.65 -11.20 24.42
C LYS A 97 -5.05 -12.56 24.07
N TYR A 98 -3.76 -12.71 24.35
CA TYR A 98 -3.07 -13.96 24.07
C TYR A 98 -2.01 -14.24 25.13
N TYR A 99 -2.07 -13.52 26.24
CA TYR A 99 -1.09 -13.69 27.31
C TYR A 99 -1.09 -15.13 27.81
N GLU A 100 -2.26 -15.76 27.78
CA GLU A 100 -2.39 -17.14 28.23
C GLU A 100 -1.45 -18.04 27.45
N ALA A 101 -1.21 -17.70 26.18
CA ALA A 101 -0.33 -18.50 25.34
C ALA A 101 1.07 -18.57 25.95
N VAL A 102 1.51 -17.47 26.54
CA VAL A 102 2.83 -17.42 27.16
C VAL A 102 2.85 -18.19 28.46
N LYS A 103 3.89 -19.00 28.65
CA LYS A 103 4.01 -19.79 29.87
C LYS A 103 2.91 -20.84 29.96
N GLU A 104 2.63 -21.49 28.83
CA GLU A 104 1.59 -22.52 28.79
C GLU A 104 1.70 -23.34 27.51
N GLU A 105 1.64 -22.65 26.37
CA GLU A 105 1.73 -23.33 25.08
C GLU A 105 3.10 -24.00 24.93
N LEU A 106 4.15 -23.29 25.32
CA LEU A 106 5.50 -23.82 25.22
C LEU A 106 5.78 -24.79 26.37
N ASP A 107 5.12 -24.56 27.51
CA ASP A 107 5.31 -25.42 28.68
C ASP A 107 4.19 -26.44 28.80
N ARG A 108 3.47 -26.65 27.70
CA ARG A 108 2.37 -27.61 27.70
C ARG A 108 2.87 -29.02 27.99
N ASP A 109 4.15 -29.25 27.73
CA ASP A 109 4.74 -30.58 27.95
C ASP A 109 5.47 -30.62 29.30
N ILE A 110 5.24 -29.62 30.13
CA ILE A 110 5.88 -29.56 31.44
C ILE A 110 5.35 -30.67 32.35
N VAL A 111 4.07 -30.98 32.23
CA VAL A 111 3.45 -32.02 33.05
C VAL A 111 4.03 -33.39 32.70
N SER A 112 4.12 -33.68 31.41
CA SER A 112 4.65 -34.97 30.96
C SER A 112 6.16 -35.05 31.18
N LYS A 113 6.81 -33.89 31.20
CA LYS A 113 8.26 -33.84 31.40
C LYS A 113 8.96 -34.74 30.39
N ASN A 114 8.37 -34.88 29.21
CA ASN A 114 8.95 -35.71 28.17
C ASN A 114 9.28 -37.10 28.71
N ASN A 115 8.38 -37.64 29.52
CA ASN A 115 8.58 -38.97 30.10
C ASN A 115 7.25 -39.69 30.27
N ALA A 116 6.17 -39.02 29.85
CA ALA A 116 4.83 -39.61 29.96
C ALA A 116 4.49 -39.93 31.41
N GLU A 117 3.21 -39.82 31.76
CA GLU A 117 2.78 -40.10 33.11
C GLU A 117 2.91 -41.58 33.43
N LYS A 118 2.92 -42.41 32.39
CA LYS A 118 3.04 -43.85 32.57
C LYS A 118 1.87 -44.39 33.38
N TYR B 1 -5.59 20.60 -29.60
CA TYR B 1 -6.65 19.73 -29.03
C TYR B 1 -6.02 18.62 -28.21
N ASP B 2 -5.85 18.87 -26.91
CA ASP B 2 -5.25 17.87 -26.03
C ASP B 2 -6.14 16.64 -25.95
N LYS B 3 -5.52 15.48 -25.72
CA LYS B 3 -6.26 14.23 -25.62
C LYS B 3 -7.28 14.27 -24.47
N PRO B 4 -8.43 13.63 -24.64
CA PRO B 4 -9.51 13.58 -23.60
C PRO B 4 -8.95 13.23 -22.22
N ALA B 5 -9.84 13.12 -21.25
CA ALA B 5 -9.43 12.78 -19.89
C ALA B 5 -8.97 11.32 -19.82
N PRO B 6 -8.07 11.01 -18.91
CA PRO B 6 -7.53 9.62 -18.72
C PRO B 6 -8.59 8.68 -18.14
N GLU B 7 -8.48 7.40 -18.49
CA GLU B 7 -9.42 6.40 -17.99
C GLU B 7 -8.98 5.88 -16.62
N ASN B 8 -9.94 5.61 -15.75
CA ASN B 8 -9.65 5.11 -14.42
C ASN B 8 -10.91 4.60 -13.75
N ARG B 9 -10.74 3.75 -12.73
CA ARG B 9 -11.87 3.20 -11.99
C ARG B 9 -12.25 4.11 -10.83
N PHE B 10 -11.36 5.04 -10.49
CA PHE B 10 -11.61 5.97 -9.38
C PHE B 10 -11.33 7.40 -9.80
N ALA B 11 -11.92 8.35 -9.09
CA ALA B 11 -11.75 9.76 -9.41
C ALA B 11 -10.52 10.32 -8.68
N ILE B 12 -9.48 9.50 -8.54
CA ILE B 12 -8.25 9.94 -7.87
C ILE B 12 -7.21 10.38 -8.89
N MET B 13 -6.90 11.68 -8.89
CA MET B 13 -5.92 12.22 -9.83
C MET B 13 -4.50 12.22 -9.22
N PRO B 14 -3.47 12.18 -10.05
CA PRO B 14 -2.04 12.19 -9.57
C PRO B 14 -1.75 13.39 -8.67
N GLY B 15 -0.97 13.14 -7.61
CA GLY B 15 -0.62 14.20 -6.66
C GLY B 15 0.66 14.91 -7.10
N SER B 16 1.01 15.98 -6.39
CA SER B 16 2.22 16.73 -6.72
C SER B 16 3.48 15.94 -6.33
N ARG B 17 3.31 15.01 -5.40
CA ARG B 17 4.42 14.19 -4.95
C ARG B 17 4.85 13.22 -6.04
N TRP B 18 4.04 13.12 -7.07
CA TRP B 18 4.33 12.23 -8.18
C TRP B 18 5.65 12.62 -8.85
N ASP B 19 6.10 13.82 -8.59
CA ASP B 19 7.35 14.32 -9.18
C ASP B 19 7.27 14.33 -10.71
N GLY B 20 6.24 13.68 -11.26
CA GLY B 20 6.07 13.63 -12.71
C GLY B 20 6.89 12.50 -13.33
N VAL B 21 7.41 11.61 -12.47
CA VAL B 21 8.22 10.49 -12.94
C VAL B 21 7.39 9.58 -13.83
N HIS B 22 8.05 8.92 -14.78
CA HIS B 22 7.35 8.02 -15.70
C HIS B 22 6.77 6.82 -14.94
N ARG B 23 5.61 6.34 -15.39
CA ARG B 23 4.94 5.20 -14.76
C ARG B 23 4.39 4.24 -15.80
N SER B 24 4.22 2.98 -15.39
CA SER B 24 3.70 1.95 -16.31
C SER B 24 2.45 1.28 -15.74
N ASN B 25 1.36 1.32 -16.49
CA ASN B 25 0.11 0.71 -16.04
C ASN B 25 -0.88 0.63 -17.19
N GLY B 26 -1.55 -0.51 -17.31
CA GLY B 26 -2.54 -0.71 -18.37
C GLY B 26 -3.37 -1.97 -18.12
N PHE B 27 -3.33 -2.46 -16.89
CA PHE B 27 -4.08 -3.66 -16.55
C PHE B 27 -5.58 -3.43 -16.69
N GLU B 28 -6.06 -2.30 -16.15
CA GLU B 28 -7.47 -1.97 -16.22
C GLU B 28 -7.90 -1.73 -17.66
N GLU B 29 -6.93 -1.42 -18.51
CA GLU B 29 -7.21 -1.16 -19.92
C GLU B 29 -8.08 -2.27 -20.51
N LYS B 30 -7.86 -3.51 -20.05
CA LYS B 30 -8.63 -4.64 -20.55
C LYS B 30 -10.12 -4.42 -20.34
N TRP B 31 -10.47 -3.89 -19.17
CA TRP B 31 -11.86 -3.63 -18.84
C TRP B 31 -12.44 -2.61 -19.81
N PHE B 32 -11.72 -1.51 -20.00
CA PHE B 32 -12.16 -0.46 -20.91
C PHE B 32 -12.24 -0.99 -22.34
N ALA B 33 -11.27 -1.83 -22.70
CA ALA B 33 -11.23 -2.40 -24.04
C ALA B 33 -12.50 -3.21 -24.31
N LYS B 34 -12.94 -3.96 -23.30
CA LYS B 34 -14.14 -4.76 -23.43
C LYS B 34 -15.35 -3.88 -23.69
N GLN B 35 -15.43 -2.77 -22.95
CA GLN B 35 -16.54 -1.84 -23.10
C GLN B 35 -16.58 -1.27 -24.52
N ASN B 36 -15.41 -1.03 -25.09
CA ASN B 36 -15.32 -0.49 -26.44
C ASN B 36 -15.52 -1.57 -27.49
N GLU B 37 -14.89 -2.72 -27.28
CA GLU B 37 -15.00 -3.83 -28.22
C GLU B 37 -16.43 -4.35 -28.29
N ILE B 38 -17.11 -4.37 -27.14
CA ILE B 38 -18.49 -4.84 -27.09
C ILE B 38 -19.28 -4.39 -28.32
N ASN B 39 -18.85 -3.26 -28.90
CA ASN B 39 -19.52 -2.72 -30.08
C ASN B 39 -18.56 -1.89 -30.91
N GLU B 40 -19.04 -1.40 -32.05
CA GLU B 40 -18.20 -0.58 -32.93
C GLU B 40 -19.02 -0.05 -34.11
N LYS B 41 -20.12 -0.73 -34.41
CA LYS B 41 -20.98 -0.34 -35.51
C LYS B 41 -20.15 -0.05 -36.76
N GLY A 1 -23.92 12.02 9.48
CA GLY A 1 -24.96 12.14 8.42
C GLY A 1 -24.31 11.93 7.05
N ALA A 2 -24.07 13.02 6.33
CA ALA A 2 -23.46 12.93 5.00
C ALA A 2 -22.07 12.31 5.09
N MET A 3 -21.78 11.40 4.17
CA MET A 3 -20.48 10.73 4.15
C MET A 3 -19.45 11.56 3.38
N GLY A 4 -18.21 11.56 3.86
CA GLY A 4 -17.15 12.32 3.21
C GLY A 4 -15.84 12.20 3.97
N ASN A 5 -15.18 11.05 3.83
CA ASN A 5 -13.91 10.82 4.52
C ASN A 5 -14.09 10.97 6.02
N GLU A 6 -15.25 10.56 6.52
CA GLU A 6 -15.52 10.66 7.95
C GLU A 6 -14.61 9.73 8.73
N TYR A 7 -14.35 8.54 8.19
CA TYR A 7 -13.48 7.56 8.85
C TYR A 7 -12.34 7.13 7.93
N LYS A 8 -11.23 6.69 8.53
CA LYS A 8 -10.07 6.24 7.74
C LYS A 8 -9.80 4.76 7.95
N ASP A 9 -9.18 4.12 6.96
CA ASP A 9 -8.87 2.69 7.06
C ASP A 9 -7.37 2.46 6.91
N ASN A 10 -6.71 2.14 8.02
CA ASN A 10 -5.28 1.90 8.00
C ASN A 10 -4.96 0.56 7.33
N ALA A 11 -5.00 0.54 6.01
CA ALA A 11 -4.72 -0.68 5.25
C ALA A 11 -3.22 -0.80 4.96
N TYR A 12 -2.72 -2.04 4.90
CA TYR A 12 -1.31 -2.27 4.61
C TYR A 12 -1.13 -3.26 3.46
N ILE A 13 -0.16 -2.99 2.59
CA ILE A 13 0.11 -3.89 1.45
C ILE A 13 1.54 -4.38 1.51
N TYR A 14 1.74 -5.63 1.11
CA TYR A 14 3.07 -6.22 1.12
C TYR A 14 3.78 -6.02 -0.21
N ILE A 15 4.92 -5.32 -0.17
CA ILE A 15 5.68 -5.07 -1.39
C ILE A 15 6.97 -5.90 -1.35
N GLY A 16 7.02 -6.96 -2.16
CA GLY A 16 8.20 -7.82 -2.21
C GLY A 16 9.06 -7.54 -3.44
N ASN A 17 10.21 -8.22 -3.52
CA ASN A 17 11.12 -8.04 -4.65
C ASN A 17 11.58 -6.59 -4.75
N LEU A 18 11.97 -6.02 -3.62
CA LEU A 18 12.43 -4.64 -3.58
C LEU A 18 13.92 -4.58 -3.92
N ASN A 19 14.30 -3.60 -4.75
CA ASN A 19 15.70 -3.44 -5.14
C ASN A 19 16.46 -2.59 -4.12
N ARG A 20 17.79 -2.71 -4.13
CA ARG A 20 18.62 -1.95 -3.21
C ARG A 20 18.61 -0.47 -3.57
N GLU A 21 18.66 -0.19 -4.87
CA GLU A 21 18.65 1.19 -5.35
C GLU A 21 17.29 1.86 -5.08
N LEU A 22 16.27 1.04 -4.91
CA LEU A 22 14.93 1.56 -4.67
C LEU A 22 14.90 2.37 -3.36
N THR A 23 14.66 3.67 -3.48
CA THR A 23 14.60 4.54 -2.30
C THR A 23 13.16 4.84 -1.92
N GLU A 24 12.97 5.47 -0.76
CA GLU A 24 11.63 5.81 -0.30
C GLU A 24 10.96 6.79 -1.26
N GLY A 25 11.74 7.75 -1.74
CA GLY A 25 11.21 8.74 -2.68
C GLY A 25 10.72 8.08 -3.95
N ASP A 26 11.49 7.11 -4.45
CA ASP A 26 11.10 6.41 -5.67
C ASP A 26 9.79 5.68 -5.48
N ILE A 27 9.64 5.01 -4.34
CA ILE A 27 8.41 4.28 -4.04
C ILE A 27 7.23 5.23 -3.94
N LEU A 28 7.44 6.35 -3.26
CA LEU A 28 6.37 7.32 -3.10
C LEU A 28 5.86 7.78 -4.46
N THR A 29 6.77 8.06 -5.39
CA THR A 29 6.39 8.51 -6.73
C THR A 29 5.54 7.45 -7.42
N VAL A 30 5.91 6.19 -7.25
CA VAL A 30 5.16 5.10 -7.86
C VAL A 30 3.71 5.08 -7.37
N PHE A 31 3.51 5.16 -6.06
CA PHE A 31 2.17 5.13 -5.47
C PHE A 31 1.54 6.54 -5.40
N SER A 32 2.37 7.57 -5.56
CA SER A 32 1.89 8.97 -5.47
C SER A 32 0.57 9.18 -6.22
N GLU A 33 0.56 8.93 -7.52
CA GLU A 33 -0.64 9.10 -8.33
C GLU A 33 -1.71 8.08 -7.97
N TYR A 34 -1.28 6.87 -7.65
CA TYR A 34 -2.19 5.79 -7.29
C TYR A 34 -2.55 5.83 -5.81
N GLY A 35 -2.64 7.04 -5.24
CA GLY A 35 -2.95 7.16 -3.82
C GLY A 35 -1.69 7.39 -2.97
N VAL A 36 -1.16 8.59 -3.02
CA VAL A 36 0.07 8.90 -2.28
C VAL A 36 -0.08 8.54 -0.79
N PRO A 37 0.66 7.52 -0.32
CA PRO A 37 0.64 7.06 1.11
C PRO A 37 1.03 8.17 2.07
N VAL A 38 0.64 8.01 3.33
CA VAL A 38 0.96 9.01 4.34
C VAL A 38 2.27 8.64 5.06
N ASP A 39 2.59 7.34 5.06
CA ASP A 39 3.81 6.88 5.73
C ASP A 39 4.27 5.55 5.12
N VAL A 40 5.59 5.36 5.02
CA VAL A 40 6.16 4.12 4.47
C VAL A 40 7.21 3.53 5.39
N ILE A 41 7.11 2.22 5.66
CA ILE A 41 8.07 1.55 6.53
C ILE A 41 8.99 0.65 5.70
N LEU A 42 10.28 0.99 5.65
CA LEU A 42 11.25 0.20 4.89
C LEU A 42 12.24 -0.48 5.82
N SER A 43 12.03 -1.77 6.05
CA SER A 43 12.91 -2.54 6.91
C SER A 43 14.28 -2.69 6.28
N ARG A 44 15.33 -2.59 7.08
CA ARG A 44 16.70 -2.71 6.59
C ARG A 44 17.55 -3.53 7.56
N ASP A 45 18.34 -4.45 7.01
CA ASP A 45 19.20 -5.28 7.85
C ASP A 45 20.01 -4.44 8.82
N GLU A 46 19.70 -4.56 10.11
CA GLU A 46 20.41 -3.81 11.14
C GLU A 46 21.63 -4.58 11.63
N ASN A 47 21.42 -5.87 11.91
CA ASN A 47 22.52 -6.71 12.40
C ASN A 47 23.02 -7.63 11.28
N THR A 48 22.12 -8.48 10.76
CA THR A 48 22.49 -9.41 9.68
C THR A 48 21.43 -9.38 8.58
N GLY A 49 20.16 -9.44 8.98
CA GLY A 49 19.06 -9.43 8.02
C GLY A 49 18.66 -10.85 7.62
N GLU A 50 17.37 -11.04 7.32
CA GLU A 50 16.87 -12.36 6.91
C GLU A 50 15.95 -12.24 5.71
N SER A 51 16.40 -12.71 4.55
CA SER A 51 15.60 -12.65 3.34
C SER A 51 15.14 -11.22 3.06
N GLN A 52 16.09 -10.37 2.68
CA GLN A 52 15.77 -8.97 2.38
C GLN A 52 15.01 -8.87 1.05
N GLY A 53 14.46 -7.69 0.77
CA GLY A 53 13.71 -7.47 -0.47
C GLY A 53 12.21 -7.37 -0.20
N PHE A 54 11.86 -6.67 0.89
CA PHE A 54 10.46 -6.50 1.26
C PHE A 54 10.25 -5.17 1.98
N ALA A 55 9.01 -4.68 1.97
CA ALA A 55 8.69 -3.42 2.63
C ALA A 55 7.20 -3.34 2.95
N TYR A 56 6.85 -2.57 3.98
CA TYR A 56 5.44 -2.40 4.38
C TYR A 56 4.97 -0.99 4.05
N LEU A 57 3.85 -0.90 3.32
CA LEU A 57 3.31 0.42 2.94
C LEU A 57 2.01 0.70 3.69
N LYS A 58 1.91 1.90 4.29
CA LYS A 58 0.71 2.28 5.03
C LYS A 58 -0.23 3.05 4.12
N TYR A 59 -1.37 2.43 3.79
CA TYR A 59 -2.35 3.08 2.93
C TYR A 59 -3.50 3.66 3.76
N GLU A 60 -3.87 4.90 3.47
CA GLU A 60 -4.95 5.55 4.20
C GLU A 60 -6.29 4.93 3.84
N ASP A 61 -6.48 4.63 2.55
CA ASP A 61 -7.73 4.02 2.07
C ASP A 61 -7.46 2.67 1.41
N GLN A 62 -8.32 1.71 1.69
CA GLN A 62 -8.17 0.37 1.12
C GLN A 62 -8.44 0.39 -0.38
N ARG A 63 -9.36 1.25 -0.80
CA ARG A 63 -9.70 1.36 -2.22
C ARG A 63 -8.50 1.78 -3.05
N SER A 64 -7.65 2.63 -2.47
CA SER A 64 -6.48 3.11 -3.19
C SER A 64 -5.55 1.95 -3.59
N THR A 65 -5.52 0.91 -2.77
CA THR A 65 -4.68 -0.25 -3.04
C THR A 65 -5.05 -0.88 -4.38
N ILE A 66 -6.32 -0.77 -4.75
CA ILE A 66 -6.79 -1.33 -6.01
C ILE A 66 -6.06 -0.68 -7.18
N LEU A 67 -5.89 0.64 -7.10
CA LEU A 67 -5.22 1.36 -8.16
C LEU A 67 -3.77 0.90 -8.33
N ALA A 68 -3.02 0.90 -7.23
CA ALA A 68 -1.62 0.50 -7.28
C ALA A 68 -1.46 -0.96 -7.71
N VAL A 69 -2.33 -1.81 -7.20
CA VAL A 69 -2.25 -3.22 -7.53
C VAL A 69 -2.35 -3.44 -9.04
N ASP A 70 -3.51 -3.12 -9.60
CA ASP A 70 -3.73 -3.33 -11.04
C ASP A 70 -2.76 -2.49 -11.89
N ASN A 71 -2.17 -1.47 -11.29
CA ASN A 71 -1.23 -0.59 -12.01
C ASN A 71 0.21 -1.13 -11.97
N LEU A 72 0.63 -1.60 -10.79
CA LEU A 72 1.99 -2.12 -10.62
C LEU A 72 2.05 -3.65 -10.78
N ASN A 73 0.90 -4.29 -10.66
CA ASN A 73 0.84 -5.76 -10.80
C ASN A 73 1.36 -6.19 -12.16
N GLY A 74 2.44 -6.98 -12.14
CA GLY A 74 3.04 -7.47 -13.38
C GLY A 74 3.96 -6.42 -13.98
N PHE A 75 4.07 -5.28 -13.31
CA PHE A 75 4.93 -4.20 -13.79
C PHE A 75 6.38 -4.48 -13.48
N LYS A 76 7.24 -4.29 -14.49
CA LYS A 76 8.67 -4.51 -14.30
C LYS A 76 9.35 -3.23 -13.85
N ILE A 77 9.77 -3.19 -12.59
CA ILE A 77 10.43 -2.00 -12.03
C ILE A 77 11.81 -2.35 -11.48
N GLY A 78 12.76 -1.44 -11.64
CA GLY A 78 14.11 -1.65 -11.13
C GLY A 78 14.67 -2.97 -11.66
N GLY A 79 15.20 -3.78 -10.74
CA GLY A 79 15.77 -5.07 -11.12
C GLY A 79 14.65 -6.06 -11.47
N ARG A 80 13.93 -6.52 -10.45
CA ARG A 80 12.84 -7.48 -10.65
C ARG A 80 11.49 -6.75 -10.58
N ALA A 81 10.43 -7.43 -11.01
CA ALA A 81 9.09 -6.85 -10.98
C ALA A 81 8.50 -6.87 -9.57
N LEU A 82 8.39 -5.70 -8.96
CA LEU A 82 7.83 -5.61 -7.61
C LEU A 82 6.50 -6.37 -7.52
N LYS A 83 6.25 -7.00 -6.37
CA LYS A 83 5.00 -7.76 -6.17
C LYS A 83 4.05 -7.03 -5.21
N ILE A 84 2.81 -6.83 -5.64
CA ILE A 84 1.81 -6.13 -4.82
C ILE A 84 0.83 -7.13 -4.21
N ASP A 85 0.70 -7.11 -2.88
CA ASP A 85 -0.22 -8.02 -2.19
C ASP A 85 -0.74 -7.39 -0.90
N HIS A 86 -1.97 -7.71 -0.53
CA HIS A 86 -2.57 -7.17 0.68
C HIS A 86 -2.05 -7.92 1.91
N THR A 87 -1.93 -7.21 3.03
CA THR A 87 -1.45 -7.81 4.27
C THR A 87 -1.96 -7.05 5.48
N PHE A 88 -2.44 -7.78 6.48
CA PHE A 88 -2.96 -7.14 7.70
C PHE A 88 -1.83 -6.92 8.70
N TYR A 89 -0.59 -7.03 8.23
CA TYR A 89 0.56 -6.85 9.09
C TYR A 89 0.43 -5.54 9.88
N ARG A 90 0.55 -5.65 11.21
CA ARG A 90 0.45 -4.47 12.06
C ARG A 90 1.73 -3.62 11.99
N PRO A 91 1.62 -2.31 12.14
CA PRO A 91 2.79 -1.37 12.09
C PRO A 91 3.70 -1.54 13.31
N LYS A 92 4.97 -1.18 13.14
CA LYS A 92 5.94 -1.29 14.23
C LYS A 92 5.51 -0.41 15.41
N ARG A 93 6.10 -0.68 16.57
CA ARG A 93 5.77 0.08 17.78
C ARG A 93 6.10 1.55 17.58
N SER A 94 7.20 1.82 16.89
CA SER A 94 7.61 3.20 16.64
C SER A 94 7.82 3.96 17.96
N LEU A 95 7.06 5.04 18.15
CA LEU A 95 7.18 5.84 19.37
C LEU A 95 5.99 5.57 20.31
N GLN A 96 5.43 4.37 20.23
CA GLN A 96 4.29 4.01 21.07
C GLN A 96 4.76 3.35 22.36
N LYS A 97 5.04 2.05 22.30
CA LYS A 97 5.50 1.31 23.47
C LYS A 97 6.85 1.83 23.93
N TYR A 98 7.59 2.42 23.01
CA TYR A 98 8.90 2.97 23.32
C TYR A 98 8.80 4.02 24.42
N TYR A 99 7.72 4.80 24.40
CA TYR A 99 7.52 5.85 25.39
C TYR A 99 7.66 5.28 26.80
N GLU A 100 7.00 4.16 27.05
CA GLU A 100 7.06 3.51 28.35
C GLU A 100 8.45 2.91 28.57
N ALA A 101 9.06 2.42 27.50
CA ALA A 101 10.37 1.80 27.59
C ALA A 101 11.41 2.78 28.14
N VAL A 102 11.43 4.00 27.60
CA VAL A 102 12.37 5.03 28.05
C VAL A 102 11.97 5.55 29.43
N LYS A 103 10.67 5.56 29.70
CA LYS A 103 10.17 6.02 30.99
C LYS A 103 10.73 5.17 32.11
N GLU A 104 10.73 3.85 31.90
CA GLU A 104 11.25 2.92 32.91
C GLU A 104 11.74 1.64 32.25
N GLU A 105 13.02 1.33 32.45
CA GLU A 105 13.62 0.11 31.88
C GLU A 105 14.13 -0.80 32.99
N LEU A 106 15.44 -1.05 32.99
CA LEU A 106 16.04 -1.90 34.00
C LEU A 106 15.88 -1.27 35.38
N ASP A 107 15.30 -0.07 35.42
CA ASP A 107 15.09 0.63 36.67
C ASP A 107 14.01 -0.07 37.50
N ARG A 108 13.22 -0.91 36.85
CA ARG A 108 12.16 -1.64 37.53
C ARG A 108 12.72 -2.87 38.24
N ASP A 109 12.40 -3.00 39.53
CA ASP A 109 12.88 -4.13 40.31
C ASP A 109 14.40 -4.25 40.24
N ILE A 110 15.09 -3.15 40.53
CA ILE A 110 16.55 -3.14 40.49
C ILE A 110 17.13 -4.27 41.34
N VAL A 111 16.28 -4.85 42.19
CA VAL A 111 16.72 -5.94 43.05
C VAL A 111 16.89 -7.23 42.25
N SER A 112 18.09 -7.80 42.30
CA SER A 112 18.38 -9.03 41.57
C SER A 112 18.25 -10.24 42.50
N LYS A 113 18.69 -11.40 42.02
CA LYS A 113 18.62 -12.63 42.81
C LYS A 113 17.17 -12.94 43.19
N ASN A 114 16.23 -12.39 42.42
CA ASN A 114 14.82 -12.62 42.68
C ASN A 114 14.45 -12.17 44.08
N ASN A 115 15.20 -11.20 44.61
CA ASN A 115 14.94 -10.70 45.96
C ASN A 115 14.86 -11.84 46.96
N ALA A 116 15.73 -12.83 46.80
CA ALA A 116 15.75 -13.98 47.69
C ALA A 116 14.35 -14.60 47.81
N GLU A 117 13.59 -14.53 46.72
CA GLU A 117 12.25 -15.08 46.72
C GLU A 117 11.44 -14.53 47.88
N LYS A 118 11.61 -13.24 48.17
CA LYS A 118 10.88 -12.60 49.27
C LYS A 118 10.12 -11.37 48.77
N TYR B 1 -14.98 22.93 -24.13
CA TYR B 1 -13.85 23.06 -23.15
C TYR B 1 -13.78 21.79 -22.30
N ASP B 2 -12.97 20.83 -22.73
CA ASP B 2 -12.83 19.58 -21.99
C ASP B 2 -11.90 19.76 -20.80
N LYS B 3 -11.95 18.82 -19.86
CA LYS B 3 -11.10 18.89 -18.66
C LYS B 3 -9.89 17.94 -18.78
N PRO B 4 -8.77 18.28 -18.18
CA PRO B 4 -7.52 17.45 -18.21
C PRO B 4 -7.71 16.12 -17.46
N ALA B 5 -6.82 15.17 -17.71
CA ALA B 5 -6.88 13.86 -17.05
C ALA B 5 -7.98 12.99 -17.71
N PRO B 6 -7.64 12.22 -18.71
CA PRO B 6 -8.61 11.34 -19.44
C PRO B 6 -9.39 10.45 -18.49
N GLU B 7 -10.53 9.94 -18.96
CA GLU B 7 -11.38 9.08 -18.13
C GLU B 7 -10.54 8.05 -17.38
N ASN B 8 -10.82 7.87 -16.10
CA ASN B 8 -10.08 6.92 -15.27
C ASN B 8 -11.04 6.08 -14.42
N ARG B 9 -10.55 4.94 -13.94
CA ARG B 9 -11.37 4.06 -13.12
C ARG B 9 -11.79 4.77 -11.81
N PHE B 10 -10.87 5.53 -11.23
CA PHE B 10 -11.14 6.25 -9.98
C PHE B 10 -11.18 7.76 -10.23
N ALA B 11 -11.35 8.54 -9.17
CA ALA B 11 -11.40 10.00 -9.27
C ALA B 11 -10.37 10.65 -8.35
N ILE B 12 -9.21 9.99 -8.20
CA ILE B 12 -8.15 10.51 -7.33
C ILE B 12 -7.17 11.36 -8.15
N MET B 13 -7.01 12.62 -7.76
CA MET B 13 -6.10 13.52 -8.47
C MET B 13 -4.64 13.25 -8.10
N PRO B 14 -3.71 13.51 -9.00
CA PRO B 14 -2.24 13.31 -8.77
C PRO B 14 -1.66 14.36 -7.82
N GLY B 15 -0.46 14.10 -7.30
CA GLY B 15 0.21 15.05 -6.38
C GLY B 15 1.56 15.48 -6.94
N SER B 16 2.12 16.56 -6.36
CA SER B 16 3.40 17.07 -6.81
C SER B 16 4.49 16.03 -6.63
N ARG B 17 4.48 15.35 -5.49
CA ARG B 17 5.47 14.32 -5.20
C ARG B 17 5.51 13.28 -6.32
N TRP B 18 4.53 13.37 -7.22
CA TRP B 18 4.46 12.43 -8.33
C TRP B 18 5.68 12.54 -9.24
N ASP B 19 6.43 13.62 -9.09
CA ASP B 19 7.62 13.84 -9.90
C ASP B 19 7.28 13.84 -11.40
N GLY B 20 6.04 13.53 -11.72
CA GLY B 20 5.60 13.49 -13.13
C GLY B 20 5.98 12.17 -13.79
N VAL B 21 6.49 11.22 -13.00
CA VAL B 21 6.89 9.92 -13.53
C VAL B 21 5.71 8.95 -13.51
N HIS B 22 5.35 8.43 -14.69
CA HIS B 22 4.22 7.51 -14.79
C HIS B 22 4.67 6.05 -14.90
N ARG B 23 4.21 5.19 -13.97
CA ARG B 23 4.58 3.77 -13.99
C ARG B 23 3.32 2.91 -13.81
N SER B 24 2.89 2.28 -14.89
CA SER B 24 1.70 1.42 -14.84
C SER B 24 1.70 0.43 -16.00
N ASN B 25 0.93 -0.65 -15.86
CA ASN B 25 0.86 -1.67 -16.90
C ASN B 25 -0.55 -2.28 -16.95
N GLY B 26 -0.61 -3.60 -17.11
CA GLY B 26 -1.89 -4.30 -17.16
C GLY B 26 -2.29 -4.58 -18.61
N PHE B 27 -3.06 -5.64 -18.80
CA PHE B 27 -3.51 -6.01 -20.14
C PHE B 27 -4.64 -5.10 -20.60
N GLU B 28 -5.63 -4.91 -19.72
CA GLU B 28 -6.78 -4.06 -20.05
C GLU B 28 -6.33 -2.62 -20.30
N GLU B 29 -5.26 -2.21 -19.64
CA GLU B 29 -4.74 -0.85 -19.79
C GLU B 29 -4.47 -0.54 -21.26
N LYS B 30 -4.12 -1.58 -22.02
CA LYS B 30 -3.82 -1.40 -23.44
C LYS B 30 -4.93 -0.61 -24.12
N TRP B 31 -6.15 -0.75 -23.60
CA TRP B 31 -7.30 -0.06 -24.18
C TRP B 31 -7.09 1.46 -24.12
N PHE B 32 -6.70 1.95 -22.95
CA PHE B 32 -6.47 3.39 -22.79
C PHE B 32 -5.28 3.83 -23.64
N ALA B 33 -4.22 3.03 -23.64
CA ALA B 33 -3.03 3.35 -24.41
C ALA B 33 -3.35 3.37 -25.90
N LYS B 34 -4.13 2.40 -26.35
CA LYS B 34 -4.50 2.31 -27.76
C LYS B 34 -5.23 3.57 -28.21
N GLN B 35 -6.10 4.08 -27.34
CA GLN B 35 -6.86 5.29 -27.66
C GLN B 35 -5.92 6.46 -27.86
N ASN B 36 -4.90 6.57 -27.01
CA ASN B 36 -3.93 7.64 -27.11
C ASN B 36 -3.12 7.51 -28.40
N GLU B 37 -2.80 6.26 -28.77
CA GLU B 37 -2.04 6.01 -29.98
C GLU B 37 -2.78 6.54 -31.21
N ILE B 38 -4.10 6.38 -31.22
CA ILE B 38 -4.90 6.85 -32.34
C ILE B 38 -4.84 8.37 -32.43
N ASN B 39 -4.39 8.88 -33.57
CA ASN B 39 -4.29 10.32 -33.79
C ASN B 39 -4.53 10.68 -35.26
N GLU B 40 -4.19 9.75 -36.14
CA GLU B 40 -4.38 9.96 -37.57
C GLU B 40 -4.10 8.68 -38.34
N LYS B 41 -5.15 7.95 -38.69
CA LYS B 41 -5.00 6.69 -39.44
C LYS B 41 -6.05 6.60 -40.54
N GLY A 1 -25.78 4.26 9.23
CA GLY A 1 -25.28 2.88 9.01
C GLY A 1 -24.07 2.62 9.90
N ALA A 2 -23.07 3.50 9.81
CA ALA A 2 -21.86 3.37 10.62
C ALA A 2 -21.28 4.73 10.94
N MET A 3 -20.74 4.88 12.15
CA MET A 3 -20.15 6.15 12.59
C MET A 3 -18.63 6.10 12.48
N GLY A 4 -18.11 5.04 11.86
CA GLY A 4 -16.66 4.87 11.71
C GLY A 4 -16.08 4.06 12.85
N ASN A 5 -14.78 3.75 12.75
CA ASN A 5 -14.11 2.96 13.79
C ASN A 5 -12.80 3.63 14.21
N GLU A 6 -12.79 4.96 14.21
CA GLU A 6 -11.59 5.72 14.59
C GLU A 6 -10.41 5.31 13.72
N TYR A 7 -10.70 4.93 12.47
CA TYR A 7 -9.65 4.53 11.53
C TYR A 7 -8.70 3.54 12.19
N LYS A 8 -9.22 2.77 13.14
CA LYS A 8 -8.41 1.77 13.84
C LYS A 8 -8.27 0.51 12.98
N ASP A 9 -7.44 0.59 11.93
CA ASP A 9 -7.23 -0.55 11.04
C ASP A 9 -5.79 -0.55 10.51
N ASN A 10 -5.18 -1.73 10.51
CA ASN A 10 -3.81 -1.86 10.02
C ASN A 10 -3.77 -1.84 8.50
N ALA A 11 -3.87 -0.63 7.93
CA ALA A 11 -3.85 -0.49 6.47
C ALA A 11 -2.41 -0.47 5.96
N TYR A 12 -2.04 -1.48 5.17
CA TYR A 12 -0.69 -1.56 4.61
C TYR A 12 -0.67 -2.45 3.37
N ILE A 13 0.20 -2.11 2.40
CA ILE A 13 0.32 -2.91 1.16
C ILE A 13 1.65 -3.67 1.15
N TYR A 14 1.58 -4.97 0.90
CA TYR A 14 2.77 -5.81 0.88
C TYR A 14 3.58 -5.58 -0.39
N ILE A 15 4.83 -5.12 -0.22
CA ILE A 15 5.71 -4.86 -1.36
C ILE A 15 6.95 -5.75 -1.29
N GLY A 16 7.05 -6.71 -2.21
CA GLY A 16 8.19 -7.64 -2.24
C GLY A 16 8.81 -7.73 -3.63
N ASN A 17 9.93 -8.44 -3.73
CA ASN A 17 10.61 -8.61 -5.01
C ASN A 17 10.95 -7.24 -5.61
N LEU A 18 11.36 -6.30 -4.76
CA LEU A 18 11.73 -4.95 -5.22
C LEU A 18 13.25 -4.79 -5.22
N ASN A 19 13.72 -3.84 -6.01
CA ASN A 19 15.17 -3.58 -6.10
C ASN A 19 15.61 -2.68 -4.95
N ARG A 20 16.75 -3.00 -4.35
CA ARG A 20 17.29 -2.19 -3.25
C ARG A 20 17.67 -0.81 -3.75
N GLU A 21 17.86 -0.68 -5.05
CA GLU A 21 18.24 0.60 -5.64
C GLU A 21 17.14 1.64 -5.39
N LEU A 22 15.90 1.17 -5.30
CA LEU A 22 14.78 2.08 -5.07
C LEU A 22 14.84 2.64 -3.65
N THR A 23 14.70 3.96 -3.53
CA THR A 23 14.74 4.62 -2.23
C THR A 23 13.32 4.92 -1.75
N GLU A 24 13.21 5.52 -0.57
CA GLU A 24 11.90 5.86 -0.01
C GLU A 24 11.17 6.83 -0.93
N GLY A 25 11.90 7.77 -1.49
CA GLY A 25 11.31 8.75 -2.39
C GLY A 25 10.74 8.07 -3.63
N ASP A 26 11.48 7.09 -4.15
CA ASP A 26 11.04 6.37 -5.34
C ASP A 26 9.72 5.66 -5.09
N ILE A 27 9.61 5.00 -3.93
CA ILE A 27 8.39 4.29 -3.58
C ILE A 27 7.22 5.26 -3.47
N LEU A 28 7.47 6.40 -2.84
CA LEU A 28 6.43 7.41 -2.68
C LEU A 28 5.98 7.93 -4.04
N THR A 29 6.94 8.22 -4.91
CA THR A 29 6.63 8.73 -6.24
C THR A 29 5.82 7.72 -7.03
N VAL A 30 6.20 6.46 -6.93
CA VAL A 30 5.50 5.40 -7.66
C VAL A 30 4.06 5.26 -7.19
N PHE A 31 3.86 5.21 -5.87
CA PHE A 31 2.53 5.06 -5.29
C PHE A 31 1.81 6.41 -5.19
N SER A 32 2.54 7.49 -5.38
CA SER A 32 1.96 8.84 -5.27
C SER A 32 0.59 8.93 -5.95
N GLU A 33 0.54 8.60 -7.24
CA GLU A 33 -0.72 8.65 -7.98
C GLU A 33 -1.67 7.54 -7.55
N TYR A 34 -1.11 6.37 -7.28
CA TYR A 34 -1.90 5.21 -6.87
C TYR A 34 -2.26 5.28 -5.39
N GLY A 35 -2.48 6.51 -4.89
CA GLY A 35 -2.81 6.66 -3.47
C GLY A 35 -1.59 7.02 -2.65
N VAL A 36 -1.13 8.26 -2.79
CA VAL A 36 0.09 8.70 -2.09
C VAL A 36 -0.01 8.39 -0.59
N PRO A 37 0.76 7.40 -0.13
CA PRO A 37 0.78 6.99 1.31
C PRO A 37 1.22 8.13 2.23
N VAL A 38 0.81 8.04 3.49
CA VAL A 38 1.17 9.08 4.47
C VAL A 38 2.37 8.62 5.30
N ASP A 39 2.74 7.35 5.17
CA ASP A 39 3.87 6.81 5.91
C ASP A 39 4.42 5.56 5.23
N VAL A 40 5.76 5.42 5.18
CA VAL A 40 6.40 4.25 4.55
C VAL A 40 7.35 3.58 5.52
N ILE A 41 7.19 2.27 5.70
CA ILE A 41 8.05 1.50 6.61
C ILE A 41 9.01 0.62 5.81
N LEU A 42 10.31 0.91 5.90
CA LEU A 42 11.32 0.14 5.18
C LEU A 42 12.27 -0.55 6.16
N SER A 43 12.46 -1.85 5.96
CA SER A 43 13.36 -2.62 6.82
C SER A 43 14.78 -2.07 6.71
N ARG A 44 15.59 -2.29 7.76
CA ARG A 44 16.98 -1.82 7.79
C ARG A 44 17.95 -2.98 7.94
N ASP A 45 19.25 -2.68 7.82
CA ASP A 45 20.27 -3.71 7.93
C ASP A 45 20.03 -4.57 9.17
N GLU A 46 20.47 -5.83 9.09
CA GLU A 46 20.30 -6.75 10.21
C GLU A 46 21.04 -6.25 11.45
N ASN A 47 21.84 -5.21 11.26
CA ASN A 47 22.60 -4.65 12.37
C ASN A 47 21.66 -4.16 13.46
N THR A 48 20.57 -3.50 13.07
CA THR A 48 19.59 -2.99 14.03
C THR A 48 18.40 -3.95 14.13
N GLY A 49 17.94 -4.42 12.98
CA GLY A 49 16.80 -5.34 12.94
C GLY A 49 16.00 -5.19 11.65
N GLU A 50 14.89 -5.90 11.56
CA GLU A 50 14.05 -5.83 10.37
C GLU A 50 14.87 -6.07 9.11
N SER A 51 14.90 -7.32 8.64
CA SER A 51 15.66 -7.67 7.44
C SER A 51 15.04 -7.03 6.20
N GLN A 52 15.87 -6.78 5.19
CA GLN A 52 15.39 -6.16 3.95
C GLN A 52 14.74 -7.21 3.04
N GLY A 53 14.30 -6.77 1.87
CA GLY A 53 13.66 -7.67 0.90
C GLY A 53 12.15 -7.44 0.85
N PHE A 54 11.66 -6.53 1.70
CA PHE A 54 10.23 -6.22 1.74
C PHE A 54 10.00 -4.85 2.37
N ALA A 55 8.82 -4.28 2.12
CA ALA A 55 8.48 -2.97 2.66
C ALA A 55 6.96 -2.83 2.83
N TYR A 56 6.54 -1.96 3.75
CA TYR A 56 5.10 -1.74 4.00
C TYR A 56 4.80 -0.25 4.12
N LEU A 57 3.72 0.19 3.49
CA LEU A 57 3.31 1.61 3.53
C LEU A 57 1.81 1.73 3.82
N LYS A 58 1.43 2.76 4.59
CA LYS A 58 0.01 2.97 4.91
C LYS A 58 -0.65 3.90 3.90
N TYR A 59 -1.78 3.46 3.35
CA TYR A 59 -2.50 4.26 2.37
C TYR A 59 -3.63 5.04 3.02
N GLU A 60 -4.01 6.16 2.42
CA GLU A 60 -5.08 6.99 2.95
C GLU A 60 -6.44 6.32 2.76
N ASP A 61 -6.64 5.69 1.59
CA ASP A 61 -7.91 5.02 1.28
C ASP A 61 -7.69 3.56 0.89
N GLN A 62 -8.66 2.71 1.18
CA GLN A 62 -8.56 1.29 0.85
C GLN A 62 -8.52 1.10 -0.66
N ARG A 63 -9.24 1.96 -1.38
CA ARG A 63 -9.29 1.86 -2.83
C ARG A 63 -7.89 1.97 -3.42
N SER A 64 -6.97 2.54 -2.65
CA SER A 64 -5.59 2.69 -3.10
C SER A 64 -4.96 1.34 -3.39
N THR A 65 -5.24 0.37 -2.52
CA THR A 65 -4.68 -0.96 -2.67
C THR A 65 -5.12 -1.57 -4.00
N ILE A 66 -6.39 -1.40 -4.33
CA ILE A 66 -6.92 -1.94 -5.58
C ILE A 66 -6.19 -1.34 -6.77
N LEU A 67 -5.98 -0.02 -6.72
CA LEU A 67 -5.29 0.66 -7.80
C LEU A 67 -3.85 0.20 -7.92
N ALA A 68 -3.07 0.46 -6.87
CA ALA A 68 -1.65 0.09 -6.88
C ALA A 68 -1.47 -1.36 -7.31
N VAL A 69 -2.34 -2.23 -6.83
CA VAL A 69 -2.25 -3.64 -7.17
C VAL A 69 -2.43 -3.85 -8.68
N ASP A 70 -3.63 -3.60 -9.18
CA ASP A 70 -3.92 -3.80 -10.59
C ASP A 70 -3.07 -2.88 -11.49
N ASN A 71 -2.59 -1.79 -10.91
CA ASN A 71 -1.78 -0.85 -11.67
C ASN A 71 -0.35 -1.34 -11.88
N LEU A 72 0.30 -1.79 -10.79
CA LEU A 72 1.69 -2.28 -10.87
C LEU A 72 1.78 -3.80 -10.70
N ASN A 73 0.65 -4.49 -10.90
CA ASN A 73 0.63 -5.95 -10.76
C ASN A 73 1.23 -6.58 -12.01
N GLY A 74 2.41 -7.18 -11.84
CA GLY A 74 3.08 -7.83 -12.97
C GLY A 74 3.99 -6.84 -13.68
N PHE A 75 4.03 -5.60 -13.19
CA PHE A 75 4.87 -4.57 -13.80
C PHE A 75 6.32 -4.74 -13.36
N LYS A 76 7.24 -4.67 -14.33
CA LYS A 76 8.66 -4.83 -14.03
C LYS A 76 9.34 -3.49 -13.83
N ILE A 77 10.15 -3.38 -12.76
CA ILE A 77 10.87 -2.14 -12.46
C ILE A 77 12.27 -2.46 -11.93
N GLY A 78 13.27 -1.88 -12.56
CA GLY A 78 14.65 -2.09 -12.13
C GLY A 78 15.13 -3.49 -12.50
N GLY A 79 14.40 -4.15 -13.39
CA GLY A 79 14.76 -5.50 -13.81
C GLY A 79 14.13 -6.54 -12.90
N ARG A 80 13.48 -6.09 -11.83
CA ARG A 80 12.83 -7.00 -10.87
C ARG A 80 11.33 -6.73 -10.81
N ALA A 81 10.55 -7.79 -10.85
CA ALA A 81 9.09 -7.66 -10.80
C ALA A 81 8.61 -7.59 -9.36
N LEU A 82 8.06 -6.44 -8.96
CA LEU A 82 7.56 -6.24 -7.61
C LEU A 82 6.27 -7.03 -7.41
N LYS A 83 5.99 -7.43 -6.16
CA LYS A 83 4.78 -8.18 -5.85
C LYS A 83 3.86 -7.37 -4.94
N ILE A 84 2.69 -7.00 -5.46
CA ILE A 84 1.72 -6.20 -4.69
C ILE A 84 0.65 -7.12 -4.10
N ASP A 85 0.50 -7.08 -2.79
CA ASP A 85 -0.49 -7.91 -2.11
C ASP A 85 -0.92 -7.26 -0.80
N HIS A 86 -2.11 -7.62 -0.33
CA HIS A 86 -2.61 -7.07 0.92
C HIS A 86 -1.72 -7.46 2.09
N THR A 87 -1.38 -6.49 2.92
CA THR A 87 -0.51 -6.75 4.07
C THR A 87 -1.32 -7.17 5.29
N PHE A 88 -0.98 -8.30 5.89
CA PHE A 88 -1.68 -8.78 7.07
C PHE A 88 -0.87 -8.50 8.33
N TYR A 89 0.39 -8.08 8.15
CA TYR A 89 1.26 -7.77 9.27
C TYR A 89 0.89 -6.43 9.89
N ARG A 90 0.84 -6.38 11.22
CA ARG A 90 0.50 -5.14 11.92
C ARG A 90 1.77 -4.37 12.34
N PRO A 91 1.69 -3.04 12.47
CA PRO A 91 2.85 -2.18 12.87
C PRO A 91 3.46 -2.64 14.20
N LYS A 92 4.77 -2.49 14.32
CA LYS A 92 5.47 -2.88 15.54
C LYS A 92 4.98 -2.06 16.73
N ARG A 93 5.59 -2.27 17.89
CA ARG A 93 5.21 -1.54 19.10
C ARG A 93 3.72 -1.73 19.38
N SER A 94 3.23 -1.02 20.39
CA SER A 94 1.82 -1.11 20.76
C SER A 94 1.44 -2.55 21.10
N LEU A 95 0.43 -2.72 21.94
CA LEU A 95 -0.03 -4.05 22.35
C LEU A 95 -1.55 -4.16 22.25
N GLN A 96 -2.10 -3.78 21.09
CA GLN A 96 -3.54 -3.85 20.88
C GLN A 96 -4.28 -3.36 22.11
N LYS A 97 -4.02 -2.10 22.52
CA LYS A 97 -4.67 -1.52 23.70
C LYS A 97 -4.98 -2.59 24.74
N TYR A 98 -3.94 -3.30 25.15
CA TYR A 98 -4.10 -4.38 26.12
C TYR A 98 -4.80 -3.87 27.38
N TYR A 99 -4.52 -2.62 27.73
CA TYR A 99 -5.12 -2.03 28.93
C TYR A 99 -6.63 -2.22 28.90
N GLU A 100 -7.23 -2.06 27.73
CA GLU A 100 -8.67 -2.23 27.58
C GLU A 100 -9.02 -3.71 27.49
N ALA A 101 -8.12 -4.50 26.94
CA ALA A 101 -8.34 -5.94 26.78
C ALA A 101 -8.56 -6.59 28.15
N VAL A 102 -8.04 -5.97 29.19
CA VAL A 102 -8.18 -6.50 30.54
C VAL A 102 -9.64 -6.85 30.82
N LYS A 103 -10.55 -6.35 29.99
CA LYS A 103 -11.97 -6.63 30.15
C LYS A 103 -12.70 -6.56 28.80
N GLU A 104 -13.79 -7.30 28.69
CA GLU A 104 -14.58 -7.30 27.45
C GLU A 104 -13.67 -7.49 26.23
N GLU A 105 -12.95 -8.61 26.21
CA GLU A 105 -12.06 -8.92 25.10
C GLU A 105 -12.86 -9.35 23.87
N LEU A 106 -13.99 -10.02 24.11
CA LEU A 106 -14.84 -10.50 23.01
C LEU A 106 -16.17 -9.75 22.97
N ASP A 107 -16.65 -9.35 24.15
CA ASP A 107 -17.91 -8.62 24.24
C ASP A 107 -17.72 -7.15 23.89
N ARG A 108 -17.48 -6.88 22.61
CA ARG A 108 -17.28 -5.51 22.16
C ARG A 108 -18.61 -4.76 22.14
N ASP A 109 -19.69 -5.49 21.90
CA ASP A 109 -21.03 -4.88 21.86
C ASP A 109 -21.81 -5.22 23.13
N ILE A 110 -21.99 -4.23 23.99
CA ILE A 110 -22.73 -4.44 25.24
C ILE A 110 -24.21 -4.15 25.04
N VAL A 111 -25.03 -5.18 25.25
CA VAL A 111 -26.48 -5.02 25.09
C VAL A 111 -27.04 -4.09 26.15
N SER A 112 -26.45 -4.13 27.35
CA SER A 112 -26.91 -3.28 28.43
C SER A 112 -28.35 -3.61 28.81
N LYS A 113 -28.81 -3.07 29.93
CA LYS A 113 -30.18 -3.30 30.38
C LYS A 113 -30.47 -4.81 30.43
N ASN A 114 -29.98 -5.47 31.47
CA ASN A 114 -30.19 -6.90 31.62
C ASN A 114 -31.55 -7.17 32.28
N ASN A 115 -32.53 -6.36 31.94
CA ASN A 115 -33.88 -6.51 32.50
C ASN A 115 -33.83 -6.48 34.02
N ALA A 116 -32.97 -5.61 34.56
CA ALA A 116 -32.84 -5.48 36.01
C ALA A 116 -32.79 -6.87 36.67
N GLU A 117 -32.20 -7.83 35.97
CA GLU A 117 -32.10 -9.18 36.49
C GLU A 117 -33.47 -9.69 36.95
N LYS A 118 -33.49 -10.41 38.08
CA LYS A 118 -34.75 -10.94 38.62
C LYS A 118 -35.11 -10.25 39.93
N TYR B 1 -32.16 8.07 -18.34
CA TYR B 1 -32.21 7.10 -17.22
C TYR B 1 -30.79 6.87 -16.68
N ASP B 2 -30.69 6.05 -15.65
CA ASP B 2 -29.40 5.75 -15.05
C ASP B 2 -28.47 5.12 -16.08
N LYS B 3 -27.20 5.51 -16.05
CA LYS B 3 -26.22 4.97 -17.01
C LYS B 3 -25.59 3.67 -16.48
N PRO B 4 -25.26 2.73 -17.35
CA PRO B 4 -24.62 1.43 -16.96
C PRO B 4 -23.50 1.64 -15.93
N ALA B 5 -22.41 2.25 -16.36
CA ALA B 5 -21.28 2.50 -15.48
C ALA B 5 -20.23 3.37 -16.18
N PRO B 6 -19.51 4.19 -15.44
CA PRO B 6 -18.44 5.07 -15.99
C PRO B 6 -17.23 4.28 -16.49
N GLU B 7 -16.55 4.82 -17.49
CA GLU B 7 -15.38 4.16 -18.05
C GLU B 7 -14.19 4.29 -17.09
N ASN B 8 -14.22 5.31 -16.24
CA ASN B 8 -13.14 5.53 -15.29
C ASN B 8 -13.26 4.58 -14.10
N ARG B 9 -12.16 3.89 -13.80
CA ARG B 9 -12.15 2.95 -12.68
C ARG B 9 -12.14 3.70 -11.36
N PHE B 10 -11.30 4.72 -11.26
CA PHE B 10 -11.21 5.53 -10.04
C PHE B 10 -11.04 7.01 -10.39
N ALA B 11 -11.56 7.88 -9.54
CA ALA B 11 -11.46 9.32 -9.76
C ALA B 11 -10.40 9.94 -8.85
N ILE B 12 -9.24 9.30 -8.75
CA ILE B 12 -8.15 9.81 -7.91
C ILE B 12 -7.11 10.54 -8.75
N MET B 13 -6.90 11.82 -8.46
CA MET B 13 -5.92 12.63 -9.20
C MET B 13 -4.53 12.57 -8.53
N PRO B 14 -3.48 12.73 -9.30
CA PRO B 14 -2.08 12.71 -8.78
C PRO B 14 -1.75 13.94 -7.92
N GLY B 15 -0.84 13.77 -6.95
CA GLY B 15 -0.45 14.86 -6.07
C GLY B 15 0.92 15.43 -6.48
N SER B 16 1.36 16.49 -5.79
CA SER B 16 2.64 17.11 -6.10
C SER B 16 3.79 16.16 -5.77
N ARG B 17 3.58 15.27 -4.81
CA ARG B 17 4.59 14.31 -4.40
C ARG B 17 4.96 13.38 -5.57
N TRP B 18 4.08 13.31 -6.56
CA TRP B 18 4.31 12.46 -7.72
C TRP B 18 5.59 12.87 -8.46
N ASP B 19 6.07 14.07 -8.19
CA ASP B 19 7.29 14.58 -8.82
C ASP B 19 7.09 14.76 -10.34
N GLY B 20 6.25 13.90 -10.94
CA GLY B 20 5.98 13.97 -12.37
C GLY B 20 6.67 12.82 -13.11
N VAL B 21 7.19 11.86 -12.36
CA VAL B 21 7.87 10.70 -12.97
C VAL B 21 6.87 9.86 -13.75
N HIS B 22 7.26 9.45 -14.95
CA HIS B 22 6.38 8.64 -15.79
C HIS B 22 6.20 7.24 -15.22
N ARG B 23 5.00 6.68 -15.35
CA ARG B 23 4.71 5.34 -14.84
C ARG B 23 3.86 4.57 -15.85
N SER B 24 3.97 3.24 -15.83
CA SER B 24 3.19 2.40 -16.75
C SER B 24 2.50 1.28 -15.97
N ASN B 25 1.33 0.87 -16.44
CA ASN B 25 0.57 -0.20 -15.78
C ASN B 25 0.18 -1.27 -16.78
N GLY B 26 -0.60 -0.89 -17.79
CA GLY B 26 -1.05 -1.84 -18.82
C GLY B 26 -1.08 -1.17 -20.19
N PHE B 27 -0.97 -1.98 -21.24
CA PHE B 27 -1.00 -1.46 -22.60
C PHE B 27 -2.31 -0.74 -22.88
N GLU B 28 -3.36 -1.15 -22.17
CA GLU B 28 -4.68 -0.54 -22.36
C GLU B 28 -4.64 0.96 -22.09
N GLU B 29 -3.61 1.39 -21.36
CA GLU B 29 -3.45 2.80 -21.03
C GLU B 29 -3.55 3.69 -22.29
N LYS B 30 -3.30 3.09 -23.46
CA LYS B 30 -3.34 3.83 -24.74
C LYS B 30 -4.67 4.59 -24.89
N TRP B 31 -5.79 3.86 -24.92
CA TRP B 31 -7.12 4.47 -25.08
C TRP B 31 -7.62 5.04 -23.75
N PHE B 32 -7.10 4.51 -22.66
CA PHE B 32 -7.50 4.96 -21.33
C PHE B 32 -6.90 6.33 -21.02
N ALA B 33 -5.72 6.58 -21.59
CA ALA B 33 -5.04 7.85 -21.36
C ALA B 33 -5.90 9.01 -21.84
N LYS B 34 -6.45 8.87 -23.04
CA LYS B 34 -7.30 9.91 -23.60
C LYS B 34 -8.59 10.04 -22.80
N GLN B 35 -9.20 8.89 -22.48
CA GLN B 35 -10.44 8.88 -21.72
C GLN B 35 -10.20 9.37 -20.30
N ASN B 36 -8.94 9.32 -19.87
CA ASN B 36 -8.59 9.77 -18.53
C ASN B 36 -8.40 11.29 -18.51
N GLU B 37 -7.71 11.81 -19.52
CA GLU B 37 -7.45 13.24 -19.61
C GLU B 37 -8.68 14.00 -20.11
N ILE B 38 -9.28 13.49 -21.18
CA ILE B 38 -10.46 14.12 -21.76
C ILE B 38 -10.26 15.64 -21.86
N ASN B 39 -9.41 16.06 -22.78
CA ASN B 39 -9.14 17.48 -22.98
C ASN B 39 -10.20 18.10 -23.88
N GLU B 40 -10.31 19.43 -23.84
CA GLU B 40 -11.29 20.14 -24.68
C GLU B 40 -10.74 21.49 -25.10
N LYS B 41 -11.19 21.98 -26.25
CA LYS B 41 -10.74 23.26 -26.77
C LYS B 41 -11.13 24.38 -25.80
N GLY A 1 -25.66 -1.16 11.17
CA GLY A 1 -24.63 -0.56 10.27
C GLY A 1 -24.13 0.75 10.86
N ALA A 2 -23.41 0.65 11.99
CA ALA A 2 -22.89 1.83 12.65
C ALA A 2 -21.83 2.51 11.78
N MET A 3 -21.86 3.84 11.73
CA MET A 3 -20.90 4.60 10.93
C MET A 3 -19.77 5.13 11.81
N GLY A 4 -18.66 4.39 11.87
CA GLY A 4 -17.51 4.80 12.66
C GLY A 4 -16.45 5.48 11.81
N ASN A 5 -15.77 4.68 10.98
CA ASN A 5 -14.73 5.22 10.11
C ASN A 5 -13.65 5.92 10.92
N GLU A 6 -13.43 5.44 12.15
CA GLU A 6 -12.42 6.03 13.03
C GLU A 6 -11.06 5.35 12.81
N TYR A 7 -9.99 6.10 13.04
CA TYR A 7 -8.65 5.56 12.86
C TYR A 7 -8.35 4.50 13.91
N LYS A 8 -8.00 3.30 13.46
CA LYS A 8 -7.70 2.20 14.38
C LYS A 8 -7.20 0.98 13.60
N ASP A 9 -8.11 0.30 12.91
CA ASP A 9 -7.75 -0.88 12.15
C ASP A 9 -7.31 -0.49 10.74
N ASN A 10 -6.10 0.06 10.63
CA ASN A 10 -5.57 0.48 9.34
C ASN A 10 -4.97 -0.70 8.59
N ALA A 11 -5.24 -0.77 7.29
CA ALA A 11 -4.72 -1.87 6.46
C ALA A 11 -3.34 -1.50 5.92
N TYR A 12 -2.50 -2.51 5.70
CA TYR A 12 -1.15 -2.29 5.18
C TYR A 12 -0.97 -2.98 3.83
N ILE A 13 -0.09 -2.42 2.99
CA ILE A 13 0.18 -2.99 1.67
C ILE A 13 1.55 -3.68 1.65
N TYR A 14 1.56 -4.95 1.29
CA TYR A 14 2.82 -5.72 1.23
C TYR A 14 3.51 -5.51 -0.11
N ILE A 15 4.79 -5.16 -0.07
CA ILE A 15 5.57 -4.93 -1.30
C ILE A 15 6.81 -5.82 -1.29
N GLY A 16 7.03 -6.54 -2.40
CA GLY A 16 8.18 -7.44 -2.52
C GLY A 16 8.80 -7.37 -3.92
N ASN A 17 9.91 -8.07 -4.09
CA ASN A 17 10.60 -8.08 -5.38
C ASN A 17 10.90 -6.66 -5.83
N LEU A 18 11.27 -5.80 -4.88
CA LEU A 18 11.60 -4.41 -5.19
C LEU A 18 13.07 -4.28 -5.52
N ASN A 19 13.40 -3.35 -6.41
CA ASN A 19 14.78 -3.11 -6.80
C ASN A 19 15.60 -2.63 -5.61
N ARG A 20 16.84 -3.09 -5.53
CA ARG A 20 17.72 -2.69 -4.43
C ARG A 20 17.96 -1.18 -4.47
N GLU A 21 17.92 -0.61 -5.67
CA GLU A 21 18.12 0.83 -5.82
C GLU A 21 16.91 1.61 -5.33
N LEU A 22 15.73 1.01 -5.47
CA LEU A 22 14.50 1.65 -5.04
C LEU A 22 14.59 2.07 -3.58
N THR A 23 14.52 3.37 -3.32
CA THR A 23 14.59 3.88 -1.94
C THR A 23 13.20 4.30 -1.46
N GLU A 24 13.14 4.84 -0.25
CA GLU A 24 11.88 5.27 0.32
C GLU A 24 11.24 6.36 -0.55
N GLY A 25 12.07 7.27 -1.04
CA GLY A 25 11.58 8.36 -1.88
C GLY A 25 11.01 7.84 -3.20
N ASP A 26 11.69 6.86 -3.78
CA ASP A 26 11.26 6.27 -5.05
C ASP A 26 9.88 5.63 -4.90
N ILE A 27 9.67 4.95 -3.78
CA ILE A 27 8.38 4.29 -3.53
C ILE A 27 7.26 5.33 -3.49
N LEU A 28 7.49 6.43 -2.78
CA LEU A 28 6.48 7.48 -2.68
C LEU A 28 6.04 7.94 -4.06
N THR A 29 7.01 8.22 -4.92
CA THR A 29 6.71 8.67 -6.28
C THR A 29 5.91 7.63 -7.06
N VAL A 30 6.32 6.38 -6.93
CA VAL A 30 5.64 5.29 -7.64
C VAL A 30 4.19 5.17 -7.19
N PHE A 31 3.96 5.20 -5.87
CA PHE A 31 2.62 5.08 -5.31
C PHE A 31 1.90 6.44 -5.28
N SER A 32 2.64 7.51 -5.48
CA SER A 32 2.07 8.86 -5.42
C SER A 32 0.73 8.95 -6.15
N GLU A 33 0.74 8.70 -7.45
CA GLU A 33 -0.49 8.75 -8.25
C GLU A 33 -1.38 7.54 -7.96
N TYR A 34 -0.75 6.41 -7.68
CA TYR A 34 -1.47 5.18 -7.41
C TYR A 34 -1.85 5.08 -5.92
N GLY A 35 -2.16 6.22 -5.32
CA GLY A 35 -2.52 6.22 -3.89
C GLY A 35 -1.35 6.66 -3.01
N VAL A 36 -1.01 7.94 -3.08
CA VAL A 36 0.10 8.46 -2.32
C VAL A 36 -0.09 8.15 -0.82
N PRO A 37 0.85 7.43 -0.22
CA PRO A 37 0.79 7.04 1.21
C PRO A 37 1.08 8.19 2.15
N VAL A 38 0.61 8.08 3.37
CA VAL A 38 0.84 9.14 4.36
C VAL A 38 2.10 8.83 5.16
N ASP A 39 2.45 7.55 5.22
CA ASP A 39 3.64 7.14 5.95
C ASP A 39 3.99 5.68 5.64
N VAL A 40 5.27 5.34 5.77
CA VAL A 40 5.71 3.96 5.51
C VAL A 40 6.71 3.53 6.58
N ILE A 41 6.73 2.24 6.89
CA ILE A 41 7.67 1.71 7.89
C ILE A 41 8.73 0.84 7.23
N LEU A 42 10.00 1.23 7.39
CA LEU A 42 11.12 0.46 6.81
C LEU A 42 11.96 -0.15 7.93
N SER A 43 11.73 -1.44 8.20
CA SER A 43 12.48 -2.13 9.24
C SER A 43 13.85 -2.56 8.73
N ARG A 44 14.88 -2.37 9.55
CA ARG A 44 16.23 -2.76 9.17
C ARG A 44 17.08 -3.04 10.41
N ASP A 45 17.75 -4.19 10.41
CA ASP A 45 18.58 -4.57 11.56
C ASP A 45 20.00 -4.01 11.39
N GLU A 46 20.35 -3.04 12.21
CA GLU A 46 21.66 -2.43 12.16
C GLU A 46 22.73 -3.43 12.63
N ASN A 47 22.28 -4.50 13.27
CA ASN A 47 23.22 -5.51 13.77
C ASN A 47 24.00 -6.15 12.62
N THR A 48 23.30 -6.46 11.52
CA THR A 48 23.95 -7.07 10.36
C THR A 48 23.55 -6.34 9.08
N GLY A 49 22.29 -5.92 9.01
CA GLY A 49 21.80 -5.21 7.84
C GLY A 49 21.50 -6.17 6.69
N GLU A 50 21.45 -5.64 5.48
CA GLU A 50 21.18 -6.46 4.31
C GLU A 50 19.86 -7.21 4.47
N SER A 51 18.79 -6.45 4.72
CA SER A 51 17.46 -7.04 4.89
C SER A 51 16.93 -7.54 3.55
N GLN A 52 15.85 -8.31 3.61
CA GLN A 52 15.24 -8.85 2.40
C GLN A 52 14.64 -7.73 1.56
N GLY A 53 14.55 -6.54 2.14
CA GLY A 53 13.99 -5.39 1.43
C GLY A 53 12.48 -5.31 1.60
N PHE A 54 11.99 -5.81 2.73
CA PHE A 54 10.55 -5.80 2.99
C PHE A 54 10.15 -4.50 3.69
N ALA A 55 8.99 -3.97 3.32
CA ALA A 55 8.50 -2.72 3.93
C ALA A 55 6.98 -2.72 3.98
N TYR A 56 6.42 -1.95 4.90
CA TYR A 56 4.97 -1.86 5.05
C TYR A 56 4.47 -0.47 4.65
N LEU A 57 3.54 -0.42 3.70
CA LEU A 57 3.00 0.85 3.23
C LEU A 57 1.68 1.17 3.95
N LYS A 58 1.49 2.44 4.34
CA LYS A 58 0.26 2.86 5.03
C LYS A 58 -0.37 4.06 4.35
N TYR A 59 -1.49 3.82 3.65
CA TYR A 59 -2.20 4.90 2.95
C TYR A 59 -3.61 5.07 3.53
N GLU A 60 -4.07 6.31 3.61
CA GLU A 60 -5.41 6.58 4.16
C GLU A 60 -6.49 5.79 3.43
N ASP A 61 -6.52 5.90 2.11
CA ASP A 61 -7.52 5.19 1.31
C ASP A 61 -7.03 3.78 0.99
N GLN A 62 -7.71 2.79 1.56
CA GLN A 62 -7.33 1.39 1.32
C GLN A 62 -7.83 0.92 -0.04
N ARG A 63 -8.81 1.62 -0.59
CA ARG A 63 -9.39 1.27 -1.89
C ARG A 63 -8.38 1.52 -3.01
N SER A 64 -7.57 2.57 -2.86
CA SER A 64 -6.58 2.92 -3.87
C SER A 64 -5.61 1.76 -4.11
N THR A 65 -5.24 1.07 -3.03
CA THR A 65 -4.31 -0.04 -3.13
C THR A 65 -4.73 -0.99 -4.25
N ILE A 66 -6.01 -1.01 -4.55
CA ILE A 66 -6.53 -1.87 -5.61
C ILE A 66 -5.90 -1.51 -6.94
N LEU A 67 -5.87 -0.22 -7.24
CA LEU A 67 -5.29 0.24 -8.50
C LEU A 67 -3.79 0.00 -8.52
N ALA A 68 -3.12 0.35 -7.43
CA ALA A 68 -1.68 0.20 -7.35
C ALA A 68 -1.28 -1.24 -7.62
N VAL A 69 -1.95 -2.17 -6.96
CA VAL A 69 -1.63 -3.58 -7.14
C VAL A 69 -1.92 -4.03 -8.58
N ASP A 70 -3.14 -3.80 -9.02
CA ASP A 70 -3.55 -4.21 -10.36
C ASP A 70 -2.76 -3.47 -11.45
N ASN A 71 -2.09 -2.38 -11.06
CA ASN A 71 -1.32 -1.59 -12.01
C ASN A 71 0.19 -1.80 -11.84
N LEU A 72 0.61 -2.26 -10.66
CA LEU A 72 2.04 -2.50 -10.38
C LEU A 72 2.32 -4.00 -10.19
N ASN A 73 1.27 -4.81 -10.13
CA ASN A 73 1.42 -6.25 -9.95
C ASN A 73 1.88 -6.91 -11.23
N GLY A 74 3.10 -7.44 -11.22
CA GLY A 74 3.64 -8.10 -12.40
C GLY A 74 4.24 -7.08 -13.36
N PHE A 75 4.25 -5.81 -12.95
CA PHE A 75 4.79 -4.75 -13.79
C PHE A 75 6.31 -4.72 -13.68
N LYS A 76 6.98 -4.84 -14.82
CA LYS A 76 8.43 -4.82 -14.84
C LYS A 76 8.95 -3.41 -14.59
N ILE A 77 9.75 -3.25 -13.55
CA ILE A 77 10.30 -1.95 -13.20
C ILE A 77 11.76 -2.07 -12.78
N GLY A 78 12.63 -1.31 -13.43
CA GLY A 78 14.05 -1.35 -13.09
C GLY A 78 14.68 -2.65 -13.56
N GLY A 79 13.99 -3.35 -14.46
CA GLY A 79 14.50 -4.63 -14.97
C GLY A 79 14.04 -5.79 -14.08
N ARG A 80 13.24 -5.47 -13.07
CA ARG A 80 12.73 -6.50 -12.15
C ARG A 80 11.22 -6.45 -12.08
N ALA A 81 10.61 -7.59 -11.76
CA ALA A 81 9.15 -7.66 -11.66
C ALA A 81 8.67 -7.17 -10.30
N LEU A 82 7.51 -6.50 -10.28
CA LEU A 82 6.96 -5.99 -9.02
C LEU A 82 6.07 -7.04 -8.37
N LYS A 83 6.15 -7.12 -7.04
CA LYS A 83 5.34 -8.08 -6.29
C LYS A 83 4.65 -7.37 -5.14
N ILE A 84 3.33 -7.29 -5.20
CA ILE A 84 2.58 -6.60 -4.16
C ILE A 84 1.36 -7.43 -3.76
N ASP A 85 1.06 -7.41 -2.46
CA ASP A 85 -0.08 -8.16 -1.95
C ASP A 85 -0.72 -7.44 -0.76
N HIS A 86 -1.99 -7.74 -0.51
CA HIS A 86 -2.70 -7.12 0.60
C HIS A 86 -2.36 -7.82 1.90
N THR A 87 -2.03 -7.05 2.93
CA THR A 87 -1.68 -7.62 4.24
C THR A 87 -2.33 -6.81 5.36
N PHE A 88 -2.81 -7.51 6.38
CA PHE A 88 -3.46 -6.85 7.51
C PHE A 88 -2.48 -6.73 8.67
N TYR A 89 -1.20 -6.92 8.38
CA TYR A 89 -0.17 -6.82 9.41
C TYR A 89 -0.43 -5.60 10.30
N ARG A 90 -0.66 -5.85 11.58
CA ARG A 90 -0.92 -4.77 12.52
C ARG A 90 0.37 -4.35 13.24
N PRO A 91 0.45 -3.10 13.66
CA PRO A 91 1.64 -2.55 14.39
C PRO A 91 1.83 -3.22 15.75
N LYS A 92 3.03 -3.06 16.32
CA LYS A 92 3.32 -3.66 17.62
C LYS A 92 2.32 -3.21 18.68
N ARG A 93 2.28 -1.91 18.94
CA ARG A 93 1.36 -1.38 19.95
C ARG A 93 1.45 -2.18 21.24
N SER A 94 2.58 -2.85 21.44
CA SER A 94 2.79 -3.66 22.65
C SER A 94 1.94 -4.94 22.59
N LEU A 95 2.07 -5.69 21.48
CA LEU A 95 1.32 -6.93 21.32
C LEU A 95 2.12 -8.11 21.89
N GLN A 96 2.68 -7.93 23.08
CA GLN A 96 3.47 -8.98 23.71
C GLN A 96 2.61 -10.20 23.99
N LYS A 97 1.37 -9.98 24.43
CA LYS A 97 0.45 -11.08 24.73
C LYS A 97 -0.70 -11.11 23.72
N TYR A 98 -0.92 -12.28 23.13
CA TYR A 98 -2.00 -12.44 22.15
C TYR A 98 -2.55 -13.86 22.17
N TYR A 99 -3.82 -14.00 22.56
CA TYR A 99 -4.45 -15.31 22.61
C TYR A 99 -5.97 -15.18 22.72
N GLU A 100 -6.43 -14.59 23.82
CA GLU A 100 -7.87 -14.41 24.03
C GLU A 100 -8.46 -13.50 22.95
N ALA A 101 -7.59 -12.73 22.29
CA ALA A 101 -8.04 -11.82 21.24
C ALA A 101 -8.37 -12.59 19.96
N VAL A 102 -8.04 -13.88 19.95
CA VAL A 102 -8.29 -14.71 18.78
C VAL A 102 -9.78 -14.80 18.49
N LYS A 103 -10.16 -14.53 17.25
CA LYS A 103 -11.57 -14.58 16.84
C LYS A 103 -12.47 -14.03 17.95
N GLU A 104 -12.95 -14.91 18.82
CA GLU A 104 -13.82 -14.49 19.91
C GLU A 104 -13.06 -13.61 20.91
N GLU A 105 -13.39 -12.32 20.91
CA GLU A 105 -12.74 -11.38 21.82
C GLU A 105 -13.56 -11.21 23.08
N LEU A 106 -14.13 -10.02 23.27
CA LEU A 106 -14.94 -9.74 24.44
C LEU A 106 -16.28 -10.49 24.34
N ASP A 107 -16.56 -11.04 23.16
CA ASP A 107 -17.80 -11.77 22.95
C ASP A 107 -17.96 -12.88 23.98
N ARG A 108 -19.19 -13.09 24.44
CA ARG A 108 -19.46 -14.14 25.44
C ARG A 108 -20.63 -15.02 24.99
N ASP A 109 -21.58 -14.42 24.29
CA ASP A 109 -22.75 -15.16 23.80
C ASP A 109 -22.43 -15.85 22.49
N ILE A 110 -23.41 -16.57 21.94
CA ILE A 110 -23.22 -17.29 20.67
C ILE A 110 -24.46 -17.15 19.79
N VAL A 111 -24.31 -17.46 18.51
CA VAL A 111 -25.43 -17.38 17.57
C VAL A 111 -26.12 -18.72 17.45
N SER A 112 -27.09 -18.80 16.53
CA SER A 112 -27.84 -20.04 16.33
C SER A 112 -28.51 -20.48 17.63
N LYS A 113 -28.21 -21.71 18.06
CA LYS A 113 -28.78 -22.24 19.30
C LYS A 113 -28.33 -21.40 20.49
N ASN A 114 -29.25 -21.18 21.43
CA ASN A 114 -28.94 -20.38 22.62
C ASN A 114 -29.55 -21.03 23.87
N ASN A 115 -29.03 -20.65 25.04
CA ASN A 115 -29.54 -21.19 26.30
C ASN A 115 -30.89 -20.58 26.63
N ALA A 116 -31.34 -19.64 25.80
CA ALA A 116 -32.63 -18.99 26.03
C ALA A 116 -33.76 -20.02 25.99
N GLU A 117 -33.67 -20.96 25.06
CA GLU A 117 -34.69 -22.00 24.93
C GLU A 117 -34.08 -23.29 24.40
N LYS A 118 -32.77 -23.29 24.22
CA LYS A 118 -32.08 -24.47 23.71
C LYS A 118 -32.61 -24.85 22.33
N TYR B 1 -29.17 0.62 -11.69
CA TYR B 1 -27.91 -0.10 -11.99
C TYR B 1 -27.25 0.51 -13.22
N ASP B 2 -27.45 1.82 -13.40
CA ASP B 2 -26.86 2.52 -14.54
C ASP B 2 -25.37 2.74 -14.33
N LYS B 3 -24.60 2.57 -15.39
CA LYS B 3 -23.15 2.75 -15.31
C LYS B 3 -22.79 4.24 -15.33
N PRO B 4 -21.70 4.62 -14.66
CA PRO B 4 -21.23 6.03 -14.61
C PRO B 4 -20.72 6.53 -15.97
N ALA B 5 -20.93 7.81 -16.25
CA ALA B 5 -20.48 8.40 -17.51
C ALA B 5 -18.95 8.29 -17.64
N PRO B 6 -18.22 8.73 -16.64
CA PRO B 6 -16.73 8.68 -16.64
C PRO B 6 -16.20 7.31 -17.09
N GLU B 7 -15.19 7.34 -17.97
CA GLU B 7 -14.60 6.10 -18.48
C GLU B 7 -13.52 5.59 -17.53
N ASN B 8 -13.07 6.46 -16.63
CA ASN B 8 -12.05 6.10 -15.68
C ASN B 8 -12.61 5.17 -14.61
N ARG B 9 -11.84 4.15 -14.25
CA ARG B 9 -12.28 3.18 -13.24
C ARG B 9 -12.49 3.88 -11.89
N PHE B 10 -11.61 4.83 -11.57
CA PHE B 10 -11.71 5.57 -10.30
C PHE B 10 -11.59 7.06 -10.55
N ALA B 11 -11.44 7.83 -9.47
CA ALA B 11 -11.32 9.28 -9.57
C ALA B 11 -10.20 9.79 -8.68
N ILE B 12 -9.04 9.16 -8.76
CA ILE B 12 -7.89 9.57 -7.95
C ILE B 12 -6.96 10.48 -8.75
N MET B 13 -6.79 11.72 -8.26
CA MET B 13 -5.93 12.68 -8.95
C MET B 13 -4.47 12.59 -8.46
N PRO B 14 -3.50 12.87 -9.31
CA PRO B 14 -2.06 12.81 -8.95
C PRO B 14 -1.65 13.94 -8.00
N GLY B 15 -0.52 13.77 -7.32
CA GLY B 15 -0.02 14.79 -6.37
C GLY B 15 1.32 15.35 -6.83
N SER B 16 1.75 16.44 -6.19
CA SER B 16 3.02 17.07 -6.54
C SER B 16 4.19 16.13 -6.25
N ARG B 17 4.06 15.34 -5.19
CA ARG B 17 5.11 14.40 -4.82
C ARG B 17 5.36 13.40 -5.94
N TRP B 18 4.46 13.39 -6.92
CA TRP B 18 4.59 12.48 -8.05
C TRP B 18 5.90 12.74 -8.81
N ASP B 19 6.55 13.85 -8.50
CA ASP B 19 7.82 14.20 -9.15
C ASP B 19 7.65 14.25 -10.67
N GLY B 20 6.45 13.96 -11.16
CA GLY B 20 6.17 13.97 -12.59
C GLY B 20 6.76 12.75 -13.29
N VAL B 21 7.21 11.78 -12.50
CA VAL B 21 7.79 10.55 -13.06
C VAL B 21 6.72 9.76 -13.81
N HIS B 22 7.10 9.19 -14.95
CA HIS B 22 6.15 8.42 -15.77
C HIS B 22 5.96 7.02 -15.20
N ARG B 23 4.77 6.74 -14.68
CA ARG B 23 4.45 5.43 -14.10
C ARG B 23 3.05 4.98 -14.52
N SER B 24 2.96 3.92 -15.30
CA SER B 24 1.66 3.41 -15.76
C SER B 24 1.73 1.90 -15.98
N ASN B 25 0.55 1.28 -16.06
CA ASN B 25 0.48 -0.17 -16.27
C ASN B 25 0.57 -0.50 -17.75
N GLY B 26 0.27 -1.74 -18.10
CA GLY B 26 0.31 -2.18 -19.49
C GLY B 26 -0.94 -2.97 -19.86
N PHE B 27 -1.38 -3.84 -18.96
CA PHE B 27 -2.57 -4.65 -19.20
C PHE B 27 -3.80 -3.77 -19.42
N GLU B 28 -4.00 -2.83 -18.52
CA GLU B 28 -5.14 -1.91 -18.63
C GLU B 28 -4.85 -0.81 -19.64
N GLU B 29 -3.58 -0.58 -19.92
CA GLU B 29 -3.18 0.47 -20.86
C GLU B 29 -3.78 0.19 -22.24
N LYS B 30 -3.62 -1.03 -22.72
CA LYS B 30 -4.14 -1.41 -24.04
C LYS B 30 -5.67 -1.47 -23.99
N TRP B 31 -6.21 -1.77 -22.81
CA TRP B 31 -7.66 -1.87 -22.65
C TRP B 31 -8.33 -0.53 -22.96
N PHE B 32 -7.79 0.54 -22.37
CA PHE B 32 -8.34 1.88 -22.60
C PHE B 32 -8.10 2.30 -24.05
N ALA B 33 -6.93 1.94 -24.58
CA ALA B 33 -6.58 2.30 -25.94
C ALA B 33 -7.58 1.68 -26.92
N LYS B 34 -7.96 0.43 -26.67
CA LYS B 34 -8.91 -0.26 -27.53
C LYS B 34 -10.26 0.44 -27.50
N GLN B 35 -10.69 0.86 -26.30
CA GLN B 35 -11.97 1.53 -26.16
C GLN B 35 -12.00 2.81 -26.99
N ASN B 36 -10.89 3.54 -26.98
CA ASN B 36 -10.80 4.77 -27.76
C ASN B 36 -10.93 4.46 -29.25
N GLU B 37 -10.31 3.37 -29.68
CA GLU B 37 -10.36 2.99 -31.08
C GLU B 37 -11.79 2.70 -31.50
N ILE B 38 -12.52 1.97 -30.66
CA ILE B 38 -13.91 1.64 -30.97
C ILE B 38 -14.80 2.88 -30.92
N ASN B 39 -14.58 3.71 -29.89
CA ASN B 39 -15.36 4.93 -29.74
C ASN B 39 -14.98 5.95 -30.80
N GLU B 40 -15.97 6.37 -31.59
CA GLU B 40 -15.73 7.35 -32.64
C GLU B 40 -15.78 8.76 -32.07
N LYS B 41 -14.67 9.49 -32.23
CA LYS B 41 -14.59 10.85 -31.72
C LYS B 41 -15.07 10.91 -30.28
N GLY A 1 -22.89 -3.86 5.89
CA GLY A 1 -22.01 -4.49 4.86
C GLY A 1 -20.69 -3.73 4.79
N ALA A 2 -20.09 -3.48 5.95
CA ALA A 2 -18.82 -2.76 6.01
C ALA A 2 -17.69 -3.62 5.44
N MET A 3 -16.77 -2.98 4.73
CA MET A 3 -15.64 -3.70 4.13
C MET A 3 -14.55 -3.94 5.17
N GLY A 4 -14.12 -5.20 5.28
CA GLY A 4 -13.08 -5.56 6.25
C GLY A 4 -13.67 -5.66 7.65
N ASN A 5 -12.78 -5.60 8.65
CA ASN A 5 -13.21 -5.69 10.04
C ASN A 5 -13.74 -4.34 10.53
N GLU A 6 -14.77 -4.37 11.36
CA GLU A 6 -15.35 -3.15 11.89
C GLU A 6 -14.35 -2.41 12.78
N TYR A 7 -13.59 -3.18 13.57
CA TYR A 7 -12.59 -2.60 14.48
C TYR A 7 -11.19 -2.84 13.94
N LYS A 8 -10.24 -2.02 14.39
CA LYS A 8 -8.85 -2.15 13.93
C LYS A 8 -8.78 -2.12 12.41
N ASP A 9 -9.51 -1.19 11.81
CA ASP A 9 -9.52 -1.07 10.36
C ASP A 9 -8.29 -0.30 9.87
N ASN A 10 -7.16 -1.00 9.78
CA ASN A 10 -5.91 -0.38 9.32
C ASN A 10 -5.02 -1.41 8.63
N ALA A 11 -5.46 -1.87 7.46
CA ALA A 11 -4.69 -2.85 6.70
C ALA A 11 -3.47 -2.22 6.07
N TYR A 12 -2.46 -3.02 5.75
CA TYR A 12 -1.22 -2.53 5.13
C TYR A 12 -0.99 -3.20 3.78
N ILE A 13 -0.19 -2.56 2.92
CA ILE A 13 0.10 -3.11 1.59
C ILE A 13 1.50 -3.74 1.60
N TYR A 14 1.57 -5.03 1.27
CA TYR A 14 2.85 -5.73 1.26
C TYR A 14 3.58 -5.53 -0.06
N ILE A 15 4.84 -5.07 0.01
CA ILE A 15 5.63 -4.83 -1.20
C ILE A 15 6.88 -5.72 -1.17
N GLY A 16 7.03 -6.55 -2.19
CA GLY A 16 8.18 -7.46 -2.27
C GLY A 16 8.80 -7.43 -3.66
N ASN A 17 9.99 -8.00 -3.78
CA ASN A 17 10.69 -8.04 -5.07
C ASN A 17 10.98 -6.63 -5.57
N LEU A 18 11.40 -5.75 -4.65
CA LEU A 18 11.72 -4.37 -5.02
C LEU A 18 13.22 -4.23 -5.30
N ASN A 19 13.55 -3.40 -6.27
CA ASN A 19 14.95 -3.19 -6.64
C ASN A 19 15.69 -2.51 -5.49
N ARG A 20 16.91 -2.97 -5.24
CA ARG A 20 17.72 -2.40 -4.18
C ARG A 20 17.99 -0.92 -4.44
N GLU A 21 17.86 -0.52 -5.71
CA GLU A 21 18.10 0.87 -6.09
C GLU A 21 16.90 1.73 -5.71
N LEU A 22 15.72 1.12 -5.68
CA LEU A 22 14.50 1.84 -5.33
C LEU A 22 14.54 2.30 -3.87
N THR A 23 14.52 3.62 -3.67
CA THR A 23 14.55 4.18 -2.31
C THR A 23 13.14 4.49 -1.84
N GLU A 24 13.02 4.89 -0.58
CA GLU A 24 11.72 5.21 -0.01
C GLU A 24 11.07 6.36 -0.78
N GLY A 25 11.87 7.37 -1.11
CA GLY A 25 11.36 8.52 -1.85
C GLY A 25 10.85 8.10 -3.23
N ASP A 26 11.57 7.18 -3.87
CA ASP A 26 11.18 6.71 -5.19
C ASP A 26 9.82 6.00 -5.12
N ILE A 27 9.62 5.21 -4.07
CA ILE A 27 8.36 4.50 -3.89
C ILE A 27 7.22 5.48 -3.73
N LEU A 28 7.45 6.54 -2.96
CA LEU A 28 6.42 7.55 -2.73
C LEU A 28 5.99 8.17 -4.05
N THR A 29 6.96 8.47 -4.90
CA THR A 29 6.67 9.06 -6.19
C THR A 29 5.84 8.10 -7.04
N VAL A 30 6.21 6.83 -7.01
CA VAL A 30 5.50 5.83 -7.78
C VAL A 30 4.07 5.65 -7.27
N PHE A 31 3.93 5.47 -5.96
CA PHE A 31 2.62 5.30 -5.35
C PHE A 31 1.85 6.62 -5.28
N SER A 32 2.55 7.72 -5.49
CA SER A 32 1.92 9.04 -5.42
C SER A 32 0.55 9.06 -6.13
N GLU A 33 0.55 8.70 -7.41
CA GLU A 33 -0.70 8.68 -8.19
C GLU A 33 -1.59 7.51 -7.77
N TYR A 34 -0.98 6.37 -7.51
CA TYR A 34 -1.71 5.17 -7.14
C TYR A 34 -2.09 5.22 -5.67
N GLY A 35 -2.38 6.42 -5.15
CA GLY A 35 -2.73 6.55 -3.73
C GLY A 35 -1.56 7.02 -2.89
N VAL A 36 -1.21 8.31 -3.01
CA VAL A 36 -0.08 8.83 -2.26
C VAL A 36 -0.27 8.57 -0.75
N PRO A 37 0.60 7.74 -0.17
CA PRO A 37 0.52 7.34 1.27
C PRO A 37 0.98 8.44 2.21
N VAL A 38 0.57 8.34 3.46
CA VAL A 38 0.95 9.34 4.46
C VAL A 38 2.16 8.85 5.26
N ASP A 39 2.47 7.56 5.16
CA ASP A 39 3.60 6.98 5.87
C ASP A 39 4.05 5.68 5.21
N VAL A 40 5.35 5.40 5.28
CA VAL A 40 5.91 4.18 4.69
C VAL A 40 6.93 3.53 5.63
N ILE A 41 6.76 2.24 5.91
CA ILE A 41 7.68 1.52 6.80
C ILE A 41 8.42 0.43 6.04
N LEU A 42 9.74 0.58 5.94
CA LEU A 42 10.58 -0.39 5.23
C LEU A 42 11.80 -0.76 6.06
N SER A 43 11.79 -1.95 6.65
CA SER A 43 12.91 -2.40 7.47
C SER A 43 14.15 -2.61 6.60
N ARG A 44 15.31 -2.25 7.14
CA ARG A 44 16.57 -2.41 6.41
C ARG A 44 17.73 -2.58 7.37
N ASP A 45 18.72 -3.39 6.97
CA ASP A 45 19.89 -3.63 7.81
C ASP A 45 20.98 -2.59 7.53
N GLU A 46 21.58 -2.08 8.59
CA GLU A 46 22.65 -1.08 8.44
C GLU A 46 23.92 -1.72 7.88
N ASN A 47 24.14 -2.98 8.22
CA ASN A 47 25.34 -3.70 7.75
C ASN A 47 25.35 -3.82 6.23
N THR A 48 24.20 -4.11 5.64
CA THR A 48 24.10 -4.27 4.19
C THR A 48 23.40 -3.07 3.55
N GLY A 49 22.51 -2.45 4.31
CA GLY A 49 21.77 -1.30 3.83
C GLY A 49 20.46 -1.72 3.20
N GLU A 50 20.12 -3.00 3.34
CA GLU A 50 18.88 -3.52 2.77
C GLU A 50 18.44 -4.78 3.51
N SER A 51 17.16 -5.14 3.36
CA SER A 51 16.62 -6.33 4.02
C SER A 51 16.55 -7.50 3.05
N GLN A 52 15.53 -8.34 3.21
CA GLN A 52 15.37 -9.50 2.34
C GLN A 52 14.63 -9.09 1.06
N GLY A 53 14.15 -7.84 1.02
CA GLY A 53 13.42 -7.34 -0.17
C GLY A 53 11.92 -7.20 0.09
N PHE A 54 11.56 -6.66 1.27
CA PHE A 54 10.14 -6.49 1.64
C PHE A 54 9.93 -5.12 2.31
N ALA A 55 8.70 -4.60 2.23
CA ALA A 55 8.38 -3.31 2.84
C ALA A 55 6.87 -3.19 3.09
N TYR A 56 6.46 -2.30 4.00
CA TYR A 56 5.04 -2.10 4.33
C TYR A 56 4.60 -0.69 3.95
N LEU A 57 3.36 -0.56 3.49
CA LEU A 57 2.82 0.75 3.10
C LEU A 57 1.57 1.11 3.91
N LYS A 58 1.36 2.42 4.16
CA LYS A 58 0.18 2.88 4.91
C LYS A 58 -0.55 4.01 4.16
N TYR A 59 -1.72 3.69 3.60
CA TYR A 59 -2.52 4.68 2.87
C TYR A 59 -3.77 5.05 3.68
N GLU A 60 -4.55 6.01 3.18
CA GLU A 60 -5.76 6.44 3.88
C GLU A 60 -6.91 5.43 3.73
N ASP A 61 -7.31 5.16 2.50
CA ASP A 61 -8.41 4.19 2.23
C ASP A 61 -7.87 2.93 1.57
N GLN A 62 -8.19 1.77 2.17
CA GLN A 62 -7.73 0.49 1.63
C GLN A 62 -8.14 0.34 0.17
N ARG A 63 -9.12 1.12 -0.25
CA ARG A 63 -9.59 1.06 -1.62
C ARG A 63 -8.47 1.40 -2.60
N SER A 64 -7.60 2.32 -2.20
CA SER A 64 -6.49 2.72 -3.07
C SER A 64 -5.56 1.54 -3.36
N THR A 65 -5.58 0.54 -2.49
CA THR A 65 -4.72 -0.63 -2.66
C THR A 65 -5.06 -1.34 -3.97
N ILE A 66 -6.29 -1.17 -4.43
CA ILE A 66 -6.72 -1.79 -5.68
C ILE A 66 -5.99 -1.17 -6.86
N LEU A 67 -5.77 0.13 -6.79
CA LEU A 67 -5.08 0.83 -7.87
C LEU A 67 -3.62 0.42 -7.93
N ALA A 68 -2.98 0.34 -6.77
CA ALA A 68 -1.56 -0.02 -6.73
C ALA A 68 -1.32 -1.42 -7.26
N VAL A 69 -2.08 -2.40 -6.76
CA VAL A 69 -1.91 -3.77 -7.19
C VAL A 69 -2.31 -3.97 -8.65
N ASP A 70 -3.50 -3.50 -9.00
CA ASP A 70 -4.00 -3.64 -10.36
C ASP A 70 -3.04 -3.02 -11.39
N ASN A 71 -2.07 -2.24 -10.91
CA ASN A 71 -1.10 -1.57 -11.80
C ASN A 71 0.35 -2.02 -11.61
N LEU A 72 0.83 -1.98 -10.38
CA LEU A 72 2.23 -2.36 -10.07
C LEU A 72 2.43 -3.88 -9.99
N ASN A 73 1.34 -4.62 -9.99
CA ASN A 73 1.42 -6.08 -9.93
C ASN A 73 1.87 -6.64 -11.27
N GLY A 74 3.10 -7.16 -11.29
CA GLY A 74 3.64 -7.72 -12.52
C GLY A 74 4.34 -6.65 -13.36
N PHE A 75 4.40 -5.43 -12.82
CA PHE A 75 5.05 -4.32 -13.53
C PHE A 75 6.57 -4.44 -13.40
N LYS A 76 7.26 -4.38 -14.53
CA LYS A 76 8.71 -4.49 -14.54
C LYS A 76 9.36 -3.15 -14.19
N ILE A 77 10.25 -3.16 -13.20
CA ILE A 77 10.96 -1.95 -12.78
C ILE A 77 12.42 -2.28 -12.46
N GLY A 78 13.32 -1.75 -13.26
CA GLY A 78 14.74 -1.98 -13.04
C GLY A 78 15.12 -3.42 -13.38
N GLY A 79 14.29 -4.07 -14.21
CA GLY A 79 14.54 -5.45 -14.61
C GLY A 79 13.83 -6.43 -13.66
N ARG A 80 13.31 -5.91 -12.54
CA ARG A 80 12.61 -6.75 -11.55
C ARG A 80 11.12 -6.39 -11.52
N ALA A 81 10.26 -7.37 -11.24
CA ALA A 81 8.81 -7.15 -11.17
C ALA A 81 8.36 -6.96 -9.72
N LEU A 82 7.44 -6.02 -9.50
CA LEU A 82 6.94 -5.75 -8.15
C LEU A 82 5.85 -6.75 -7.79
N LYS A 83 5.81 -7.12 -6.50
CA LYS A 83 4.81 -8.07 -6.03
C LYS A 83 4.01 -7.44 -4.90
N ILE A 84 2.80 -6.96 -5.23
CA ILE A 84 1.94 -6.31 -4.23
C ILE A 84 0.92 -7.32 -3.68
N ASP A 85 0.65 -7.23 -2.38
CA ASP A 85 -0.30 -8.14 -1.74
C ASP A 85 -0.86 -7.52 -0.47
N HIS A 86 -2.08 -7.91 -0.11
CA HIS A 86 -2.72 -7.38 1.09
C HIS A 86 -2.18 -8.07 2.34
N THR A 87 -2.02 -7.32 3.42
CA THR A 87 -1.51 -7.87 4.68
C THR A 87 -2.03 -7.05 5.86
N PHE A 88 -2.35 -7.73 6.95
CA PHE A 88 -2.85 -7.06 8.14
C PHE A 88 -1.69 -6.72 9.07
N TYR A 89 -0.51 -6.55 8.49
CA TYR A 89 0.67 -6.25 9.29
C TYR A 89 0.36 -5.13 10.28
N ARG A 90 0.48 -5.47 11.56
CA ARG A 90 0.21 -4.49 12.62
C ARG A 90 1.39 -3.54 12.80
N PRO A 91 1.13 -2.28 13.15
CA PRO A 91 2.20 -1.27 13.39
C PRO A 91 2.95 -1.51 14.69
N LYS A 92 4.23 -1.14 14.71
CA LYS A 92 5.05 -1.32 15.91
C LYS A 92 4.78 -0.18 16.91
N ARG A 93 4.52 -0.55 18.16
CA ARG A 93 4.26 0.44 19.19
C ARG A 93 2.84 0.99 19.05
N SER A 94 2.08 0.98 20.15
CA SER A 94 0.71 1.50 20.14
C SER A 94 0.42 2.28 21.41
N LEU A 95 1.25 3.29 21.68
CA LEU A 95 1.06 4.11 22.88
C LEU A 95 -0.22 4.96 22.75
N GLN A 96 -0.07 6.28 22.88
CA GLN A 96 -1.21 7.19 22.78
C GLN A 96 -2.09 7.08 24.03
N LYS A 97 -2.48 5.85 24.36
CA LYS A 97 -3.32 5.62 25.53
C LYS A 97 -3.09 4.21 26.08
N TYR A 98 -3.02 4.12 27.41
CA TYR A 98 -2.82 2.82 28.06
C TYR A 98 -3.37 2.84 29.48
N TYR A 99 -3.73 1.66 29.99
CA TYR A 99 -4.27 1.56 31.34
C TYR A 99 -3.85 0.24 31.97
N GLU A 100 -3.87 -0.82 31.17
CA GLU A 100 -3.49 -2.13 31.66
C GLU A 100 -1.99 -2.18 31.88
N ALA A 101 -1.31 -1.07 31.63
CA ALA A 101 0.14 -1.00 31.81
C ALA A 101 0.48 -0.12 33.02
N VAL A 102 -0.51 0.16 33.86
CA VAL A 102 -0.31 0.99 35.06
C VAL A 102 -0.37 0.14 36.34
N LYS A 103 -1.58 -0.09 36.83
CA LYS A 103 -1.77 -0.88 38.05
C LYS A 103 -1.22 -2.30 37.87
N GLU A 104 -1.59 -2.93 36.76
CA GLU A 104 -1.13 -4.29 36.49
C GLU A 104 0.39 -4.32 36.35
N GLU A 105 0.94 -3.27 35.73
CA GLU A 105 2.38 -3.19 35.54
C GLU A 105 3.10 -3.23 36.88
N LEU A 106 2.55 -2.53 37.87
CA LEU A 106 3.15 -2.50 39.19
C LEU A 106 2.71 -3.71 40.00
N ASP A 107 3.29 -4.87 39.70
CA ASP A 107 2.95 -6.09 40.41
C ASP A 107 3.96 -7.19 40.10
N ARG A 108 3.52 -8.21 39.35
CA ARG A 108 4.40 -9.32 38.98
C ARG A 108 5.01 -9.95 40.22
N ASP A 109 6.08 -9.32 40.73
CA ASP A 109 6.75 -9.83 41.93
C ASP A 109 5.79 -9.84 43.11
N ILE A 110 4.97 -8.79 43.21
CA ILE A 110 4.02 -8.68 44.31
C ILE A 110 2.87 -9.66 44.12
N VAL A 111 2.65 -10.51 45.12
CA VAL A 111 1.57 -11.49 45.06
C VAL A 111 1.09 -11.86 46.45
N SER A 112 -0.22 -12.03 46.61
CA SER A 112 -0.80 -12.38 47.91
C SER A 112 -1.33 -13.81 47.90
N LYS A 113 -0.57 -14.72 48.49
CA LYS A 113 -0.98 -16.12 48.55
C LYS A 113 -0.15 -16.88 49.58
N ASN A 114 -0.80 -17.72 50.37
CA ASN A 114 -0.11 -18.51 51.39
C ASN A 114 -0.69 -19.92 51.48
N ASN A 115 0.12 -20.91 51.12
CA ASN A 115 -0.33 -22.30 51.16
C ASN A 115 -0.14 -22.87 52.56
N ALA A 116 -0.92 -22.38 53.51
CA ALA A 116 -0.83 -22.84 54.89
C ALA A 116 -1.13 -24.33 54.98
N GLU A 117 -2.14 -24.77 54.22
CA GLU A 117 -2.52 -26.18 54.22
C GLU A 117 -1.45 -27.03 53.55
N LYS A 118 -1.12 -28.16 54.16
CA LYS A 118 -0.12 -29.05 53.61
C LYS A 118 1.21 -28.32 53.41
N TYR B 1 3.30 23.08 -18.80
CA TYR B 1 1.89 22.74 -19.18
C TYR B 1 1.54 21.37 -18.63
N ASP B 2 0.44 21.28 -17.91
CA ASP B 2 0.00 20.02 -17.33
C ASP B 2 -0.33 19.01 -18.44
N LYS B 3 0.05 17.76 -18.23
CA LYS B 3 -0.21 16.72 -19.21
C LYS B 3 -1.71 16.37 -19.26
N PRO B 4 -2.22 15.92 -20.41
CA PRO B 4 -3.65 15.54 -20.59
C PRO B 4 -4.18 14.74 -19.40
N ALA B 5 -5.46 14.40 -19.44
CA ALA B 5 -6.07 13.64 -18.36
C ALA B 5 -5.29 12.35 -18.07
N PRO B 6 -5.10 11.99 -16.81
CA PRO B 6 -4.34 10.76 -16.40
C PRO B 6 -5.12 9.48 -16.71
N GLU B 7 -4.40 8.39 -16.94
CA GLU B 7 -5.02 7.11 -17.24
C GLU B 7 -5.32 6.36 -15.94
N ASN B 8 -6.49 6.64 -15.35
CA ASN B 8 -6.88 5.99 -14.11
C ASN B 8 -8.38 5.71 -14.09
N ARG B 9 -8.75 4.47 -13.81
CA ARG B 9 -10.15 4.08 -13.76
C ARG B 9 -10.87 4.78 -12.60
N PHE B 10 -10.11 5.08 -11.55
CA PHE B 10 -10.68 5.74 -10.38
C PHE B 10 -10.73 7.24 -10.60
N ALA B 11 -11.17 7.97 -9.58
CA ALA B 11 -11.26 9.42 -9.67
C ALA B 11 -10.20 10.10 -8.78
N ILE B 12 -9.13 9.37 -8.49
CA ILE B 12 -8.05 9.92 -7.65
C ILE B 12 -7.04 10.67 -8.53
N MET B 13 -6.94 11.98 -8.31
CA MET B 13 -6.00 12.81 -9.08
C MET B 13 -4.57 12.73 -8.52
N PRO B 14 -3.56 12.87 -9.36
CA PRO B 14 -2.12 12.83 -8.94
C PRO B 14 -1.73 14.03 -8.10
N GLY B 15 -0.70 13.87 -7.25
CA GLY B 15 -0.23 14.96 -6.39
C GLY B 15 1.16 15.42 -6.81
N SER B 16 1.63 16.51 -6.21
CA SER B 16 2.95 17.04 -6.52
C SER B 16 4.04 16.02 -6.18
N ARG B 17 3.76 15.17 -5.19
CA ARG B 17 4.71 14.15 -4.78
C ARG B 17 5.08 13.25 -5.95
N TRP B 18 4.16 13.13 -6.90
CA TRP B 18 4.38 12.29 -8.07
C TRP B 18 5.61 12.77 -8.87
N ASP B 19 5.98 14.02 -8.68
CA ASP B 19 7.13 14.60 -9.38
C ASP B 19 6.95 14.51 -10.90
N GLY B 20 5.88 13.85 -11.33
CA GLY B 20 5.61 13.71 -12.77
C GLY B 20 6.49 12.63 -13.40
N VAL B 21 7.02 11.73 -12.56
CA VAL B 21 7.88 10.65 -13.05
C VAL B 21 7.08 9.69 -13.95
N HIS B 22 7.76 9.07 -14.91
CA HIS B 22 7.10 8.14 -15.81
C HIS B 22 6.68 6.86 -15.07
N ARG B 23 5.41 6.47 -15.22
CA ARG B 23 4.89 5.27 -14.56
C ARG B 23 3.94 4.52 -15.50
N SER B 24 4.09 3.19 -15.57
CA SER B 24 3.23 2.37 -16.43
C SER B 24 2.80 1.09 -15.70
N ASN B 25 1.66 0.55 -16.10
CA ASN B 25 1.15 -0.68 -15.48
C ASN B 25 1.72 -1.91 -16.18
N GLY B 26 2.54 -1.69 -17.20
CA GLY B 26 3.16 -2.78 -17.95
C GLY B 26 2.37 -3.11 -19.21
N PHE B 27 2.47 -4.35 -19.66
CA PHE B 27 1.76 -4.79 -20.85
C PHE B 27 0.26 -4.53 -20.72
N GLU B 28 -0.20 -4.39 -19.48
CA GLU B 28 -1.61 -4.15 -19.22
C GLU B 28 -2.09 -2.88 -19.92
N GLU B 29 -1.15 -1.97 -20.19
CA GLU B 29 -1.47 -0.72 -20.87
C GLU B 29 -2.12 -1.00 -22.22
N LYS B 30 -1.94 -2.21 -22.73
CA LYS B 30 -2.51 -2.59 -24.02
C LYS B 30 -4.01 -2.34 -24.03
N TRP B 31 -4.63 -2.40 -22.84
CA TRP B 31 -6.06 -2.18 -22.74
C TRP B 31 -6.41 -0.78 -23.22
N PHE B 32 -5.64 0.20 -22.78
CA PHE B 32 -5.88 1.59 -23.17
C PHE B 32 -5.62 1.76 -24.66
N ALA B 33 -4.57 1.11 -25.16
CA ALA B 33 -4.22 1.21 -26.57
C ALA B 33 -5.35 0.66 -27.45
N LYS B 34 -5.93 -0.46 -27.02
CA LYS B 34 -7.01 -1.07 -27.78
C LYS B 34 -8.22 -0.14 -27.82
N GLN B 35 -8.56 0.45 -26.68
CA GLN B 35 -9.70 1.36 -26.60
C GLN B 35 -9.47 2.61 -27.45
N ASN B 36 -8.23 3.08 -27.45
CA ASN B 36 -7.90 4.28 -28.23
C ASN B 36 -7.95 3.99 -29.73
N GLU B 37 -7.42 2.84 -30.13
CA GLU B 37 -7.41 2.46 -31.56
C GLU B 37 -8.82 2.13 -32.07
N ILE B 38 -9.55 1.33 -31.29
CA ILE B 38 -10.91 0.94 -31.68
C ILE B 38 -11.84 2.15 -31.68
N ASN B 39 -11.62 3.06 -30.75
CA ASN B 39 -12.45 4.26 -30.65
C ASN B 39 -11.96 5.34 -31.60
N GLU B 40 -12.61 5.46 -32.75
CA GLU B 40 -12.23 6.46 -33.75
C GLU B 40 -13.13 7.69 -33.66
N LYS B 41 -14.42 7.45 -33.51
CA LYS B 41 -15.38 8.55 -33.41
C LYS B 41 -15.28 9.24 -32.05
N GLY A 1 -9.18 11.26 14.97
CA GLY A 1 -9.81 12.36 15.76
C GLY A 1 -9.45 12.18 17.24
N ALA A 2 -10.38 12.55 18.11
CA ALA A 2 -10.15 12.44 19.55
C ALA A 2 -10.17 10.97 19.98
N MET A 3 -10.63 10.10 19.09
CA MET A 3 -10.71 8.68 19.39
C MET A 3 -9.31 8.06 19.34
N GLY A 4 -8.46 8.46 20.27
CA GLY A 4 -7.10 7.93 20.33
C GLY A 4 -7.10 6.49 20.81
N ASN A 5 -8.24 6.04 21.35
CA ASN A 5 -8.36 4.67 21.84
C ASN A 5 -8.88 3.75 20.74
N GLU A 6 -9.21 4.33 19.58
CA GLU A 6 -9.73 3.55 18.47
C GLU A 6 -9.17 4.09 17.14
N TYR A 7 -8.68 3.19 16.29
CA TYR A 7 -8.13 3.59 15.00
C TYR A 7 -8.33 2.49 13.97
N LYS A 8 -9.06 2.79 12.89
CA LYS A 8 -9.32 1.81 11.83
C LYS A 8 -8.60 2.22 10.54
N ASP A 9 -9.08 1.70 9.41
CA ASP A 9 -8.48 2.02 8.12
C ASP A 9 -6.99 1.66 8.12
N ASN A 10 -6.65 0.53 8.73
CA ASN A 10 -5.27 0.08 8.79
C ASN A 10 -4.89 -0.65 7.51
N ALA A 11 -4.96 0.04 6.38
CA ALA A 11 -4.62 -0.57 5.10
C ALA A 11 -3.11 -0.73 4.96
N TYR A 12 -2.66 -1.97 4.82
CA TYR A 12 -1.23 -2.26 4.67
C TYR A 12 -0.99 -3.26 3.54
N ILE A 13 0.08 -3.04 2.77
CA ILE A 13 0.41 -3.94 1.66
C ILE A 13 1.86 -4.40 1.77
N TYR A 14 2.11 -5.65 1.37
CA TYR A 14 3.47 -6.19 1.43
C TYR A 14 4.15 -6.04 0.07
N ILE A 15 5.18 -5.20 0.02
CA ILE A 15 5.90 -4.97 -1.23
C ILE A 15 7.24 -5.70 -1.23
N GLY A 16 7.45 -6.55 -2.23
CA GLY A 16 8.70 -7.31 -2.33
C GLY A 16 9.22 -7.30 -3.77
N ASN A 17 10.33 -8.01 -3.98
CA ASN A 17 10.93 -8.08 -5.31
C ASN A 17 11.36 -6.69 -5.78
N LEU A 18 11.69 -5.83 -4.82
CA LEU A 18 12.12 -4.47 -5.15
C LEU A 18 13.64 -4.35 -5.05
N ASN A 19 14.24 -3.62 -5.97
CA ASN A 19 15.68 -3.44 -5.98
C ASN A 19 16.11 -2.58 -4.79
N ARG A 20 17.18 -3.01 -4.11
CA ARG A 20 17.68 -2.26 -2.96
C ARG A 20 18.00 -0.82 -3.36
N GLU A 21 18.19 -0.61 -4.65
CA GLU A 21 18.50 0.72 -5.15
C GLU A 21 17.34 1.69 -4.89
N LEU A 22 16.12 1.15 -4.91
CA LEU A 22 14.94 1.97 -4.68
C LEU A 22 14.96 2.56 -3.27
N THR A 23 14.82 3.87 -3.18
CA THR A 23 14.82 4.55 -1.88
C THR A 23 13.39 4.80 -1.43
N GLU A 24 13.24 5.32 -0.21
CA GLU A 24 11.93 5.60 0.35
C GLU A 24 11.19 6.61 -0.53
N GLY A 25 11.91 7.64 -0.96
CA GLY A 25 11.30 8.66 -1.81
C GLY A 25 10.86 8.08 -3.15
N ASP A 26 11.68 7.17 -3.69
CA ASP A 26 11.37 6.54 -4.98
C ASP A 26 10.05 5.79 -4.90
N ILE A 27 9.86 5.05 -3.81
CA ILE A 27 8.63 4.28 -3.63
C ILE A 27 7.42 5.20 -3.58
N LEU A 28 7.55 6.30 -2.86
CA LEU A 28 6.46 7.26 -2.75
C LEU A 28 6.03 7.75 -4.12
N THR A 29 7.01 8.15 -4.94
CA THR A 29 6.71 8.67 -6.28
C THR A 29 6.03 7.59 -7.12
N VAL A 30 6.51 6.37 -7.02
CA VAL A 30 5.93 5.27 -7.78
C VAL A 30 4.46 5.06 -7.41
N PHE A 31 4.18 5.07 -6.11
CA PHE A 31 2.81 4.88 -5.62
C PHE A 31 2.05 6.21 -5.57
N SER A 32 2.77 7.32 -5.69
CA SER A 32 2.16 8.65 -5.61
C SER A 32 0.96 8.78 -6.57
N GLU A 33 1.20 8.49 -7.84
CA GLU A 33 0.14 8.58 -8.84
C GLU A 33 -0.99 7.61 -8.54
N TYR A 34 -0.70 6.61 -7.73
CA TYR A 34 -1.69 5.59 -7.37
C TYR A 34 -2.15 5.74 -5.92
N GLY A 35 -2.21 7.00 -5.45
CA GLY A 35 -2.64 7.24 -4.07
C GLY A 35 -1.44 7.42 -3.14
N VAL A 36 -0.79 8.58 -3.21
CA VAL A 36 0.39 8.83 -2.40
C VAL A 36 0.10 8.54 -0.92
N PRO A 37 0.74 7.50 -0.38
CA PRO A 37 0.57 7.08 1.05
C PRO A 37 0.87 8.23 2.02
N VAL A 38 0.37 8.11 3.23
CA VAL A 38 0.57 9.14 4.24
C VAL A 38 1.84 8.86 5.05
N ASP A 39 2.22 7.59 5.11
CA ASP A 39 3.42 7.20 5.85
C ASP A 39 3.79 5.75 5.55
N VAL A 40 5.08 5.43 5.65
CA VAL A 40 5.56 4.07 5.39
C VAL A 40 6.60 3.68 6.44
N ILE A 41 6.62 2.40 6.80
CA ILE A 41 7.58 1.90 7.79
C ILE A 41 8.68 1.10 7.10
N LEU A 42 9.92 1.57 7.21
CA LEU A 42 11.06 0.89 6.59
C LEU A 42 11.96 0.28 7.67
N SER A 43 11.79 -1.01 7.90
CA SER A 43 12.61 -1.71 8.89
C SER A 43 14.00 -2.01 8.33
N ARG A 44 15.00 -1.99 9.21
CA ARG A 44 16.37 -2.27 8.79
C ARG A 44 17.20 -2.77 9.97
N ASP A 45 18.17 -3.64 9.69
CA ASP A 45 19.03 -4.20 10.74
C ASP A 45 20.23 -3.28 10.99
N GLU A 46 20.30 -2.74 12.20
CA GLU A 46 21.40 -1.85 12.56
C GLU A 46 22.73 -2.58 12.52
N ASN A 47 22.68 -3.90 12.61
CA ASN A 47 23.90 -4.72 12.59
C ASN A 47 24.64 -4.52 11.27
N THR A 48 23.89 -4.45 10.17
CA THR A 48 24.49 -4.26 8.85
C THR A 48 23.98 -2.97 8.22
N GLY A 49 23.01 -2.33 8.87
CA GLY A 49 22.45 -1.09 8.35
C GLY A 49 21.49 -1.36 7.20
N GLU A 50 21.00 -2.59 7.12
CA GLU A 50 20.07 -2.97 6.05
C GLU A 50 19.48 -4.35 6.31
N SER A 51 18.46 -4.72 5.55
CA SER A 51 17.81 -6.03 5.71
C SER A 51 17.46 -6.62 4.35
N GLN A 52 16.41 -7.44 4.33
CA GLN A 52 15.99 -8.08 3.08
C GLN A 52 15.40 -7.04 2.13
N GLY A 53 15.19 -5.82 2.63
CA GLY A 53 14.64 -4.75 1.80
C GLY A 53 13.11 -4.72 1.89
N PHE A 54 12.56 -5.39 2.90
CA PHE A 54 11.12 -5.44 3.08
C PHE A 54 10.64 -4.19 3.83
N ALA A 55 9.42 -3.76 3.53
CA ALA A 55 8.86 -2.58 4.19
C ALA A 55 7.33 -2.63 4.17
N TYR A 56 6.70 -1.97 5.14
CA TYR A 56 5.24 -1.93 5.22
C TYR A 56 4.73 -0.56 4.79
N LEU A 57 3.89 -0.53 3.76
CA LEU A 57 3.34 0.73 3.26
C LEU A 57 1.91 0.92 3.77
N LYS A 58 1.67 2.04 4.49
CA LYS A 58 0.34 2.33 5.03
C LYS A 58 -0.48 3.15 4.04
N TYR A 59 -1.64 2.61 3.65
CA TYR A 59 -2.51 3.30 2.71
C TYR A 59 -3.67 4.00 3.44
N GLU A 60 -3.94 5.24 3.05
CA GLU A 60 -5.03 6.00 3.67
C GLU A 60 -6.37 5.32 3.41
N ASP A 61 -6.58 4.87 2.17
CA ASP A 61 -7.83 4.20 1.78
C ASP A 61 -7.53 2.84 1.15
N GLN A 62 -8.33 1.85 1.51
CA GLN A 62 -8.16 0.50 0.96
C GLN A 62 -8.40 0.50 -0.54
N ARG A 63 -9.35 1.32 -0.98
CA ARG A 63 -9.69 1.40 -2.40
C ARG A 63 -8.47 1.82 -3.22
N SER A 64 -7.67 2.73 -2.67
CA SER A 64 -6.48 3.21 -3.36
C SER A 64 -5.49 2.07 -3.60
N THR A 65 -5.40 1.16 -2.64
CA THR A 65 -4.47 0.03 -2.74
C THR A 65 -4.72 -0.74 -4.03
N ILE A 66 -5.97 -0.75 -4.49
CA ILE A 66 -6.32 -1.44 -5.71
C ILE A 66 -5.61 -0.83 -6.90
N LEU A 67 -5.61 0.50 -6.97
CA LEU A 67 -4.96 1.20 -8.07
C LEU A 67 -3.47 0.86 -8.14
N ALA A 68 -2.78 1.00 -7.02
CA ALA A 68 -1.36 0.71 -6.98
C ALA A 68 -1.09 -0.74 -7.26
N VAL A 69 -1.82 -1.61 -6.58
CA VAL A 69 -1.63 -3.03 -6.76
C VAL A 69 -1.96 -3.46 -8.18
N ASP A 70 -3.15 -3.11 -8.65
CA ASP A 70 -3.57 -3.49 -9.99
C ASP A 70 -2.66 -2.91 -11.06
N ASN A 71 -2.07 -1.76 -10.78
CA ASN A 71 -1.19 -1.09 -11.75
C ASN A 71 0.24 -1.63 -11.70
N LEU A 72 0.80 -1.70 -10.49
CA LEU A 72 2.18 -2.17 -10.32
C LEU A 72 2.29 -3.69 -10.45
N ASN A 73 1.21 -4.39 -10.09
CA ASN A 73 1.19 -5.85 -10.16
C ASN A 73 1.21 -6.31 -11.61
N GLY A 74 2.28 -7.00 -11.99
CA GLY A 74 2.42 -7.49 -13.36
C GLY A 74 3.23 -6.53 -14.21
N PHE A 75 3.67 -5.42 -13.60
CA PHE A 75 4.46 -4.42 -14.31
C PHE A 75 5.95 -4.69 -14.10
N LYS A 76 6.69 -4.77 -15.20
CA LYS A 76 8.13 -5.03 -15.12
C LYS A 76 8.90 -3.74 -14.87
N ILE A 77 9.69 -3.72 -13.80
CA ILE A 77 10.50 -2.54 -13.45
C ILE A 77 11.92 -2.96 -13.11
N GLY A 78 12.88 -2.46 -13.87
CA GLY A 78 14.28 -2.78 -13.63
C GLY A 78 14.61 -4.16 -14.16
N GLY A 79 13.74 -4.70 -15.01
CA GLY A 79 13.96 -6.02 -15.58
C GLY A 79 13.32 -7.11 -14.73
N ARG A 80 12.54 -6.69 -13.72
CA ARG A 80 11.86 -7.63 -12.82
C ARG A 80 10.46 -7.13 -12.45
N ALA A 81 9.55 -8.05 -12.16
CA ALA A 81 8.18 -7.69 -11.81
C ALA A 81 8.05 -7.45 -10.30
N LEU A 82 7.17 -6.52 -9.93
CA LEU A 82 6.96 -6.21 -8.51
C LEU A 82 6.08 -7.27 -7.86
N LYS A 83 6.18 -7.39 -6.55
CA LYS A 83 5.38 -8.36 -5.81
C LYS A 83 4.66 -7.66 -4.67
N ILE A 84 3.37 -7.39 -4.89
CA ILE A 84 2.58 -6.69 -3.88
C ILE A 84 1.38 -7.52 -3.44
N ASP A 85 1.00 -7.37 -2.18
CA ASP A 85 -0.15 -8.11 -1.63
C ASP A 85 -0.72 -7.41 -0.41
N HIS A 86 -1.93 -7.80 -0.02
CA HIS A 86 -2.59 -7.19 1.13
C HIS A 86 -2.22 -7.95 2.42
N THR A 87 -1.60 -7.24 3.36
CA THR A 87 -1.18 -7.84 4.63
C THR A 87 -2.06 -7.33 5.78
N PHE A 88 -2.69 -6.17 5.58
CA PHE A 88 -3.55 -5.58 6.59
C PHE A 88 -2.91 -5.70 7.98
N TYR A 89 -1.59 -5.67 8.01
CA TYR A 89 -0.85 -5.78 9.26
C TYR A 89 -1.19 -4.60 10.19
N ARG A 90 -1.35 -4.88 11.48
CA ARG A 90 -1.67 -3.85 12.46
C ARG A 90 -0.40 -3.37 13.19
N PRO A 91 0.04 -2.13 12.94
CA PRO A 91 1.26 -1.55 13.61
C PRO A 91 1.22 -1.70 15.12
N LYS A 92 2.35 -2.07 15.70
CA LYS A 92 2.43 -2.24 17.15
C LYS A 92 1.36 -3.20 17.64
N ARG A 93 1.71 -4.49 17.71
CA ARG A 93 0.75 -5.50 18.17
C ARG A 93 0.15 -5.09 19.51
N SER A 94 -1.17 -5.23 19.63
CA SER A 94 -1.85 -4.88 20.86
C SER A 94 -1.43 -5.80 21.99
N LEU A 95 -1.22 -5.23 23.19
CA LEU A 95 -0.80 -6.02 24.35
C LEU A 95 -1.88 -5.96 25.43
N GLN A 96 -2.60 -7.07 25.60
CA GLN A 96 -3.66 -7.14 26.61
C GLN A 96 -3.65 -8.50 27.31
N LYS A 97 -3.92 -8.49 28.60
CA LYS A 97 -3.93 -9.73 29.39
C LYS A 97 -2.55 -10.38 29.35
N TYR A 98 -2.25 -11.06 28.24
CA TYR A 98 -0.96 -11.71 28.09
C TYR A 98 -0.64 -12.58 29.31
N TYR A 99 -1.63 -12.74 30.19
CA TYR A 99 -1.44 -13.53 31.40
C TYR A 99 -1.64 -15.02 31.10
N GLU A 100 -2.67 -15.33 30.33
CA GLU A 100 -2.97 -16.71 29.98
C GLU A 100 -2.14 -17.15 28.78
N ALA A 101 -1.53 -16.18 28.09
CA ALA A 101 -0.71 -16.47 26.92
C ALA A 101 0.74 -16.71 27.32
N VAL A 102 0.99 -16.75 28.63
CA VAL A 102 2.34 -16.96 29.13
C VAL A 102 2.90 -18.28 28.62
N LYS A 103 2.11 -19.35 28.73
CA LYS A 103 2.54 -20.66 28.28
C LYS A 103 1.38 -21.64 28.31
N GLU A 104 0.86 -21.89 29.52
CA GLU A 104 -0.25 -22.82 29.68
C GLU A 104 -1.56 -22.15 29.28
N GLU A 105 -2.36 -22.84 28.48
CA GLU A 105 -3.66 -22.30 28.04
C GLU A 105 -4.74 -23.37 28.16
N LEU A 106 -5.67 -23.16 29.09
CA LEU A 106 -6.76 -24.11 29.30
C LEU A 106 -6.19 -25.51 29.56
N ASP A 107 -4.87 -25.59 29.67
CA ASP A 107 -4.21 -26.88 29.91
C ASP A 107 -4.56 -27.40 31.29
N ARG A 108 -4.75 -28.72 31.40
CA ARG A 108 -5.08 -29.33 32.69
C ARG A 108 -4.14 -30.49 32.99
N ASP A 109 -3.14 -30.67 32.13
CA ASP A 109 -2.17 -31.75 32.32
C ASP A 109 -1.32 -31.50 33.55
N ILE A 110 -1.42 -30.29 34.10
CA ILE A 110 -0.65 -29.93 35.28
C ILE A 110 -0.94 -30.91 36.42
N VAL A 111 -2.09 -31.57 36.36
CA VAL A 111 -2.48 -32.53 37.39
C VAL A 111 -2.15 -33.95 36.96
N SER A 112 -1.73 -34.78 37.91
CA SER A 112 -1.39 -36.17 37.61
C SER A 112 -1.54 -37.04 38.86
N LYS A 113 -1.69 -38.35 38.66
CA LYS A 113 -1.83 -39.29 39.77
C LYS A 113 -0.82 -40.42 39.65
N ASN A 114 0.17 -40.25 38.77
CA ASN A 114 1.19 -41.27 38.57
C ASN A 114 2.41 -41.00 39.46
N ASN A 115 2.21 -40.15 40.47
CA ASN A 115 3.31 -39.81 41.38
C ASN A 115 3.65 -41.01 42.26
N ALA A 116 2.90 -42.09 42.10
CA ALA A 116 3.15 -43.30 42.89
C ALA A 116 2.73 -44.54 42.11
N GLU A 117 3.46 -45.64 42.30
CA GLU A 117 3.15 -46.89 41.61
C GLU A 117 3.86 -48.06 42.29
N LYS A 118 3.37 -49.27 42.02
CA LYS A 118 3.96 -50.46 42.61
C LYS A 118 5.41 -50.61 42.16
N TYR B 1 -6.23 21.28 -28.84
CA TYR B 1 -5.39 21.72 -27.70
C TYR B 1 -5.79 20.92 -26.45
N ASP B 2 -6.89 21.32 -25.82
CA ASP B 2 -7.36 20.64 -24.62
C ASP B 2 -7.75 19.20 -24.95
N LYS B 3 -7.32 18.26 -24.11
CA LYS B 3 -7.63 16.86 -24.32
C LYS B 3 -9.15 16.62 -24.32
N PRO B 4 -9.63 15.66 -25.09
CA PRO B 4 -11.08 15.33 -25.18
C PRO B 4 -11.60 14.67 -23.90
N ALA B 5 -11.61 15.42 -22.80
CA ALA B 5 -12.08 14.90 -21.54
C ALA B 5 -11.38 13.57 -21.20
N PRO B 6 -10.18 13.65 -20.69
CA PRO B 6 -9.38 12.44 -20.33
C PRO B 6 -10.18 11.45 -19.47
N GLU B 7 -10.07 10.17 -19.79
CA GLU B 7 -10.78 9.14 -19.03
C GLU B 7 -9.91 8.58 -17.91
N ASN B 8 -10.55 8.10 -16.85
CA ASN B 8 -9.82 7.54 -15.72
C ASN B 8 -10.60 6.38 -15.10
N ARG B 9 -9.88 5.34 -14.70
CA ARG B 9 -10.51 4.17 -14.09
C ARG B 9 -11.13 4.54 -12.75
N PHE B 10 -10.42 5.35 -11.96
CA PHE B 10 -10.90 5.78 -10.64
C PHE B 10 -11.12 7.28 -10.63
N ALA B 11 -11.55 7.80 -9.48
CA ALA B 11 -11.79 9.24 -9.33
C ALA B 11 -10.75 9.87 -8.41
N ILE B 12 -9.57 9.24 -8.32
CA ILE B 12 -8.51 9.76 -7.46
C ILE B 12 -7.48 10.53 -8.29
N MET B 13 -7.31 11.82 -7.98
CA MET B 13 -6.37 12.66 -8.71
C MET B 13 -4.94 12.49 -8.17
N PRO B 14 -3.93 12.64 -9.02
CA PRO B 14 -2.49 12.50 -8.62
C PRO B 14 -2.04 13.65 -7.71
N GLY B 15 -0.99 13.39 -6.92
CA GLY B 15 -0.46 14.40 -6.00
C GLY B 15 0.82 15.04 -6.56
N SER B 16 1.20 16.19 -6.01
CA SER B 16 2.40 16.89 -6.46
C SER B 16 3.64 16.06 -6.15
N ARG B 17 3.59 15.30 -5.06
CA ARG B 17 4.72 14.46 -4.66
C ARG B 17 4.95 13.36 -5.69
N TRP B 18 4.27 13.45 -6.82
CA TRP B 18 4.40 12.45 -7.89
C TRP B 18 5.64 12.73 -8.73
N ASP B 19 6.30 13.85 -8.46
CA ASP B 19 7.50 14.22 -9.22
C ASP B 19 7.17 14.46 -10.70
N GLY B 20 6.10 13.85 -11.17
CA GLY B 20 5.68 13.99 -12.56
C GLY B 20 6.32 12.93 -13.45
N VAL B 21 6.90 11.91 -12.81
CA VAL B 21 7.54 10.82 -13.56
C VAL B 21 6.49 9.94 -14.22
N HIS B 22 6.86 9.32 -15.32
CA HIS B 22 5.93 8.45 -16.06
C HIS B 22 5.87 7.06 -15.44
N ARG B 23 4.74 6.73 -14.81
CA ARG B 23 4.56 5.41 -14.18
C ARG B 23 3.24 4.80 -14.63
N SER B 24 3.33 3.76 -15.45
CA SER B 24 2.13 3.08 -15.96
C SER B 24 2.45 1.64 -16.33
N ASN B 25 1.40 0.83 -16.50
CA ASN B 25 1.58 -0.58 -16.85
C ASN B 25 0.97 -0.88 -18.22
N GLY B 26 1.77 -1.47 -19.09
CA GLY B 26 1.30 -1.80 -20.43
C GLY B 26 0.07 -2.71 -20.35
N PHE B 27 0.03 -3.53 -19.32
CA PHE B 27 -1.10 -4.44 -19.14
C PHE B 27 -2.41 -3.66 -19.14
N GLU B 28 -2.44 -2.55 -18.41
CA GLU B 28 -3.63 -1.72 -18.34
C GLU B 28 -3.86 -1.00 -19.67
N GLU B 29 -2.77 -0.70 -20.36
CA GLU B 29 -2.85 -0.02 -21.65
C GLU B 29 -3.54 -0.90 -22.69
N LYS B 30 -3.51 -2.20 -22.48
CA LYS B 30 -4.11 -3.15 -23.43
C LYS B 30 -5.54 -2.71 -23.80
N TRP B 31 -6.36 -2.39 -22.80
CA TRP B 31 -7.75 -1.98 -23.03
C TRP B 31 -7.83 -0.48 -23.27
N PHE B 32 -7.00 0.27 -22.57
CA PHE B 32 -7.01 1.71 -22.72
C PHE B 32 -6.66 2.10 -24.15
N ALA B 33 -5.77 1.33 -24.77
CA ALA B 33 -5.38 1.61 -26.15
C ALA B 33 -6.58 1.51 -27.08
N LYS B 34 -7.35 0.45 -26.93
CA LYS B 34 -8.53 0.24 -27.75
C LYS B 34 -9.56 1.31 -27.45
N GLN B 35 -9.61 1.73 -26.19
CA GLN B 35 -10.55 2.76 -25.78
C GLN B 35 -10.26 4.06 -26.52
N ASN B 36 -8.98 4.40 -26.62
CA ASN B 36 -8.59 5.63 -27.31
C ASN B 36 -9.00 5.57 -28.78
N GLU B 37 -8.80 4.40 -29.40
CA GLU B 37 -9.16 4.23 -30.79
C GLU B 37 -10.66 4.39 -31.00
N ILE B 38 -11.43 3.82 -30.08
CA ILE B 38 -12.88 3.90 -30.17
C ILE B 38 -13.37 5.25 -29.65
N ASN B 39 -14.11 5.97 -30.49
CA ASN B 39 -14.64 7.27 -30.11
C ASN B 39 -15.83 7.65 -30.98
N GLU B 40 -16.74 8.44 -30.43
CA GLU B 40 -17.93 8.86 -31.17
C GLU B 40 -18.49 7.72 -32.01
N LYS B 41 -18.42 7.87 -33.34
CA LYS B 41 -18.92 6.84 -34.24
C LYS B 41 -18.32 5.48 -33.88
N GLY A 1 -31.30 -2.27 10.86
CA GLY A 1 -30.63 -3.07 9.78
C GLY A 1 -29.37 -3.70 10.35
N ALA A 2 -28.23 -3.38 9.73
CA ALA A 2 -26.96 -3.92 10.18
C ALA A 2 -26.63 -3.45 11.59
N MET A 3 -26.13 -4.35 12.41
CA MET A 3 -25.77 -4.00 13.79
C MET A 3 -24.43 -3.29 13.84
N GLY A 4 -23.39 -3.96 13.35
CA GLY A 4 -22.04 -3.38 13.35
C GLY A 4 -20.99 -4.44 13.65
N ASN A 5 -20.19 -4.20 14.69
CA ASN A 5 -19.15 -5.13 15.07
C ASN A 5 -18.21 -5.40 13.91
N GLU A 6 -17.89 -4.35 13.16
CA GLU A 6 -16.99 -4.48 12.02
C GLU A 6 -16.37 -3.13 11.68
N TYR A 7 -15.07 -3.13 11.41
CA TYR A 7 -14.36 -1.90 11.06
C TYR A 7 -13.19 -2.20 10.12
N LYS A 8 -12.09 -2.66 10.69
CA LYS A 8 -10.91 -2.98 9.90
C LYS A 8 -10.53 -1.80 9.01
N ASP A 9 -9.75 -0.87 9.57
CA ASP A 9 -9.31 0.31 8.82
C ASP A 9 -7.82 0.54 8.99
N ASN A 10 -7.05 -0.55 8.88
CA ASN A 10 -5.59 -0.45 9.02
C ASN A 10 -4.90 -1.47 8.10
N ALA A 11 -5.37 -1.54 6.86
CA ALA A 11 -4.79 -2.46 5.89
C ALA A 11 -3.45 -1.95 5.38
N TYR A 12 -2.51 -2.86 5.16
CA TYR A 12 -1.18 -2.49 4.66
C TYR A 12 -0.88 -3.21 3.35
N ILE A 13 -0.17 -2.54 2.44
CA ILE A 13 0.17 -3.13 1.15
C ILE A 13 1.60 -3.70 1.20
N TYR A 14 1.71 -5.02 1.04
CA TYR A 14 3.02 -5.67 1.06
C TYR A 14 3.73 -5.50 -0.28
N ILE A 15 4.90 -4.83 -0.25
CA ILE A 15 5.66 -4.61 -1.48
C ILE A 15 6.92 -5.46 -1.49
N GLY A 16 7.05 -6.32 -2.51
CA GLY A 16 8.22 -7.20 -2.63
C GLY A 16 8.83 -7.12 -4.03
N ASN A 17 9.88 -7.91 -4.27
CA ASN A 17 10.56 -7.91 -5.57
C ASN A 17 11.01 -6.50 -5.94
N LEU A 18 11.46 -5.74 -4.95
CA LEU A 18 11.92 -4.37 -5.19
C LEU A 18 13.45 -4.31 -5.14
N ASN A 19 14.04 -3.47 -5.99
CA ASN A 19 15.49 -3.32 -6.02
C ASN A 19 15.96 -2.38 -4.91
N ARG A 20 17.09 -2.74 -4.28
CA ARG A 20 17.63 -1.92 -3.21
C ARG A 20 17.97 -0.51 -3.72
N GLU A 21 18.07 -0.37 -5.03
CA GLU A 21 18.38 0.91 -5.63
C GLU A 21 17.24 1.90 -5.43
N LEU A 22 16.08 1.38 -5.04
CA LEU A 22 14.91 2.22 -4.83
C LEU A 22 14.89 2.74 -3.40
N THR A 23 14.65 4.04 -3.25
CA THR A 23 14.59 4.67 -1.91
C THR A 23 13.15 5.00 -1.54
N GLU A 24 12.99 5.65 -0.39
CA GLU A 24 11.65 6.01 0.07
C GLU A 24 11.00 6.97 -0.91
N GLY A 25 11.79 7.91 -1.42
CA GLY A 25 11.26 8.89 -2.37
C GLY A 25 10.79 8.21 -3.65
N ASP A 26 11.58 7.24 -4.12
CA ASP A 26 11.24 6.52 -5.34
C ASP A 26 9.92 5.77 -5.17
N ILE A 27 9.76 5.11 -4.02
CA ILE A 27 8.54 4.37 -3.74
C ILE A 27 7.34 5.31 -3.68
N LEU A 28 7.52 6.43 -2.99
CA LEU A 28 6.44 7.40 -2.84
C LEU A 28 5.96 7.87 -4.20
N THR A 29 6.90 8.23 -5.07
CA THR A 29 6.57 8.70 -6.41
C THR A 29 5.82 7.63 -7.20
N VAL A 30 6.29 6.40 -7.10
CA VAL A 30 5.68 5.30 -7.83
C VAL A 30 4.21 5.14 -7.41
N PHE A 31 3.96 5.12 -6.11
CA PHE A 31 2.61 4.96 -5.59
C PHE A 31 1.88 6.30 -5.46
N SER A 32 2.64 7.39 -5.56
CA SER A 32 2.05 8.73 -5.42
C SER A 32 0.76 8.89 -6.23
N GLU A 33 0.86 8.68 -7.53
CA GLU A 33 -0.30 8.81 -8.41
C GLU A 33 -1.34 7.74 -8.12
N TYR A 34 -0.94 6.74 -7.32
CA TYR A 34 -1.83 5.64 -6.97
C TYR A 34 -2.16 5.66 -5.49
N GLY A 35 -2.24 6.86 -4.90
CA GLY A 35 -2.54 6.97 -3.47
C GLY A 35 -1.27 7.24 -2.66
N VAL A 36 -0.74 8.45 -2.77
CA VAL A 36 0.50 8.79 -2.07
C VAL A 36 0.36 8.50 -0.56
N PRO A 37 1.07 7.49 -0.08
CA PRO A 37 1.05 7.08 1.36
C PRO A 37 1.43 8.22 2.29
N VAL A 38 0.90 8.19 3.50
CA VAL A 38 1.20 9.22 4.48
C VAL A 38 2.39 8.81 5.33
N ASP A 39 2.67 7.51 5.37
CA ASP A 39 3.79 6.99 6.15
C ASP A 39 4.22 5.62 5.63
N VAL A 40 5.51 5.47 5.33
CA VAL A 40 6.04 4.20 4.82
C VAL A 40 6.96 3.57 5.86
N ILE A 41 6.71 2.30 6.19
CA ILE A 41 7.52 1.60 7.18
C ILE A 41 8.51 0.66 6.50
N LEU A 42 9.80 0.89 6.73
CA LEU A 42 10.85 0.05 6.14
C LEU A 42 11.61 -0.70 7.23
N SER A 43 11.75 -2.00 7.06
CA SER A 43 12.45 -2.82 8.05
C SER A 43 13.96 -2.72 7.86
N ARG A 44 14.69 -2.59 8.97
CA ARG A 44 16.14 -2.49 8.91
C ARG A 44 16.76 -3.20 10.11
N ASP A 45 17.72 -4.09 9.85
CA ASP A 45 18.39 -4.83 10.91
C ASP A 45 19.61 -4.06 11.40
N GLU A 46 19.57 -3.62 12.65
CA GLU A 46 20.69 -2.88 13.24
C GLU A 46 21.86 -3.82 13.52
N ASN A 47 21.56 -5.11 13.66
CA ASN A 47 22.61 -6.10 13.94
C ASN A 47 23.59 -6.20 12.77
N THR A 48 23.06 -6.17 11.55
CA THR A 48 23.91 -6.26 10.35
C THR A 48 23.88 -4.97 9.56
N GLY A 49 22.79 -4.22 9.69
CA GLY A 49 22.64 -2.97 8.98
C GLY A 49 22.02 -3.18 7.61
N GLU A 50 21.60 -4.42 7.34
CA GLU A 50 20.98 -4.76 6.05
C GLU A 50 19.52 -5.14 6.24
N SER A 51 18.87 -5.52 5.14
CA SER A 51 17.45 -5.91 5.20
C SER A 51 17.13 -6.91 4.10
N GLN A 52 16.06 -7.67 4.28
CA GLN A 52 15.64 -8.65 3.30
C GLN A 52 15.22 -7.96 2.00
N GLY A 53 14.67 -6.74 2.12
CA GLY A 53 14.22 -5.98 0.95
C GLY A 53 12.69 -5.91 0.86
N PHE A 54 12.04 -5.68 2.00
CA PHE A 54 10.57 -5.59 2.06
C PHE A 54 10.14 -4.39 2.88
N ALA A 55 8.95 -3.86 2.57
CA ALA A 55 8.42 -2.71 3.29
C ALA A 55 6.89 -2.71 3.25
N TYR A 56 6.28 -1.97 4.19
CA TYR A 56 4.82 -1.89 4.26
C TYR A 56 4.33 -0.49 3.85
N LEU A 57 3.23 -0.45 3.10
CA LEU A 57 2.67 0.82 2.63
C LEU A 57 1.33 1.12 3.31
N LYS A 58 1.11 2.39 3.67
CA LYS A 58 -0.14 2.79 4.34
C LYS A 58 -0.75 4.03 3.66
N TYR A 59 -1.93 3.86 3.04
CA TYR A 59 -2.62 4.97 2.39
C TYR A 59 -3.90 5.32 3.14
N GLU A 60 -4.49 6.47 2.82
CA GLU A 60 -5.72 6.90 3.49
C GLU A 60 -6.88 5.94 3.21
N ASP A 61 -7.08 5.58 1.94
CA ASP A 61 -8.18 4.68 1.55
C ASP A 61 -7.64 3.35 1.02
N GLN A 62 -7.96 2.26 1.72
CA GLN A 62 -7.50 0.94 1.31
C GLN A 62 -7.93 0.63 -0.12
N ARG A 63 -8.93 1.35 -0.59
CA ARG A 63 -9.44 1.16 -1.95
C ARG A 63 -8.35 1.50 -2.97
N SER A 64 -7.56 2.51 -2.67
CA SER A 64 -6.48 2.94 -3.58
C SER A 64 -5.48 1.82 -3.81
N THR A 65 -5.45 0.87 -2.88
CA THR A 65 -4.52 -0.25 -2.98
C THR A 65 -4.78 -1.03 -4.27
N ILE A 66 -6.04 -1.08 -4.67
CA ILE A 66 -6.42 -1.79 -5.90
C ILE A 66 -5.75 -1.14 -7.11
N LEU A 67 -5.76 0.19 -7.15
CA LEU A 67 -5.16 0.92 -8.27
C LEU A 67 -3.67 0.59 -8.39
N ALA A 68 -2.96 0.66 -7.25
CA ALA A 68 -1.53 0.37 -7.25
C ALA A 68 -1.26 -1.10 -7.58
N VAL A 69 -2.11 -1.98 -7.06
CA VAL A 69 -1.95 -3.40 -7.30
C VAL A 69 -1.95 -3.71 -8.79
N ASP A 70 -3.08 -3.53 -9.44
CA ASP A 70 -3.20 -3.83 -10.86
C ASP A 70 -2.17 -3.07 -11.70
N ASN A 71 -1.98 -1.81 -11.39
CA ASN A 71 -1.03 -0.97 -12.13
C ASN A 71 0.42 -1.47 -12.00
N LEU A 72 0.83 -1.80 -10.78
CA LEU A 72 2.20 -2.27 -10.53
C LEU A 72 2.32 -3.79 -10.63
N ASN A 73 1.19 -4.48 -10.58
CA ASN A 73 1.18 -5.94 -10.65
C ASN A 73 1.44 -6.40 -12.08
N GLY A 74 2.54 -7.11 -12.27
CA GLY A 74 2.90 -7.60 -13.60
C GLY A 74 3.76 -6.59 -14.34
N PHE A 75 4.16 -5.52 -13.64
CA PHE A 75 5.00 -4.48 -14.25
C PHE A 75 6.47 -4.69 -13.87
N LYS A 76 7.33 -4.77 -14.88
CA LYS A 76 8.74 -4.97 -14.64
C LYS A 76 9.45 -3.64 -14.37
N ILE A 77 10.13 -3.56 -13.23
CA ILE A 77 10.87 -2.34 -12.87
C ILE A 77 12.27 -2.69 -12.39
N GLY A 78 13.27 -2.04 -12.97
CA GLY A 78 14.65 -2.29 -12.59
C GLY A 78 15.14 -3.61 -13.18
N GLY A 79 14.27 -4.60 -13.19
CA GLY A 79 14.62 -5.92 -13.72
C GLY A 79 13.74 -7.01 -13.11
N ARG A 80 12.96 -6.65 -12.11
CA ARG A 80 12.07 -7.61 -11.44
C ARG A 80 10.63 -7.09 -11.41
N ALA A 81 9.67 -8.01 -11.38
CA ALA A 81 8.26 -7.63 -11.35
C ALA A 81 7.81 -7.31 -9.93
N LEU A 82 7.14 -6.17 -9.76
CA LEU A 82 6.65 -5.76 -8.44
C LEU A 82 5.63 -6.75 -7.92
N LYS A 83 5.74 -7.12 -6.64
CA LYS A 83 4.80 -8.06 -6.03
C LYS A 83 3.93 -7.34 -5.00
N ILE A 84 2.70 -7.01 -5.39
CA ILE A 84 1.77 -6.31 -4.50
C ILE A 84 0.80 -7.32 -3.88
N ASP A 85 0.69 -7.30 -2.56
CA ASP A 85 -0.20 -8.22 -1.85
C ASP A 85 -0.80 -7.55 -0.62
N HIS A 86 -1.99 -7.99 -0.22
CA HIS A 86 -2.66 -7.42 0.93
C HIS A 86 -2.15 -8.05 2.23
N THR A 87 -1.91 -7.22 3.24
CA THR A 87 -1.42 -7.70 4.52
C THR A 87 -1.92 -6.81 5.66
N PHE A 88 -1.91 -7.35 6.88
CA PHE A 88 -2.38 -6.59 8.05
C PHE A 88 -1.47 -6.86 9.26
N TYR A 89 -0.17 -7.01 9.00
CA TYR A 89 0.77 -7.28 10.07
C TYR A 89 0.61 -6.25 11.19
N ARG A 90 0.97 -6.65 12.41
CA ARG A 90 0.86 -5.75 13.56
C ARG A 90 1.93 -4.64 13.48
N PRO A 91 1.52 -3.37 13.44
CA PRO A 91 2.46 -2.21 13.38
C PRO A 91 3.52 -2.27 14.47
N LYS A 92 4.62 -1.53 14.27
CA LYS A 92 5.71 -1.52 15.25
C LYS A 92 6.18 -0.09 15.52
N ARG A 93 6.82 0.11 16.66
CA ARG A 93 7.32 1.44 17.03
C ARG A 93 8.45 1.33 18.03
N SER A 94 9.26 2.39 18.15
CA SER A 94 10.38 2.40 19.08
C SER A 94 10.38 3.68 19.92
N LEU A 95 10.82 3.55 21.18
CA LEU A 95 10.86 4.71 22.07
C LEU A 95 11.85 4.45 23.21
N GLN A 96 12.46 3.27 23.21
CA GLN A 96 13.41 2.92 24.25
C GLN A 96 14.61 3.85 24.21
N LYS A 97 15.05 4.19 23.01
CA LYS A 97 16.20 5.09 22.85
C LYS A 97 15.93 6.43 23.52
N TYR A 98 14.73 6.96 23.31
CA TYR A 98 14.36 8.24 23.91
C TYR A 98 14.15 8.10 25.40
N TYR A 99 13.55 6.99 25.81
CA TYR A 99 13.29 6.75 27.22
C TYR A 99 14.55 6.95 28.05
N GLU A 100 15.64 6.33 27.59
CA GLU A 100 16.92 6.46 28.29
C GLU A 100 17.49 7.87 28.13
N ALA A 101 17.29 8.46 26.95
CA ALA A 101 17.81 9.79 26.66
C ALA A 101 17.00 10.86 27.41
N VAL A 102 15.81 10.48 27.88
CA VAL A 102 14.95 11.42 28.60
C VAL A 102 15.73 12.09 29.73
N LYS A 103 16.71 11.37 30.27
CA LYS A 103 17.52 11.91 31.37
C LYS A 103 18.98 11.50 31.22
N GLU A 104 19.19 10.23 30.84
CA GLU A 104 20.56 9.72 30.65
C GLU A 104 20.87 9.57 29.17
N GLU A 105 21.61 10.52 28.63
CA GLU A 105 21.96 10.50 27.21
C GLU A 105 22.80 9.26 26.91
N LEU A 106 23.74 8.95 27.80
CA LEU A 106 24.61 7.79 27.60
C LEU A 106 25.36 7.47 28.89
N ASP A 107 24.83 7.94 30.01
CA ASP A 107 25.47 7.69 31.31
C ASP A 107 25.07 6.33 31.85
N ARG A 108 25.84 5.30 31.50
CA ARG A 108 25.56 3.95 31.95
C ARG A 108 26.42 3.61 33.17
N ASP A 109 26.41 2.34 33.56
CA ASP A 109 27.19 1.90 34.71
C ASP A 109 28.69 1.88 34.37
N ILE A 110 29.16 2.96 33.76
CA ILE A 110 30.56 3.06 33.39
C ILE A 110 31.44 2.92 34.62
N VAL A 111 30.91 3.28 35.78
CA VAL A 111 31.66 3.18 37.03
C VAL A 111 32.00 1.73 37.35
N SER A 112 31.30 0.81 36.70
CA SER A 112 31.53 -0.61 36.93
C SER A 112 32.96 -0.99 36.56
N LYS A 113 33.75 -1.35 37.57
CA LYS A 113 35.14 -1.73 37.34
C LYS A 113 35.81 -0.77 36.38
N ASN A 114 35.40 0.50 36.43
CA ASN A 114 35.98 1.51 35.55
C ASN A 114 35.99 1.01 34.10
N ASN A 115 37.18 0.74 33.57
CA ASN A 115 37.32 0.26 32.21
C ASN A 115 36.57 1.17 31.24
N ALA A 116 36.12 0.61 30.12
CA ALA A 116 35.39 1.38 29.12
C ALA A 116 34.62 0.45 28.19
N GLU A 117 33.49 0.94 27.67
CA GLU A 117 32.68 0.15 26.74
C GLU A 117 32.21 1.01 25.57
N LYS A 118 32.08 0.39 24.41
CA LYS A 118 31.64 1.12 23.21
C LYS A 118 30.67 0.26 22.38
N TYR B 1 -13.64 -13.72 -27.08
CA TYR B 1 -14.98 -13.80 -26.45
C TYR B 1 -14.98 -12.99 -25.14
N ASP B 2 -14.17 -13.44 -24.19
CA ASP B 2 -14.08 -12.75 -22.91
C ASP B 2 -13.55 -11.33 -23.09
N LYS B 3 -14.11 -10.39 -22.34
CA LYS B 3 -13.69 -9.00 -22.43
C LYS B 3 -12.34 -8.78 -21.72
N PRO B 4 -11.53 -7.84 -22.18
CA PRO B 4 -10.20 -7.52 -21.56
C PRO B 4 -10.30 -7.33 -20.05
N ALA B 5 -9.23 -6.83 -19.44
CA ALA B 5 -9.21 -6.62 -18.01
C ALA B 5 -10.12 -5.45 -17.62
N PRO B 6 -10.56 -5.39 -16.39
CA PRO B 6 -11.44 -4.30 -15.88
C PRO B 6 -10.72 -2.96 -15.83
N GLU B 7 -11.47 -1.86 -15.96
CA GLU B 7 -10.89 -0.53 -15.93
C GLU B 7 -10.92 0.02 -14.50
N ASN B 8 -10.21 1.13 -14.28
CA ASN B 8 -10.17 1.75 -12.96
C ASN B 8 -11.41 2.58 -12.71
N ARG B 9 -12.04 2.37 -11.56
CA ARG B 9 -13.25 3.12 -11.22
C ARG B 9 -12.90 4.42 -10.52
N PHE B 10 -12.04 4.34 -9.51
CA PHE B 10 -11.61 5.52 -8.76
C PHE B 10 -10.59 6.31 -9.56
N ALA B 11 -10.97 7.52 -9.97
CA ALA B 11 -10.06 8.37 -10.74
C ALA B 11 -9.30 9.31 -9.80
N ILE B 12 -8.37 8.75 -9.04
CA ILE B 12 -7.58 9.55 -8.11
C ILE B 12 -6.59 10.43 -8.86
N MET B 13 -6.64 11.73 -8.60
CA MET B 13 -5.74 12.67 -9.27
C MET B 13 -4.29 12.53 -8.76
N PRO B 14 -3.31 12.95 -9.54
CA PRO B 14 -1.86 12.88 -9.15
C PRO B 14 -1.56 13.74 -7.91
N GLY B 15 -0.54 13.34 -7.15
CA GLY B 15 -0.15 14.09 -5.95
C GLY B 15 1.13 14.90 -6.22
N SER B 16 1.41 15.85 -5.34
CA SER B 16 2.60 16.68 -5.49
C SER B 16 3.87 15.84 -5.41
N ARG B 17 3.89 14.92 -4.45
CA ARG B 17 5.06 14.05 -4.27
C ARG B 17 5.24 13.13 -5.48
N TRP B 18 4.42 13.34 -6.51
CA TRP B 18 4.49 12.53 -7.71
C TRP B 18 5.78 12.80 -8.48
N ASP B 19 6.39 13.94 -8.23
CA ASP B 19 7.62 14.32 -8.91
C ASP B 19 7.37 14.56 -10.40
N GLY B 20 6.44 13.79 -10.98
CA GLY B 20 6.12 13.92 -12.40
C GLY B 20 6.61 12.70 -13.19
N VAL B 21 6.98 11.65 -12.46
CA VAL B 21 7.47 10.42 -13.10
C VAL B 21 6.28 9.51 -13.46
N HIS B 22 6.18 9.15 -14.73
CA HIS B 22 5.09 8.29 -15.19
C HIS B 22 5.40 6.81 -14.93
N ARG B 23 4.51 6.12 -14.22
CA ARG B 23 4.70 4.70 -13.93
C ARG B 23 3.37 3.95 -14.06
N SER B 24 3.24 3.17 -15.13
CA SER B 24 2.01 2.41 -15.35
C SER B 24 2.28 1.24 -16.28
N ASN B 25 1.32 0.30 -16.34
CA ASN B 25 1.46 -0.87 -17.19
C ASN B 25 0.12 -1.26 -17.80
N GLY B 26 -0.88 -0.41 -17.62
CA GLY B 26 -2.21 -0.67 -18.15
C GLY B 26 -2.35 -0.18 -19.58
N PHE B 27 -2.43 -1.12 -20.52
CA PHE B 27 -2.58 -0.77 -21.92
C PHE B 27 -3.90 -0.05 -22.16
N GLU B 28 -4.98 -0.60 -21.60
CA GLU B 28 -6.30 -0.01 -21.77
C GLU B 28 -6.33 1.43 -21.24
N GLU B 29 -5.37 1.75 -20.39
CA GLU B 29 -5.29 3.09 -19.84
C GLU B 29 -5.27 4.15 -20.95
N LYS B 30 -4.90 3.73 -22.16
CA LYS B 30 -4.82 4.64 -23.30
C LYS B 30 -6.17 5.37 -23.52
N TRP B 31 -7.22 4.60 -23.85
CA TRP B 31 -8.54 5.16 -24.10
C TRP B 31 -9.16 5.68 -22.80
N PHE B 32 -8.73 5.11 -21.69
CA PHE B 32 -9.25 5.51 -20.39
C PHE B 32 -8.66 6.86 -19.99
N ALA B 33 -7.36 7.03 -20.26
CA ALA B 33 -6.68 8.27 -19.92
C ALA B 33 -7.28 9.43 -20.70
N LYS B 34 -7.53 9.21 -21.99
CA LYS B 34 -8.11 10.23 -22.83
C LYS B 34 -9.53 10.54 -22.36
N GLN B 35 -10.25 9.49 -21.97
CA GLN B 35 -11.61 9.66 -21.50
C GLN B 35 -11.65 10.56 -20.27
N ASN B 36 -10.71 10.33 -19.35
CA ASN B 36 -10.64 11.11 -18.13
C ASN B 36 -10.05 12.49 -18.40
N GLU B 37 -9.24 12.59 -19.44
CA GLU B 37 -8.61 13.85 -19.79
C GLU B 37 -9.65 14.86 -20.25
N ILE B 38 -10.64 14.39 -21.01
CA ILE B 38 -11.68 15.27 -21.54
C ILE B 38 -12.72 15.60 -20.47
N ASN B 39 -12.43 15.29 -19.20
CA ASN B 39 -13.35 15.57 -18.10
C ASN B 39 -12.72 16.53 -17.11
N GLU B 40 -11.50 16.99 -17.43
CA GLU B 40 -10.80 17.90 -16.55
C GLU B 40 -11.54 19.23 -16.43
N LYS B 41 -11.27 19.96 -15.36
CA LYS B 41 -11.92 21.24 -15.13
C LYS B 41 -11.84 22.10 -16.39
N GLY A 1 -12.59 16.13 7.44
CA GLY A 1 -14.06 16.23 7.69
C GLY A 1 -14.40 15.59 9.03
N ALA A 2 -14.31 16.36 10.10
CA ALA A 2 -14.61 15.86 11.43
C ALA A 2 -13.82 14.59 11.72
N MET A 3 -12.52 14.64 11.42
CA MET A 3 -11.67 13.49 11.65
C MET A 3 -11.62 13.15 13.14
N GLY A 4 -11.56 14.17 13.98
CA GLY A 4 -11.51 13.96 15.43
C GLY A 4 -10.33 13.09 15.81
N ASN A 5 -10.58 12.10 16.66
CA ASN A 5 -9.52 11.19 17.11
C ASN A 5 -9.62 9.86 16.39
N GLU A 6 -10.50 9.79 15.39
CA GLU A 6 -10.70 8.56 14.63
C GLU A 6 -9.80 8.55 13.40
N TYR A 7 -9.21 7.40 13.10
CA TYR A 7 -8.33 7.27 11.95
C TYR A 7 -8.40 5.86 11.38
N LYS A 8 -9.58 5.25 11.44
CA LYS A 8 -9.76 3.90 10.92
C LYS A 8 -9.81 3.92 9.40
N ASP A 9 -8.65 3.99 8.77
CA ASP A 9 -8.57 4.02 7.32
C ASP A 9 -7.14 3.79 6.85
N ASN A 10 -6.32 3.19 7.72
CA ASN A 10 -4.92 2.92 7.38
C ASN A 10 -4.77 1.52 6.81
N ALA A 11 -4.67 1.44 5.48
CA ALA A 11 -4.51 0.15 4.82
C ALA A 11 -3.03 -0.17 4.63
N TYR A 12 -2.68 -1.46 4.72
CA TYR A 12 -1.29 -1.88 4.56
C TYR A 12 -1.17 -2.92 3.45
N ILE A 13 -0.12 -2.79 2.62
CA ILE A 13 0.12 -3.72 1.52
C ILE A 13 1.56 -4.23 1.54
N TYR A 14 1.78 -5.40 0.98
CA TYR A 14 3.13 -5.99 0.94
C TYR A 14 3.82 -5.66 -0.38
N ILE A 15 5.02 -5.09 -0.29
CA ILE A 15 5.79 -4.75 -1.49
C ILE A 15 7.12 -5.48 -1.47
N GLY A 16 7.24 -6.55 -2.27
CA GLY A 16 8.48 -7.35 -2.32
C GLY A 16 9.05 -7.39 -3.73
N ASN A 17 10.21 -8.03 -3.88
CA ASN A 17 10.86 -8.14 -5.18
C ASN A 17 11.22 -6.75 -5.72
N LEU A 18 11.73 -5.88 -4.86
CA LEU A 18 12.12 -4.52 -5.26
C LEU A 18 13.64 -4.42 -5.34
N ASN A 19 14.13 -3.45 -6.11
CA ASN A 19 15.57 -3.26 -6.25
C ASN A 19 16.11 -2.43 -5.09
N ARG A 20 17.28 -2.81 -4.57
CA ARG A 20 17.89 -2.10 -3.46
C ARG A 20 18.15 -0.64 -3.81
N GLU A 21 18.28 -0.37 -5.10
CA GLU A 21 18.53 1.00 -5.57
C GLU A 21 17.38 1.91 -5.18
N LEU A 22 16.19 1.34 -5.08
CA LEU A 22 15.00 2.12 -4.74
C LEU A 22 15.04 2.53 -3.26
N THR A 23 14.88 3.83 -3.01
CA THR A 23 14.90 4.34 -1.63
C THR A 23 13.50 4.74 -1.19
N GLU A 24 13.41 5.37 -0.03
CA GLU A 24 12.12 5.80 0.49
C GLU A 24 11.44 6.76 -0.49
N GLY A 25 12.23 7.68 -1.04
CA GLY A 25 11.70 8.65 -1.99
C GLY A 25 11.19 7.96 -3.25
N ASP A 26 11.95 6.97 -3.71
CA ASP A 26 11.58 6.23 -4.92
C ASP A 26 10.25 5.51 -4.71
N ILE A 27 10.10 4.87 -3.57
CA ILE A 27 8.87 4.14 -3.27
C ILE A 27 7.69 5.10 -3.23
N LEU A 28 7.86 6.23 -2.57
CA LEU A 28 6.80 7.22 -2.48
C LEU A 28 6.40 7.72 -3.86
N THR A 29 7.39 8.08 -4.67
CA THR A 29 7.13 8.60 -6.02
C THR A 29 6.41 7.56 -6.88
N VAL A 30 6.84 6.30 -6.76
CA VAL A 30 6.23 5.23 -7.57
C VAL A 30 4.74 5.06 -7.26
N PHE A 31 4.41 4.95 -5.97
CA PHE A 31 3.02 4.76 -5.55
C PHE A 31 2.31 6.10 -5.36
N SER A 32 3.08 7.16 -5.28
CA SER A 32 2.51 8.49 -5.08
C SER A 32 1.30 8.74 -6.00
N GLU A 33 1.51 8.59 -7.30
CA GLU A 33 0.45 8.81 -8.26
C GLU A 33 -0.69 7.81 -8.08
N TYR A 34 -0.44 6.78 -7.28
CA TYR A 34 -1.43 5.74 -7.03
C TYR A 34 -1.91 5.77 -5.57
N GLY A 35 -1.99 6.97 -4.99
CA GLY A 35 -2.42 7.08 -3.60
C GLY A 35 -1.23 7.19 -2.65
N VAL A 36 -0.55 8.32 -2.71
CA VAL A 36 0.63 8.51 -1.88
C VAL A 36 0.30 8.29 -0.40
N PRO A 37 1.07 7.43 0.28
CA PRO A 37 0.86 7.12 1.73
C PRO A 37 1.32 8.26 2.63
N VAL A 38 0.85 8.26 3.87
CA VAL A 38 1.22 9.31 4.83
C VAL A 38 2.50 8.95 5.56
N ASP A 39 2.90 7.70 5.47
CA ASP A 39 4.11 7.24 6.13
C ASP A 39 4.51 5.84 5.65
N VAL A 40 5.82 5.58 5.62
CA VAL A 40 6.31 4.27 5.19
C VAL A 40 7.16 3.63 6.29
N ILE A 41 6.87 2.38 6.62
CA ILE A 41 7.62 1.68 7.65
C ILE A 41 8.74 0.86 7.03
N LEU A 42 9.98 1.26 7.30
CA LEU A 42 11.14 0.55 6.78
C LEU A 42 11.96 -0.06 7.91
N SER A 43 11.72 -1.34 8.20
CA SER A 43 12.46 -2.02 9.26
C SER A 43 13.88 -2.33 8.79
N ARG A 44 14.86 -2.01 9.64
CA ARG A 44 16.27 -2.27 9.30
C ARG A 44 16.94 -3.13 10.36
N ASP A 45 17.65 -4.16 9.90
CA ASP A 45 18.35 -5.06 10.82
C ASP A 45 19.67 -4.45 11.27
N GLU A 46 20.07 -4.74 12.51
CA GLU A 46 21.31 -4.20 13.04
C GLU A 46 22.53 -4.83 12.34
N ASN A 47 22.43 -6.12 12.07
CA ASN A 47 23.54 -6.83 11.40
C ASN A 47 23.81 -6.27 10.01
N THR A 48 22.74 -5.98 9.27
CA THR A 48 22.88 -5.45 7.91
C THR A 48 22.81 -3.93 7.92
N GLY A 49 21.93 -3.39 8.74
CA GLY A 49 21.77 -1.94 8.83
C GLY A 49 20.78 -1.44 7.79
N GLU A 50 20.06 -2.37 7.15
CA GLU A 50 19.08 -2.02 6.13
C GLU A 50 17.96 -3.05 6.10
N SER A 51 16.92 -2.75 5.32
CA SER A 51 15.79 -3.67 5.20
C SER A 51 16.17 -4.91 4.40
N GLN A 52 15.56 -6.04 4.74
CA GLN A 52 15.85 -7.29 4.05
C GLN A 52 15.18 -7.29 2.67
N GLY A 53 14.54 -6.18 2.31
CA GLY A 53 13.85 -6.07 1.02
C GLY A 53 12.33 -6.10 1.18
N PHE A 54 11.83 -5.42 2.22
CA PHE A 54 10.39 -5.36 2.46
C PHE A 54 10.03 -4.06 3.19
N ALA A 55 8.80 -3.59 2.96
CA ALA A 55 8.33 -2.36 3.61
C ALA A 55 6.80 -2.30 3.61
N TYR A 56 6.24 -1.43 4.45
CA TYR A 56 4.79 -1.28 4.53
C TYR A 56 4.39 0.20 4.60
N LEU A 57 3.57 0.65 3.64
CA LEU A 57 3.12 2.04 3.60
C LEU A 57 1.66 2.15 4.03
N LYS A 58 1.35 3.17 4.82
CA LYS A 58 -0.02 3.39 5.30
C LYS A 58 -0.83 4.15 4.25
N TYR A 59 -1.71 3.42 3.57
CA TYR A 59 -2.55 4.04 2.54
C TYR A 59 -3.74 4.76 3.18
N GLU A 60 -4.05 5.95 2.66
CA GLU A 60 -5.18 6.73 3.19
C GLU A 60 -6.50 6.07 2.83
N ASP A 61 -6.60 5.62 1.58
CA ASP A 61 -7.83 4.97 1.11
C ASP A 61 -7.52 3.54 0.68
N GLN A 62 -8.24 2.58 1.26
CA GLN A 62 -8.04 1.17 0.94
C GLN A 62 -8.36 0.92 -0.53
N ARG A 63 -9.35 1.64 -1.05
CA ARG A 63 -9.76 1.47 -2.44
C ARG A 63 -8.58 1.76 -3.37
N SER A 64 -7.72 2.70 -2.96
CA SER A 64 -6.56 3.06 -3.77
C SER A 64 -5.66 1.84 -4.02
N THR A 65 -5.53 0.99 -3.00
CA THR A 65 -4.67 -0.19 -3.10
C THR A 65 -5.12 -1.07 -4.27
N ILE A 66 -6.43 -1.09 -4.54
CA ILE A 66 -6.97 -1.89 -5.63
C ILE A 66 -6.43 -1.40 -6.97
N LEU A 67 -6.34 -0.08 -7.11
CA LEU A 67 -5.83 0.50 -8.34
C LEU A 67 -4.33 0.23 -8.49
N ALA A 68 -3.61 0.29 -7.37
CA ALA A 68 -2.16 0.07 -7.39
C ALA A 68 -1.83 -1.31 -7.94
N VAL A 69 -2.53 -2.31 -7.45
CA VAL A 69 -2.28 -3.68 -7.90
C VAL A 69 -2.85 -3.91 -9.30
N ASP A 70 -4.04 -3.41 -9.54
CA ASP A 70 -4.69 -3.60 -10.83
C ASP A 70 -3.85 -3.03 -11.98
N ASN A 71 -2.87 -2.17 -11.63
CA ASN A 71 -2.01 -1.55 -12.66
C ASN A 71 -0.53 -1.95 -12.54
N LEU A 72 0.02 -1.86 -11.32
CA LEU A 72 1.44 -2.17 -11.09
C LEU A 72 1.71 -3.68 -11.01
N ASN A 73 0.68 -4.45 -10.71
CA ASN A 73 0.81 -5.91 -10.61
C ASN A 73 1.08 -6.51 -11.98
N GLY A 74 2.23 -7.15 -12.13
CA GLY A 74 2.60 -7.78 -13.39
C GLY A 74 3.33 -6.79 -14.29
N PHE A 75 3.70 -5.63 -13.74
CA PHE A 75 4.41 -4.60 -14.51
C PHE A 75 5.89 -4.59 -14.15
N LYS A 76 6.73 -4.88 -15.13
CA LYS A 76 8.17 -4.89 -14.90
C LYS A 76 8.65 -3.47 -14.63
N ILE A 77 9.34 -3.28 -13.50
CA ILE A 77 9.86 -1.96 -13.15
C ILE A 77 11.28 -2.06 -12.62
N GLY A 78 12.16 -1.21 -13.13
CA GLY A 78 13.56 -1.21 -12.69
C GLY A 78 14.24 -2.49 -13.13
N GLY A 79 13.72 -3.12 -14.18
CA GLY A 79 14.29 -4.36 -14.69
C GLY A 79 13.78 -5.55 -13.89
N ARG A 80 12.92 -5.29 -12.90
CA ARG A 80 12.37 -6.36 -12.07
C ARG A 80 10.87 -6.14 -11.83
N ALA A 81 10.14 -7.23 -11.65
CA ALA A 81 8.70 -7.14 -11.41
C ALA A 81 8.40 -7.14 -9.91
N LEU A 82 7.76 -6.08 -9.43
CA LEU A 82 7.43 -5.96 -8.01
C LEU A 82 6.20 -6.81 -7.68
N LYS A 83 6.11 -7.26 -6.43
CA LYS A 83 4.98 -8.08 -5.99
C LYS A 83 4.11 -7.30 -5.02
N ILE A 84 2.86 -7.04 -5.42
CA ILE A 84 1.92 -6.28 -4.60
C ILE A 84 0.86 -7.22 -4.00
N ASP A 85 0.68 -7.15 -2.69
CA ASP A 85 -0.31 -8.00 -2.02
C ASP A 85 -0.74 -7.37 -0.70
N HIS A 86 -2.01 -7.56 -0.34
CA HIS A 86 -2.52 -7.02 0.91
C HIS A 86 -1.93 -7.77 2.10
N THR A 87 -1.63 -7.03 3.17
CA THR A 87 -1.05 -7.64 4.38
C THR A 87 -1.82 -7.21 5.62
N PHE A 88 -2.26 -8.19 6.40
CA PHE A 88 -3.02 -7.90 7.62
C PHE A 88 -2.07 -7.44 8.71
N TYR A 89 -0.81 -7.23 8.36
CA TYR A 89 0.18 -6.78 9.33
C TYR A 89 -0.29 -5.52 10.04
N ARG A 90 -0.41 -5.60 11.38
CA ARG A 90 -0.86 -4.46 12.17
C ARG A 90 0.33 -3.71 12.78
N PRO A 91 0.19 -2.41 12.98
CA PRO A 91 1.29 -1.55 13.56
C PRO A 91 1.61 -1.96 15.00
N LYS A 92 2.89 -2.16 15.28
CA LYS A 92 3.32 -2.56 16.62
C LYS A 92 3.33 -1.35 17.57
N ARG A 93 2.83 -1.57 18.78
CA ARG A 93 2.79 -0.50 19.77
C ARG A 93 1.67 0.51 19.44
N SER A 94 0.49 -0.01 19.10
CA SER A 94 -0.64 0.86 18.77
C SER A 94 -1.88 0.47 19.59
N LEU A 95 -2.35 1.39 20.42
CA LEU A 95 -3.53 1.14 21.25
C LEU A 95 -4.15 2.44 21.72
N GLN A 96 -5.25 2.84 21.09
CA GLN A 96 -5.93 4.08 21.46
C GLN A 96 -7.13 3.79 22.35
N LYS A 97 -7.91 2.78 21.97
CA LYS A 97 -9.10 2.42 22.74
C LYS A 97 -9.66 1.08 22.25
N TYR A 98 -8.87 0.36 21.46
CA TYR A 98 -9.30 -0.94 20.93
C TYR A 98 -10.81 -0.94 20.63
N TYR A 99 -11.29 0.17 20.09
CA TYR A 99 -12.71 0.30 19.77
C TYR A 99 -13.17 -0.82 18.85
N GLU A 100 -12.27 -1.27 17.99
CA GLU A 100 -12.59 -2.35 17.05
C GLU A 100 -13.13 -3.57 17.79
N ALA A 101 -12.80 -3.66 19.07
CA ALA A 101 -13.26 -4.79 19.88
C ALA A 101 -14.78 -4.74 20.07
N VAL A 102 -15.31 -3.52 20.23
CA VAL A 102 -16.76 -3.34 20.45
C VAL A 102 -17.47 -3.02 19.13
N LYS A 103 -16.84 -3.37 18.01
CA LYS A 103 -17.43 -3.12 16.70
C LYS A 103 -18.45 -4.21 16.36
N GLU A 104 -19.00 -4.86 17.39
CA GLU A 104 -19.98 -5.91 17.18
C GLU A 104 -19.42 -6.98 16.24
N GLU A 105 -18.15 -7.30 16.39
CA GLU A 105 -17.51 -8.31 15.55
C GLU A 105 -18.14 -9.68 15.79
N LEU A 106 -18.39 -10.00 17.05
CA LEU A 106 -18.99 -11.29 17.41
C LEU A 106 -20.51 -11.17 17.49
N ASP A 107 -20.98 -10.05 18.05
CA ASP A 107 -22.41 -9.82 18.18
C ASP A 107 -23.08 -9.79 16.82
N ARG A 108 -24.23 -9.12 16.74
CA ARG A 108 -24.96 -9.02 15.49
C ARG A 108 -25.29 -10.42 14.96
N ASP A 109 -24.32 -11.04 14.31
CA ASP A 109 -24.50 -12.38 13.76
C ASP A 109 -24.66 -13.38 14.90
N ILE A 110 -23.86 -13.20 15.95
CA ILE A 110 -23.92 -14.10 17.10
C ILE A 110 -23.76 -15.55 16.65
N VAL A 111 -23.48 -16.43 17.60
CA VAL A 111 -23.31 -17.84 17.29
C VAL A 111 -24.57 -18.42 16.65
N SER A 112 -25.70 -17.76 16.89
CA SER A 112 -26.97 -18.20 16.33
C SER A 112 -27.00 -17.96 14.83
N LYS A 113 -26.15 -17.04 14.36
CA LYS A 113 -26.08 -16.73 12.94
C LYS A 113 -27.45 -16.29 12.41
N ASN A 114 -27.94 -16.97 11.38
CA ASN A 114 -29.24 -16.65 10.78
C ASN A 114 -30.31 -17.61 11.28
N ASN A 115 -30.04 -18.27 12.40
CA ASN A 115 -30.99 -19.23 12.97
C ASN A 115 -31.35 -20.29 11.93
N ALA A 116 -30.38 -20.69 11.13
CA ALA A 116 -30.61 -21.70 10.11
C ALA A 116 -31.01 -23.03 10.74
N GLU A 117 -30.72 -23.17 12.04
CA GLU A 117 -31.05 -24.39 12.75
C GLU A 117 -32.56 -24.64 12.73
N LYS A 118 -33.33 -23.56 12.87
CA LYS A 118 -34.79 -23.67 12.86
C LYS A 118 -35.40 -22.54 12.04
N TYR B 1 -14.80 -17.33 -24.48
CA TYR B 1 -13.72 -17.28 -25.51
C TYR B 1 -13.05 -15.91 -25.46
N ASP B 2 -13.77 -14.89 -25.96
CA ASP B 2 -13.23 -13.54 -25.97
C ASP B 2 -13.33 -12.93 -24.58
N LYS B 3 -12.17 -12.54 -24.02
CA LYS B 3 -12.15 -11.93 -22.69
C LYS B 3 -12.25 -10.40 -22.78
N PRO B 4 -12.88 -9.78 -21.81
CA PRO B 4 -13.04 -8.29 -21.76
C PRO B 4 -11.73 -7.58 -21.43
N ALA B 5 -11.80 -6.26 -21.25
CA ALA B 5 -10.60 -5.48 -20.93
C ALA B 5 -10.74 -4.81 -19.56
N PRO B 6 -9.63 -4.62 -18.85
CA PRO B 6 -9.63 -3.98 -17.50
C PRO B 6 -9.96 -2.49 -17.57
N GLU B 7 -10.60 -1.99 -16.53
CA GLU B 7 -10.97 -0.57 -16.48
C GLU B 7 -10.94 -0.06 -15.03
N ASN B 8 -10.65 1.23 -14.87
CA ASN B 8 -10.58 1.81 -13.54
C ASN B 8 -12.00 2.14 -13.03
N ARG B 9 -12.32 1.67 -11.83
CA ARG B 9 -13.62 1.92 -11.24
C ARG B 9 -13.62 3.24 -10.47
N PHE B 10 -12.42 3.67 -10.06
CA PHE B 10 -12.29 4.91 -9.29
C PHE B 10 -11.61 5.99 -10.15
N ALA B 11 -11.58 7.21 -9.64
CA ALA B 11 -10.96 8.32 -10.37
C ALA B 11 -10.13 9.17 -9.42
N ILE B 12 -8.99 8.63 -8.97
CA ILE B 12 -8.12 9.35 -8.04
C ILE B 12 -7.03 10.09 -8.81
N MET B 13 -6.88 11.38 -8.54
CA MET B 13 -5.87 12.19 -9.21
C MET B 13 -4.50 12.05 -8.52
N PRO B 14 -3.41 12.14 -9.27
CA PRO B 14 -2.02 12.04 -8.73
C PRO B 14 -1.63 13.27 -7.92
N GLY B 15 -0.68 13.09 -6.99
CA GLY B 15 -0.22 14.20 -6.15
C GLY B 15 1.09 14.76 -6.68
N SER B 16 1.55 15.86 -6.07
CA SER B 16 2.80 16.49 -6.48
C SER B 16 3.99 15.61 -6.13
N ARG B 17 3.84 14.81 -5.07
CA ARG B 17 4.92 13.92 -4.64
C ARG B 17 5.30 12.95 -5.75
N TRP B 18 4.43 12.82 -6.75
CA TRP B 18 4.70 11.93 -7.87
C TRP B 18 5.98 12.33 -8.62
N ASP B 19 6.34 13.60 -8.52
CA ASP B 19 7.54 14.10 -9.18
C ASP B 19 7.40 14.03 -10.70
N GLY B 20 6.36 13.34 -11.18
CA GLY B 20 6.11 13.22 -12.60
C GLY B 20 6.99 12.12 -13.24
N VAL B 21 7.60 11.30 -12.40
CA VAL B 21 8.47 10.22 -12.87
C VAL B 21 7.73 9.34 -13.88
N HIS B 22 8.47 8.74 -14.80
CA HIS B 22 7.87 7.88 -15.81
C HIS B 22 7.37 6.58 -15.18
N ARG B 23 6.05 6.46 -15.05
CA ARG B 23 5.44 5.26 -14.47
C ARG B 23 4.21 4.84 -15.25
N SER B 24 3.93 3.54 -15.27
CA SER B 24 2.78 3.04 -15.99
C SER B 24 1.53 3.19 -15.14
N ASN B 25 0.42 3.52 -15.78
CA ASN B 25 -0.84 3.72 -15.07
C ASN B 25 -2.03 3.36 -15.97
N GLY B 26 -3.23 3.48 -15.41
CA GLY B 26 -4.44 3.17 -16.18
C GLY B 26 -4.73 4.26 -17.20
N PHE B 27 -3.99 4.23 -18.31
CA PHE B 27 -4.18 5.22 -19.37
C PHE B 27 -5.58 5.10 -19.96
N GLU B 28 -6.18 3.93 -19.82
CA GLU B 28 -7.53 3.70 -20.34
C GLU B 28 -8.50 4.73 -19.77
N GLU B 29 -8.12 5.36 -18.66
CA GLU B 29 -8.98 6.36 -18.03
C GLU B 29 -9.49 7.36 -19.07
N LYS B 30 -8.65 7.66 -20.04
CA LYS B 30 -9.03 8.61 -21.08
C LYS B 30 -10.36 8.20 -21.71
N TRP B 31 -10.65 6.90 -21.69
CA TRP B 31 -11.90 6.40 -22.25
C TRP B 31 -13.08 6.97 -21.47
N PHE B 32 -12.97 6.96 -20.15
CA PHE B 32 -14.04 7.49 -19.30
C PHE B 32 -14.29 8.95 -19.61
N ALA B 33 -13.21 9.69 -19.84
CA ALA B 33 -13.32 11.11 -20.14
C ALA B 33 -14.11 11.32 -21.44
N LYS B 34 -13.83 10.50 -22.43
CA LYS B 34 -14.52 10.60 -23.71
C LYS B 34 -16.02 10.34 -23.54
N GLN B 35 -16.36 9.34 -22.74
CA GLN B 35 -17.75 9.00 -22.51
C GLN B 35 -18.49 10.16 -21.84
N ASN B 36 -17.85 10.78 -20.85
CA ASN B 36 -18.46 11.90 -20.16
C ASN B 36 -18.64 13.10 -21.08
N GLU B 37 -17.64 13.33 -21.94
CA GLU B 37 -17.69 14.44 -22.87
C GLU B 37 -18.89 14.31 -23.80
N ILE B 38 -19.05 13.13 -24.40
CA ILE B 38 -20.16 12.89 -25.31
C ILE B 38 -21.48 12.82 -24.55
N ASN B 39 -21.49 12.09 -23.44
CA ASN B 39 -22.70 11.95 -22.63
C ASN B 39 -22.83 13.10 -21.64
N GLU B 40 -23.81 13.97 -21.87
CA GLU B 40 -24.02 15.11 -20.99
C GLU B 40 -24.79 14.67 -19.75
N LYS B 41 -24.14 14.79 -18.59
CA LYS B 41 -24.77 14.40 -17.32
C LYS B 41 -25.62 15.55 -16.78
N GLY A 1 3.77 17.65 18.97
CA GLY A 1 2.48 17.41 19.67
C GLY A 1 1.33 17.76 18.72
N ALA A 2 0.29 16.92 18.72
CA ALA A 2 -0.87 17.16 17.87
C ALA A 2 -2.12 16.54 18.48
N MET A 3 -3.29 17.07 18.11
CA MET A 3 -4.55 16.56 18.64
C MET A 3 -5.03 15.37 17.82
N GLY A 4 -5.36 14.28 18.50
CA GLY A 4 -5.84 13.08 17.83
C GLY A 4 -4.78 12.53 16.87
N ASN A 5 -3.62 12.17 17.42
CA ASN A 5 -2.53 11.65 16.61
C ASN A 5 -3.02 10.51 15.73
N GLU A 6 -3.06 10.75 14.42
CA GLU A 6 -3.51 9.74 13.47
C GLU A 6 -4.83 9.13 13.92
N TYR A 7 -5.37 8.22 13.10
CA TYR A 7 -6.64 7.56 13.44
C TYR A 7 -6.54 6.06 13.17
N LYS A 8 -7.28 5.28 13.95
CA LYS A 8 -7.27 3.84 13.79
C LYS A 8 -7.42 3.45 12.31
N ASP A 9 -6.36 2.89 11.74
CA ASP A 9 -6.39 2.49 10.33
C ASP A 9 -5.59 1.20 10.13
N ASN A 10 -6.21 0.21 9.49
CA ASN A 10 -5.54 -1.08 9.24
C ASN A 10 -5.07 -1.16 7.79
N ALA A 11 -5.22 -0.06 7.06
CA ALA A 11 -4.81 -0.03 5.66
C ALA A 11 -3.29 -0.22 5.54
N TYR A 12 -2.88 -1.25 4.81
CA TYR A 12 -1.47 -1.52 4.62
C TYR A 12 -1.24 -2.38 3.37
N ILE A 13 -0.23 -2.01 2.57
CA ILE A 13 0.09 -2.74 1.33
C ILE A 13 1.50 -3.34 1.42
N TYR A 14 1.64 -4.63 1.11
CA TYR A 14 2.94 -5.29 1.15
C TYR A 14 3.65 -5.16 -0.20
N ILE A 15 4.90 -4.70 -0.17
CA ILE A 15 5.68 -4.54 -1.39
C ILE A 15 6.96 -5.36 -1.31
N GLY A 16 7.03 -6.44 -2.08
CA GLY A 16 8.22 -7.33 -2.08
C GLY A 16 8.84 -7.40 -3.46
N ASN A 17 9.98 -8.07 -3.56
CA ASN A 17 10.68 -8.22 -4.83
C ASN A 17 11.00 -6.85 -5.42
N LEU A 18 11.40 -5.91 -4.56
CA LEU A 18 11.74 -4.55 -5.01
C LEU A 18 13.26 -4.37 -5.04
N ASN A 19 13.72 -3.44 -5.86
CA ASN A 19 15.15 -3.18 -5.98
C ASN A 19 15.61 -2.26 -4.84
N ARG A 20 16.66 -2.68 -4.13
CA ARG A 20 17.19 -1.90 -3.02
C ARG A 20 17.66 -0.53 -3.51
N GLU A 21 17.95 -0.44 -4.80
CA GLU A 21 18.42 0.82 -5.37
C GLU A 21 17.35 1.89 -5.22
N LEU A 22 16.09 1.48 -5.17
CA LEU A 22 14.99 2.41 -5.03
C LEU A 22 14.87 2.88 -3.57
N THR A 23 14.82 4.20 -3.39
CA THR A 23 14.70 4.77 -2.05
C THR A 23 13.24 5.07 -1.72
N GLU A 24 13.02 5.63 -0.53
CA GLU A 24 11.66 5.95 -0.10
C GLU A 24 11.03 6.98 -1.05
N GLY A 25 11.82 7.97 -1.44
CA GLY A 25 11.33 9.01 -2.34
C GLY A 25 10.91 8.41 -3.68
N ASP A 26 11.72 7.49 -4.18
CA ASP A 26 11.43 6.85 -5.46
C ASP A 26 10.13 6.05 -5.38
N ILE A 27 10.00 5.25 -4.32
CA ILE A 27 8.80 4.43 -4.13
C ILE A 27 7.57 5.32 -3.99
N LEU A 28 7.70 6.39 -3.22
CA LEU A 28 6.59 7.29 -2.99
C LEU A 28 6.04 7.80 -4.32
N THR A 29 6.94 8.22 -5.21
CA THR A 29 6.53 8.73 -6.52
C THR A 29 5.82 7.65 -7.34
N VAL A 30 6.34 6.43 -7.26
CA VAL A 30 5.75 5.32 -8.01
C VAL A 30 4.30 5.08 -7.59
N PHE A 31 4.07 5.01 -6.29
CA PHE A 31 2.72 4.78 -5.76
C PHE A 31 1.95 6.10 -5.60
N SER A 32 2.67 7.21 -5.65
CA SER A 32 2.04 8.53 -5.47
C SER A 32 0.79 8.69 -6.33
N GLU A 33 0.94 8.52 -7.63
CA GLU A 33 -0.18 8.66 -8.55
C GLU A 33 -1.20 7.55 -8.35
N TYR A 34 -0.83 6.54 -7.58
CA TYR A 34 -1.71 5.41 -7.30
C TYR A 34 -2.10 5.36 -5.83
N GLY A 35 -2.24 6.54 -5.21
CA GLY A 35 -2.59 6.58 -3.78
C GLY A 35 -1.37 6.85 -2.91
N VAL A 36 -0.86 8.09 -2.99
CA VAL A 36 0.33 8.46 -2.23
C VAL A 36 0.12 8.19 -0.73
N PRO A 37 0.97 7.38 -0.12
CA PRO A 37 0.86 7.02 1.32
C PRO A 37 1.30 8.15 2.23
N VAL A 38 0.86 8.10 3.47
CA VAL A 38 1.21 9.12 4.44
C VAL A 38 2.36 8.64 5.31
N ASP A 39 2.65 7.35 5.24
CA ASP A 39 3.74 6.77 6.03
C ASP A 39 4.21 5.45 5.42
N VAL A 40 5.52 5.27 5.30
CA VAL A 40 6.08 4.04 4.74
C VAL A 40 7.12 3.45 5.70
N ILE A 41 6.95 2.17 6.04
CA ILE A 41 7.87 1.51 6.97
C ILE A 41 8.99 0.80 6.20
N LEU A 42 10.23 1.19 6.48
CA LEU A 42 11.40 0.59 5.81
C LEU A 42 12.05 -0.43 6.73
N SER A 43 11.72 -1.70 6.52
CA SER A 43 12.27 -2.77 7.32
C SER A 43 13.71 -3.07 6.90
N ARG A 44 14.49 -3.61 7.84
CA ARG A 44 15.88 -3.95 7.55
C ARG A 44 16.37 -5.06 8.48
N ASP A 45 17.24 -5.91 7.96
CA ASP A 45 17.77 -7.02 8.75
C ASP A 45 19.03 -6.59 9.51
N GLU A 46 18.92 -6.48 10.84
CA GLU A 46 20.03 -6.06 11.66
C GLU A 46 21.10 -7.17 11.72
N ASN A 47 20.69 -8.39 11.38
CA ASN A 47 21.61 -9.52 11.40
C ASN A 47 22.75 -9.29 10.42
N THR A 48 22.43 -8.72 9.26
CA THR A 48 23.44 -8.45 8.23
C THR A 48 23.49 -6.95 7.93
N GLY A 49 22.56 -6.21 8.51
CA GLY A 49 22.50 -4.77 8.29
C GLY A 49 22.11 -4.44 6.85
N GLU A 50 21.26 -5.30 6.27
CA GLU A 50 20.81 -5.10 4.90
C GLU A 50 19.39 -5.63 4.71
N SER A 51 18.56 -4.86 4.01
CA SER A 51 17.18 -5.28 3.77
C SER A 51 17.13 -6.40 2.74
N GLN A 52 16.03 -7.14 2.73
CA GLN A 52 15.87 -8.25 1.78
C GLN A 52 15.12 -7.79 0.53
N GLY A 53 14.67 -6.54 0.54
CA GLY A 53 13.94 -5.98 -0.61
C GLY A 53 12.43 -6.03 -0.39
N PHE A 54 12.00 -5.70 0.83
CA PHE A 54 10.57 -5.71 1.16
C PHE A 54 10.23 -4.55 2.10
N ALA A 55 9.01 -4.03 1.99
CA ALA A 55 8.57 -2.92 2.84
C ALA A 55 7.05 -2.86 2.90
N TYR A 56 6.51 -2.07 3.85
CA TYR A 56 5.06 -1.94 4.00
C TYR A 56 4.61 -0.52 3.64
N LEU A 57 3.52 -0.42 2.90
CA LEU A 57 2.99 0.88 2.48
C LEU A 57 1.72 1.21 3.28
N LYS A 58 1.62 2.44 3.81
CA LYS A 58 0.44 2.85 4.59
C LYS A 58 -0.33 3.97 3.87
N TYR A 59 -1.52 3.64 3.36
CA TYR A 59 -2.37 4.63 2.68
C TYR A 59 -3.60 4.94 3.52
N GLU A 60 -4.37 5.96 3.11
CA GLU A 60 -5.56 6.35 3.87
C GLU A 60 -6.69 5.33 3.72
N ASP A 61 -7.09 5.05 2.48
CA ASP A 61 -8.17 4.08 2.21
C ASP A 61 -7.62 2.81 1.57
N GLN A 62 -7.87 1.67 2.21
CA GLN A 62 -7.39 0.39 1.70
C GLN A 62 -7.93 0.14 0.29
N ARG A 63 -8.95 0.90 -0.08
CA ARG A 63 -9.55 0.75 -1.40
C ARG A 63 -8.59 1.22 -2.49
N SER A 64 -7.68 2.13 -2.13
CA SER A 64 -6.72 2.66 -3.09
C SER A 64 -5.73 1.59 -3.51
N THR A 65 -5.63 0.54 -2.72
CA THR A 65 -4.69 -0.54 -3.03
C THR A 65 -5.02 -1.18 -4.37
N ILE A 66 -6.29 -1.10 -4.75
CA ILE A 66 -6.73 -1.68 -6.01
C ILE A 66 -5.98 -1.03 -7.18
N LEU A 67 -5.77 0.28 -7.08
CA LEU A 67 -5.07 1.01 -8.14
C LEU A 67 -3.67 0.44 -8.39
N ALA A 68 -2.81 0.53 -7.39
CA ALA A 68 -1.44 0.04 -7.52
C ALA A 68 -1.40 -1.47 -7.79
N VAL A 69 -2.28 -2.20 -7.13
CA VAL A 69 -2.30 -3.65 -7.29
C VAL A 69 -2.40 -4.08 -8.76
N ASP A 70 -3.40 -3.57 -9.47
CA ASP A 70 -3.60 -3.95 -10.88
C ASP A 70 -2.82 -3.06 -11.84
N ASN A 71 -2.26 -1.96 -11.32
CA ASN A 71 -1.51 -1.02 -12.15
C ASN A 71 0.01 -1.31 -12.15
N LEU A 72 0.52 -1.79 -11.01
CA LEU A 72 1.96 -2.08 -10.89
C LEU A 72 2.24 -3.58 -11.09
N ASN A 73 1.26 -4.42 -10.76
CA ASN A 73 1.42 -5.86 -10.91
C ASN A 73 1.61 -6.22 -12.38
N GLY A 74 2.64 -7.01 -12.67
CA GLY A 74 2.93 -7.42 -14.04
C GLY A 74 3.91 -6.46 -14.71
N PHE A 75 4.38 -5.47 -13.94
CA PHE A 75 5.33 -4.49 -14.48
C PHE A 75 6.73 -4.75 -13.92
N LYS A 76 7.70 -4.90 -14.80
CA LYS A 76 9.07 -5.17 -14.39
C LYS A 76 9.84 -3.87 -14.13
N ILE A 77 10.52 -3.79 -12.99
CA ILE A 77 11.31 -2.59 -12.64
C ILE A 77 12.71 -2.99 -12.17
N GLY A 78 13.73 -2.40 -12.79
CA GLY A 78 15.11 -2.69 -12.42
C GLY A 78 15.46 -4.14 -12.72
N GLY A 79 14.75 -4.73 -13.67
CA GLY A 79 15.00 -6.12 -14.05
C GLY A 79 14.17 -7.08 -13.20
N ARG A 80 13.54 -6.55 -12.15
CA ARG A 80 12.72 -7.36 -11.25
C ARG A 80 11.31 -6.76 -11.12
N ALA A 81 10.31 -7.62 -10.98
CA ALA A 81 8.93 -7.16 -10.85
C ALA A 81 8.50 -7.16 -9.39
N LEU A 82 8.00 -6.01 -8.92
CA LEU A 82 7.55 -5.87 -7.54
C LEU A 82 6.23 -6.63 -7.34
N LYS A 83 6.00 -7.11 -6.11
CA LYS A 83 4.77 -7.85 -5.81
C LYS A 83 3.86 -7.05 -4.88
N ILE A 84 2.62 -6.82 -5.31
CA ILE A 84 1.66 -6.05 -4.51
C ILE A 84 0.64 -7.00 -3.87
N ASP A 85 0.69 -7.09 -2.54
CA ASP A 85 -0.24 -7.97 -1.81
C ASP A 85 -0.88 -7.21 -0.65
N HIS A 86 -2.15 -7.51 -0.38
CA HIS A 86 -2.86 -6.85 0.71
C HIS A 86 -2.40 -7.40 2.06
N THR A 87 -2.34 -6.53 3.07
CA THR A 87 -1.90 -6.94 4.41
C THR A 87 -3.04 -6.73 5.41
N PHE A 88 -2.80 -7.14 6.66
CA PHE A 88 -3.80 -7.00 7.71
C PHE A 88 -3.15 -7.05 9.09
N TYR A 89 -1.91 -6.58 9.18
CA TYR A 89 -1.20 -6.58 10.47
C TYR A 89 -1.33 -5.22 11.15
N ARG A 90 -1.64 -5.23 12.44
CA ARG A 90 -1.78 -3.99 13.19
C ARG A 90 -0.41 -3.46 13.65
N PRO A 91 0.00 -2.27 13.20
CA PRO A 91 1.31 -1.66 13.59
C PRO A 91 1.54 -1.68 15.11
N LYS A 92 2.72 -2.15 15.51
CA LYS A 92 3.05 -2.21 16.93
C LYS A 92 4.55 -2.03 17.15
N ARG A 93 5.34 -2.77 16.37
CA ARG A 93 6.80 -2.68 16.47
C ARG A 93 7.25 -3.00 17.90
N SER A 94 7.66 -4.24 18.12
CA SER A 94 8.11 -4.67 19.44
C SER A 94 9.38 -3.92 19.84
N LEU A 95 9.92 -4.25 21.02
CA LEU A 95 11.14 -3.61 21.51
C LEU A 95 10.93 -2.10 21.62
N GLN A 96 9.72 -1.64 21.31
CA GLN A 96 9.41 -0.22 21.38
C GLN A 96 8.90 0.15 22.77
N LYS A 97 7.86 -0.55 23.21
CA LYS A 97 7.27 -0.30 24.53
C LYS A 97 7.73 -1.36 25.52
N TYR A 98 9.02 -1.70 25.47
CA TYR A 98 9.58 -2.70 26.36
C TYR A 98 9.44 -2.25 27.81
N TYR A 99 9.58 -0.95 28.03
CA TYR A 99 9.49 -0.41 29.39
C TYR A 99 8.19 -0.84 30.03
N GLU A 100 7.08 -0.67 29.30
CA GLU A 100 5.78 -1.07 29.81
C GLU A 100 5.75 -2.57 30.05
N ALA A 101 6.37 -3.33 29.13
CA ALA A 101 6.41 -4.78 29.25
C ALA A 101 7.54 -5.22 30.19
N VAL A 102 7.26 -5.24 31.49
CA VAL A 102 8.25 -5.63 32.48
C VAL A 102 7.63 -6.53 33.55
N LYS A 103 6.31 -6.44 33.69
CA LYS A 103 5.59 -7.25 34.68
C LYS A 103 4.96 -8.47 34.03
N GLU A 104 5.39 -8.77 32.80
CA GLU A 104 4.87 -9.93 32.08
C GLU A 104 3.34 -9.86 31.96
N GLU A 105 2.85 -8.92 31.16
CA GLU A 105 1.42 -8.75 30.96
C GLU A 105 0.95 -9.54 29.74
N LEU A 106 1.57 -9.27 28.59
CA LEU A 106 1.20 -9.97 27.35
C LEU A 106 1.91 -11.32 27.27
N ASP A 107 2.95 -11.49 28.08
CA ASP A 107 3.70 -12.75 28.08
C ASP A 107 2.79 -13.91 28.47
N ARG A 108 2.97 -15.05 27.79
CA ARG A 108 2.16 -16.24 28.07
C ARG A 108 2.99 -17.27 28.83
N ASP A 109 4.05 -16.83 29.47
CA ASP A 109 4.91 -17.72 30.23
C ASP A 109 4.12 -18.38 31.36
N ILE A 110 3.08 -17.70 31.82
CA ILE A 110 2.25 -18.24 32.91
C ILE A 110 1.38 -19.39 32.40
N VAL A 111 1.40 -19.61 31.09
CA VAL A 111 0.61 -20.67 30.49
C VAL A 111 0.78 -21.97 31.26
N SER A 112 -0.34 -22.60 31.62
CA SER A 112 -0.31 -23.86 32.37
C SER A 112 -1.35 -24.84 31.84
N LYS A 113 -2.07 -24.41 30.81
CA LYS A 113 -3.11 -25.26 30.21
C LYS A 113 -2.48 -26.29 29.30
N ASN A 114 -3.18 -27.41 29.11
CA ASN A 114 -2.68 -28.48 28.25
C ASN A 114 -3.03 -28.20 26.80
N ASN A 115 -1.99 -28.01 25.98
CA ASN A 115 -2.19 -27.73 24.56
C ASN A 115 -2.91 -28.90 23.88
N ALA A 116 -2.75 -30.09 24.45
CA ALA A 116 -3.38 -31.28 23.89
C ALA A 116 -4.90 -31.11 23.87
N GLU A 117 -5.45 -30.52 24.92
CA GLU A 117 -6.88 -30.31 25.01
C GLU A 117 -7.34 -29.28 23.99
N LYS A 118 -8.38 -29.62 23.24
CA LYS A 118 -8.91 -28.70 22.22
C LYS A 118 -9.81 -27.66 22.86
N TYR B 1 -18.73 19.04 -28.11
CA TYR B 1 -17.81 19.92 -27.35
C TYR B 1 -17.57 19.32 -25.96
N ASP B 2 -18.53 19.50 -25.06
CA ASP B 2 -18.41 18.98 -23.71
C ASP B 2 -18.36 17.45 -23.73
N LYS B 3 -17.72 16.87 -22.73
CA LYS B 3 -17.61 15.41 -22.64
C LYS B 3 -18.83 14.80 -21.92
N PRO B 4 -19.41 13.74 -22.46
CA PRO B 4 -20.60 13.06 -21.86
C PRO B 4 -20.24 12.22 -20.64
N ALA B 5 -20.38 12.81 -19.45
CA ALA B 5 -20.07 12.10 -18.21
C ALA B 5 -18.73 11.36 -18.33
N PRO B 6 -17.64 12.04 -18.05
CA PRO B 6 -16.28 11.44 -18.13
C PRO B 6 -16.17 10.16 -17.31
N GLU B 7 -15.52 9.14 -17.88
CA GLU B 7 -15.35 7.86 -17.19
C GLU B 7 -13.92 7.72 -16.68
N ASN B 8 -13.79 7.22 -15.45
CA ASN B 8 -12.46 7.04 -14.85
C ASN B 8 -12.47 5.85 -13.90
N ARG B 9 -11.31 5.26 -13.68
CA ARG B 9 -11.20 4.09 -12.81
C ARG B 9 -11.41 4.50 -11.35
N PHE B 10 -10.76 5.60 -10.94
CA PHE B 10 -10.88 6.11 -9.57
C PHE B 10 -10.90 7.62 -9.55
N ALA B 11 -11.50 8.19 -8.51
CA ALA B 11 -11.58 9.65 -8.37
C ALA B 11 -10.39 10.18 -7.59
N ILE B 12 -9.28 9.44 -7.63
CA ILE B 12 -8.06 9.86 -6.92
C ILE B 12 -7.10 10.58 -7.86
N MET B 13 -6.82 11.85 -7.56
CA MET B 13 -5.92 12.64 -8.38
C MET B 13 -4.47 12.57 -7.83
N PRO B 14 -3.48 12.62 -8.70
CA PRO B 14 -2.04 12.56 -8.28
C PRO B 14 -1.60 13.83 -7.54
N GLY B 15 -0.81 13.65 -6.48
CA GLY B 15 -0.33 14.79 -5.69
C GLY B 15 0.98 15.33 -6.25
N SER B 16 1.47 16.41 -5.65
CA SER B 16 2.73 17.01 -6.10
C SER B 16 3.90 16.05 -5.88
N ARG B 17 3.72 15.12 -4.94
CA ARG B 17 4.76 14.14 -4.64
C ARG B 17 5.02 13.26 -5.85
N TRP B 18 4.07 13.23 -6.77
CA TRP B 18 4.19 12.42 -7.97
C TRP B 18 5.43 12.82 -8.78
N ASP B 19 5.92 14.02 -8.55
CA ASP B 19 7.11 14.52 -9.27
C ASP B 19 6.84 14.65 -10.76
N GLY B 20 5.92 13.84 -11.29
CA GLY B 20 5.57 13.87 -12.72
C GLY B 20 6.06 12.62 -13.44
N VAL B 21 6.52 11.62 -12.66
CA VAL B 21 7.01 10.36 -13.25
C VAL B 21 6.03 9.22 -12.98
N HIS B 22 5.47 8.66 -14.05
CA HIS B 22 4.50 7.54 -13.93
C HIS B 22 5.09 6.26 -14.49
N ARG B 23 4.72 5.13 -13.90
CA ARG B 23 5.22 3.83 -14.36
C ARG B 23 4.18 3.17 -15.26
N SER B 24 4.62 2.75 -16.44
CA SER B 24 3.73 2.10 -17.40
C SER B 24 3.57 0.62 -17.06
N ASN B 25 2.37 0.08 -17.28
CA ASN B 25 2.10 -1.32 -17.00
C ASN B 25 1.07 -1.89 -17.97
N GLY B 26 -0.20 -1.91 -17.55
CA GLY B 26 -1.27 -2.44 -18.39
C GLY B 26 -1.34 -1.68 -19.72
N PHE B 27 -1.11 -2.41 -20.81
CA PHE B 27 -1.15 -1.80 -22.13
C PHE B 27 -2.59 -1.41 -22.50
N GLU B 28 -3.55 -2.07 -21.85
CA GLU B 28 -4.95 -1.79 -22.11
C GLU B 28 -5.25 -0.30 -21.96
N GLU B 29 -4.38 0.40 -21.23
CA GLU B 29 -4.57 1.83 -21.02
C GLU B 29 -4.76 2.56 -22.36
N LYS B 30 -4.36 1.90 -23.44
CA LYS B 30 -4.50 2.49 -24.76
C LYS B 30 -5.94 2.94 -25.03
N TRP B 31 -6.89 2.26 -24.38
CA TRP B 31 -8.30 2.59 -24.56
C TRP B 31 -8.58 4.01 -24.09
N PHE B 32 -8.14 4.33 -22.88
CA PHE B 32 -8.34 5.66 -22.33
C PHE B 32 -7.55 6.69 -23.14
N ALA B 33 -6.36 6.31 -23.58
CA ALA B 33 -5.52 7.19 -24.37
C ALA B 33 -6.22 7.56 -25.67
N LYS B 34 -6.87 6.58 -26.29
CA LYS B 34 -7.57 6.82 -27.54
C LYS B 34 -8.68 7.85 -27.33
N GLN B 35 -9.41 7.70 -26.23
CA GLN B 35 -10.51 8.62 -25.93
C GLN B 35 -9.97 10.04 -25.76
N ASN B 36 -8.85 10.17 -25.06
CA ASN B 36 -8.25 11.47 -24.83
C ASN B 36 -7.65 12.02 -26.13
N GLU B 37 -6.98 11.16 -26.88
CA GLU B 37 -6.35 11.57 -28.13
C GLU B 37 -7.41 11.78 -29.21
N ILE B 38 -8.63 11.32 -28.94
CA ILE B 38 -9.73 11.46 -29.90
C ILE B 38 -9.66 12.80 -30.63
N ASN B 39 -9.95 12.80 -31.93
CA ASN B 39 -9.90 14.04 -32.72
C ASN B 39 -11.00 14.03 -33.77
N GLU B 40 -10.73 14.62 -34.93
CA GLU B 40 -11.70 14.69 -36.03
C GLU B 40 -11.22 13.84 -37.21
N LYS B 41 -12.10 12.98 -37.72
CA LYS B 41 -11.75 12.13 -38.86
C LYS B 41 -12.90 12.10 -39.87
N GLY A 1 -17.19 -5.41 14.24
CA GLY A 1 -16.58 -6.34 13.25
C GLY A 1 -16.03 -7.55 13.98
N ALA A 2 -14.76 -7.88 13.71
CA ALA A 2 -14.12 -9.03 14.36
C ALA A 2 -14.02 -8.79 15.86
N MET A 3 -14.28 -9.84 16.63
CA MET A 3 -14.20 -9.74 18.09
C MET A 3 -12.76 -9.51 18.54
N GLY A 4 -11.83 -10.17 17.87
CA GLY A 4 -10.42 -10.03 18.21
C GLY A 4 -9.96 -8.59 18.07
N ASN A 5 -10.43 -7.92 17.02
CA ASN A 5 -10.06 -6.52 16.78
C ASN A 5 -11.05 -5.57 17.46
N GLU A 6 -10.61 -4.93 18.52
CA GLU A 6 -11.47 -3.99 19.24
C GLU A 6 -11.52 -2.65 18.53
N TYR A 7 -10.40 -2.26 17.91
CA TYR A 7 -10.31 -0.99 17.18
C TYR A 7 -9.66 -1.18 15.82
N LYS A 8 -9.96 -0.28 14.89
CA LYS A 8 -9.40 -0.36 13.55
C LYS A 8 -7.88 -0.60 13.62
N ASP A 9 -7.30 -1.02 12.51
CA ASP A 9 -5.86 -1.28 12.46
C ASP A 9 -5.27 -0.80 11.14
N ASN A 10 -6.13 -0.31 10.26
CA ASN A 10 -5.69 0.19 8.95
C ASN A 10 -4.96 -0.91 8.17
N ALA A 11 -5.42 -1.15 6.94
CA ALA A 11 -4.82 -2.18 6.10
C ALA A 11 -3.48 -1.69 5.55
N TYR A 12 -2.56 -2.63 5.32
CA TYR A 12 -1.23 -2.29 4.78
C TYR A 12 -0.97 -3.04 3.48
N ILE A 13 -0.20 -2.42 2.58
CA ILE A 13 0.11 -3.04 1.30
C ILE A 13 1.51 -3.67 1.35
N TYR A 14 1.55 -5.00 1.25
CA TYR A 14 2.83 -5.71 1.30
C TYR A 14 3.57 -5.56 -0.03
N ILE A 15 4.78 -5.00 0.03
CA ILE A 15 5.59 -4.82 -1.17
C ILE A 15 6.87 -5.63 -1.08
N GLY A 16 7.07 -6.54 -2.04
CA GLY A 16 8.27 -7.39 -2.05
C GLY A 16 8.77 -7.60 -3.47
N ASN A 17 9.85 -8.36 -3.60
CA ASN A 17 10.44 -8.63 -4.91
C ASN A 17 10.96 -7.35 -5.55
N LEU A 18 11.25 -6.35 -4.73
CA LEU A 18 11.76 -5.07 -5.22
C LEU A 18 13.26 -4.97 -4.99
N ASN A 19 13.95 -4.22 -5.84
CA ASN A 19 15.39 -4.05 -5.70
C ASN A 19 15.70 -3.12 -4.52
N ARG A 20 16.67 -3.51 -3.71
CA ARG A 20 17.05 -2.71 -2.55
C ARG A 20 17.54 -1.33 -2.99
N GLU A 21 17.89 -1.22 -4.27
CA GLU A 21 18.37 0.06 -4.80
C GLU A 21 17.27 1.11 -4.71
N LEU A 22 16.01 0.68 -4.84
CA LEU A 22 14.88 1.61 -4.78
C LEU A 22 14.86 2.31 -3.43
N THR A 23 14.88 3.64 -3.46
CA THR A 23 14.85 4.45 -2.24
C THR A 23 13.41 4.73 -1.82
N GLU A 24 13.24 5.29 -0.63
CA GLU A 24 11.91 5.61 -0.13
C GLU A 24 11.24 6.63 -1.04
N GLY A 25 12.01 7.60 -1.50
CA GLY A 25 11.48 8.63 -2.39
C GLY A 25 11.00 8.02 -3.70
N ASP A 26 11.77 7.06 -4.21
CA ASP A 26 11.42 6.41 -5.46
C ASP A 26 10.07 5.71 -5.34
N ILE A 27 9.88 4.97 -4.25
CA ILE A 27 8.63 4.26 -4.03
C ILE A 27 7.48 5.25 -3.89
N LEU A 28 7.71 6.32 -3.14
CA LEU A 28 6.68 7.33 -2.92
C LEU A 28 6.20 7.88 -4.26
N THR A 29 7.13 8.15 -5.17
CA THR A 29 6.80 8.68 -6.47
C THR A 29 5.95 7.68 -7.25
N VAL A 30 6.29 6.41 -7.13
CA VAL A 30 5.56 5.36 -7.85
C VAL A 30 4.11 5.26 -7.35
N PHE A 31 3.94 5.24 -6.04
CA PHE A 31 2.61 5.13 -5.44
C PHE A 31 1.92 6.50 -5.34
N SER A 32 2.69 7.57 -5.53
CA SER A 32 2.15 8.92 -5.43
C SER A 32 0.80 9.07 -6.15
N GLU A 33 0.79 8.81 -7.45
CA GLU A 33 -0.44 8.92 -8.24
C GLU A 33 -1.42 7.79 -7.96
N TYR A 34 -0.88 6.65 -7.55
CA TYR A 34 -1.70 5.47 -7.25
C TYR A 34 -2.07 5.42 -5.77
N GLY A 35 -2.31 6.59 -5.17
CA GLY A 35 -2.64 6.62 -3.75
C GLY A 35 -1.43 6.97 -2.88
N VAL A 36 -0.98 8.23 -2.98
CA VAL A 36 0.20 8.65 -2.25
C VAL A 36 0.02 8.38 -0.73
N PRO A 37 0.92 7.58 -0.16
CA PRO A 37 0.86 7.20 1.29
C PRO A 37 1.33 8.33 2.21
N VAL A 38 0.90 8.27 3.46
CA VAL A 38 1.29 9.29 4.44
C VAL A 38 2.53 8.84 5.21
N ASP A 39 2.84 7.55 5.11
CA ASP A 39 3.99 7.00 5.81
C ASP A 39 4.38 5.64 5.22
N VAL A 40 5.68 5.42 5.02
CA VAL A 40 6.17 4.15 4.47
C VAL A 40 7.23 3.54 5.38
N ILE A 41 7.08 2.25 5.70
CA ILE A 41 8.04 1.57 6.59
C ILE A 41 8.89 0.57 5.79
N LEU A 42 10.21 0.70 5.91
CA LEU A 42 11.15 -0.20 5.20
C LEU A 42 11.80 -1.16 6.19
N SER A 43 12.01 -2.40 5.76
CA SER A 43 12.64 -3.40 6.61
C SER A 43 14.03 -2.95 7.03
N ARG A 44 14.51 -3.46 8.16
CA ARG A 44 15.83 -3.09 8.68
C ARG A 44 16.83 -4.22 8.47
N ASP A 45 18.12 -3.92 8.66
CA ASP A 45 19.17 -4.91 8.47
C ASP A 45 18.92 -6.13 9.35
N GLU A 46 19.40 -7.29 8.90
CA GLU A 46 19.23 -8.53 9.65
C GLU A 46 19.82 -8.40 11.05
N ASN A 47 20.55 -7.32 11.28
CA ASN A 47 21.17 -7.10 12.58
C ASN A 47 20.09 -6.97 13.66
N THR A 48 18.97 -6.35 13.30
CA THR A 48 17.88 -6.18 14.25
C THR A 48 17.04 -7.44 14.33
N GLY A 49 17.25 -8.34 13.38
CA GLY A 49 16.50 -9.59 13.35
C GLY A 49 15.45 -9.59 12.24
N GLU A 50 15.46 -8.54 11.42
CA GLU A 50 14.51 -8.43 10.31
C GLU A 50 15.22 -8.52 8.97
N SER A 51 14.69 -9.36 8.08
CA SER A 51 15.28 -9.53 6.75
C SER A 51 15.04 -8.29 5.90
N GLN A 52 15.89 -8.09 4.88
CA GLN A 52 15.77 -6.94 3.99
C GLN A 52 15.11 -7.33 2.68
N GLY A 53 14.59 -6.35 1.94
CA GLY A 53 13.93 -6.60 0.66
C GLY A 53 12.41 -6.59 0.80
N PHE A 54 11.92 -5.91 1.85
CA PHE A 54 10.48 -5.83 2.08
C PHE A 54 10.10 -4.47 2.64
N ALA A 55 8.85 -4.06 2.41
CA ALA A 55 8.37 -2.77 2.89
C ALA A 55 6.85 -2.78 3.05
N TYR A 56 6.31 -1.80 3.78
CA TYR A 56 4.87 -1.71 3.99
C TYR A 56 4.37 -0.31 3.61
N LEU A 57 3.18 -0.26 2.99
CA LEU A 57 2.61 1.03 2.56
C LEU A 57 1.34 1.35 3.37
N LYS A 58 1.17 2.63 3.73
CA LYS A 58 0.00 3.07 4.50
C LYS A 58 -0.66 4.28 3.86
N TYR A 59 -1.85 4.10 3.27
CA TYR A 59 -2.59 5.21 2.64
C TYR A 59 -3.90 5.47 3.38
N GLU A 60 -4.44 6.67 3.23
CA GLU A 60 -5.69 7.02 3.91
C GLU A 60 -6.83 6.09 3.50
N ASP A 61 -6.93 5.80 2.20
CA ASP A 61 -8.00 4.92 1.70
C ASP A 61 -7.45 3.52 1.39
N GLN A 62 -8.26 2.50 1.65
CA GLN A 62 -7.85 1.12 1.39
C GLN A 62 -8.20 0.73 -0.05
N ARG A 63 -9.02 1.54 -0.69
CA ARG A 63 -9.44 1.26 -2.06
C ARG A 63 -8.26 1.39 -3.02
N SER A 64 -7.32 2.27 -2.69
CA SER A 64 -6.15 2.49 -3.54
C SER A 64 -5.32 1.22 -3.66
N THR A 65 -5.46 0.33 -2.67
CA THR A 65 -4.69 -0.90 -2.68
C THR A 65 -5.04 -1.74 -3.91
N ILE A 66 -6.31 -1.72 -4.29
CA ILE A 66 -6.75 -2.47 -5.46
C ILE A 66 -6.14 -1.91 -6.73
N LEU A 67 -6.15 -0.58 -6.85
CA LEU A 67 -5.60 0.07 -8.02
C LEU A 67 -4.10 -0.16 -8.14
N ALA A 68 -3.37 0.16 -7.08
CA ALA A 68 -1.91 0.00 -7.08
C ALA A 68 -1.53 -1.43 -7.44
N VAL A 69 -2.30 -2.38 -6.96
CA VAL A 69 -2.02 -3.77 -7.24
C VAL A 69 -2.07 -4.05 -8.74
N ASP A 70 -3.25 -4.00 -9.32
CA ASP A 70 -3.42 -4.27 -10.75
C ASP A 70 -2.61 -3.30 -11.62
N ASN A 71 -2.46 -2.07 -11.15
CA ASN A 71 -1.72 -1.05 -11.90
C ASN A 71 -0.21 -1.35 -12.00
N LEU A 72 0.37 -1.83 -10.89
CA LEU A 72 1.82 -2.12 -10.85
C LEU A 72 2.12 -3.64 -10.86
N ASN A 73 1.09 -4.45 -10.68
CA ASN A 73 1.25 -5.91 -10.66
C ASN A 73 1.56 -6.43 -12.06
N GLY A 74 2.70 -7.09 -12.20
CA GLY A 74 3.11 -7.63 -13.49
C GLY A 74 3.83 -6.58 -14.31
N PHE A 75 4.04 -5.40 -13.73
CA PHE A 75 4.72 -4.30 -14.42
C PHE A 75 6.21 -4.32 -14.10
N LYS A 76 7.03 -4.49 -15.13
CA LYS A 76 8.48 -4.51 -14.95
C LYS A 76 8.97 -3.13 -14.53
N ILE A 77 9.62 -3.06 -13.37
CA ILE A 77 10.14 -1.80 -12.88
C ILE A 77 11.50 -2.00 -12.22
N GLY A 78 12.49 -1.22 -12.63
CA GLY A 78 13.82 -1.32 -12.05
C GLY A 78 14.53 -2.58 -12.53
N GLY A 79 14.02 -3.18 -13.60
CA GLY A 79 14.60 -4.41 -14.14
C GLY A 79 13.97 -5.65 -13.52
N ARG A 80 13.13 -5.44 -12.51
CA ARG A 80 12.44 -6.55 -11.83
C ARG A 80 10.98 -6.19 -11.57
N ALA A 81 10.17 -7.22 -11.36
CA ALA A 81 8.74 -7.02 -11.10
C ALA A 81 8.44 -7.08 -9.60
N LEU A 82 7.76 -6.07 -9.09
CA LEU A 82 7.41 -6.02 -7.67
C LEU A 82 6.13 -6.81 -7.40
N LYS A 83 5.97 -7.28 -6.16
CA LYS A 83 4.77 -8.06 -5.78
C LYS A 83 3.91 -7.26 -4.81
N ILE A 84 2.64 -7.03 -5.19
CA ILE A 84 1.71 -6.27 -4.34
C ILE A 84 0.69 -7.22 -3.71
N ASP A 85 0.68 -7.29 -2.38
CA ASP A 85 -0.26 -8.15 -1.66
C ASP A 85 -0.76 -7.47 -0.38
N HIS A 86 -2.02 -7.71 -0.04
CA HIS A 86 -2.60 -7.11 1.17
C HIS A 86 -2.09 -7.81 2.43
N THR A 87 -1.89 -7.05 3.50
CA THR A 87 -1.42 -7.61 4.76
C THR A 87 -1.87 -6.76 5.94
N PHE A 88 -2.18 -7.42 7.06
CA PHE A 88 -2.63 -6.71 8.26
C PHE A 88 -1.44 -6.32 9.11
N TYR A 89 -0.26 -6.34 8.52
CA TYR A 89 0.95 -5.98 9.24
C TYR A 89 0.75 -4.65 10.00
N ARG A 90 0.88 -4.70 11.32
CA ARG A 90 0.72 -3.51 12.14
C ARG A 90 2.05 -2.76 12.31
N PRO A 91 2.02 -1.44 12.42
CA PRO A 91 3.25 -0.61 12.61
C PRO A 91 3.88 -0.81 13.99
N LYS A 92 5.21 -0.93 14.02
CA LYS A 92 5.93 -1.12 15.29
C LYS A 92 6.64 0.15 15.70
N ARG A 93 6.37 0.62 16.92
CA ARG A 93 7.00 1.84 17.42
C ARG A 93 6.82 1.94 18.93
N SER A 94 7.93 1.97 19.65
CA SER A 94 7.89 2.07 21.12
C SER A 94 9.19 2.64 21.66
N LEU A 95 10.29 2.31 21.00
CA LEU A 95 11.60 2.79 21.43
C LEU A 95 11.72 4.29 21.17
N GLN A 96 11.04 5.09 21.99
CA GLN A 96 11.08 6.54 21.83
C GLN A 96 12.10 7.16 22.80
N LYS A 97 11.79 7.09 24.09
CA LYS A 97 12.69 7.65 25.12
C LYS A 97 13.36 6.52 25.91
N TYR A 98 13.20 5.29 25.43
CA TYR A 98 13.80 4.14 26.10
C TYR A 98 15.32 4.29 26.21
N TYR A 99 15.92 4.85 25.16
CA TYR A 99 17.37 5.04 25.15
C TYR A 99 17.85 5.69 26.44
N GLU A 100 16.93 6.35 27.13
CA GLU A 100 17.28 7.01 28.38
C GLU A 100 17.84 6.00 29.39
N ALA A 101 17.21 4.84 29.45
CA ALA A 101 17.64 3.80 30.37
C ALA A 101 19.05 3.31 30.02
N VAL A 102 19.34 3.26 28.72
CA VAL A 102 20.65 2.80 28.26
C VAL A 102 21.76 3.70 28.80
N LYS A 103 21.55 5.03 28.74
CA LYS A 103 22.55 5.99 29.21
C LYS A 103 21.98 6.90 30.31
N GLU A 104 21.78 6.33 31.51
CA GLU A 104 21.25 7.10 32.63
C GLU A 104 21.22 6.24 33.90
N GLU A 105 20.07 6.18 34.57
CA GLU A 105 19.92 5.40 35.79
C GLU A 105 21.14 5.58 36.69
N LEU A 106 21.37 4.60 37.58
CA LEU A 106 22.50 4.67 38.48
C LEU A 106 23.80 4.87 37.71
N ASP A 107 24.18 6.12 37.49
CA ASP A 107 25.40 6.43 36.77
C ASP A 107 25.91 7.82 37.14
N ARG A 108 25.93 8.13 38.44
CA ARG A 108 26.39 9.43 38.92
C ARG A 108 27.28 9.27 40.14
N ASP A 109 28.23 10.19 40.29
CA ASP A 109 29.15 10.14 41.43
C ASP A 109 29.83 8.77 41.52
N ILE A 110 30.15 8.19 40.36
CA ILE A 110 30.80 6.88 40.32
C ILE A 110 32.32 7.04 40.21
N VAL A 111 32.81 8.25 40.45
CA VAL A 111 34.25 8.52 40.38
C VAL A 111 34.72 9.24 41.64
N SER A 112 35.90 8.87 42.12
CA SER A 112 36.46 9.48 43.32
C SER A 112 35.47 9.38 44.48
N LYS A 113 34.74 8.27 44.53
CA LYS A 113 33.76 8.05 45.60
C LYS A 113 34.45 7.53 46.85
N ASN A 114 34.17 8.17 47.98
CA ASN A 114 34.76 7.76 49.25
C ASN A 114 33.80 8.02 50.41
N ASN A 115 33.16 6.95 50.90
CA ASN A 115 32.21 7.09 52.01
C ASN A 115 32.22 5.83 52.87
N ALA A 116 32.87 5.90 54.03
CA ALA A 116 32.94 4.77 54.94
C ALA A 116 33.35 5.22 56.34
N GLU A 117 32.35 5.46 57.18
CA GLU A 117 32.62 5.90 58.56
C GLU A 117 33.66 7.01 58.57
N LYS A 118 34.15 7.35 59.76
CA LYS A 118 35.15 8.40 59.89
C LYS A 118 36.47 7.96 59.28
N TYR B 1 -14.91 -14.72 -4.97
CA TYR B 1 -15.74 -13.60 -5.47
C TYR B 1 -15.49 -13.40 -6.96
N ASP B 2 -16.48 -12.85 -7.66
CA ASP B 2 -16.36 -12.62 -9.09
C ASP B 2 -15.53 -11.35 -9.35
N LYS B 3 -15.15 -11.16 -10.60
CA LYS B 3 -14.36 -9.99 -10.96
C LYS B 3 -15.14 -8.69 -10.70
N PRO B 4 -14.46 -7.61 -10.34
CA PRO B 4 -15.11 -6.29 -10.06
C PRO B 4 -15.69 -5.65 -11.33
N ALA B 5 -14.81 -5.10 -12.15
CA ALA B 5 -15.24 -4.46 -13.39
C ALA B 5 -14.03 -4.21 -14.31
N PRO B 6 -14.27 -4.02 -15.59
CA PRO B 6 -13.19 -3.74 -16.58
C PRO B 6 -12.53 -2.38 -16.35
N GLU B 7 -11.24 -2.31 -16.63
CA GLU B 7 -10.49 -1.07 -16.46
C GLU B 7 -10.61 -0.56 -15.02
N ASN B 8 -10.09 0.64 -14.77
CA ASN B 8 -10.13 1.22 -13.43
C ASN B 8 -11.25 2.25 -13.32
N ARG B 9 -12.05 2.16 -12.27
CA ARG B 9 -13.15 3.10 -12.07
C ARG B 9 -12.70 4.32 -11.28
N PHE B 10 -12.05 4.06 -10.14
CA PHE B 10 -11.57 5.13 -9.28
C PHE B 10 -10.42 5.87 -9.96
N ALA B 11 -10.68 7.10 -10.39
CA ALA B 11 -9.66 7.89 -11.06
C ALA B 11 -8.89 8.71 -10.02
N ILE B 12 -7.94 8.07 -9.35
CA ILE B 12 -7.14 8.77 -8.34
C ILE B 12 -6.37 9.91 -8.96
N MET B 13 -6.51 11.10 -8.40
CA MET B 13 -5.81 12.28 -8.90
C MET B 13 -4.33 12.25 -8.53
N PRO B 14 -3.46 12.83 -9.36
CA PRO B 14 -1.99 12.87 -9.09
C PRO B 14 -1.64 13.78 -7.91
N GLY B 15 -0.49 13.52 -7.28
CA GLY B 15 -0.04 14.32 -6.13
C GLY B 15 1.25 15.07 -6.45
N SER B 16 1.55 16.10 -5.68
CA SER B 16 2.76 16.89 -5.89
C SER B 16 4.01 16.02 -5.71
N ARG B 17 4.00 15.17 -4.70
CA ARG B 17 5.15 14.29 -4.43
C ARG B 17 5.39 13.34 -5.59
N TRP B 18 4.51 13.38 -6.58
CA TRP B 18 4.64 12.50 -7.75
C TRP B 18 5.87 12.90 -8.59
N ASP B 19 6.50 13.99 -8.23
CA ASP B 19 7.69 14.46 -8.94
C ASP B 19 7.38 14.64 -10.44
N GLY B 20 6.14 14.37 -10.82
CA GLY B 20 5.74 14.50 -12.21
C GLY B 20 6.37 13.42 -13.07
N VAL B 21 6.83 12.34 -12.43
CA VAL B 21 7.47 11.24 -13.15
C VAL B 21 6.43 10.33 -13.78
N HIS B 22 6.63 9.99 -15.04
CA HIS B 22 5.69 9.12 -15.75
C HIS B 22 5.74 7.70 -15.19
N ARG B 23 4.57 7.15 -14.87
CA ARG B 23 4.49 5.78 -14.33
C ARG B 23 3.50 4.96 -15.14
N SER B 24 4.03 4.01 -15.91
CA SER B 24 3.18 3.15 -16.74
C SER B 24 2.64 1.99 -15.93
N ASN B 25 1.35 1.71 -16.11
CA ASN B 25 0.71 0.61 -15.40
C ASN B 25 0.32 -0.50 -16.36
N GLY B 26 -0.09 -0.12 -17.57
CA GLY B 26 -0.49 -1.08 -18.58
C GLY B 26 -0.74 -0.40 -19.92
N PHE B 27 -0.71 -1.19 -20.99
CA PHE B 27 -0.94 -0.65 -22.32
C PHE B 27 -2.39 -0.23 -22.50
N GLU B 28 -3.27 -0.81 -21.70
CA GLU B 28 -4.70 -0.49 -21.77
C GLU B 28 -4.94 0.98 -21.39
N GLU B 29 -3.99 1.57 -20.69
CA GLU B 29 -4.11 2.96 -20.27
C GLU B 29 -4.36 3.88 -21.47
N LYS B 30 -3.85 3.47 -22.63
CA LYS B 30 -4.01 4.27 -23.84
C LYS B 30 -5.48 4.56 -24.09
N TRP B 31 -6.35 3.66 -23.63
CA TRP B 31 -7.77 3.83 -23.81
C TRP B 31 -8.25 5.10 -23.13
N PHE B 32 -7.80 5.30 -21.89
CA PHE B 32 -8.17 6.50 -21.14
C PHE B 32 -7.65 7.74 -21.83
N ALA B 33 -6.44 7.66 -22.37
CA ALA B 33 -5.84 8.80 -23.04
C ALA B 33 -6.69 9.23 -24.23
N LYS B 34 -7.20 8.25 -24.97
CA LYS B 34 -8.04 8.55 -26.13
C LYS B 34 -9.32 9.27 -25.69
N GLN B 35 -9.97 8.74 -24.67
CA GLN B 35 -11.21 9.34 -24.18
C GLN B 35 -10.95 10.75 -23.65
N ASN B 36 -9.86 10.92 -22.91
CA ASN B 36 -9.53 12.22 -22.36
C ASN B 36 -9.21 13.21 -23.47
N GLU B 37 -8.54 12.73 -24.51
CA GLU B 37 -8.17 13.59 -25.64
C GLU B 37 -9.41 14.22 -26.27
N ILE B 38 -10.47 13.41 -26.43
CA ILE B 38 -11.71 13.91 -27.03
C ILE B 38 -12.66 14.44 -25.95
N ASN B 39 -12.44 13.98 -24.72
CA ASN B 39 -13.28 14.40 -23.60
C ASN B 39 -14.76 14.32 -23.98
N GLU B 40 -15.29 15.43 -24.51
CA GLU B 40 -16.69 15.49 -24.92
C GLU B 40 -16.82 16.08 -26.32
N LYS B 41 -17.73 15.51 -27.11
CA LYS B 41 -17.94 15.99 -28.47
C LYS B 41 -18.72 17.30 -28.47
N GLY A 1 -15.81 5.44 26.34
CA GLY A 1 -16.92 5.90 25.48
C GLY A 1 -16.36 6.60 24.24
N ALA A 2 -15.09 6.34 23.96
CA ALA A 2 -14.44 6.94 22.80
C ALA A 2 -13.35 6.02 22.25
N MET A 3 -13.50 5.60 21.00
CA MET A 3 -12.52 4.72 20.38
C MET A 3 -12.09 5.27 19.02
N GLY A 4 -11.43 6.42 19.04
CA GLY A 4 -10.96 7.04 17.80
C GLY A 4 -9.93 6.16 17.10
N ASN A 5 -9.30 5.27 17.87
CA ASN A 5 -8.30 4.38 17.30
C ASN A 5 -8.92 3.47 16.24
N GLU A 6 -10.16 3.08 16.45
CA GLU A 6 -10.86 2.22 15.50
C GLU A 6 -10.95 2.90 14.13
N TYR A 7 -11.31 4.18 14.14
CA TYR A 7 -11.43 4.94 12.90
C TYR A 7 -10.07 5.06 12.22
N LYS A 8 -9.05 5.39 13.00
CA LYS A 8 -7.71 5.55 12.45
C LYS A 8 -7.24 4.27 11.77
N ASP A 9 -7.63 3.13 12.32
CA ASP A 9 -7.25 1.84 11.76
C ASP A 9 -7.28 1.90 10.24
N ASN A 10 -6.27 1.31 9.61
CA ASN A 10 -6.18 1.30 8.15
C ASN A 10 -5.66 -0.04 7.65
N ALA A 11 -5.66 -0.22 6.33
CA ALA A 11 -5.19 -1.46 5.73
C ALA A 11 -3.72 -1.34 5.33
N TYR A 12 -3.03 -2.47 5.29
CA TYR A 12 -1.62 -2.49 4.92
C TYR A 12 -1.39 -3.39 3.71
N ILE A 13 -0.34 -3.09 2.95
CA ILE A 13 -0.01 -3.89 1.76
C ILE A 13 1.46 -4.29 1.78
N TYR A 14 1.76 -5.46 1.23
CA TYR A 14 3.14 -5.95 1.20
C TYR A 14 3.79 -5.62 -0.14
N ILE A 15 4.98 -5.03 -0.08
CA ILE A 15 5.70 -4.69 -1.31
C ILE A 15 7.08 -5.36 -1.30
N GLY A 16 7.31 -6.20 -2.30
CA GLY A 16 8.58 -6.92 -2.40
C GLY A 16 8.98 -7.13 -3.86
N ASN A 17 10.10 -7.81 -4.07
CA ASN A 17 10.58 -8.09 -5.42
C ASN A 17 10.97 -6.79 -6.12
N LEU A 18 11.28 -5.77 -5.33
CA LEU A 18 11.70 -4.48 -5.88
C LEU A 18 13.21 -4.29 -5.73
N ASN A 19 13.76 -3.39 -6.53
CA ASN A 19 15.20 -3.10 -6.46
C ASN A 19 15.54 -2.38 -5.17
N ARG A 20 16.53 -2.90 -4.44
CA ARG A 20 16.94 -2.29 -3.18
C ARG A 20 17.48 -0.88 -3.42
N GLU A 21 17.87 -0.60 -4.66
CA GLU A 21 18.41 0.71 -5.00
C GLU A 21 17.35 1.80 -4.79
N LEU A 22 16.09 1.42 -4.95
CA LEU A 22 15.00 2.37 -4.78
C LEU A 22 14.83 2.74 -3.31
N THR A 23 14.90 4.04 -3.01
CA THR A 23 14.77 4.51 -1.64
C THR A 23 13.31 4.84 -1.35
N GLU A 24 13.06 5.39 -0.16
CA GLU A 24 11.70 5.75 0.24
C GLU A 24 11.11 6.77 -0.72
N GLY A 25 11.93 7.72 -1.16
CA GLY A 25 11.48 8.75 -2.09
C GLY A 25 11.00 8.14 -3.39
N ASP A 26 11.77 7.19 -3.91
CA ASP A 26 11.43 6.54 -5.17
C ASP A 26 10.10 5.79 -5.05
N ILE A 27 9.92 5.11 -3.91
CA ILE A 27 8.70 4.35 -3.68
C ILE A 27 7.48 5.29 -3.64
N LEU A 28 7.65 6.44 -2.98
CA LEU A 28 6.57 7.41 -2.88
C LEU A 28 6.10 7.84 -4.26
N THR A 29 7.04 8.19 -5.11
CA THR A 29 6.72 8.64 -6.46
C THR A 29 6.02 7.53 -7.25
N VAL A 30 6.49 6.30 -7.07
CA VAL A 30 5.91 5.16 -7.78
C VAL A 30 4.45 4.96 -7.38
N PHE A 31 4.20 4.90 -6.08
CA PHE A 31 2.84 4.66 -5.57
C PHE A 31 2.08 5.99 -5.43
N SER A 32 2.80 7.10 -5.48
CA SER A 32 2.18 8.41 -5.31
C SER A 32 0.92 8.53 -6.15
N GLU A 33 1.06 8.38 -7.46
CA GLU A 33 -0.08 8.52 -8.37
C GLU A 33 -1.10 7.40 -8.13
N TYR A 34 -0.69 6.38 -7.38
CA TYR A 34 -1.56 5.25 -7.09
C TYR A 34 -1.96 5.23 -5.62
N GLY A 35 -2.12 6.40 -5.03
CA GLY A 35 -2.49 6.49 -3.62
C GLY A 35 -1.27 6.77 -2.74
N VAL A 36 -0.75 8.00 -2.84
CA VAL A 36 0.43 8.36 -2.07
C VAL A 36 0.20 8.12 -0.58
N PRO A 37 1.02 7.30 0.02
CA PRO A 37 0.90 6.94 1.48
C PRO A 37 1.42 8.05 2.38
N VAL A 38 0.95 8.04 3.63
CA VAL A 38 1.38 9.05 4.60
C VAL A 38 2.58 8.56 5.39
N ASP A 39 2.84 7.26 5.31
CA ASP A 39 3.98 6.67 6.01
C ASP A 39 4.37 5.34 5.37
N VAL A 40 5.67 5.04 5.40
CA VAL A 40 6.16 3.79 4.82
C VAL A 40 7.16 3.13 5.76
N ILE A 41 6.93 1.85 6.04
CA ILE A 41 7.80 1.11 6.95
C ILE A 41 8.89 0.39 6.16
N LEU A 42 10.13 0.84 6.33
CA LEU A 42 11.26 0.22 5.64
C LEU A 42 12.04 -0.69 6.59
N SER A 43 11.80 -1.99 6.49
CA SER A 43 12.47 -2.96 7.36
C SER A 43 13.83 -3.33 6.77
N ARG A 44 14.80 -3.58 7.65
CA ARG A 44 16.13 -3.96 7.21
C ARG A 44 16.65 -5.14 8.01
N ASP A 45 17.55 -5.91 7.41
CA ASP A 45 18.11 -7.09 8.08
C ASP A 45 19.09 -6.66 9.17
N GLU A 46 18.80 -7.06 10.41
CA GLU A 46 19.66 -6.71 11.54
C GLU A 46 21.03 -7.36 11.38
N ASN A 47 21.09 -8.41 10.57
CA ASN A 47 22.35 -9.12 10.35
C ASN A 47 23.39 -8.18 9.74
N THR A 48 22.96 -7.39 8.76
CA THR A 48 23.88 -6.44 8.11
C THR A 48 23.23 -5.06 8.02
N GLY A 49 21.93 -5.03 7.73
CA GLY A 49 21.21 -3.77 7.64
C GLY A 49 21.38 -3.16 6.25
N GLU A 50 22.12 -3.85 5.38
CA GLU A 50 22.35 -3.36 4.03
C GLU A 50 21.53 -4.17 3.02
N SER A 51 20.48 -4.82 3.51
CA SER A 51 19.62 -5.63 2.65
C SER A 51 18.17 -5.56 3.13
N GLN A 52 17.24 -5.81 2.21
CA GLN A 52 15.82 -5.78 2.54
C GLN A 52 15.00 -6.52 1.48
N GLY A 53 14.32 -5.76 0.63
CA GLY A 53 13.51 -6.36 -0.43
C GLY A 53 12.07 -6.56 0.04
N PHE A 54 11.74 -6.02 1.21
CA PHE A 54 10.40 -6.14 1.76
C PHE A 54 10.04 -4.91 2.59
N ALA A 55 8.83 -4.40 2.37
CA ALA A 55 8.37 -3.22 3.10
C ALA A 55 6.85 -3.15 3.11
N TYR A 56 6.30 -2.35 4.03
CA TYR A 56 4.85 -2.20 4.14
C TYR A 56 4.43 -0.77 3.83
N LEU A 57 3.27 -0.62 3.22
CA LEU A 57 2.77 0.71 2.86
C LEU A 57 1.60 1.11 3.77
N LYS A 58 1.56 2.38 4.17
CA LYS A 58 0.49 2.87 5.03
C LYS A 58 -0.16 4.11 4.41
N TYR A 59 -1.33 3.92 3.82
CA TYR A 59 -2.06 5.02 3.20
C TYR A 59 -3.44 5.18 3.82
N GLU A 60 -3.91 6.42 3.94
CA GLU A 60 -5.21 6.69 4.55
C GLU A 60 -6.32 5.95 3.81
N ASP A 61 -6.34 6.08 2.49
CA ASP A 61 -7.35 5.42 1.67
C ASP A 61 -6.96 3.98 1.38
N GLN A 62 -7.86 3.05 1.68
CA GLN A 62 -7.60 1.64 1.44
C GLN A 62 -7.99 1.26 0.02
N ARG A 63 -9.09 1.83 -0.46
CA ARG A 63 -9.57 1.53 -1.81
C ARG A 63 -8.54 1.96 -2.86
N SER A 64 -7.75 2.98 -2.52
CA SER A 64 -6.75 3.49 -3.44
C SER A 64 -5.68 2.43 -3.71
N THR A 65 -5.35 1.65 -2.68
CA THR A 65 -4.33 0.62 -2.80
C THR A 65 -4.68 -0.34 -3.93
N ILE A 66 -5.96 -0.41 -4.27
CA ILE A 66 -6.41 -1.30 -5.34
C ILE A 66 -5.71 -0.96 -6.65
N LEU A 67 -5.59 0.33 -6.93
CA LEU A 67 -4.96 0.78 -8.17
C LEU A 67 -3.49 0.35 -8.22
N ALA A 68 -2.78 0.57 -7.12
CA ALA A 68 -1.36 0.23 -7.06
C ALA A 68 -1.15 -1.24 -7.42
N VAL A 69 -2.06 -2.09 -6.97
CA VAL A 69 -1.96 -3.51 -7.24
C VAL A 69 -2.10 -3.79 -8.74
N ASP A 70 -3.30 -3.59 -9.26
CA ASP A 70 -3.56 -3.87 -10.68
C ASP A 70 -2.66 -3.04 -11.58
N ASN A 71 -2.05 -1.99 -11.02
CA ASN A 71 -1.20 -1.10 -11.79
C ASN A 71 0.25 -1.59 -11.79
N LEU A 72 0.78 -1.88 -10.61
CA LEU A 72 2.17 -2.30 -10.48
C LEU A 72 2.26 -3.79 -10.19
N ASN A 73 1.19 -4.52 -10.48
CA ASN A 73 1.17 -5.97 -10.27
C ASN A 73 1.86 -6.69 -11.42
N GLY A 74 3.06 -7.19 -11.17
CA GLY A 74 3.80 -7.92 -12.19
C GLY A 74 4.52 -6.95 -13.13
N PHE A 75 4.34 -5.65 -12.88
CA PHE A 75 4.98 -4.63 -13.71
C PHE A 75 6.49 -4.66 -13.52
N LYS A 76 7.21 -4.73 -14.64
CA LYS A 76 8.67 -4.81 -14.60
C LYS A 76 9.29 -3.42 -14.39
N ILE A 77 10.17 -3.31 -13.40
CA ILE A 77 10.85 -2.05 -13.13
C ILE A 77 12.29 -2.29 -12.69
N GLY A 78 13.23 -1.93 -13.56
CA GLY A 78 14.64 -2.12 -13.26
C GLY A 78 15.06 -3.56 -13.51
N GLY A 79 14.23 -4.30 -14.25
CA GLY A 79 14.54 -5.69 -14.57
C GLY A 79 13.84 -6.64 -13.61
N ARG A 80 13.16 -6.07 -12.61
CA ARG A 80 12.44 -6.88 -11.63
C ARG A 80 10.97 -6.49 -11.60
N ALA A 81 10.10 -7.47 -11.30
CA ALA A 81 8.67 -7.22 -11.24
C ALA A 81 8.22 -6.97 -9.80
N LEU A 82 7.39 -5.96 -9.61
CA LEU A 82 6.91 -5.62 -8.28
C LEU A 82 5.87 -6.63 -7.80
N LYS A 83 5.85 -6.89 -6.49
CA LYS A 83 4.88 -7.82 -5.92
C LYS A 83 3.99 -7.12 -4.91
N ILE A 84 2.77 -6.78 -5.32
CA ILE A 84 1.84 -6.11 -4.43
C ILE A 84 0.86 -7.12 -3.84
N ASP A 85 0.58 -6.98 -2.54
CA ASP A 85 -0.35 -7.89 -1.87
C ASP A 85 -0.91 -7.24 -0.61
N HIS A 86 -2.08 -7.72 -0.17
CA HIS A 86 -2.71 -7.17 1.02
C HIS A 86 -2.11 -7.79 2.28
N THR A 87 -2.13 -7.04 3.38
CA THR A 87 -1.57 -7.52 4.64
C THR A 87 -2.58 -7.35 5.77
N PHE A 88 -3.13 -6.15 5.90
CA PHE A 88 -4.09 -5.87 6.97
C PHE A 88 -3.49 -6.21 8.32
N TYR A 89 -2.17 -6.18 8.41
CA TYR A 89 -1.49 -6.48 9.66
C TYR A 89 -1.39 -5.24 10.54
N ARG A 90 -1.74 -5.40 11.82
CA ARG A 90 -1.67 -4.28 12.77
C ARG A 90 -0.22 -3.97 13.13
N PRO A 91 0.19 -2.74 12.98
CA PRO A 91 1.59 -2.30 13.29
C PRO A 91 2.04 -2.80 14.66
N LYS A 92 3.29 -3.27 14.72
CA LYS A 92 3.84 -3.79 15.97
C LYS A 92 2.92 -4.87 16.55
N ARG A 93 2.18 -4.52 17.59
CA ARG A 93 1.28 -5.47 18.22
C ARG A 93 0.30 -6.05 17.19
N SER A 94 -0.09 -7.31 17.40
CA SER A 94 -1.02 -7.96 16.48
C SER A 94 -1.99 -8.85 17.26
N LEU A 95 -3.29 -8.64 17.04
CA LEU A 95 -4.30 -9.44 17.71
C LEU A 95 -4.80 -10.55 16.80
N GLN A 96 -4.01 -11.62 16.68
CA GLN A 96 -4.38 -12.74 15.83
C GLN A 96 -5.71 -13.33 16.25
N LYS A 97 -5.97 -13.32 17.55
CA LYS A 97 -7.21 -13.87 18.09
C LYS A 97 -8.42 -13.16 17.47
N TYR A 98 -8.31 -11.86 17.30
CA TYR A 98 -9.40 -11.08 16.73
C TYR A 98 -9.21 -10.88 15.23
N TYR A 99 -10.30 -10.60 14.53
CA TYR A 99 -10.23 -10.41 13.08
C TYR A 99 -11.39 -9.54 12.60
N GLU A 100 -12.51 -10.19 12.27
CA GLU A 100 -13.69 -9.47 11.79
C GLU A 100 -14.67 -9.20 12.93
N ALA A 101 -14.28 -9.59 14.14
CA ALA A 101 -15.14 -9.41 15.30
C ALA A 101 -14.64 -8.25 16.17
N VAL A 102 -14.28 -7.15 15.52
CA VAL A 102 -13.79 -5.97 16.24
C VAL A 102 -14.19 -4.69 15.52
N LYS A 103 -14.37 -4.79 14.20
CA LYS A 103 -14.76 -3.64 13.41
C LYS A 103 -16.27 -3.55 13.29
N GLU A 104 -16.95 -3.75 14.41
CA GLU A 104 -18.41 -3.69 14.43
C GLU A 104 -19.00 -4.66 13.40
N GLU A 105 -18.24 -5.71 13.09
CA GLU A 105 -18.71 -6.70 12.13
C GLU A 105 -19.41 -6.03 10.95
N LEU A 106 -20.40 -6.71 10.40
CA LEU A 106 -21.15 -6.17 9.26
C LEU A 106 -22.32 -5.32 9.75
N ASP A 107 -22.08 -4.52 10.79
CA ASP A 107 -23.12 -3.65 11.34
C ASP A 107 -23.18 -2.34 10.56
N ARG A 108 -23.59 -2.43 9.30
CA ARG A 108 -23.69 -1.23 8.47
C ARG A 108 -25.15 -0.96 8.09
N ASP A 109 -26.06 -1.69 8.72
CA ASP A 109 -27.48 -1.53 8.44
C ASP A 109 -28.08 -0.47 9.37
N ILE A 110 -27.28 0.52 9.73
CA ILE A 110 -27.74 1.59 10.60
C ILE A 110 -28.99 2.25 10.04
N VAL A 111 -29.21 2.07 8.74
CA VAL A 111 -30.38 2.65 8.08
C VAL A 111 -31.64 1.94 8.53
N SER A 112 -31.50 0.67 8.92
CA SER A 112 -32.64 -0.12 9.37
C SER A 112 -33.16 0.42 10.70
N LYS A 113 -32.28 1.04 11.47
CA LYS A 113 -32.66 1.59 12.78
C LYS A 113 -33.01 3.06 12.65
N ASN A 114 -32.23 3.79 11.86
CA ASN A 114 -32.47 5.21 11.67
C ASN A 114 -33.81 5.44 10.99
N ASN A 115 -34.72 6.11 11.70
CA ASN A 115 -36.04 6.39 11.15
C ASN A 115 -36.70 5.09 10.67
N ALA A 116 -36.52 4.02 11.44
CA ALA A 116 -37.10 2.74 11.08
C ALA A 116 -38.62 2.82 11.05
N GLU A 117 -39.18 3.54 12.02
CA GLU A 117 -40.64 3.70 12.09
C GLU A 117 -41.12 4.65 10.99
N LYS A 118 -42.32 4.40 10.49
CA LYS A 118 -42.89 5.24 9.44
C LYS A 118 -42.97 6.69 9.90
N TYR B 1 -25.14 -10.40 -15.18
CA TYR B 1 -26.18 -9.72 -15.98
C TYR B 1 -26.26 -8.25 -15.57
N ASP B 2 -25.53 -7.90 -14.52
CA ASP B 2 -25.53 -6.52 -14.04
C ASP B 2 -24.59 -5.66 -14.88
N LYS B 3 -24.68 -4.35 -14.70
CA LYS B 3 -23.84 -3.43 -15.46
C LYS B 3 -22.38 -3.57 -15.05
N PRO B 4 -21.47 -3.38 -15.96
CA PRO B 4 -20.01 -3.48 -15.69
C PRO B 4 -19.49 -2.27 -14.91
N ALA B 5 -18.18 -2.27 -14.64
CA ALA B 5 -17.57 -1.17 -13.91
C ALA B 5 -17.60 0.11 -14.75
N PRO B 6 -17.47 1.25 -14.11
CA PRO B 6 -17.49 2.57 -14.79
C PRO B 6 -16.27 2.77 -15.69
N GLU B 7 -16.41 3.62 -16.70
CA GLU B 7 -15.32 3.87 -17.63
C GLU B 7 -14.04 4.20 -16.88
N ASN B 8 -14.08 5.25 -16.07
CA ASN B 8 -12.92 5.66 -15.28
C ASN B 8 -12.70 4.69 -14.12
N ARG B 9 -11.47 4.20 -13.99
CA ARG B 9 -11.16 3.25 -12.93
C ARG B 9 -11.45 3.86 -11.57
N PHE B 10 -11.00 5.10 -11.36
CA PHE B 10 -11.24 5.79 -10.09
C PHE B 10 -11.22 7.30 -10.30
N ALA B 11 -11.72 8.04 -9.30
CA ALA B 11 -11.75 9.49 -9.38
C ALA B 11 -10.50 10.09 -8.72
N ILE B 12 -9.59 9.22 -8.31
CA ILE B 12 -8.36 9.66 -7.66
C ILE B 12 -7.39 10.24 -8.69
N MET B 13 -7.06 11.52 -8.53
CA MET B 13 -6.16 12.19 -9.46
C MET B 13 -4.73 12.18 -8.91
N PRO B 14 -3.76 12.27 -9.77
CA PRO B 14 -2.31 12.28 -9.39
C PRO B 14 -2.00 13.38 -8.38
N GLY B 15 -1.13 13.08 -7.41
CA GLY B 15 -0.75 14.06 -6.40
C GLY B 15 0.54 14.76 -6.78
N SER B 16 0.81 15.90 -6.14
CA SER B 16 2.02 16.66 -6.42
C SER B 16 3.26 15.85 -6.07
N ARG B 17 3.10 14.91 -5.14
CA ARG B 17 4.21 14.07 -4.72
C ARG B 17 4.63 13.13 -5.84
N TRP B 18 3.77 13.00 -6.85
CA TRP B 18 4.07 12.13 -7.98
C TRP B 18 5.30 12.61 -8.73
N ASP B 19 5.75 13.81 -8.42
CA ASP B 19 6.93 14.38 -9.06
C ASP B 19 6.72 14.47 -10.58
N GLY B 20 5.59 13.94 -11.05
CA GLY B 20 5.27 13.98 -12.46
C GLY B 20 6.04 12.92 -13.23
N VAL B 21 6.63 11.98 -12.50
CA VAL B 21 7.39 10.90 -13.12
C VAL B 21 6.44 9.93 -13.83
N HIS B 22 6.73 9.66 -15.10
CA HIS B 22 5.90 8.75 -15.88
C HIS B 22 6.03 7.32 -15.37
N ARG B 23 4.90 6.65 -15.18
CA ARG B 23 4.91 5.26 -14.72
C ARG B 23 3.91 4.43 -15.52
N SER B 24 4.42 3.46 -16.26
CA SER B 24 3.55 2.61 -17.09
C SER B 24 3.14 1.36 -16.32
N ASN B 25 1.95 0.85 -16.63
CA ASN B 25 1.46 -0.34 -15.96
C ASN B 25 0.82 -1.29 -16.98
N GLY B 26 -0.51 -1.37 -16.95
CA GLY B 26 -1.24 -2.23 -17.87
C GLY B 26 -1.24 -1.63 -19.27
N PHE B 27 -1.11 -2.48 -20.28
CA PHE B 27 -1.09 -2.03 -21.66
C PHE B 27 -2.45 -1.46 -22.06
N GLU B 28 -3.51 -2.04 -21.49
CA GLU B 28 -4.86 -1.58 -21.79
C GLU B 28 -5.02 -0.10 -21.48
N GLU B 29 -4.20 0.39 -20.55
CA GLU B 29 -4.25 1.80 -20.16
C GLU B 29 -4.15 2.70 -21.38
N LYS B 30 -3.46 2.21 -22.41
CA LYS B 30 -3.28 3.00 -23.63
C LYS B 30 -4.62 3.47 -24.17
N TRP B 31 -5.66 2.67 -23.97
CA TRP B 31 -6.99 3.01 -24.46
C TRP B 31 -7.48 4.30 -23.81
N PHE B 32 -7.33 4.40 -22.49
CA PHE B 32 -7.76 5.58 -21.77
C PHE B 32 -6.94 6.80 -22.20
N ALA B 33 -5.65 6.59 -22.43
CA ALA B 33 -4.78 7.68 -22.85
C ALA B 33 -5.26 8.29 -24.16
N LYS B 34 -5.69 7.42 -25.09
CA LYS B 34 -6.16 7.88 -26.38
C LYS B 34 -7.42 8.74 -26.22
N GLN B 35 -8.34 8.27 -25.39
CA GLN B 35 -9.59 8.99 -25.16
C GLN B 35 -9.30 10.34 -24.50
N ASN B 36 -8.36 10.35 -23.57
CA ASN B 36 -8.01 11.58 -22.87
C ASN B 36 -7.51 12.64 -23.85
N GLU B 37 -6.69 12.21 -24.81
CA GLU B 37 -6.14 13.12 -25.81
C GLU B 37 -7.27 13.74 -26.64
N ILE B 38 -8.24 12.91 -27.01
CA ILE B 38 -9.37 13.40 -27.81
C ILE B 38 -10.48 13.92 -26.89
N ASN B 39 -11.44 13.05 -26.59
CA ASN B 39 -12.56 13.44 -25.73
C ASN B 39 -13.42 12.23 -25.40
N GLU B 40 -14.37 12.41 -24.49
CA GLU B 40 -15.26 11.32 -24.09
C GLU B 40 -16.32 11.08 -25.16
N LYS B 41 -15.96 10.30 -26.17
CA LYS B 41 -16.89 10.00 -27.26
C LYS B 41 -18.15 9.35 -26.71
N GLY A 1 -15.41 -15.17 28.92
CA GLY A 1 -14.86 -13.83 28.56
C GLY A 1 -13.89 -13.96 27.40
N ALA A 2 -12.67 -13.49 27.59
CA ALA A 2 -11.65 -13.56 26.54
C ALA A 2 -12.13 -12.85 25.28
N MET A 3 -12.22 -11.53 25.36
CA MET A 3 -12.66 -10.72 24.21
C MET A 3 -12.04 -9.33 24.26
N GLY A 4 -12.00 -8.68 23.11
CA GLY A 4 -11.43 -7.33 23.03
C GLY A 4 -11.37 -6.85 21.59
N ASN A 5 -10.54 -5.84 21.34
CA ASN A 5 -10.41 -5.29 19.99
C ASN A 5 -9.83 -6.34 19.05
N GLU A 6 -10.07 -6.16 17.76
CA GLU A 6 -9.56 -7.10 16.76
C GLU A 6 -9.82 -6.58 15.35
N TYR A 7 -10.56 -5.49 15.26
CA TYR A 7 -10.88 -4.89 13.96
C TYR A 7 -9.75 -4.00 13.49
N LYS A 8 -9.50 -3.99 12.18
CA LYS A 8 -8.44 -3.17 11.60
C LYS A 8 -8.99 -1.83 11.14
N ASP A 9 -8.22 -0.76 11.35
CA ASP A 9 -8.65 0.58 10.94
C ASP A 9 -7.80 1.10 9.79
N ASN A 10 -6.48 0.95 9.90
CA ASN A 10 -5.56 1.41 8.86
C ASN A 10 -5.27 0.29 7.86
N ALA A 11 -5.25 0.64 6.58
CA ALA A 11 -4.99 -0.34 5.53
C ALA A 11 -3.51 -0.34 5.15
N TYR A 12 -2.94 -1.53 4.98
CA TYR A 12 -1.52 -1.65 4.61
C TYR A 12 -1.36 -2.64 3.44
N ILE A 13 -0.22 -2.54 2.75
CA ILE A 13 0.06 -3.45 1.63
C ILE A 13 1.50 -3.95 1.71
N TYR A 14 1.70 -5.21 1.33
CA TYR A 14 3.04 -5.81 1.36
C TYR A 14 3.72 -5.67 0.00
N ILE A 15 4.88 -5.01 -0.01
CA ILE A 15 5.62 -4.81 -1.25
C ILE A 15 6.94 -5.59 -1.21
N GLY A 16 7.10 -6.53 -2.14
CA GLY A 16 8.31 -7.35 -2.19
C GLY A 16 8.90 -7.38 -3.60
N ASN A 17 9.99 -8.12 -3.77
CA ASN A 17 10.64 -8.21 -5.06
C ASN A 17 10.96 -6.83 -5.60
N LEU A 18 11.43 -5.95 -4.71
CA LEU A 18 11.78 -4.58 -5.11
C LEU A 18 13.29 -4.45 -5.34
N ASN A 19 13.67 -3.47 -6.13
CA ASN A 19 15.09 -3.25 -6.44
C ASN A 19 15.81 -2.65 -5.22
N ARG A 20 17.07 -3.00 -5.05
CA ARG A 20 17.86 -2.50 -3.93
C ARG A 20 18.06 -1.00 -4.06
N GLU A 21 18.31 -0.54 -5.27
CA GLU A 21 18.52 0.89 -5.52
C GLU A 21 17.26 1.67 -5.17
N LEU A 22 16.10 1.04 -5.33
CA LEU A 22 14.84 1.71 -5.04
C LEU A 22 14.83 2.23 -3.59
N THR A 23 14.81 3.55 -3.45
CA THR A 23 14.79 4.16 -2.12
C THR A 23 13.37 4.49 -1.70
N GLU A 24 13.22 5.06 -0.51
CA GLU A 24 11.89 5.41 0.00
C GLU A 24 11.22 6.42 -0.93
N GLY A 25 11.98 7.42 -1.37
CA GLY A 25 11.45 8.44 -2.26
C GLY A 25 10.99 7.82 -3.58
N ASP A 26 11.80 6.91 -4.11
CA ASP A 26 11.48 6.27 -5.38
C ASP A 26 10.17 5.50 -5.26
N ILE A 27 9.99 4.79 -4.15
CA ILE A 27 8.77 4.02 -3.94
C ILE A 27 7.56 4.94 -3.89
N LEU A 28 7.69 6.07 -3.19
CA LEU A 28 6.60 7.01 -3.07
C LEU A 28 6.15 7.50 -4.44
N THR A 29 7.11 7.86 -5.29
CA THR A 29 6.79 8.37 -6.62
C THR A 29 6.05 7.32 -7.45
N VAL A 30 6.48 6.06 -7.32
CA VAL A 30 5.86 4.98 -8.09
C VAL A 30 4.37 4.86 -7.76
N PHE A 31 4.05 4.81 -6.47
CA PHE A 31 2.66 4.68 -6.04
C PHE A 31 2.01 6.05 -5.85
N SER A 32 2.83 7.09 -5.83
CA SER A 32 2.32 8.45 -5.61
C SER A 32 1.07 8.73 -6.43
N GLU A 33 1.17 8.56 -7.75
CA GLU A 33 0.03 8.82 -8.63
C GLU A 33 -1.11 7.85 -8.34
N TYR A 34 -0.78 6.69 -7.81
CA TYR A 34 -1.78 5.67 -7.51
C TYR A 34 -2.26 5.76 -6.07
N GLY A 35 -2.32 6.98 -5.53
CA GLY A 35 -2.76 7.17 -4.14
C GLY A 35 -1.56 7.26 -3.20
N VAL A 36 -0.85 8.38 -3.27
CA VAL A 36 0.34 8.54 -2.44
C VAL A 36 0.02 8.33 -0.96
N PRO A 37 0.79 7.51 -0.28
CA PRO A 37 0.60 7.20 1.17
C PRO A 37 1.01 8.37 2.05
N VAL A 38 0.55 8.36 3.29
CA VAL A 38 0.88 9.43 4.22
C VAL A 38 2.16 9.10 4.98
N ASP A 39 2.57 7.84 4.91
CA ASP A 39 3.78 7.41 5.61
C ASP A 39 4.22 6.02 5.12
N VAL A 40 5.53 5.77 5.15
CA VAL A 40 6.06 4.47 4.73
C VAL A 40 7.04 3.94 5.77
N ILE A 41 6.84 2.70 6.19
CA ILE A 41 7.71 2.10 7.19
C ILE A 41 8.68 1.10 6.56
N LEU A 42 9.98 1.44 6.59
CA LEU A 42 11.00 0.56 6.03
C LEU A 42 11.88 0.00 7.14
N SER A 43 11.62 -1.25 7.50
CA SER A 43 12.39 -1.90 8.56
C SER A 43 13.65 -2.54 7.99
N ARG A 44 14.71 -2.57 8.80
CA ARG A 44 15.97 -3.18 8.37
C ARG A 44 16.77 -3.67 9.57
N ASP A 45 17.50 -4.76 9.38
CA ASP A 45 18.30 -5.33 10.46
C ASP A 45 19.68 -4.70 10.49
N GLU A 46 20.10 -4.23 11.66
CA GLU A 46 21.40 -3.61 11.82
C GLU A 46 22.51 -4.66 11.77
N ASN A 47 22.14 -5.92 11.99
CA ASN A 47 23.11 -7.01 11.97
C ASN A 47 23.72 -7.17 10.59
N THR A 48 22.90 -7.01 9.55
CA THR A 48 23.37 -7.13 8.17
C THR A 48 23.10 -5.85 7.39
N GLY A 49 22.12 -5.08 7.85
CA GLY A 49 21.77 -3.83 7.18
C GLY A 49 20.64 -4.03 6.18
N GLU A 50 20.34 -5.30 5.90
CA GLU A 50 19.28 -5.63 4.94
C GLU A 50 18.92 -7.10 5.04
N SER A 51 17.62 -7.40 4.99
CA SER A 51 17.15 -8.78 5.06
C SER A 51 15.84 -8.94 4.29
N GLN A 52 15.90 -9.69 3.19
CA GLN A 52 14.71 -9.92 2.37
C GLN A 52 14.28 -8.62 1.67
N GLY A 53 14.46 -7.49 2.36
CA GLY A 53 14.07 -6.21 1.79
C GLY A 53 12.56 -6.01 1.85
N PHE A 54 11.96 -6.42 2.96
CA PHE A 54 10.51 -6.27 3.13
C PHE A 54 10.17 -4.86 3.61
N ALA A 55 8.94 -4.43 3.30
CA ALA A 55 8.51 -3.10 3.71
C ALA A 55 6.98 -3.04 3.81
N TYR A 56 6.47 -2.09 4.60
CA TYR A 56 5.03 -1.94 4.77
C TYR A 56 4.60 -0.54 4.36
N LEU A 57 3.64 -0.46 3.43
CA LEU A 57 3.15 0.84 2.96
C LEU A 57 1.82 1.20 3.63
N LYS A 58 1.71 2.44 4.10
CA LYS A 58 0.48 2.89 4.75
C LYS A 58 -0.41 3.62 3.76
N TYR A 59 -1.46 2.94 3.29
CA TYR A 59 -2.38 3.54 2.34
C TYR A 59 -3.56 4.19 3.08
N GLU A 60 -3.87 5.43 2.71
CA GLU A 60 -4.99 6.15 3.33
C GLU A 60 -6.31 5.49 2.97
N ASP A 61 -6.45 5.09 1.70
CA ASP A 61 -7.67 4.45 1.23
C ASP A 61 -7.42 2.97 0.95
N GLN A 62 -8.30 2.12 1.48
CA GLN A 62 -8.16 0.68 1.29
C GLN A 62 -8.58 0.28 -0.12
N ARG A 63 -9.48 1.07 -0.71
CA ARG A 63 -9.96 0.79 -2.06
C ARG A 63 -8.93 1.22 -3.10
N SER A 64 -8.21 2.29 -2.81
CA SER A 64 -7.20 2.80 -3.73
C SER A 64 -6.11 1.76 -3.95
N THR A 65 -5.75 1.04 -2.90
CA THR A 65 -4.71 0.02 -2.99
C THR A 65 -4.94 -0.87 -4.20
N ILE A 66 -6.20 -1.03 -4.58
CA ILE A 66 -6.54 -1.88 -5.73
C ILE A 66 -5.92 -1.33 -7.01
N LEU A 67 -5.96 -0.01 -7.16
CA LEU A 67 -5.41 0.62 -8.36
C LEU A 67 -3.93 0.29 -8.52
N ALA A 68 -3.16 0.49 -7.46
CA ALA A 68 -1.73 0.22 -7.51
C ALA A 68 -1.45 -1.25 -7.76
N VAL A 69 -2.17 -2.10 -7.04
CA VAL A 69 -1.96 -3.54 -7.17
C VAL A 69 -1.97 -3.96 -8.63
N ASP A 70 -3.14 -3.92 -9.26
CA ASP A 70 -3.26 -4.36 -10.64
C ASP A 70 -2.36 -3.55 -11.58
N ASN A 71 -2.26 -2.25 -11.33
CA ASN A 71 -1.46 -1.37 -12.18
C ASN A 71 0.03 -1.72 -12.13
N LEU A 72 0.54 -1.97 -10.92
CA LEU A 72 1.98 -2.27 -10.75
C LEU A 72 2.23 -3.79 -10.72
N ASN A 73 1.20 -4.56 -10.39
CA ASN A 73 1.33 -6.02 -10.32
C ASN A 73 1.69 -6.60 -11.68
N GLY A 74 2.86 -7.22 -11.75
CA GLY A 74 3.31 -7.82 -13.01
C GLY A 74 4.11 -6.81 -13.83
N PHE A 75 4.09 -5.56 -13.41
CA PHE A 75 4.82 -4.51 -14.12
C PHE A 75 6.31 -4.58 -13.81
N LYS A 76 7.11 -4.67 -14.86
CA LYS A 76 8.55 -4.73 -14.67
C LYS A 76 9.10 -3.33 -14.40
N ILE A 77 9.79 -3.18 -13.29
CA ILE A 77 10.35 -1.89 -12.92
C ILE A 77 11.76 -2.06 -12.37
N GLY A 78 12.69 -1.26 -12.89
CA GLY A 78 14.08 -1.34 -12.45
C GLY A 78 14.72 -2.62 -12.93
N GLY A 79 14.05 -3.31 -13.85
CA GLY A 79 14.55 -4.57 -14.39
C GLY A 79 13.95 -5.76 -13.65
N ARG A 80 13.42 -5.51 -12.45
CA ARG A 80 12.80 -6.58 -11.65
C ARG A 80 11.32 -6.28 -11.40
N ALA A 81 10.49 -7.32 -11.47
CA ALA A 81 9.06 -7.15 -11.24
C ALA A 81 8.75 -7.11 -9.74
N LEU A 82 7.97 -6.12 -9.31
CA LEU A 82 7.61 -5.97 -7.90
C LEU A 82 6.29 -6.70 -7.62
N LYS A 83 6.08 -7.08 -6.35
CA LYS A 83 4.85 -7.77 -5.97
C LYS A 83 4.14 -7.02 -4.84
N ILE A 84 2.88 -6.64 -5.09
CA ILE A 84 2.09 -5.91 -4.08
C ILE A 84 0.91 -6.75 -3.63
N ASP A 85 0.78 -6.95 -2.32
CA ASP A 85 -0.31 -7.73 -1.77
C ASP A 85 -0.98 -6.99 -0.60
N HIS A 86 -2.21 -7.34 -0.30
CA HIS A 86 -2.94 -6.71 0.79
C HIS A 86 -2.31 -7.07 2.13
N THR A 87 -2.20 -6.08 3.02
CA THR A 87 -1.61 -6.31 4.34
C THR A 87 -2.47 -5.66 5.42
N PHE A 88 -2.80 -6.44 6.46
CA PHE A 88 -3.63 -5.94 7.54
C PHE A 88 -2.77 -5.56 8.74
N TYR A 89 -1.55 -5.10 8.47
CA TYR A 89 -0.63 -4.71 9.52
C TYR A 89 -1.25 -3.63 10.39
N ARG A 90 -1.26 -3.85 11.70
CA ARG A 90 -1.83 -2.88 12.64
C ARG A 90 -0.72 -2.02 13.27
N PRO A 91 -0.75 -0.71 13.07
CA PRO A 91 0.27 0.24 13.63
C PRO A 91 0.10 0.44 15.13
N LYS A 92 1.23 0.49 15.84
CA LYS A 92 1.19 0.69 17.29
C LYS A 92 0.62 2.06 17.63
N ARG A 93 0.99 3.07 16.83
CA ARG A 93 0.51 4.42 17.07
C ARG A 93 -1.00 4.50 16.87
N SER A 94 -1.67 5.28 17.72
CA SER A 94 -3.12 5.43 17.62
C SER A 94 -3.50 6.90 17.43
N LEU A 95 -2.80 7.78 18.17
CA LEU A 95 -3.07 9.21 18.07
C LEU A 95 -2.20 9.84 17.00
N GLN A 96 -2.83 10.41 15.97
CA GLN A 96 -2.11 11.04 14.88
C GLN A 96 -2.78 12.35 14.47
N LYS A 97 -3.22 13.12 15.47
CA LYS A 97 -3.89 14.38 15.21
C LYS A 97 -5.07 14.17 14.27
N TYR A 98 -5.78 13.06 14.47
CA TYR A 98 -6.93 12.75 13.63
C TYR A 98 -8.14 13.60 14.03
N TYR A 99 -7.87 14.78 14.60
CA TYR A 99 -8.94 15.68 15.02
C TYR A 99 -9.87 15.98 13.86
N GLU A 100 -9.31 16.10 12.66
CA GLU A 100 -10.10 16.39 11.47
C GLU A 100 -11.14 15.30 11.25
N ALA A 101 -10.76 14.05 11.52
CA ALA A 101 -11.67 12.92 11.34
C ALA A 101 -12.45 12.65 12.63
N VAL A 102 -13.68 13.17 12.69
CA VAL A 102 -14.52 12.96 13.88
C VAL A 102 -15.98 12.77 13.46
N LYS A 103 -16.40 13.49 12.44
CA LYS A 103 -17.78 13.40 11.96
C LYS A 103 -17.94 14.15 10.64
N GLU A 104 -17.31 15.32 10.55
CA GLU A 104 -17.40 16.13 9.34
C GLU A 104 -16.81 15.37 8.15
N GLU A 105 -15.72 14.64 8.41
CA GLU A 105 -15.07 13.88 7.35
C GLU A 105 -16.01 12.79 6.83
N LEU A 106 -16.64 12.07 7.75
CA LEU A 106 -17.56 11.00 7.38
C LEU A 106 -18.75 11.56 6.60
N ASP A 107 -19.30 12.66 7.10
CA ASP A 107 -20.44 13.29 6.44
C ASP A 107 -19.98 14.13 5.26
N ARG A 108 -20.61 13.91 4.10
CA ARG A 108 -20.26 14.65 2.89
C ARG A 108 -21.32 15.69 2.58
N ASP A 109 -21.21 16.32 1.41
CA ASP A 109 -22.17 17.34 1.00
C ASP A 109 -23.51 16.70 0.68
N ILE A 110 -24.59 17.40 1.05
CA ILE A 110 -25.94 16.89 0.79
C ILE A 110 -26.90 18.03 0.48
N VAL A 111 -28.17 17.70 0.27
CA VAL A 111 -29.18 18.71 -0.03
C VAL A 111 -30.41 18.53 0.87
N SER A 112 -31.13 19.62 1.10
CA SER A 112 -32.33 19.57 1.94
C SER A 112 -33.58 19.42 1.09
N LYS A 113 -33.46 18.68 -0.01
CA LYS A 113 -34.58 18.46 -0.91
C LYS A 113 -35.70 17.71 -0.18
N ASN A 114 -35.32 16.72 0.60
CA ASN A 114 -36.31 15.93 1.35
C ASN A 114 -37.33 15.31 0.41
N ASN A 115 -38.15 14.41 0.94
CA ASN A 115 -39.17 13.75 0.13
C ASN A 115 -40.32 14.70 -0.16
N ALA A 116 -40.59 14.92 -1.44
CA ALA A 116 -41.68 15.81 -1.84
C ALA A 116 -43.02 15.30 -1.30
N GLU A 117 -43.21 13.99 -1.34
CA GLU A 117 -44.45 13.39 -0.85
C GLU A 117 -44.36 13.13 0.66
N LYS A 118 -45.45 13.41 1.36
CA LYS A 118 -45.48 13.19 2.80
C LYS A 118 -44.25 13.81 3.46
N TYR B 1 -23.46 15.20 -20.65
CA TYR B 1 -23.24 15.27 -19.18
C TYR B 1 -22.80 13.90 -18.68
N ASP B 2 -23.64 12.89 -18.91
CA ASP B 2 -23.34 11.53 -18.48
C ASP B 2 -22.09 11.01 -19.18
N LYS B 3 -21.29 10.24 -18.47
CA LYS B 3 -20.06 9.68 -19.04
C LYS B 3 -20.36 8.39 -19.80
N PRO B 4 -19.63 8.13 -20.87
CA PRO B 4 -19.81 6.90 -21.70
C PRO B 4 -19.37 5.63 -20.97
N ALA B 5 -18.11 5.63 -20.52
CA ALA B 5 -17.57 4.48 -19.81
C ALA B 5 -16.12 4.72 -19.44
N PRO B 6 -15.87 5.38 -18.33
CA PRO B 6 -14.49 5.69 -17.85
C PRO B 6 -13.63 4.43 -17.73
N GLU B 7 -12.38 4.52 -18.19
CA GLU B 7 -11.47 3.38 -18.13
C GLU B 7 -11.21 2.99 -16.67
N ASN B 8 -11.00 3.98 -15.82
CA ASN B 8 -10.75 3.73 -14.41
C ASN B 8 -12.03 3.87 -13.59
N ARG B 9 -12.25 2.92 -12.67
CA ARG B 9 -13.44 2.95 -11.83
C ARG B 9 -13.24 3.88 -10.64
N PHE B 10 -12.01 4.38 -10.48
CA PHE B 10 -11.69 5.27 -9.38
C PHE B 10 -11.47 6.70 -9.89
N ALA B 11 -11.00 7.57 -8.99
CA ALA B 11 -10.74 8.96 -9.36
C ALA B 11 -9.67 9.56 -8.47
N ILE B 12 -8.58 8.81 -8.26
CA ILE B 12 -7.49 9.28 -7.40
C ILE B 12 -6.66 10.32 -8.15
N MET B 13 -6.55 11.52 -7.58
CA MET B 13 -5.78 12.59 -8.19
C MET B 13 -4.27 12.36 -8.01
N PRO B 14 -3.46 12.89 -8.92
CA PRO B 14 -1.97 12.76 -8.86
C PRO B 14 -1.39 13.21 -7.51
N GLY B 15 -0.40 12.49 -7.01
CA GLY B 15 0.23 12.82 -5.75
C GLY B 15 1.31 13.89 -5.92
N SER B 16 1.50 14.72 -4.91
CA SER B 16 2.51 15.77 -4.97
C SER B 16 3.91 15.18 -5.07
N ARG B 17 4.13 14.09 -4.34
CA ARG B 17 5.44 13.43 -4.35
C ARG B 17 5.65 12.67 -5.66
N TRP B 18 4.68 12.77 -6.56
CA TRP B 18 4.77 12.09 -7.84
C TRP B 18 5.98 12.57 -8.64
N ASP B 19 6.55 13.69 -8.21
CA ASP B 19 7.71 14.25 -8.89
C ASP B 19 7.44 14.44 -10.38
N GLY B 20 6.21 14.13 -10.80
CA GLY B 20 5.83 14.26 -12.20
C GLY B 20 6.51 13.20 -13.06
N VAL B 21 7.02 12.15 -12.41
CA VAL B 21 7.68 11.07 -13.12
C VAL B 21 6.66 10.19 -13.84
N HIS B 22 7.01 9.75 -15.04
CA HIS B 22 6.11 8.89 -15.82
C HIS B 22 5.96 7.53 -15.16
N ARG B 23 4.76 6.94 -15.27
CA ARG B 23 4.49 5.63 -14.68
C ARG B 23 3.65 4.78 -15.63
N SER B 24 3.80 3.46 -15.54
CA SER B 24 3.04 2.55 -16.39
C SER B 24 1.66 2.28 -15.81
N ASN B 25 0.76 1.79 -16.63
CA ASN B 25 -0.60 1.49 -16.20
C ASN B 25 -1.24 2.73 -15.56
N GLY B 26 -0.97 3.89 -16.15
CA GLY B 26 -1.53 5.14 -15.64
C GLY B 26 -1.63 6.19 -16.74
N PHE B 27 -1.30 5.78 -17.97
CA PHE B 27 -1.35 6.70 -19.10
C PHE B 27 -2.77 7.19 -19.33
N GLU B 28 -3.73 6.26 -19.26
CA GLU B 28 -5.13 6.61 -19.47
C GLU B 28 -5.58 7.67 -18.47
N GLU B 29 -4.85 7.78 -17.37
CA GLU B 29 -5.19 8.76 -16.33
C GLU B 29 -5.24 10.16 -16.91
N LYS B 30 -4.46 10.39 -17.96
CA LYS B 30 -4.42 11.71 -18.59
C LYS B 30 -5.84 12.17 -18.94
N TRP B 31 -6.68 11.23 -19.35
CA TRP B 31 -8.05 11.56 -19.71
C TRP B 31 -8.81 12.11 -18.50
N PHE B 32 -8.63 11.46 -17.36
CA PHE B 32 -9.30 11.89 -16.13
C PHE B 32 -8.79 13.27 -15.71
N ALA B 33 -7.50 13.51 -15.93
CA ALA B 33 -6.91 14.79 -15.56
C ALA B 33 -7.62 15.93 -16.27
N LYS B 34 -7.84 15.79 -17.56
CA LYS B 34 -8.52 16.81 -18.34
C LYS B 34 -9.98 16.91 -17.90
N GLN B 35 -10.58 15.77 -17.60
CA GLN B 35 -11.97 15.73 -17.18
C GLN B 35 -12.17 16.56 -15.90
N ASN B 36 -11.24 16.41 -14.96
CA ASN B 36 -11.31 17.14 -13.70
C ASN B 36 -11.10 18.64 -13.92
N GLU B 37 -10.21 18.96 -14.87
CA GLU B 37 -9.90 20.36 -15.15
C GLU B 37 -11.16 21.11 -15.58
N ILE B 38 -11.96 20.49 -16.45
CA ILE B 38 -13.18 21.11 -16.93
C ILE B 38 -14.28 21.03 -15.88
N ASN B 39 -15.51 21.33 -16.28
CA ASN B 39 -16.64 21.29 -15.35
C ASN B 39 -16.38 22.17 -14.15
N GLU B 40 -15.73 23.32 -14.38
CA GLU B 40 -15.41 24.24 -13.30
C GLU B 40 -16.69 24.80 -12.68
N LYS B 41 -17.68 25.10 -13.52
CA LYS B 41 -18.95 25.64 -13.05
C LYS B 41 -20.09 25.22 -13.98
N GLY A 1 -4.14 8.27 25.70
CA GLY A 1 -4.26 7.89 24.27
C GLY A 1 -5.21 8.86 23.56
N ALA A 2 -5.99 8.35 22.62
CA ALA A 2 -6.93 9.18 21.87
C ALA A 2 -8.27 9.24 22.59
N MET A 3 -8.25 9.11 23.91
CA MET A 3 -9.47 9.16 24.70
C MET A 3 -10.48 8.16 24.16
N GLY A 4 -11.43 8.66 23.37
CA GLY A 4 -12.46 7.79 22.79
C GLY A 4 -11.84 6.81 21.80
N ASN A 5 -12.35 5.59 21.81
CA ASN A 5 -11.84 4.56 20.90
C ASN A 5 -12.14 4.92 19.46
N GLU A 6 -11.26 4.51 18.55
CA GLU A 6 -11.45 4.79 17.12
C GLU A 6 -11.24 3.52 16.29
N TYR A 7 -11.98 3.41 15.20
CA TYR A 7 -11.89 2.23 14.33
C TYR A 7 -11.00 2.52 13.14
N LYS A 8 -10.27 1.51 12.67
CA LYS A 8 -9.38 1.67 11.52
C LYS A 8 -9.46 0.44 10.61
N ASP A 9 -9.18 0.64 9.33
CA ASP A 9 -9.21 -0.45 8.36
C ASP A 9 -8.01 -1.37 8.52
N ASN A 10 -6.92 -0.82 9.05
CA ASN A 10 -5.69 -1.60 9.24
C ASN A 10 -5.25 -2.22 7.92
N ALA A 11 -5.35 -1.44 6.84
CA ALA A 11 -4.95 -1.93 5.51
C ALA A 11 -3.47 -1.68 5.27
N TYR A 12 -2.76 -2.74 4.89
CA TYR A 12 -1.31 -2.64 4.61
C TYR A 12 -0.96 -3.37 3.32
N ILE A 13 -0.06 -2.78 2.53
CA ILE A 13 0.36 -3.38 1.25
C ILE A 13 1.75 -3.99 1.40
N TYR A 14 1.86 -5.30 1.19
CA TYR A 14 3.13 -5.99 1.30
C TYR A 14 3.91 -5.84 0.01
N ILE A 15 5.13 -5.30 0.11
CA ILE A 15 5.98 -5.10 -1.07
C ILE A 15 7.17 -6.05 -1.03
N GLY A 16 7.36 -6.82 -2.11
CA GLY A 16 8.47 -7.77 -2.19
C GLY A 16 9.14 -7.70 -3.56
N ASN A 17 10.27 -8.41 -3.70
CA ASN A 17 11.00 -8.43 -4.95
C ASN A 17 11.35 -7.00 -5.39
N LEU A 18 11.68 -6.16 -4.42
CA LEU A 18 12.04 -4.77 -4.70
C LEU A 18 13.55 -4.63 -4.84
N ASN A 19 13.98 -3.75 -5.73
CA ASN A 19 15.41 -3.52 -5.95
C ASN A 19 15.97 -2.59 -4.88
N ARG A 20 17.17 -2.90 -4.39
CA ARG A 20 17.81 -2.08 -3.37
C ARG A 20 18.01 -0.65 -3.87
N GLU A 21 18.00 -0.49 -5.19
CA GLU A 21 18.19 0.83 -5.79
C GLU A 21 17.01 1.74 -5.46
N LEU A 22 15.87 1.13 -5.12
CA LEU A 22 14.67 1.89 -4.80
C LEU A 22 14.69 2.30 -3.33
N THR A 23 14.56 3.60 -3.08
CA THR A 23 14.56 4.12 -1.70
C THR A 23 13.16 4.55 -1.30
N GLU A 24 13.06 5.20 -0.15
CA GLU A 24 11.76 5.66 0.34
C GLU A 24 11.16 6.69 -0.61
N GLY A 25 12.00 7.60 -1.09
CA GLY A 25 11.54 8.62 -2.01
C GLY A 25 11.05 8.02 -3.33
N ASP A 26 11.78 7.02 -3.82
CA ASP A 26 11.41 6.37 -5.08
C ASP A 26 10.05 5.70 -4.96
N ILE A 27 9.81 5.04 -3.83
CA ILE A 27 8.55 4.36 -3.61
C ILE A 27 7.41 5.37 -3.52
N LEU A 28 7.66 6.47 -2.82
CA LEU A 28 6.64 7.51 -2.67
C LEU A 28 6.19 8.02 -4.02
N THR A 29 7.15 8.26 -4.92
CA THR A 29 6.81 8.75 -6.25
C THR A 29 5.95 7.75 -7.00
N VAL A 30 6.29 6.46 -6.89
CA VAL A 30 5.54 5.43 -7.60
C VAL A 30 4.08 5.38 -7.14
N PHE A 31 3.88 5.33 -5.84
CA PHE A 31 2.52 5.27 -5.29
C PHE A 31 1.85 6.65 -5.34
N SER A 32 2.65 7.68 -5.47
CA SER A 32 2.13 9.05 -5.52
C SER A 32 1.28 9.28 -6.74
N GLU A 33 1.41 8.41 -7.71
CA GLU A 33 0.63 8.54 -8.94
C GLU A 33 -0.86 8.29 -8.67
N TYR A 34 -1.16 7.36 -7.76
CA TYR A 34 -2.55 6.99 -7.43
C TYR A 34 -2.85 7.15 -5.92
N GLY A 35 -2.38 8.24 -5.29
CA GLY A 35 -2.60 8.40 -3.85
C GLY A 35 -1.32 8.20 -3.02
N VAL A 36 -0.51 9.25 -2.93
CA VAL A 36 0.76 9.16 -2.21
C VAL A 36 0.52 8.69 -0.76
N PRO A 37 1.32 7.72 -0.31
CA PRO A 37 1.20 7.14 1.06
C PRO A 37 1.39 8.19 2.15
N VAL A 38 0.72 7.99 3.28
CA VAL A 38 0.83 8.92 4.39
C VAL A 38 1.92 8.45 5.35
N ASP A 39 2.19 7.15 5.34
CA ASP A 39 3.22 6.58 6.22
C ASP A 39 3.79 5.30 5.63
N VAL A 40 5.12 5.21 5.58
CA VAL A 40 5.78 4.01 5.03
C VAL A 40 6.75 3.43 6.06
N ILE A 41 6.63 2.12 6.31
CA ILE A 41 7.49 1.46 7.29
C ILE A 41 8.56 0.61 6.60
N LEU A 42 9.82 0.92 6.87
CA LEU A 42 10.93 0.17 6.27
C LEU A 42 11.48 -0.85 7.26
N SER A 43 11.22 -2.12 6.99
CA SER A 43 11.69 -3.19 7.88
C SER A 43 13.19 -3.41 7.72
N ARG A 44 13.95 -3.10 8.78
CA ARG A 44 15.41 -3.28 8.74
C ARG A 44 15.88 -3.99 10.00
N ASP A 45 16.90 -4.84 9.84
CA ASP A 45 17.43 -5.59 10.98
C ASP A 45 18.38 -4.73 11.81
N GLU A 46 18.17 -4.70 13.11
CA GLU A 46 19.02 -3.91 14.00
C GLU A 46 20.43 -4.50 14.06
N ASN A 47 20.54 -5.77 13.69
CA ASN A 47 21.84 -6.45 13.72
C ASN A 47 22.81 -5.79 12.74
N THR A 48 22.29 -5.41 11.56
CA THR A 48 23.12 -4.77 10.54
C THR A 48 22.44 -3.51 10.00
N GLY A 49 21.13 -3.59 9.79
CA GLY A 49 20.37 -2.45 9.29
C GLY A 49 20.66 -2.23 7.81
N GLU A 50 20.95 -3.31 7.09
CA GLU A 50 21.25 -3.22 5.66
C GLU A 50 20.46 -4.27 4.88
N SER A 51 19.95 -3.89 3.71
CA SER A 51 19.19 -4.82 2.87
C SER A 51 17.87 -5.18 3.56
N GLN A 52 16.77 -4.67 3.02
CA GLN A 52 15.44 -4.97 3.58
C GLN A 52 14.84 -6.23 2.94
N GLY A 53 14.56 -6.15 1.65
CA GLY A 53 13.98 -7.28 0.92
C GLY A 53 12.46 -7.20 0.92
N PHE A 54 11.91 -6.37 1.79
CA PHE A 54 10.46 -6.20 1.88
C PHE A 54 10.11 -4.98 2.73
N ALA A 55 8.88 -4.48 2.56
CA ALA A 55 8.43 -3.32 3.32
C ALA A 55 6.90 -3.28 3.40
N TYR A 56 6.37 -2.45 4.30
CA TYR A 56 4.91 -2.33 4.46
C TYR A 56 4.45 -0.92 4.09
N LEU A 57 3.29 -0.82 3.45
CA LEU A 57 2.74 0.48 3.03
C LEU A 57 1.40 0.78 3.71
N LYS A 58 1.27 1.98 4.27
CA LYS A 58 0.01 2.38 4.92
C LYS A 58 -0.43 3.76 4.43
N TYR A 59 -1.55 3.81 3.71
CA TYR A 59 -2.10 5.08 3.20
C TYR A 59 -3.45 5.37 3.84
N GLU A 60 -3.75 6.65 4.04
CA GLU A 60 -5.01 7.05 4.65
C GLU A 60 -6.19 6.44 3.89
N ASP A 61 -5.94 6.02 2.65
CA ASP A 61 -6.99 5.41 1.82
C ASP A 61 -6.62 3.99 1.41
N GLN A 62 -7.47 3.03 1.77
CA GLN A 62 -7.22 1.63 1.43
C GLN A 62 -7.56 1.36 -0.03
N ARG A 63 -8.39 2.22 -0.61
CA ARG A 63 -8.80 2.05 -1.99
C ARG A 63 -7.60 2.15 -2.93
N SER A 64 -6.60 2.92 -2.52
CA SER A 64 -5.39 3.09 -3.33
C SER A 64 -4.71 1.75 -3.58
N THR A 65 -4.84 0.83 -2.63
CA THR A 65 -4.23 -0.48 -2.76
C THR A 65 -4.78 -1.20 -3.98
N ILE A 66 -6.07 -1.00 -4.26
CA ILE A 66 -6.70 -1.64 -5.40
C ILE A 66 -6.03 -1.20 -6.71
N LEU A 67 -5.84 0.10 -6.86
CA LEU A 67 -5.21 0.64 -8.06
C LEU A 67 -3.77 0.17 -8.18
N ALA A 68 -3.09 0.09 -7.04
CA ALA A 68 -1.70 -0.34 -7.03
C ALA A 68 -1.54 -1.71 -7.66
N VAL A 69 -2.31 -2.67 -7.18
CA VAL A 69 -2.26 -4.03 -7.70
C VAL A 69 -2.88 -4.10 -9.09
N ASP A 70 -3.69 -3.12 -9.42
CA ASP A 70 -4.35 -3.09 -10.71
C ASP A 70 -3.38 -2.78 -11.86
N ASN A 71 -2.35 -1.97 -11.59
CA ASN A 71 -1.37 -1.58 -12.62
C ASN A 71 0.06 -2.08 -12.34
N LEU A 72 0.48 -2.01 -11.07
CA LEU A 72 1.83 -2.42 -10.70
C LEU A 72 2.00 -3.95 -10.67
N ASN A 73 0.90 -4.66 -10.45
CA ASN A 73 0.96 -6.12 -10.42
C ASN A 73 1.27 -6.67 -11.80
N GLY A 74 2.36 -7.43 -11.90
CA GLY A 74 2.76 -8.02 -13.17
C GLY A 74 3.48 -6.99 -14.04
N PHE A 75 3.84 -5.85 -13.46
CA PHE A 75 4.54 -4.79 -14.19
C PHE A 75 6.01 -4.76 -13.82
N LYS A 76 6.87 -4.69 -14.84
CA LYS A 76 8.31 -4.66 -14.60
C LYS A 76 8.72 -3.25 -14.21
N ILE A 77 9.16 -3.09 -12.95
CA ILE A 77 9.58 -1.78 -12.46
C ILE A 77 11.10 -1.63 -12.56
N GLY A 78 11.57 -0.65 -13.34
CA GLY A 78 13.01 -0.41 -13.50
C GLY A 78 13.84 -1.67 -13.22
N GLY A 79 13.55 -2.75 -13.95
CA GLY A 79 14.25 -4.01 -13.76
C GLY A 79 13.28 -5.19 -13.70
N ARG A 80 13.18 -5.84 -12.53
CA ARG A 80 12.29 -6.98 -12.36
C ARG A 80 10.91 -6.53 -11.86
N ALA A 81 9.96 -7.47 -11.83
CA ALA A 81 8.61 -7.16 -11.37
C ALA A 81 8.52 -7.20 -9.85
N LEU A 82 7.81 -6.24 -9.26
CA LEU A 82 7.65 -6.18 -7.82
C LEU A 82 6.42 -6.98 -7.38
N LYS A 83 6.44 -7.47 -6.13
CA LYS A 83 5.32 -8.26 -5.61
C LYS A 83 4.39 -7.40 -4.75
N ILE A 84 3.13 -7.26 -5.17
CA ILE A 84 2.15 -6.44 -4.43
C ILE A 84 1.09 -7.36 -3.83
N ASP A 85 0.88 -7.23 -2.52
CA ASP A 85 -0.11 -8.06 -1.84
C ASP A 85 -0.54 -7.40 -0.54
N HIS A 86 -1.79 -7.64 -0.13
CA HIS A 86 -2.31 -7.06 1.10
C HIS A 86 -1.90 -7.92 2.29
N THR A 87 -1.76 -7.28 3.46
CA THR A 87 -1.37 -8.01 4.67
C THR A 87 -2.03 -7.38 5.89
N PHE A 88 -2.17 -8.17 6.96
CA PHE A 88 -2.80 -7.69 8.20
C PHE A 88 -1.73 -7.41 9.25
N TYR A 89 -0.48 -7.40 8.84
CA TYR A 89 0.63 -7.14 9.76
C TYR A 89 0.33 -5.90 10.62
N ARG A 90 0.54 -6.03 11.94
CA ARG A 90 0.31 -4.91 12.86
C ARG A 90 1.49 -3.93 12.84
N PRO A 91 1.22 -2.63 12.92
CA PRO A 91 2.29 -1.58 12.93
C PRO A 91 2.97 -1.48 14.29
N LYS A 92 4.12 -0.80 14.31
CA LYS A 92 4.87 -0.63 15.56
C LYS A 92 5.23 -1.98 16.18
N ARG A 93 6.52 -2.21 16.38
CA ARG A 93 6.98 -3.46 16.96
C ARG A 93 6.59 -4.65 16.08
N SER A 94 7.39 -5.71 16.13
CA SER A 94 7.11 -6.91 15.33
C SER A 94 6.65 -8.05 16.23
N LEU A 95 6.64 -9.27 15.67
CA LEU A 95 6.21 -10.44 16.42
C LEU A 95 7.25 -10.80 17.49
N GLN A 96 7.83 -9.78 18.11
CA GLN A 96 8.83 -10.00 19.15
C GLN A 96 8.22 -10.75 20.32
N LYS A 97 6.99 -10.40 20.67
CA LYS A 97 6.30 -11.06 21.79
C LYS A 97 4.81 -11.21 21.46
N TYR A 98 4.47 -12.27 20.72
CA TYR A 98 3.09 -12.53 20.35
C TYR A 98 2.36 -13.26 21.47
N TYR A 99 2.41 -12.71 22.68
CA TYR A 99 1.76 -13.33 23.83
C TYR A 99 0.32 -13.70 23.50
N GLU A 100 -0.30 -12.93 22.61
CA GLU A 100 -1.68 -13.19 22.23
C GLU A 100 -1.82 -14.58 21.63
N ALA A 101 -0.83 -14.99 20.84
CA ALA A 101 -0.86 -16.31 20.23
C ALA A 101 -0.33 -17.39 21.18
N VAL A 102 0.47 -16.97 22.15
CA VAL A 102 1.05 -17.90 23.12
C VAL A 102 -0.05 -18.56 23.94
N LYS A 103 -1.08 -17.78 24.30
CA LYS A 103 -2.19 -18.30 25.10
C LYS A 103 -2.73 -19.62 24.52
N GLU A 104 -3.90 -20.02 24.97
CA GLU A 104 -4.51 -21.28 24.50
C GLU A 104 -4.32 -21.43 22.99
N GLU A 105 -4.08 -20.32 22.31
CA GLU A 105 -3.90 -20.36 20.86
C GLU A 105 -2.77 -21.33 20.48
N LEU A 106 -1.65 -21.27 21.22
CA LEU A 106 -0.51 -22.16 20.95
C LEU A 106 -0.28 -23.09 22.14
N ASP A 107 -0.62 -22.63 23.33
CA ASP A 107 -0.45 -23.44 24.55
C ASP A 107 -1.29 -24.71 24.47
N ARG A 108 -2.32 -24.69 23.63
CA ARG A 108 -3.18 -25.86 23.46
C ARG A 108 -2.37 -27.08 23.01
N ASP A 109 -1.19 -26.82 22.46
CA ASP A 109 -0.33 -27.90 21.99
C ASP A 109 0.05 -28.85 23.14
N ILE A 110 0.30 -28.27 24.32
CA ILE A 110 0.67 -29.07 25.49
C ILE A 110 -0.58 -29.44 26.30
N VAL A 111 -1.75 -29.41 25.65
CA VAL A 111 -3.00 -29.75 26.33
C VAL A 111 -3.77 -30.81 25.55
N SER A 112 -3.67 -30.76 24.23
CA SER A 112 -4.36 -31.72 23.38
C SER A 112 -4.14 -33.15 23.89
N LYS A 113 -3.23 -33.87 23.27
CA LYS A 113 -2.93 -35.24 23.68
C LYS A 113 -4.21 -36.08 23.65
N ASN A 114 -4.59 -36.55 22.47
CA ASN A 114 -5.80 -37.35 22.33
C ASN A 114 -7.02 -36.58 22.81
N ASN A 115 -7.73 -37.14 23.79
CA ASN A 115 -8.91 -36.49 24.34
C ASN A 115 -8.55 -35.12 24.90
N ALA A 116 -8.60 -34.98 26.23
CA ALA A 116 -8.28 -33.70 26.89
C ALA A 116 -7.29 -33.94 28.02
N GLU A 117 -6.02 -33.63 27.78
CA GLU A 117 -4.99 -33.81 28.79
C GLU A 117 -5.05 -35.23 29.37
N LYS A 118 -4.22 -36.12 28.84
CA LYS A 118 -4.18 -37.50 29.32
C LYS A 118 -2.77 -38.06 29.22
N TYR B 1 -19.42 -6.28 -16.07
CA TYR B 1 -19.12 -4.97 -16.73
C TYR B 1 -17.72 -4.51 -16.31
N ASP B 2 -17.27 -5.00 -15.16
CA ASP B 2 -15.95 -4.63 -14.65
C ASP B 2 -14.86 -5.13 -15.60
N LYS B 3 -13.85 -4.30 -15.81
CA LYS B 3 -12.75 -4.66 -16.70
C LYS B 3 -11.90 -5.81 -16.10
N PRO B 4 -11.31 -6.65 -16.95
CA PRO B 4 -10.46 -7.80 -16.48
C PRO B 4 -9.39 -7.35 -15.48
N ALA B 5 -8.79 -6.20 -15.73
CA ALA B 5 -7.75 -5.68 -14.86
C ALA B 5 -7.31 -4.27 -15.31
N PRO B 6 -6.80 -4.16 -16.52
CA PRO B 6 -6.33 -2.86 -17.09
C PRO B 6 -7.43 -1.80 -17.07
N GLU B 7 -7.04 -0.53 -17.26
CA GLU B 7 -8.00 0.57 -17.28
C GLU B 7 -8.64 0.73 -15.90
N ASN B 8 -8.20 1.74 -15.15
CA ASN B 8 -8.73 1.97 -13.81
C ASN B 8 -10.16 2.50 -13.88
N ARG B 9 -10.98 2.13 -12.90
CA ARG B 9 -12.37 2.58 -12.87
C ARG B 9 -12.49 3.93 -12.16
N PHE B 10 -11.83 4.04 -11.01
CA PHE B 10 -11.87 5.28 -10.22
C PHE B 10 -10.70 6.19 -10.64
N ALA B 11 -11.02 7.25 -11.37
CA ALA B 11 -10.01 8.19 -11.82
C ALA B 11 -9.61 9.14 -10.70
N ILE B 12 -8.62 8.75 -9.92
CA ILE B 12 -8.14 9.58 -8.81
C ILE B 12 -7.03 10.52 -9.29
N MET B 13 -7.13 11.79 -8.93
CA MET B 13 -6.12 12.76 -9.34
C MET B 13 -4.74 12.40 -8.77
N PRO B 14 -3.67 12.65 -9.52
CA PRO B 14 -2.28 12.35 -9.09
C PRO B 14 -1.79 13.29 -7.98
N GLY B 15 -0.80 12.85 -7.22
CA GLY B 15 -0.26 13.66 -6.12
C GLY B 15 0.96 14.45 -6.60
N SER B 16 1.21 15.58 -5.96
CA SER B 16 2.34 16.42 -6.31
C SER B 16 3.66 15.68 -6.11
N ARG B 17 3.73 14.89 -5.04
CA ARG B 17 4.93 14.12 -4.74
C ARG B 17 5.29 13.20 -5.90
N TRP B 18 4.35 13.01 -6.83
CA TRP B 18 4.58 12.13 -7.98
C TRP B 18 5.74 12.65 -8.84
N ASP B 19 6.10 13.90 -8.63
CA ASP B 19 7.19 14.51 -9.39
C ASP B 19 6.94 14.39 -10.89
N GLY B 20 5.79 13.83 -11.26
CA GLY B 20 5.44 13.67 -12.67
C GLY B 20 6.32 12.63 -13.36
N VAL B 21 6.91 11.74 -12.57
CA VAL B 21 7.77 10.69 -13.11
C VAL B 21 6.95 9.67 -13.91
N HIS B 22 7.55 9.12 -14.95
CA HIS B 22 6.85 8.15 -15.79
C HIS B 22 6.59 6.85 -15.03
N ARG B 23 5.32 6.57 -14.72
CA ARG B 23 4.95 5.36 -14.00
C ARG B 23 3.75 4.68 -14.67
N SER B 24 3.68 3.35 -14.56
CA SER B 24 2.59 2.61 -15.17
C SER B 24 1.38 2.58 -14.24
N ASN B 25 0.35 3.35 -14.58
CA ASN B 25 -0.86 3.41 -13.77
C ASN B 25 -1.78 4.56 -14.23
N GLY B 26 -1.18 5.72 -14.49
CA GLY B 26 -1.95 6.88 -14.94
C GLY B 26 -1.79 7.10 -16.44
N PHE B 27 -1.16 6.15 -17.11
CA PHE B 27 -0.96 6.24 -18.55
C PHE B 27 -2.29 6.24 -19.29
N GLU B 28 -3.24 5.44 -18.80
CA GLU B 28 -4.55 5.35 -19.42
C GLU B 28 -5.25 6.70 -19.42
N GLU B 29 -4.81 7.60 -18.55
CA GLU B 29 -5.42 8.93 -18.44
C GLU B 29 -5.70 9.52 -19.83
N LYS B 30 -4.73 9.35 -20.75
CA LYS B 30 -4.90 9.87 -22.12
C LYS B 30 -5.94 9.05 -22.87
N TRP B 31 -6.00 7.76 -22.58
CA TRP B 31 -6.96 6.88 -23.25
C TRP B 31 -8.39 7.32 -22.94
N PHE B 32 -8.67 7.56 -21.67
CA PHE B 32 -10.00 8.00 -21.25
C PHE B 32 -10.33 9.36 -21.87
N ALA B 33 -9.33 10.22 -21.93
CA ALA B 33 -9.53 11.56 -22.48
C ALA B 33 -9.95 11.47 -23.95
N LYS B 34 -9.31 10.57 -24.69
CA LYS B 34 -9.63 10.39 -26.10
C LYS B 34 -11.07 9.96 -26.27
N GLN B 35 -11.52 9.05 -25.40
CA GLN B 35 -12.89 8.56 -25.46
C GLN B 35 -13.86 9.70 -25.16
N ASN B 36 -13.50 10.53 -24.21
CA ASN B 36 -14.34 11.66 -23.84
C ASN B 36 -14.50 12.61 -25.02
N GLU B 37 -13.42 12.81 -25.76
CA GLU B 37 -13.43 13.70 -26.92
C GLU B 37 -14.47 13.23 -27.95
N ILE B 38 -14.73 11.93 -27.98
CA ILE B 38 -15.69 11.38 -28.92
C ILE B 38 -17.08 11.94 -28.66
N ASN B 39 -17.46 12.05 -27.38
CA ASN B 39 -18.77 12.56 -27.01
C ASN B 39 -18.70 14.04 -26.62
N GLU B 40 -17.62 14.70 -27.01
CA GLU B 40 -17.44 16.12 -26.71
C GLU B 40 -16.89 16.87 -27.92
N LYS B 41 -17.73 17.69 -28.53
CA LYS B 41 -17.32 18.46 -29.70
C LYS B 41 -18.39 19.49 -30.08
N GLY A 1 -23.75 -10.56 11.04
CA GLY A 1 -24.32 -10.02 9.77
C GLY A 1 -23.80 -8.61 9.52
N ALA A 2 -24.70 -7.69 9.22
CA ALA A 2 -24.31 -6.32 8.96
C ALA A 2 -23.20 -6.25 7.91
N MET A 3 -23.58 -6.29 6.65
CA MET A 3 -22.61 -6.23 5.56
C MET A 3 -21.76 -4.97 5.67
N GLY A 4 -20.43 -5.15 5.55
CA GLY A 4 -19.51 -4.02 5.64
C GLY A 4 -18.78 -4.02 6.98
N ASN A 5 -19.24 -3.19 7.90
CA ASN A 5 -18.62 -3.11 9.22
C ASN A 5 -17.14 -2.78 9.10
N GLU A 6 -16.82 -1.81 8.24
CA GLU A 6 -15.42 -1.41 8.04
C GLU A 6 -14.82 -0.91 9.35
N TYR A 7 -14.60 0.40 9.44
CA TYR A 7 -14.03 1.00 10.64
C TYR A 7 -12.67 0.37 10.96
N LYS A 8 -11.89 0.09 9.91
CA LYS A 8 -10.57 -0.50 10.10
C LYS A 8 -9.51 0.58 10.27
N ASP A 9 -9.52 1.56 9.38
CA ASP A 9 -8.55 2.65 9.44
C ASP A 9 -7.15 2.10 9.65
N ASN A 10 -6.84 0.98 9.01
CA ASN A 10 -5.53 0.36 9.13
C ASN A 10 -5.21 -0.52 7.93
N ALA A 11 -5.22 0.09 6.74
CA ALA A 11 -4.96 -0.65 5.51
C ALA A 11 -3.47 -0.57 5.15
N TYR A 12 -2.85 -1.72 4.95
CA TYR A 12 -1.42 -1.78 4.59
C TYR A 12 -1.21 -2.67 3.37
N ILE A 13 -0.05 -2.50 2.72
CA ILE A 13 0.27 -3.29 1.53
C ILE A 13 1.73 -3.77 1.60
N TYR A 14 1.94 -5.07 1.37
CA TYR A 14 3.29 -5.64 1.39
C TYR A 14 3.91 -5.59 0.00
N ILE A 15 5.14 -5.10 -0.09
CA ILE A 15 5.85 -5.01 -1.37
C ILE A 15 6.99 -6.01 -1.41
N GLY A 16 6.99 -6.89 -2.42
CA GLY A 16 8.04 -7.91 -2.55
C GLY A 16 8.70 -7.84 -3.92
N ASN A 17 9.76 -8.60 -4.11
CA ASN A 17 10.47 -8.62 -5.38
C ASN A 17 10.90 -7.20 -5.78
N LEU A 18 11.32 -6.41 -4.79
CA LEU A 18 11.75 -5.03 -5.03
C LEU A 18 13.27 -4.93 -4.98
N ASN A 19 13.84 -4.13 -5.86
CA ASN A 19 15.29 -3.94 -5.89
C ASN A 19 15.73 -2.99 -4.78
N ARG A 20 16.87 -3.30 -4.16
CA ARG A 20 17.39 -2.47 -3.08
C ARG A 20 17.69 -1.07 -3.56
N GLU A 21 17.94 -0.94 -4.87
CA GLU A 21 18.25 0.36 -5.46
C GLU A 21 17.10 1.34 -5.25
N LEU A 22 15.89 0.81 -5.15
CA LEU A 22 14.72 1.65 -4.95
C LEU A 22 14.77 2.31 -3.57
N THR A 23 14.53 3.61 -3.52
CA THR A 23 14.54 4.35 -2.26
C THR A 23 13.12 4.73 -1.84
N GLU A 24 12.99 5.24 -0.62
CA GLU A 24 11.68 5.63 -0.12
C GLU A 24 11.08 6.73 -0.98
N GLY A 25 11.91 7.68 -1.38
CA GLY A 25 11.45 8.78 -2.22
C GLY A 25 10.96 8.27 -3.57
N ASP A 26 11.71 7.34 -4.15
CA ASP A 26 11.34 6.77 -5.44
C ASP A 26 10.01 6.03 -5.34
N ILE A 27 9.85 5.24 -4.29
CA ILE A 27 8.62 4.49 -4.09
C ILE A 27 7.43 5.43 -3.95
N LEU A 28 7.61 6.49 -3.17
CA LEU A 28 6.54 7.45 -2.95
C LEU A 28 6.06 8.01 -4.29
N THR A 29 7.00 8.36 -5.17
CA THR A 29 6.66 8.91 -6.47
C THR A 29 5.88 7.89 -7.29
N VAL A 30 6.29 6.63 -7.22
CA VAL A 30 5.62 5.57 -7.96
C VAL A 30 4.17 5.41 -7.51
N PHE A 31 3.97 5.32 -6.19
CA PHE A 31 2.63 5.16 -5.63
C PHE A 31 1.93 6.51 -5.44
N SER A 32 2.71 7.59 -5.51
CA SER A 32 2.16 8.93 -5.32
C SER A 32 0.85 9.12 -6.08
N GLU A 33 0.87 8.85 -7.39
CA GLU A 33 -0.31 8.99 -8.21
C GLU A 33 -1.40 7.98 -7.85
N TYR A 34 -0.96 6.78 -7.52
CA TYR A 34 -1.90 5.70 -7.16
C TYR A 34 -2.34 5.81 -5.71
N GLY A 35 -2.46 7.04 -5.21
CA GLY A 35 -2.87 7.22 -3.81
C GLY A 35 -1.66 7.40 -2.91
N VAL A 36 -1.04 8.57 -2.97
CA VAL A 36 0.17 8.83 -2.19
C VAL A 36 -0.07 8.52 -0.70
N PRO A 37 0.78 7.68 -0.12
CA PRO A 37 0.67 7.26 1.31
C PRO A 37 1.10 8.37 2.27
N VAL A 38 0.71 8.23 3.53
CA VAL A 38 1.08 9.21 4.53
C VAL A 38 2.38 8.82 5.21
N ASP A 39 2.79 7.56 5.05
CA ASP A 39 4.03 7.07 5.65
C ASP A 39 4.45 5.74 5.03
N VAL A 40 5.74 5.41 5.11
CA VAL A 40 6.25 4.16 4.56
C VAL A 40 7.19 3.48 5.56
N ILE A 41 7.04 2.15 5.71
CA ILE A 41 7.88 1.38 6.64
C ILE A 41 8.77 0.39 5.88
N LEU A 42 10.09 0.55 6.01
CA LEU A 42 11.04 -0.36 5.34
C LEU A 42 11.81 -1.17 6.38
N SER A 43 11.81 -2.49 6.22
CA SER A 43 12.52 -3.36 7.15
C SER A 43 14.03 -3.20 6.98
N ARG A 44 14.72 -3.05 8.11
CA ARG A 44 16.17 -2.88 8.09
C ARG A 44 16.77 -3.28 9.44
N ASP A 45 17.99 -3.81 9.40
CA ASP A 45 18.67 -4.22 10.62
C ASP A 45 19.41 -3.05 11.24
N GLU A 46 19.18 -2.82 12.53
CA GLU A 46 19.84 -1.73 13.23
C GLU A 46 21.34 -2.00 13.37
N ASN A 47 21.73 -3.25 13.18
CA ASN A 47 23.13 -3.63 13.27
C ASN A 47 23.96 -2.93 12.21
N THR A 48 23.44 -2.89 10.98
CA THR A 48 24.15 -2.25 9.87
C THR A 48 23.27 -1.23 9.16
N GLY A 49 21.96 -1.45 9.22
CA GLY A 49 21.01 -0.53 8.59
C GLY A 49 20.65 -1.01 7.18
N GLU A 50 21.12 -2.21 6.83
CA GLU A 50 20.83 -2.77 5.51
C GLU A 50 19.39 -3.25 5.43
N SER A 51 18.79 -3.12 4.24
CA SER A 51 17.41 -3.54 4.04
C SER A 51 17.29 -5.06 4.11
N GLN A 52 16.17 -5.54 4.65
CA GLN A 52 15.94 -6.98 4.77
C GLN A 52 15.18 -7.51 3.55
N GLY A 53 14.87 -6.62 2.62
CA GLY A 53 14.14 -7.00 1.41
C GLY A 53 12.64 -6.98 1.63
N PHE A 54 12.22 -6.44 2.78
CA PHE A 54 10.79 -6.36 3.10
C PHE A 54 10.38 -4.91 3.34
N ALA A 55 9.14 -4.59 3.03
CA ALA A 55 8.64 -3.22 3.22
C ALA A 55 7.12 -3.22 3.33
N TYR A 56 6.59 -2.39 4.23
CA TYR A 56 5.14 -2.29 4.42
C TYR A 56 4.68 -0.87 4.17
N LEU A 57 3.70 -0.72 3.26
CA LEU A 57 3.17 0.59 2.94
C LEU A 57 1.96 0.93 3.80
N LYS A 58 1.84 2.22 4.17
CA LYS A 58 0.71 2.65 4.98
C LYS A 58 -0.24 3.50 4.14
N TYR A 59 -1.35 2.88 3.71
CA TYR A 59 -2.34 3.59 2.88
C TYR A 59 -3.52 4.04 3.73
N GLU A 60 -3.91 5.30 3.56
CA GLU A 60 -5.05 5.84 4.29
C GLU A 60 -6.35 5.21 3.79
N ASP A 61 -6.45 5.04 2.47
CA ASP A 61 -7.65 4.44 1.86
C ASP A 61 -7.33 3.05 1.34
N GLN A 62 -8.19 2.08 1.70
CA GLN A 62 -7.99 0.71 1.26
C GLN A 62 -8.43 0.54 -0.20
N ARG A 63 -9.23 1.47 -0.69
CA ARG A 63 -9.71 1.40 -2.06
C ARG A 63 -8.58 1.68 -3.05
N SER A 64 -7.75 2.67 -2.72
CA SER A 64 -6.64 3.04 -3.59
C SER A 64 -5.65 1.89 -3.73
N THR A 65 -5.47 1.14 -2.64
CA THR A 65 -4.54 0.02 -2.66
C THR A 65 -4.82 -0.90 -3.83
N ILE A 66 -6.10 -1.04 -4.17
CA ILE A 66 -6.49 -1.91 -5.29
C ILE A 66 -5.89 -1.40 -6.59
N LEU A 67 -5.94 -0.08 -6.78
CA LEU A 67 -5.42 0.51 -8.00
C LEU A 67 -3.93 0.23 -8.15
N ALA A 68 -3.17 0.50 -7.10
CA ALA A 68 -1.73 0.29 -7.14
C ALA A 68 -1.41 -1.18 -7.41
N VAL A 69 -2.21 -2.08 -6.85
CA VAL A 69 -1.98 -3.51 -7.05
C VAL A 69 -2.00 -3.87 -8.52
N ASP A 70 -3.16 -3.75 -9.15
CA ASP A 70 -3.30 -4.09 -10.56
C ASP A 70 -2.45 -3.17 -11.45
N ASN A 71 -2.36 -1.91 -11.06
CA ASN A 71 -1.60 -0.94 -11.85
C ASN A 71 -0.11 -1.30 -11.93
N LEU A 72 0.50 -1.57 -10.78
CA LEU A 72 1.94 -1.90 -10.73
C LEU A 72 2.19 -3.39 -10.99
N ASN A 73 1.21 -4.21 -10.64
CA ASN A 73 1.33 -5.66 -10.83
C ASN A 73 1.47 -5.99 -12.32
N GLY A 74 2.59 -6.60 -12.69
CA GLY A 74 2.84 -6.96 -14.08
C GLY A 74 3.89 -6.05 -14.71
N PHE A 75 4.12 -4.88 -14.10
CA PHE A 75 5.10 -3.93 -14.59
C PHE A 75 6.48 -4.26 -14.04
N LYS A 76 7.48 -4.27 -14.92
CA LYS A 76 8.85 -4.57 -14.50
C LYS A 76 9.59 -3.32 -14.06
N ILE A 77 10.16 -3.35 -12.85
CA ILE A 77 10.91 -2.22 -12.31
C ILE A 77 12.21 -2.70 -11.67
N GLY A 78 13.31 -2.07 -12.05
CA GLY A 78 14.60 -2.43 -11.48
C GLY A 78 15.10 -3.75 -12.07
N GLY A 79 14.52 -4.14 -13.21
CA GLY A 79 14.91 -5.39 -13.85
C GLY A 79 14.07 -6.56 -13.32
N ARG A 80 13.23 -6.28 -12.32
CA ARG A 80 12.37 -7.32 -11.73
C ARG A 80 10.94 -6.81 -11.55
N ALA A 81 9.99 -7.74 -11.47
CA ALA A 81 8.59 -7.37 -11.28
C ALA A 81 8.23 -7.37 -9.79
N LEU A 82 7.86 -6.19 -9.28
CA LEU A 82 7.47 -6.06 -7.87
C LEU A 82 6.17 -6.82 -7.60
N LYS A 83 5.97 -7.24 -6.35
CA LYS A 83 4.75 -7.97 -5.97
C LYS A 83 3.94 -7.18 -4.95
N ILE A 84 2.68 -6.88 -5.30
CA ILE A 84 1.81 -6.11 -4.41
C ILE A 84 0.82 -7.05 -3.72
N ASP A 85 0.84 -7.06 -2.38
CA ASP A 85 -0.07 -7.92 -1.61
C ASP A 85 -0.67 -7.16 -0.43
N HIS A 86 -1.95 -7.38 -0.18
CA HIS A 86 -2.64 -6.71 0.93
C HIS A 86 -2.01 -7.10 2.26
N THR A 87 -1.87 -6.14 3.17
CA THR A 87 -1.30 -6.40 4.49
C THR A 87 -2.23 -5.92 5.59
N PHE A 88 -2.48 -6.78 6.57
CA PHE A 88 -3.37 -6.44 7.69
C PHE A 88 -2.56 -6.15 8.95
N TYR A 89 -1.24 -6.11 8.80
CA TYR A 89 -0.37 -5.85 9.94
C TYR A 89 -0.69 -4.49 10.56
N ARG A 90 -0.88 -4.48 11.87
CA ARG A 90 -1.19 -3.24 12.58
C ARG A 90 0.08 -2.47 12.96
N PRO A 91 0.03 -1.16 12.99
CA PRO A 91 1.19 -0.30 13.35
C PRO A 91 1.52 -0.39 14.84
N LYS A 92 2.69 0.15 15.22
CA LYS A 92 3.12 0.13 16.62
C LYS A 92 3.53 1.53 17.07
N ARG A 93 3.35 1.80 18.36
CA ARG A 93 3.71 3.11 18.92
C ARG A 93 5.13 3.07 19.47
N SER A 94 5.25 3.10 20.80
CA SER A 94 6.56 3.07 21.44
C SER A 94 6.47 2.42 22.82
N LEU A 95 7.44 1.59 23.16
CA LEU A 95 7.46 0.92 24.45
C LEU A 95 7.85 1.89 25.56
N GLN A 96 8.39 3.04 25.17
CA GLN A 96 8.80 4.05 26.14
C GLN A 96 7.61 4.55 26.95
N LYS A 97 7.76 4.56 28.27
CA LYS A 97 6.69 5.02 29.14
C LYS A 97 5.34 4.48 28.68
N TYR A 98 5.35 3.28 28.10
CA TYR A 98 4.12 2.65 27.63
C TYR A 98 3.91 1.29 28.30
N TYR A 99 3.02 1.25 29.29
CA TYR A 99 2.74 0.01 30.00
C TYR A 99 1.63 0.22 31.02
N GLU A 100 1.63 1.38 31.66
CA GLU A 100 0.62 1.70 32.66
C GLU A 100 -0.71 2.04 31.99
N ALA A 101 -0.64 2.66 30.81
CA ALA A 101 -1.85 3.05 30.09
C ALA A 101 -2.70 1.84 29.76
N VAL A 102 -2.09 0.81 29.20
CA VAL A 102 -2.80 -0.41 28.85
C VAL A 102 -3.21 -1.18 30.10
N LYS A 103 -2.31 -1.23 31.08
CA LYS A 103 -2.59 -1.93 32.33
C LYS A 103 -3.76 -1.27 33.06
N GLU A 104 -3.72 0.05 33.14
CA GLU A 104 -4.79 0.79 33.82
C GLU A 104 -6.08 0.72 33.01
N GLU A 105 -5.94 0.69 31.68
CA GLU A 105 -7.10 0.62 30.81
C GLU A 105 -7.95 -0.60 31.14
N LEU A 106 -7.31 -1.74 31.33
CA LEU A 106 -8.03 -2.98 31.65
C LEU A 106 -8.04 -3.21 33.16
N ASP A 107 -6.88 -3.02 33.80
CA ASP A 107 -6.77 -3.22 35.24
C ASP A 107 -7.60 -4.42 35.69
N ARG A 108 -7.93 -4.47 36.99
CA ARG A 108 -8.72 -5.56 37.54
C ARG A 108 -9.61 -5.07 38.67
N ASP A 109 -9.52 -3.78 38.96
CA ASP A 109 -10.34 -3.18 40.03
C ASP A 109 -11.65 -2.66 39.48
N ILE A 110 -11.88 -2.87 38.18
CA ILE A 110 -13.12 -2.40 37.54
C ILE A 110 -14.09 -3.58 37.36
N VAL A 111 -15.04 -3.71 38.27
CA VAL A 111 -16.03 -4.78 38.20
C VAL A 111 -17.37 -4.32 38.76
N SER A 112 -17.47 -3.03 39.06
CA SER A 112 -18.71 -2.46 39.59
C SER A 112 -19.01 -3.04 40.98
N LYS A 113 -18.18 -3.98 41.41
CA LYS A 113 -18.36 -4.61 42.72
C LYS A 113 -18.21 -3.56 43.83
N ASN A 114 -17.16 -2.76 43.71
CA ASN A 114 -16.90 -1.71 44.71
C ASN A 114 -16.80 -2.32 46.11
N ASN A 115 -16.39 -3.59 46.17
CA ASN A 115 -16.26 -4.27 47.45
C ASN A 115 -17.53 -4.09 48.29
N ALA A 116 -18.67 -4.22 47.64
CA ALA A 116 -19.95 -4.08 48.34
C ALA A 116 -21.03 -4.91 47.66
N GLU A 117 -21.95 -5.46 48.46
CA GLU A 117 -23.04 -6.28 47.93
C GLU A 117 -24.34 -5.98 48.64
N LYS A 118 -25.46 -6.14 47.93
CA LYS A 118 -26.77 -5.88 48.53
C LYS A 118 -27.21 -7.07 49.37
N TYR B 1 -26.69 -8.37 -12.70
CA TYR B 1 -25.66 -7.61 -11.93
C TYR B 1 -25.30 -6.35 -12.70
N ASP B 2 -25.03 -5.27 -11.97
CA ASP B 2 -24.66 -4.00 -12.59
C ASP B 2 -23.22 -4.04 -13.08
N LYS B 3 -23.03 -3.82 -14.38
CA LYS B 3 -21.70 -3.84 -14.96
C LYS B 3 -20.84 -2.69 -14.42
N PRO B 4 -19.65 -2.96 -13.90
CA PRO B 4 -18.73 -1.92 -13.35
C PRO B 4 -18.08 -1.09 -14.45
N ALA B 5 -17.55 0.07 -14.07
CA ALA B 5 -16.90 0.95 -15.04
C ALA B 5 -15.68 0.25 -15.67
N PRO B 6 -15.57 0.27 -17.00
CA PRO B 6 -14.42 -0.35 -17.73
C PRO B 6 -13.07 0.05 -17.13
N GLU B 7 -12.16 -0.91 -17.04
CA GLU B 7 -10.85 -0.64 -16.48
C GLU B 7 -10.96 -0.14 -15.04
N ASN B 8 -10.25 0.95 -14.73
CA ASN B 8 -10.29 1.51 -13.38
C ASN B 8 -11.51 2.41 -13.21
N ARG B 9 -12.26 2.19 -12.13
CA ARG B 9 -13.45 2.99 -11.85
C ARG B 9 -13.11 4.23 -11.02
N PHE B 10 -12.23 4.06 -10.06
CA PHE B 10 -11.81 5.15 -9.17
C PHE B 10 -10.72 5.97 -9.84
N ALA B 11 -11.05 7.21 -10.19
CA ALA B 11 -10.09 8.09 -10.83
C ALA B 11 -9.39 8.98 -9.79
N ILE B 12 -8.43 8.40 -9.08
CA ILE B 12 -7.70 9.14 -8.05
C ILE B 12 -6.94 10.30 -8.69
N MET B 13 -7.02 11.48 -8.06
CA MET B 13 -6.34 12.65 -8.57
C MET B 13 -4.83 12.63 -8.22
N PRO B 14 -3.96 12.68 -9.23
CA PRO B 14 -2.47 12.68 -9.01
C PRO B 14 -2.03 13.76 -8.01
N GLY B 15 -1.08 13.41 -7.15
CA GLY B 15 -0.57 14.35 -6.14
C GLY B 15 0.72 15.01 -6.62
N SER B 16 1.13 16.08 -5.92
CA SER B 16 2.36 16.78 -6.28
C SER B 16 3.58 15.92 -6.01
N ARG B 17 3.43 14.96 -5.10
CA ARG B 17 4.54 14.06 -4.76
C ARG B 17 4.95 13.23 -5.96
N TRP B 18 4.05 13.10 -6.93
CA TRP B 18 4.32 12.33 -8.13
C TRP B 18 5.51 12.91 -8.90
N ASP B 19 5.83 14.15 -8.61
CA ASP B 19 6.94 14.82 -9.28
C ASP B 19 6.75 14.81 -10.80
N GLY B 20 5.65 14.22 -11.25
CA GLY B 20 5.36 14.14 -12.68
C GLY B 20 6.26 13.12 -13.38
N VAL B 21 6.89 12.25 -12.59
CA VAL B 21 7.79 11.23 -13.14
C VAL B 21 6.99 10.24 -13.99
N HIS B 22 7.64 9.68 -15.01
CA HIS B 22 6.98 8.72 -15.90
C HIS B 22 6.65 7.43 -15.14
N ARG B 23 5.46 6.89 -15.39
CA ARG B 23 5.02 5.66 -14.73
C ARG B 23 4.26 4.77 -15.70
N SER B 24 4.37 3.45 -15.53
CA SER B 24 3.67 2.51 -16.40
C SER B 24 2.76 1.61 -15.58
N ASN B 25 1.57 1.34 -16.11
CA ASN B 25 0.62 0.49 -15.43
C ASN B 25 -0.28 -0.23 -16.43
N GLY B 26 -0.16 0.14 -17.70
CA GLY B 26 -0.97 -0.48 -18.74
C GLY B 26 -0.98 0.37 -19.99
N PHE B 27 -0.63 -0.23 -21.12
CA PHE B 27 -0.61 0.49 -22.39
C PHE B 27 -2.01 1.01 -22.74
N GLU B 28 -3.00 0.12 -22.65
CA GLU B 28 -4.37 0.50 -22.96
C GLU B 28 -4.73 1.85 -22.35
N GLU B 29 -3.99 2.24 -21.33
CA GLU B 29 -4.22 3.51 -20.66
C GLU B 29 -4.16 4.68 -21.65
N LYS B 30 -3.53 4.44 -22.79
CA LYS B 30 -3.40 5.48 -23.81
C LYS B 30 -4.76 6.01 -24.26
N TRP B 31 -5.70 5.10 -24.57
CA TRP B 31 -7.03 5.48 -25.03
C TRP B 31 -7.96 5.75 -23.84
N PHE B 32 -7.62 5.17 -22.70
CA PHE B 32 -8.45 5.35 -21.51
C PHE B 32 -8.39 6.80 -21.05
N ALA B 33 -7.23 7.44 -21.18
CA ALA B 33 -7.07 8.82 -20.76
C ALA B 33 -8.03 9.73 -21.53
N LYS B 34 -8.06 9.56 -22.85
CA LYS B 34 -8.94 10.36 -23.68
C LYS B 34 -10.40 10.02 -23.39
N GLN B 35 -10.68 8.73 -23.27
CA GLN B 35 -12.04 8.29 -22.99
C GLN B 35 -12.52 8.84 -21.65
N ASN B 36 -11.70 8.70 -20.62
CA ASN B 36 -12.05 9.17 -19.29
C ASN B 36 -12.15 10.70 -19.28
N GLU B 37 -11.25 11.35 -20.01
CA GLU B 37 -11.24 12.80 -20.06
C GLU B 37 -12.56 13.34 -20.61
N ILE B 38 -13.07 12.69 -21.65
CA ILE B 38 -14.33 13.11 -22.24
C ILE B 38 -15.46 13.00 -21.22
N ASN B 39 -15.53 11.84 -20.55
CA ASN B 39 -16.56 11.63 -19.55
C ASN B 39 -17.93 12.09 -20.06
N GLU B 40 -18.27 11.69 -21.28
CA GLU B 40 -19.53 12.08 -21.88
C GLU B 40 -19.69 13.60 -21.90
N LYS B 41 -19.44 14.20 -23.06
CA LYS B 41 -19.55 15.65 -23.19
C LYS B 41 -20.97 16.11 -22.89
N GLY A 1 -23.91 -3.34 17.65
CA GLY A 1 -23.13 -2.43 18.52
C GLY A 1 -22.21 -3.25 19.43
N ALA A 2 -21.75 -4.39 18.93
CA ALA A 2 -20.86 -5.25 19.70
C ALA A 2 -20.00 -6.09 18.77
N MET A 3 -18.78 -6.39 19.22
CA MET A 3 -17.86 -7.20 18.42
C MET A 3 -17.69 -6.59 17.03
N GLY A 4 -17.48 -5.28 16.97
CA GLY A 4 -17.31 -4.59 15.70
C GLY A 4 -16.92 -3.13 15.92
N ASN A 5 -16.53 -2.45 14.83
CA ASN A 5 -16.14 -1.04 14.92
C ASN A 5 -16.78 -0.24 13.79
N GLU A 6 -16.76 1.09 13.92
CA GLU A 6 -17.34 1.95 12.90
C GLU A 6 -16.61 1.78 11.57
N TYR A 7 -15.28 1.74 11.63
CA TYR A 7 -14.48 1.59 10.42
C TYR A 7 -13.02 1.38 10.77
N LYS A 8 -12.30 0.60 9.94
CA LYS A 8 -10.87 0.34 10.18
C LYS A 8 -10.04 0.82 9.00
N ASP A 9 -8.83 1.30 9.29
CA ASP A 9 -7.93 1.80 8.25
C ASP A 9 -6.47 1.50 8.60
N ASN A 10 -6.24 0.34 9.22
CA ASN A 10 -4.89 -0.05 9.61
C ASN A 10 -4.32 -1.07 8.63
N ALA A 11 -4.95 -1.17 7.46
CA ALA A 11 -4.50 -2.12 6.45
C ALA A 11 -3.18 -1.64 5.81
N TYR A 12 -2.30 -2.57 5.49
CA TYR A 12 -1.02 -2.23 4.85
C TYR A 12 -0.79 -3.08 3.60
N ILE A 13 -0.12 -2.49 2.60
CA ILE A 13 0.17 -3.21 1.35
C ILE A 13 1.60 -3.75 1.41
N TYR A 14 1.74 -5.07 1.28
CA TYR A 14 3.06 -5.70 1.32
C TYR A 14 3.74 -5.59 -0.03
N ILE A 15 4.91 -4.96 -0.04
CA ILE A 15 5.68 -4.80 -1.28
C ILE A 15 6.95 -5.65 -1.23
N GLY A 16 7.06 -6.61 -2.15
CA GLY A 16 8.23 -7.49 -2.19
C GLY A 16 9.03 -7.30 -3.48
N ASN A 17 10.12 -8.05 -3.61
CA ASN A 17 10.96 -7.96 -4.80
C ASN A 17 11.42 -6.53 -5.01
N LEU A 18 11.83 -5.88 -3.93
CA LEU A 18 12.29 -4.49 -4.02
C LEU A 18 13.82 -4.44 -4.12
N ASN A 19 14.30 -3.83 -5.19
CA ASN A 19 15.75 -3.72 -5.40
C ASN A 19 16.33 -2.62 -4.51
N ARG A 20 17.54 -2.86 -4.01
CA ARG A 20 18.21 -1.88 -3.15
C ARG A 20 18.38 -0.57 -3.89
N GLU A 21 18.28 -0.62 -5.21
CA GLU A 21 18.43 0.59 -6.03
C GLU A 21 17.27 1.55 -5.78
N LEU A 22 16.12 1.00 -5.43
CA LEU A 22 14.94 1.82 -5.17
C LEU A 22 14.95 2.33 -3.73
N THR A 23 14.68 3.62 -3.56
CA THR A 23 14.66 4.22 -2.22
C THR A 23 13.23 4.54 -1.79
N GLU A 24 13.08 5.11 -0.60
CA GLU A 24 11.77 5.46 -0.09
C GLU A 24 11.10 6.51 -0.98
N GLY A 25 11.90 7.48 -1.43
CA GLY A 25 11.38 8.53 -2.29
C GLY A 25 10.84 7.96 -3.59
N ASP A 26 11.56 6.99 -4.16
CA ASP A 26 11.15 6.36 -5.41
C ASP A 26 9.81 5.65 -5.22
N ILE A 27 9.68 4.93 -4.11
CA ILE A 27 8.46 4.20 -3.82
C ILE A 27 7.28 5.16 -3.72
N LEU A 28 7.49 6.27 -3.04
CA LEU A 28 6.43 7.25 -2.88
C LEU A 28 5.93 7.72 -4.23
N THR A 29 6.85 8.04 -5.13
CA THR A 29 6.49 8.51 -6.47
C THR A 29 5.65 7.47 -7.20
N VAL A 30 6.04 6.21 -7.07
CA VAL A 30 5.32 5.13 -7.74
C VAL A 30 3.87 5.05 -7.26
N PHE A 31 3.68 5.04 -5.95
CA PHE A 31 2.35 4.95 -5.36
C PHE A 31 1.66 6.33 -5.32
N SER A 32 2.45 7.38 -5.50
CA SER A 32 1.92 8.74 -5.44
C SER A 32 0.67 8.93 -6.31
N GLU A 33 0.79 8.62 -7.60
CA GLU A 33 -0.34 8.75 -8.52
C GLU A 33 -1.44 7.75 -8.24
N TYR A 34 -1.10 6.71 -7.50
CA TYR A 34 -2.05 5.65 -7.17
C TYR A 34 -2.47 5.73 -5.71
N GLY A 35 -2.55 6.95 -5.17
CA GLY A 35 -2.93 7.11 -3.77
C GLY A 35 -1.71 7.30 -2.88
N VAL A 36 -1.09 8.46 -2.98
CA VAL A 36 0.12 8.71 -2.21
C VAL A 36 -0.11 8.43 -0.72
N PRO A 37 0.73 7.58 -0.13
CA PRO A 37 0.62 7.18 1.30
C PRO A 37 1.07 8.29 2.23
N VAL A 38 0.62 8.22 3.48
CA VAL A 38 0.99 9.23 4.48
C VAL A 38 2.20 8.77 5.28
N ASP A 39 2.49 7.47 5.22
CA ASP A 39 3.62 6.91 5.95
C ASP A 39 4.03 5.57 5.35
N VAL A 40 5.34 5.39 5.14
CA VAL A 40 5.86 4.13 4.58
C VAL A 40 6.94 3.55 5.50
N ILE A 41 6.75 2.31 5.93
CA ILE A 41 7.71 1.65 6.81
C ILE A 41 8.63 0.74 6.00
N LEU A 42 9.94 1.01 6.07
CA LEU A 42 10.91 0.19 5.33
C LEU A 42 11.73 -0.65 6.30
N SER A 43 11.50 -1.96 6.28
CA SER A 43 12.23 -2.86 7.16
C SER A 43 13.69 -2.99 6.73
N ARG A 44 14.61 -2.88 7.68
CA ARG A 44 16.04 -2.98 7.37
C ARG A 44 16.75 -3.83 8.43
N ASP A 45 17.76 -4.57 7.99
CA ASP A 45 18.52 -5.41 8.91
C ASP A 45 19.45 -4.55 9.77
N GLU A 46 19.40 -4.75 11.08
CA GLU A 46 20.24 -3.99 11.99
C GLU A 46 21.72 -4.31 11.76
N ASN A 47 21.98 -5.47 11.16
CA ASN A 47 23.35 -5.87 10.88
C ASN A 47 23.98 -5.00 9.79
N THR A 48 23.23 -4.73 8.73
CA THR A 48 23.72 -3.90 7.62
C THR A 48 22.96 -2.60 7.52
N GLY A 49 21.64 -2.69 7.64
CA GLY A 49 20.81 -1.51 7.57
C GLY A 49 20.52 -1.15 6.11
N GLU A 50 20.94 -2.03 5.20
CA GLU A 50 20.72 -1.80 3.78
C GLU A 50 19.23 -1.86 3.45
N SER A 51 18.73 -3.08 3.24
CA SER A 51 17.31 -3.26 2.92
C SER A 51 16.92 -4.73 3.05
N GLN A 52 15.69 -4.97 3.51
CA GLN A 52 15.21 -6.35 3.66
C GLN A 52 14.67 -6.88 2.33
N GLY A 53 14.43 -5.98 1.38
CA GLY A 53 13.91 -6.37 0.07
C GLY A 53 12.41 -6.17 -0.02
N PHE A 54 11.80 -5.75 1.10
CA PHE A 54 10.36 -5.51 1.14
C PHE A 54 10.04 -4.42 2.15
N ALA A 55 8.85 -3.83 2.00
CA ALA A 55 8.42 -2.77 2.92
C ALA A 55 6.90 -2.66 2.96
N TYR A 56 6.36 -1.96 3.97
CA TYR A 56 4.91 -1.79 4.11
C TYR A 56 4.49 -0.39 3.69
N LEU A 57 3.38 -0.30 2.95
CA LEU A 57 2.88 1.00 2.48
C LEU A 57 1.56 1.37 3.18
N LYS A 58 1.50 2.56 3.79
CA LYS A 58 0.29 3.01 4.48
C LYS A 58 -0.52 3.95 3.59
N TYR A 59 -1.66 3.47 3.11
CA TYR A 59 -2.51 4.27 2.23
C TYR A 59 -3.65 4.92 3.02
N GLU A 60 -4.24 5.96 2.44
CA GLU A 60 -5.35 6.66 3.09
C GLU A 60 -6.68 6.03 2.69
N ASP A 61 -6.84 5.74 1.40
CA ASP A 61 -8.07 5.14 0.90
C ASP A 61 -7.83 3.69 0.49
N GLN A 62 -8.81 2.83 0.77
CA GLN A 62 -8.70 1.41 0.43
C GLN A 62 -8.65 1.23 -1.09
N ARG A 63 -9.34 2.12 -1.81
CA ARG A 63 -9.38 2.04 -3.26
C ARG A 63 -7.97 2.15 -3.85
N SER A 64 -7.07 2.77 -3.10
CA SER A 64 -5.68 2.94 -3.55
C SER A 64 -5.01 1.59 -3.72
N THR A 65 -5.34 0.65 -2.83
CA THR A 65 -4.73 -0.68 -2.89
C THR A 65 -5.12 -1.39 -4.17
N ILE A 66 -6.37 -1.23 -4.58
CA ILE A 66 -6.85 -1.86 -5.80
C ILE A 66 -6.10 -1.30 -7.01
N LEU A 67 -5.92 0.01 -7.04
CA LEU A 67 -5.22 0.64 -8.15
C LEU A 67 -3.83 0.06 -8.35
N ALA A 68 -3.05 0.03 -7.29
CA ALA A 68 -1.68 -0.48 -7.37
C ALA A 68 -1.66 -1.99 -7.59
N VAL A 69 -2.21 -2.72 -6.64
CA VAL A 69 -2.25 -4.17 -6.73
C VAL A 69 -2.77 -4.64 -8.10
N ASP A 70 -3.48 -3.74 -8.80
CA ASP A 70 -4.04 -4.07 -10.11
C ASP A 70 -3.04 -3.85 -11.26
N ASN A 71 -2.40 -2.68 -11.29
CA ASN A 71 -1.44 -2.34 -12.36
C ASN A 71 0.02 -2.57 -11.95
N LEU A 72 0.35 -2.25 -10.71
CA LEU A 72 1.72 -2.39 -10.21
C LEU A 72 2.06 -3.86 -9.95
N ASN A 73 1.03 -4.69 -9.90
CA ASN A 73 1.24 -6.12 -9.64
C ASN A 73 1.68 -6.84 -10.91
N GLY A 74 2.90 -7.33 -10.91
CA GLY A 74 3.43 -8.04 -12.07
C GLY A 74 4.05 -7.06 -13.06
N PHE A 75 4.16 -5.78 -12.67
CA PHE A 75 4.72 -4.76 -13.55
C PHE A 75 6.24 -4.72 -13.40
N LYS A 76 6.93 -4.77 -14.53
CA LYS A 76 8.38 -4.72 -14.51
C LYS A 76 8.84 -3.30 -14.25
N ILE A 77 9.57 -3.12 -13.15
CA ILE A 77 10.07 -1.79 -12.80
C ILE A 77 11.51 -1.88 -12.30
N GLY A 78 12.39 -1.09 -12.90
CA GLY A 78 13.80 -1.08 -12.51
C GLY A 78 14.49 -2.39 -12.91
N GLY A 79 13.86 -3.12 -13.83
CA GLY A 79 14.42 -4.39 -14.29
C GLY A 79 13.95 -5.55 -13.41
N ARG A 80 13.13 -5.24 -12.41
CA ARG A 80 12.61 -6.28 -11.49
C ARG A 80 11.07 -6.29 -11.50
N ALA A 81 10.49 -7.48 -11.34
CA ALA A 81 9.05 -7.62 -11.33
C ALA A 81 8.48 -7.17 -9.97
N LEU A 82 7.37 -6.44 -10.00
CA LEU A 82 6.74 -5.97 -8.78
C LEU A 82 5.88 -7.06 -8.15
N LYS A 83 5.86 -7.10 -6.81
CA LYS A 83 5.07 -8.09 -6.09
C LYS A 83 4.22 -7.40 -5.04
N ILE A 84 2.93 -7.22 -5.34
CA ILE A 84 2.01 -6.56 -4.41
C ILE A 84 1.09 -7.58 -3.74
N ASP A 85 0.91 -7.44 -2.43
CA ASP A 85 0.05 -8.37 -1.68
C ASP A 85 -0.51 -7.69 -0.44
N HIS A 86 -1.77 -7.97 -0.13
CA HIS A 86 -2.41 -7.38 1.05
C HIS A 86 -1.91 -8.04 2.32
N THR A 87 -1.72 -7.24 3.38
CA THR A 87 -1.26 -7.76 4.66
C THR A 87 -1.87 -6.98 5.82
N PHE A 88 -2.06 -7.64 6.96
CA PHE A 88 -2.64 -6.99 8.15
C PHE A 88 -1.67 -7.01 9.32
N TYR A 89 -0.38 -7.09 9.01
CA TYR A 89 0.64 -7.11 10.05
C TYR A 89 0.55 -5.85 10.91
N ARG A 90 0.61 -6.03 12.23
CA ARG A 90 0.55 -4.90 13.14
C ARG A 90 1.82 -4.04 13.05
N PRO A 91 1.69 -2.73 13.22
CA PRO A 91 2.85 -1.78 13.14
C PRO A 91 3.78 -1.93 14.34
N LYS A 92 5.09 -1.79 14.09
CA LYS A 92 6.08 -1.89 15.15
C LYS A 92 5.85 -3.16 15.98
N ARG A 93 5.61 -4.27 15.29
CA ARG A 93 5.38 -5.54 15.97
C ARG A 93 5.65 -6.71 15.03
N SER A 94 4.88 -6.80 13.95
CA SER A 94 5.05 -7.87 12.99
C SER A 94 5.05 -9.22 13.68
N LEU A 95 4.09 -9.42 14.58
CA LEU A 95 3.97 -10.69 15.32
C LEU A 95 2.51 -11.09 15.49
N GLN A 96 2.16 -11.56 16.67
CA GLN A 96 0.80 -11.98 16.96
C GLN A 96 0.41 -13.17 16.08
N LYS A 97 0.11 -14.29 16.72
CA LYS A 97 -0.26 -15.50 15.99
C LYS A 97 0.81 -15.84 14.95
N TYR A 98 1.87 -16.51 15.39
CA TYR A 98 2.96 -16.89 14.49
C TYR A 98 2.84 -18.36 14.10
N TYR A 99 2.42 -18.59 12.85
CA TYR A 99 2.27 -19.96 12.37
C TYR A 99 2.10 -19.96 10.84
N GLU A 100 0.97 -19.42 10.40
CA GLU A 100 0.68 -19.37 8.97
C GLU A 100 1.70 -18.49 8.25
N ALA A 101 2.08 -17.40 8.88
CA ALA A 101 3.05 -16.48 8.29
C ALA A 101 4.37 -17.19 7.99
N VAL A 102 4.64 -18.26 8.75
CA VAL A 102 5.87 -19.02 8.57
C VAL A 102 6.19 -19.17 7.09
N LYS A 103 7.47 -19.19 6.74
CA LYS A 103 7.90 -19.31 5.36
C LYS A 103 7.41 -20.64 4.77
N GLU A 104 7.48 -20.75 3.45
CA GLU A 104 7.05 -21.96 2.77
C GLU A 104 5.59 -22.26 3.10
N GLU A 105 4.76 -21.21 3.11
CA GLU A 105 3.34 -21.36 3.42
C GLU A 105 2.56 -21.68 2.14
N LEU A 106 1.86 -20.68 1.63
CA LEU A 106 1.07 -20.85 0.41
C LEU A 106 1.97 -21.20 -0.77
N ASP A 107 3.15 -20.59 -0.79
CA ASP A 107 4.10 -20.84 -1.88
C ASP A 107 4.49 -22.31 -1.94
N ARG A 108 4.08 -23.07 -0.93
CA ARG A 108 4.40 -24.49 -0.88
C ARG A 108 3.84 -25.20 -2.10
N ASP A 109 2.61 -24.84 -2.48
CA ASP A 109 1.97 -25.46 -3.65
C ASP A 109 2.10 -24.58 -4.88
N ILE A 110 3.08 -24.88 -5.72
CA ILE A 110 3.31 -24.11 -6.96
C ILE A 110 3.56 -25.05 -8.13
N VAL A 111 2.73 -24.94 -9.16
CA VAL A 111 2.87 -25.79 -10.35
C VAL A 111 3.60 -25.03 -11.46
N SER A 112 3.29 -23.74 -11.59
CA SER A 112 3.92 -22.92 -12.62
C SER A 112 3.73 -23.56 -14.00
N LYS A 113 2.96 -24.64 -14.06
CA LYS A 113 2.70 -25.32 -15.33
C LYS A 113 1.24 -25.76 -15.41
N ASN A 114 0.68 -25.73 -16.62
CA ASN A 114 -0.71 -26.13 -16.83
C ASN A 114 -0.78 -27.53 -17.44
N ASN A 115 -1.99 -28.04 -17.64
CA ASN A 115 -2.18 -29.36 -18.23
C ASN A 115 -2.47 -29.25 -19.72
N ALA A 116 -1.43 -29.33 -20.54
CA ALA A 116 -1.58 -29.23 -21.98
C ALA A 116 -2.47 -30.35 -22.51
N GLU A 117 -2.24 -31.56 -22.01
CA GLU A 117 -3.02 -32.73 -22.44
C GLU A 117 -2.69 -33.10 -23.89
N LYS A 118 -2.47 -32.07 -24.72
CA LYS A 118 -2.16 -32.30 -26.13
C LYS A 118 -1.76 -31.00 -26.81
N TYR B 1 -22.63 11.09 -6.78
CA TYR B 1 -21.67 11.67 -7.77
C TYR B 1 -22.13 11.33 -9.18
N ASP B 2 -21.99 12.29 -10.09
CA ASP B 2 -22.39 12.08 -11.48
C ASP B 2 -21.53 11.00 -12.13
N LYS B 3 -22.15 10.22 -13.02
CA LYS B 3 -21.43 9.13 -13.70
C LYS B 3 -20.81 9.64 -15.02
N PRO B 4 -19.49 9.51 -15.20
CA PRO B 4 -18.78 9.96 -16.44
C PRO B 4 -19.01 9.02 -17.61
N ALA B 5 -18.77 9.52 -18.82
CA ALA B 5 -18.95 8.72 -20.04
C ALA B 5 -17.62 8.07 -20.44
N PRO B 6 -16.55 8.84 -20.45
CA PRO B 6 -15.20 8.34 -20.84
C PRO B 6 -14.74 7.17 -19.95
N GLU B 7 -13.96 6.26 -20.53
CA GLU B 7 -13.46 5.12 -19.79
C GLU B 7 -12.53 5.57 -18.67
N ASN B 8 -12.88 5.20 -17.44
CA ASN B 8 -12.06 5.57 -16.28
C ASN B 8 -12.16 4.50 -15.18
N ARG B 9 -11.02 4.16 -14.59
CA ARG B 9 -10.99 3.16 -13.53
C ARG B 9 -11.26 3.81 -12.18
N PHE B 10 -10.58 4.92 -11.90
CA PHE B 10 -10.75 5.64 -10.64
C PHE B 10 -10.51 7.14 -10.85
N ALA B 11 -10.60 7.90 -9.75
CA ALA B 11 -10.39 9.34 -9.83
C ALA B 11 -9.48 9.81 -8.70
N ILE B 12 -8.20 9.43 -8.77
CA ILE B 12 -7.23 9.82 -7.75
C ILE B 12 -6.40 11.01 -8.23
N MET B 13 -6.39 12.08 -7.43
CA MET B 13 -5.64 13.27 -7.78
C MET B 13 -4.13 13.04 -7.64
N PRO B 14 -3.32 13.71 -8.44
CA PRO B 14 -1.82 13.58 -8.38
C PRO B 14 -1.24 14.22 -7.11
N GLY B 15 -0.10 13.69 -6.66
CA GLY B 15 0.55 14.21 -5.45
C GLY B 15 1.86 14.91 -5.80
N SER B 16 2.30 15.81 -4.92
CA SER B 16 3.54 16.55 -5.15
C SER B 16 4.72 15.59 -5.21
N ARG B 17 4.71 14.58 -4.36
CA ARG B 17 5.79 13.61 -4.31
C ARG B 17 5.83 12.80 -5.60
N TRP B 18 4.80 12.96 -6.42
CA TRP B 18 4.72 12.24 -7.69
C TRP B 18 5.88 12.61 -8.61
N ASP B 19 6.54 13.72 -8.30
CA ASP B 19 7.66 14.18 -9.09
C ASP B 19 7.27 14.34 -10.56
N GLY B 20 6.00 14.06 -10.86
CA GLY B 20 5.50 14.18 -12.23
C GLY B 20 6.00 13.01 -13.09
N VAL B 21 6.47 11.95 -12.44
CA VAL B 21 6.97 10.78 -13.15
C VAL B 21 5.80 9.95 -13.69
N HIS B 22 5.97 9.43 -14.90
CA HIS B 22 4.92 8.62 -15.53
C HIS B 22 5.05 7.15 -15.10
N ARG B 23 3.96 6.59 -14.58
CA ARG B 23 3.96 5.18 -14.15
C ARG B 23 2.65 4.50 -14.59
N SER B 24 2.75 3.63 -15.59
CA SER B 24 1.57 2.92 -16.08
C SER B 24 1.98 1.65 -16.81
N ASN B 25 1.02 0.77 -17.06
CA ASN B 25 1.28 -0.48 -17.77
C ASN B 25 0.21 -0.75 -18.81
N GLY B 26 0.61 -0.83 -20.07
CA GLY B 26 -0.34 -1.09 -21.16
C GLY B 26 -0.92 -2.49 -21.05
N PHE B 27 -0.29 -3.33 -20.25
CA PHE B 27 -0.76 -4.70 -20.07
C PHE B 27 -2.19 -4.71 -19.52
N GLU B 28 -2.55 -3.67 -18.78
CA GLU B 28 -3.88 -3.57 -18.20
C GLU B 28 -4.94 -3.53 -19.29
N GLU B 29 -4.53 -3.15 -20.50
CA GLU B 29 -5.46 -3.07 -21.63
C GLU B 29 -6.29 -4.35 -21.74
N LYS B 30 -5.72 -5.46 -21.30
CA LYS B 30 -6.42 -6.74 -21.35
C LYS B 30 -7.75 -6.65 -20.60
N TRP B 31 -7.77 -5.88 -19.53
CA TRP B 31 -8.99 -5.72 -18.73
C TRP B 31 -10.11 -5.10 -19.56
N PHE B 32 -9.79 -4.00 -20.24
CA PHE B 32 -10.78 -3.32 -21.07
C PHE B 32 -11.23 -4.23 -22.22
N ALA B 33 -10.28 -4.98 -22.79
CA ALA B 33 -10.59 -5.86 -23.89
C ALA B 33 -11.64 -6.90 -23.46
N LYS B 34 -11.45 -7.46 -22.27
CA LYS B 34 -12.38 -8.44 -21.75
C LYS B 34 -13.68 -7.75 -21.34
N GLN B 35 -13.56 -6.53 -20.85
CA GLN B 35 -14.73 -5.76 -20.42
C GLN B 35 -15.68 -5.54 -21.58
N ASN B 36 -15.12 -5.47 -22.79
CA ASN B 36 -15.93 -5.27 -23.98
C ASN B 36 -16.50 -6.59 -24.48
N GLU B 37 -15.67 -7.63 -24.47
CA GLU B 37 -16.09 -8.96 -24.93
C GLU B 37 -17.09 -9.58 -23.95
N ILE B 38 -16.79 -9.47 -22.66
CA ILE B 38 -17.67 -10.03 -21.63
C ILE B 38 -18.04 -11.47 -21.97
N ASN B 39 -17.22 -12.41 -21.53
CA ASN B 39 -17.47 -13.83 -21.80
C ASN B 39 -16.83 -14.69 -20.71
N GLU B 40 -17.66 -15.42 -19.98
CA GLU B 40 -17.17 -16.29 -18.91
C GLU B 40 -16.36 -15.48 -17.90
N LYS B 41 -17.00 -15.12 -16.79
CA LYS B 41 -16.33 -14.35 -15.75
C LYS B 41 -15.74 -13.06 -16.33
N GLY A 1 -10.08 8.74 16.82
CA GLY A 1 -11.05 8.05 15.91
C GLY A 1 -10.74 6.56 15.88
N ALA A 2 -9.88 6.17 14.94
CA ALA A 2 -9.50 4.76 14.80
C ALA A 2 -10.74 3.88 14.71
N MET A 3 -11.67 4.25 13.84
CA MET A 3 -12.90 3.49 13.68
C MET A 3 -12.61 2.10 13.13
N GLY A 4 -13.10 1.08 13.81
CA GLY A 4 -12.88 -0.29 13.36
C GLY A 4 -13.62 -0.57 12.07
N ASN A 5 -14.63 -1.42 12.15
CA ASN A 5 -15.41 -1.77 10.97
C ASN A 5 -14.50 -2.27 9.85
N GLU A 6 -13.47 -3.02 10.21
CA GLU A 6 -12.53 -3.54 9.23
C GLU A 6 -12.10 -2.44 8.25
N TYR A 7 -12.30 -1.19 8.65
CA TYR A 7 -11.94 -0.05 7.80
C TYR A 7 -10.63 0.58 8.27
N LYS A 8 -10.65 1.14 9.47
CA LYS A 8 -9.47 1.79 10.03
C LYS A 8 -8.79 0.89 11.07
N ASP A 9 -7.76 0.16 10.64
CA ASP A 9 -7.05 -0.74 11.55
C ASP A 9 -5.65 -1.04 11.01
N ASN A 10 -5.30 -2.32 10.97
CA ASN A 10 -3.98 -2.73 10.47
C ASN A 10 -3.98 -2.79 8.95
N ALA A 11 -4.24 -1.66 8.31
CA ALA A 11 -4.28 -1.60 6.85
C ALA A 11 -2.89 -1.32 6.28
N TYR A 12 -2.36 -2.27 5.52
CA TYR A 12 -1.03 -2.10 4.93
C TYR A 12 -0.90 -2.93 3.63
N ILE A 13 -0.03 -2.48 2.73
CA ILE A 13 0.19 -3.19 1.46
C ILE A 13 1.59 -3.82 1.46
N TYR A 14 1.65 -5.10 1.11
CA TYR A 14 2.94 -5.80 1.07
C TYR A 14 3.61 -5.60 -0.28
N ILE A 15 4.87 -5.13 -0.25
CA ILE A 15 5.62 -4.91 -1.48
C ILE A 15 6.91 -5.71 -1.48
N GLY A 16 7.10 -6.52 -2.51
CA GLY A 16 8.31 -7.35 -2.61
C GLY A 16 8.97 -7.18 -3.96
N ASN A 17 10.10 -7.86 -4.16
CA ASN A 17 10.83 -7.78 -5.41
C ASN A 17 11.20 -6.33 -5.72
N LEU A 18 11.61 -5.60 -4.70
CA LEU A 18 11.99 -4.20 -4.87
C LEU A 18 13.51 -4.07 -4.92
N ASN A 19 13.99 -3.02 -5.58
CA ASN A 19 15.42 -2.78 -5.69
C ASN A 19 15.98 -2.26 -4.36
N ARG A 20 17.13 -2.79 -3.95
CA ARG A 20 17.75 -2.36 -2.70
C ARG A 20 18.08 -0.87 -2.74
N GLU A 21 18.63 -0.43 -3.86
CA GLU A 21 18.99 0.97 -4.01
C GLU A 21 17.74 1.85 -4.04
N LEU A 22 16.58 1.21 -4.18
CA LEU A 22 15.31 1.93 -4.23
C LEU A 22 15.06 2.63 -2.90
N THR A 23 14.80 3.93 -2.97
CA THR A 23 14.53 4.72 -1.75
C THR A 23 13.05 5.02 -1.63
N GLU A 24 12.65 5.59 -0.50
CA GLU A 24 11.25 5.94 -0.25
C GLU A 24 10.78 6.95 -1.28
N GLY A 25 11.66 7.86 -1.66
CA GLY A 25 11.30 8.90 -2.63
C GLY A 25 10.85 8.26 -3.94
N ASP A 26 11.59 7.26 -4.41
CA ASP A 26 11.24 6.58 -5.65
C ASP A 26 9.91 5.84 -5.49
N ILE A 27 9.76 5.14 -4.37
CA ILE A 27 8.52 4.40 -4.10
C ILE A 27 7.34 5.36 -3.97
N LEU A 28 7.56 6.46 -3.24
CA LEU A 28 6.51 7.44 -3.03
C LEU A 28 6.02 7.98 -4.37
N THR A 29 6.93 8.26 -5.28
CA THR A 29 6.58 8.78 -6.59
C THR A 29 5.75 7.75 -7.37
N VAL A 30 6.15 6.49 -7.27
CA VAL A 30 5.44 5.42 -7.97
C VAL A 30 4.04 5.22 -7.39
N PHE A 31 3.95 5.19 -6.06
CA PHE A 31 2.66 4.99 -5.38
C PHE A 31 1.93 6.33 -5.19
N SER A 32 2.64 7.43 -5.37
CA SER A 32 2.06 8.76 -5.18
C SER A 32 0.71 8.88 -5.91
N GLU A 33 0.73 8.65 -7.21
CA GLU A 33 -0.50 8.75 -8.02
C GLU A 33 -1.47 7.61 -7.70
N TYR A 34 -0.92 6.48 -7.30
CA TYR A 34 -1.74 5.31 -6.97
C TYR A 34 -2.12 5.30 -5.49
N GLY A 35 -2.33 6.49 -4.91
CA GLY A 35 -2.68 6.56 -3.50
C GLY A 35 -1.46 6.86 -2.63
N VAL A 36 -0.99 8.10 -2.69
CA VAL A 36 0.20 8.47 -1.94
C VAL A 36 0.02 8.15 -0.45
N PRO A 37 0.86 7.28 0.09
CA PRO A 37 0.82 6.84 1.54
C PRO A 37 1.35 7.93 2.46
N VAL A 38 0.97 7.84 3.74
CA VAL A 38 1.43 8.83 4.72
C VAL A 38 2.69 8.35 5.41
N ASP A 39 2.91 7.04 5.39
CA ASP A 39 4.11 6.45 6.02
C ASP A 39 4.53 5.18 5.29
N VAL A 40 5.85 4.98 5.17
CA VAL A 40 6.38 3.79 4.50
C VAL A 40 7.52 3.18 5.31
N ILE A 41 7.49 1.86 5.49
CA ILE A 41 8.53 1.16 6.25
C ILE A 41 9.26 0.16 5.36
N LEU A 42 10.59 0.30 5.25
CA LEU A 42 11.39 -0.59 4.42
C LEU A 42 12.26 -1.51 5.29
N SER A 43 12.44 -2.75 4.86
CA SER A 43 13.25 -3.71 5.60
C SER A 43 14.68 -3.19 5.75
N ARG A 44 15.40 -3.69 6.76
CA ARG A 44 16.78 -3.26 7.00
C ARG A 44 17.77 -4.32 6.55
N ASP A 45 18.99 -3.90 6.23
CA ASP A 45 20.02 -4.82 5.77
C ASP A 45 20.13 -6.02 6.71
N GLU A 46 20.48 -7.17 6.15
CA GLU A 46 20.61 -8.39 6.96
C GLU A 46 21.78 -8.25 7.94
N ASN A 47 22.72 -7.36 7.62
CA ASN A 47 23.88 -7.13 8.48
C ASN A 47 23.46 -6.57 9.83
N THR A 48 22.56 -5.58 9.81
CA THR A 48 22.08 -4.97 11.04
C THR A 48 20.86 -5.71 11.58
N GLY A 49 19.99 -6.14 10.67
CA GLY A 49 18.78 -6.86 11.06
C GLY A 49 18.38 -7.88 10.01
N GLU A 50 17.25 -7.63 9.35
CA GLU A 50 16.77 -8.54 8.31
C GLU A 50 16.32 -7.76 7.08
N SER A 51 16.74 -8.23 5.90
CA SER A 51 16.37 -7.57 4.65
C SER A 51 15.20 -8.29 3.98
N GLN A 52 15.42 -9.52 3.53
CA GLN A 52 14.35 -10.30 2.89
C GLN A 52 13.88 -9.61 1.59
N GLY A 53 13.93 -8.28 1.57
CA GLY A 53 13.52 -7.52 0.39
C GLY A 53 12.01 -7.24 0.39
N PHE A 54 11.48 -6.87 1.57
CA PHE A 54 10.05 -6.57 1.69
C PHE A 54 9.85 -5.22 2.37
N ALA A 55 8.66 -4.64 2.20
CA ALA A 55 8.35 -3.35 2.80
C ALA A 55 6.85 -3.19 3.00
N TYR A 56 6.47 -2.36 3.96
CA TYR A 56 5.05 -2.12 4.25
C TYR A 56 4.65 -0.73 3.78
N LEU A 57 3.41 -0.61 3.29
CA LEU A 57 2.91 0.67 2.79
C LEU A 57 1.62 1.09 3.53
N LYS A 58 1.57 2.34 3.98
CA LYS A 58 0.40 2.85 4.69
C LYS A 58 -0.41 3.79 3.78
N TYR A 59 -1.55 3.31 3.32
CA TYR A 59 -2.40 4.11 2.43
C TYR A 59 -3.50 4.83 3.22
N GLU A 60 -4.04 5.91 2.65
CA GLU A 60 -5.10 6.66 3.31
C GLU A 60 -6.47 6.08 2.93
N ASP A 61 -6.63 5.68 1.67
CA ASP A 61 -7.88 5.10 1.19
C ASP A 61 -7.70 3.65 0.77
N GLN A 62 -8.67 2.80 1.10
CA GLN A 62 -8.60 1.39 0.74
C GLN A 62 -8.56 1.21 -0.77
N ARG A 63 -9.19 2.14 -1.49
CA ARG A 63 -9.24 2.07 -2.94
C ARG A 63 -7.82 2.08 -3.52
N SER A 64 -6.89 2.68 -2.79
CA SER A 64 -5.50 2.75 -3.24
C SER A 64 -4.92 1.35 -3.45
N THR A 65 -5.29 0.42 -2.56
CA THR A 65 -4.79 -0.95 -2.65
C THR A 65 -5.26 -1.61 -3.94
N ILE A 66 -6.51 -1.35 -4.31
CA ILE A 66 -7.07 -1.94 -5.53
C ILE A 66 -6.35 -1.41 -6.77
N LEU A 67 -6.08 -0.11 -6.78
CA LEU A 67 -5.39 0.50 -7.91
C LEU A 67 -3.96 -0.01 -8.03
N ALA A 68 -3.30 -0.21 -6.90
CA ALA A 68 -1.91 -0.69 -6.91
C ALA A 68 -1.82 -2.08 -7.54
N VAL A 69 -2.63 -3.00 -7.05
CA VAL A 69 -2.63 -4.37 -7.58
C VAL A 69 -3.15 -4.40 -9.01
N ASP A 70 -3.87 -3.36 -9.39
CA ASP A 70 -4.44 -3.30 -10.73
C ASP A 70 -3.36 -3.08 -11.80
N ASN A 71 -2.45 -2.13 -11.55
CA ASN A 71 -1.38 -1.79 -12.52
C ASN A 71 0.03 -2.10 -11.99
N LEU A 72 0.28 -1.77 -10.73
CA LEU A 72 1.61 -1.97 -10.13
C LEU A 72 1.85 -3.44 -9.80
N ASN A 73 0.97 -4.30 -10.28
CA ASN A 73 1.11 -5.75 -10.06
C ASN A 73 2.00 -6.38 -11.13
N GLY A 74 3.19 -6.81 -10.73
CA GLY A 74 4.11 -7.44 -11.67
C GLY A 74 4.84 -6.40 -12.53
N PHE A 75 4.67 -5.12 -12.17
CA PHE A 75 5.32 -4.05 -12.92
C PHE A 75 6.82 -4.28 -13.01
N LYS A 76 7.37 -4.17 -14.22
CA LYS A 76 8.80 -4.37 -14.44
C LYS A 76 9.58 -3.09 -14.14
N ILE A 77 10.29 -3.06 -13.00
CA ILE A 77 11.08 -1.90 -12.62
C ILE A 77 12.39 -2.34 -11.97
N GLY A 78 13.50 -1.85 -12.50
CA GLY A 78 14.82 -2.19 -11.97
C GLY A 78 15.20 -3.61 -12.35
N GLY A 79 14.54 -4.14 -13.37
CA GLY A 79 14.83 -5.49 -13.83
C GLY A 79 14.08 -6.53 -12.99
N ARG A 80 13.26 -6.05 -12.05
CA ARG A 80 12.49 -6.94 -11.18
C ARG A 80 11.01 -6.62 -11.25
N ALA A 81 10.16 -7.61 -10.98
CA ALA A 81 8.72 -7.42 -11.03
C ALA A 81 8.16 -7.15 -9.63
N LEU A 82 7.46 -6.03 -9.48
CA LEU A 82 6.89 -5.66 -8.18
C LEU A 82 5.86 -6.69 -7.74
N LYS A 83 5.82 -6.96 -6.44
CA LYS A 83 4.86 -7.93 -5.89
C LYS A 83 3.93 -7.23 -4.89
N ILE A 84 2.72 -6.92 -5.33
CA ILE A 84 1.75 -6.24 -4.46
C ILE A 84 0.77 -7.25 -3.87
N ASP A 85 0.55 -7.15 -2.55
CA ASP A 85 -0.36 -8.06 -1.87
C ASP A 85 -0.82 -7.45 -0.54
N HIS A 86 -2.08 -7.68 -0.19
CA HIS A 86 -2.64 -7.16 1.06
C HIS A 86 -2.08 -7.93 2.26
N THR A 87 -1.89 -7.22 3.37
CA THR A 87 -1.37 -7.85 4.58
C THR A 87 -1.96 -7.17 5.83
N PHE A 88 -2.16 -7.97 6.87
CA PHE A 88 -2.71 -7.43 8.12
C PHE A 88 -1.59 -7.15 9.12
N TYR A 89 -0.34 -7.25 8.65
CA TYR A 89 0.80 -7.01 9.50
C TYR A 89 0.70 -5.63 10.16
N ARG A 90 0.84 -5.60 11.48
CA ARG A 90 0.76 -4.35 12.22
C ARG A 90 2.08 -3.57 12.12
N PRO A 91 2.02 -2.26 12.23
CA PRO A 91 3.23 -1.37 12.17
C PRO A 91 4.16 -1.59 13.37
N LYS A 92 5.46 -1.47 13.13
CA LYS A 92 6.45 -1.65 14.19
C LYS A 92 7.66 -0.75 13.96
N ARG A 93 7.40 0.54 13.78
CA ARG A 93 8.48 1.50 13.55
C ARG A 93 9.44 1.53 14.74
N SER A 94 8.87 1.49 15.94
CA SER A 94 9.68 1.50 17.16
C SER A 94 8.87 1.01 18.35
N LEU A 95 8.49 -0.27 18.32
CA LEU A 95 7.71 -0.86 19.39
C LEU A 95 6.46 -0.02 19.67
N GLN A 96 5.83 0.45 18.60
CA GLN A 96 4.62 1.26 18.75
C GLN A 96 3.43 0.39 19.13
N LYS A 97 2.60 0.90 20.03
CA LYS A 97 1.41 0.17 20.47
C LYS A 97 1.79 -1.26 20.83
N TYR A 98 3.04 -1.46 21.24
CA TYR A 98 3.51 -2.80 21.63
C TYR A 98 2.76 -3.29 22.86
N TYR A 99 2.47 -2.38 23.77
CA TYR A 99 1.75 -2.74 25.00
C TYR A 99 0.44 -3.44 24.65
N GLU A 100 -0.28 -2.87 23.69
CA GLU A 100 -1.55 -3.45 23.27
C GLU A 100 -1.32 -4.77 22.53
N ALA A 101 -0.19 -4.85 21.82
CA ALA A 101 0.14 -6.06 21.06
C ALA A 101 0.25 -7.27 21.99
N VAL A 102 0.94 -7.08 23.11
CA VAL A 102 1.13 -8.17 24.07
C VAL A 102 -0.16 -8.43 24.83
N LYS A 103 -0.95 -7.38 25.04
CA LYS A 103 -2.21 -7.50 25.76
C LYS A 103 -3.17 -8.42 25.01
N GLU A 104 -3.33 -8.16 23.71
CA GLU A 104 -4.22 -8.97 22.89
C GLU A 104 -3.63 -10.36 22.68
N GLU A 105 -2.33 -10.42 22.47
CA GLU A 105 -1.65 -11.70 22.25
C GLU A 105 -1.77 -12.58 23.49
N LEU A 106 -1.60 -11.97 24.66
CA LEU A 106 -1.69 -12.71 25.92
C LEU A 106 -3.09 -13.28 26.10
N ASP A 107 -4.10 -12.49 25.74
CA ASP A 107 -5.49 -12.92 25.88
C ASP A 107 -5.92 -13.73 24.66
N ARG A 108 -5.59 -15.02 24.66
CA ARG A 108 -5.96 -15.89 23.55
C ARG A 108 -7.47 -15.99 23.43
N ASP A 109 -8.15 -16.08 24.57
CA ASP A 109 -9.60 -16.17 24.58
C ASP A 109 -10.15 -15.96 25.99
N ILE A 110 -11.42 -15.58 26.08
CA ILE A 110 -12.04 -15.33 27.38
C ILE A 110 -13.26 -16.25 27.56
N VAL A 111 -13.47 -16.71 28.79
CA VAL A 111 -14.60 -17.60 29.09
C VAL A 111 -15.39 -17.06 30.28
N SER A 112 -16.70 -16.93 30.10
CA SER A 112 -17.57 -16.44 31.15
C SER A 112 -19.04 -16.57 30.76
N LYS A 113 -19.44 -17.78 30.38
CA LYS A 113 -20.82 -18.01 29.98
C LYS A 113 -21.13 -19.51 30.00
N ASN A 114 -20.18 -20.32 29.57
CA ASN A 114 -20.34 -21.77 29.54
C ASN A 114 -20.53 -22.31 30.95
N ASN A 115 -19.79 -21.73 31.90
CA ASN A 115 -19.87 -22.19 33.29
C ASN A 115 -20.92 -21.38 34.06
N ALA A 116 -21.81 -20.72 33.33
CA ALA A 116 -22.85 -19.92 33.96
C ALA A 116 -24.12 -19.91 33.09
N GLU A 117 -24.04 -19.23 31.95
CA GLU A 117 -25.17 -19.14 31.04
C GLU A 117 -25.59 -20.53 30.54
N LYS A 118 -24.59 -21.35 30.24
CA LYS A 118 -24.86 -22.71 29.76
C LYS A 118 -24.90 -23.71 30.91
N TYR B 1 -25.44 16.68 -21.71
CA TYR B 1 -25.21 15.21 -21.69
C TYR B 1 -24.74 14.79 -20.31
N ASP B 2 -25.26 13.67 -19.81
CA ASP B 2 -24.88 13.17 -18.50
C ASP B 2 -23.40 12.83 -18.47
N LYS B 3 -22.74 13.17 -17.37
CA LYS B 3 -21.32 12.89 -17.22
C LYS B 3 -21.09 11.45 -16.75
N PRO B 4 -20.36 10.65 -17.52
CA PRO B 4 -20.06 9.21 -17.19
C PRO B 4 -18.98 9.09 -16.11
N ALA B 5 -17.72 9.17 -16.53
CA ALA B 5 -16.60 9.07 -15.60
C ALA B 5 -15.33 9.64 -16.23
N PRO B 6 -14.35 9.95 -15.42
CA PRO B 6 -13.04 10.51 -15.88
C PRO B 6 -12.26 9.48 -16.71
N GLU B 7 -11.23 9.95 -17.40
CA GLU B 7 -10.42 9.07 -18.23
C GLU B 7 -9.89 7.90 -17.41
N ASN B 8 -9.39 8.20 -16.21
CA ASN B 8 -8.86 7.17 -15.33
C ASN B 8 -10.00 6.33 -14.76
N ARG B 9 -9.70 5.07 -14.47
CA ARG B 9 -10.71 4.17 -13.92
C ARG B 9 -11.23 4.68 -12.58
N PHE B 10 -10.32 5.19 -11.75
CA PHE B 10 -10.70 5.72 -10.44
C PHE B 10 -10.70 7.24 -10.46
N ALA B 11 -10.82 7.84 -9.29
CA ALA B 11 -10.86 9.30 -9.18
C ALA B 11 -9.77 9.82 -8.25
N ILE B 12 -8.56 9.30 -8.41
CA ILE B 12 -7.43 9.72 -7.59
C ILE B 12 -6.72 10.90 -8.24
N MET B 13 -6.75 12.05 -7.56
CA MET B 13 -6.10 13.25 -8.09
C MET B 13 -4.58 13.19 -7.89
N PRO B 14 -3.82 13.78 -8.80
CA PRO B 14 -2.32 13.80 -8.74
C PRO B 14 -1.81 14.69 -7.60
N GLY B 15 -0.52 14.55 -7.27
CA GLY B 15 0.08 15.36 -6.21
C GLY B 15 1.45 15.88 -6.64
N SER B 16 2.01 16.77 -5.83
CA SER B 16 3.32 17.34 -6.13
C SER B 16 4.42 16.29 -5.97
N ARG B 17 4.31 15.48 -4.93
CA ARG B 17 5.30 14.44 -4.66
C ARG B 17 5.38 13.45 -5.82
N TRP B 18 4.30 13.37 -6.59
CA TRP B 18 4.26 12.45 -7.74
C TRP B 18 5.38 12.76 -8.73
N ASP B 19 5.89 13.98 -8.66
CA ASP B 19 6.97 14.40 -9.57
C ASP B 19 6.47 14.46 -11.01
N GLY B 20 5.47 13.63 -11.33
CA GLY B 20 4.91 13.61 -12.68
C GLY B 20 5.46 12.43 -13.48
N VAL B 21 6.08 11.47 -12.78
CA VAL B 21 6.66 10.30 -13.45
C VAL B 21 5.56 9.49 -14.13
N HIS B 22 5.84 9.00 -15.34
CA HIS B 22 4.87 8.20 -16.07
C HIS B 22 4.92 6.74 -15.62
N ARG B 23 3.75 6.18 -15.30
CA ARG B 23 3.66 4.79 -14.83
C ARG B 23 2.50 4.07 -15.52
N SER B 24 2.82 3.16 -16.44
CA SER B 24 1.80 2.42 -17.15
C SER B 24 2.34 1.07 -17.62
N ASN B 25 1.66 -0.01 -17.24
CA ASN B 25 2.09 -1.34 -17.64
C ASN B 25 1.04 -2.38 -17.25
N GLY B 26 -0.17 -2.23 -17.79
CA GLY B 26 -1.25 -3.16 -17.48
C GLY B 26 -2.08 -3.47 -18.73
N PHE B 27 -2.94 -4.47 -18.61
CA PHE B 27 -3.78 -4.86 -19.73
C PHE B 27 -4.73 -3.73 -20.12
N GLU B 28 -5.01 -2.85 -19.17
CA GLU B 28 -5.91 -1.72 -19.41
C GLU B 28 -5.35 -0.80 -20.50
N GLU B 29 -4.05 -0.92 -20.76
CA GLU B 29 -3.39 -0.10 -21.77
C GLU B 29 -4.09 -0.25 -23.12
N LYS B 30 -4.54 -1.47 -23.43
CA LYS B 30 -5.21 -1.73 -24.70
C LYS B 30 -6.48 -0.89 -24.81
N TRP B 31 -7.18 -0.75 -23.69
CA TRP B 31 -8.41 0.02 -23.66
C TRP B 31 -8.14 1.47 -24.05
N PHE B 32 -7.13 2.07 -23.43
CA PHE B 32 -6.77 3.45 -23.72
C PHE B 32 -6.27 3.57 -25.16
N ALA B 33 -5.52 2.57 -25.62
CA ALA B 33 -5.00 2.59 -26.97
C ALA B 33 -6.13 2.58 -27.99
N LYS B 34 -7.15 1.78 -27.72
CA LYS B 34 -8.29 1.68 -28.62
C LYS B 34 -8.98 3.03 -28.76
N GLN B 35 -9.17 3.71 -27.63
CA GLN B 35 -9.82 5.01 -27.64
C GLN B 35 -8.97 6.02 -28.41
N ASN B 36 -7.66 5.96 -28.21
CA ASN B 36 -6.75 6.87 -28.90
C ASN B 36 -6.75 6.60 -30.39
N GLU B 37 -6.89 5.33 -30.77
CA GLU B 37 -6.91 4.96 -32.18
C GLU B 37 -8.07 5.64 -32.91
N ILE B 38 -9.23 5.65 -32.28
CA ILE B 38 -10.41 6.26 -32.89
C ILE B 38 -10.48 7.75 -32.57
N ASN B 39 -9.34 8.33 -32.21
CA ASN B 39 -9.29 9.76 -31.88
C ASN B 39 -9.09 10.61 -33.15
N GLU B 40 -7.91 11.19 -33.29
CA GLU B 40 -7.61 12.02 -34.45
C GLU B 40 -7.46 11.16 -35.71
N LYS B 41 -7.61 9.85 -35.54
CA LYS B 41 -7.50 8.93 -36.67
C LYS B 41 -6.05 8.85 -37.14
N GLY A 1 -23.63 -6.00 12.60
CA GLY A 1 -23.54 -5.22 11.33
C GLY A 1 -22.21 -5.52 10.64
N ALA A 2 -21.57 -4.47 10.13
CA ALA A 2 -20.29 -4.63 9.45
C ALA A 2 -19.23 -5.12 10.41
N MET A 3 -18.37 -6.03 9.95
CA MET A 3 -17.30 -6.57 10.79
C MET A 3 -16.06 -5.69 10.73
N GLY A 4 -16.10 -4.58 11.44
CA GLY A 4 -14.95 -3.66 11.46
C GLY A 4 -15.20 -2.50 12.42
N ASN A 5 -14.14 -1.98 13.01
CA ASN A 5 -14.26 -0.85 13.95
C ASN A 5 -13.87 0.45 13.26
N GLU A 6 -12.72 0.45 12.58
CA GLU A 6 -12.24 1.63 11.88
C GLU A 6 -11.58 1.25 10.57
N TYR A 7 -11.72 2.12 9.56
CA TYR A 7 -11.13 1.87 8.24
C TYR A 7 -10.11 2.96 7.89
N LYS A 8 -10.00 3.96 8.76
CA LYS A 8 -9.06 5.05 8.53
C LYS A 8 -7.65 4.66 8.98
N ASP A 9 -6.66 4.97 8.15
CA ASP A 9 -5.28 4.64 8.48
C ASP A 9 -5.16 3.19 8.91
N ASN A 10 -5.93 2.31 8.27
CA ASN A 10 -5.90 0.88 8.60
C ASN A 10 -5.58 0.05 7.35
N ALA A 11 -5.29 0.74 6.25
CA ALA A 11 -4.96 0.05 4.99
C ALA A 11 -3.46 -0.18 4.88
N TYR A 12 -3.06 -1.44 4.82
CA TYR A 12 -1.63 -1.79 4.70
C TYR A 12 -1.42 -2.81 3.59
N ILE A 13 -0.36 -2.62 2.80
CA ILE A 13 -0.04 -3.54 1.71
C ILE A 13 1.42 -3.98 1.80
N TYR A 14 1.66 -5.25 1.47
CA TYR A 14 3.02 -5.78 1.52
C TYR A 14 3.69 -5.68 0.15
N ILE A 15 4.79 -4.91 0.09
CA ILE A 15 5.52 -4.75 -1.18
C ILE A 15 6.89 -5.41 -1.06
N GLY A 16 7.11 -6.45 -1.86
CA GLY A 16 8.39 -7.18 -1.84
C GLY A 16 8.94 -7.39 -3.24
N ASN A 17 10.09 -8.04 -3.33
CA ASN A 17 10.72 -8.29 -4.63
C ASN A 17 11.12 -6.98 -5.30
N LEU A 18 11.48 -5.99 -4.49
CA LEU A 18 11.88 -4.69 -5.02
C LEU A 18 13.40 -4.53 -4.94
N ASN A 19 13.98 -3.96 -5.99
CA ASN A 19 15.42 -3.76 -6.04
C ASN A 19 15.87 -2.85 -4.88
N ARG A 20 16.98 -3.21 -4.25
CA ARG A 20 17.51 -2.42 -3.15
C ARG A 20 17.83 -1.00 -3.60
N GLU A 21 17.96 -0.83 -4.91
CA GLU A 21 18.27 0.48 -5.47
C GLU A 21 17.11 1.44 -5.26
N LEU A 22 15.90 0.89 -5.21
CA LEU A 22 14.70 1.70 -5.01
C LEU A 22 14.67 2.25 -3.58
N THR A 23 14.56 3.57 -3.47
CA THR A 23 14.51 4.23 -2.15
C THR A 23 13.10 4.70 -1.83
N GLU A 24 12.96 5.42 -0.73
CA GLU A 24 11.66 5.93 -0.32
C GLU A 24 11.09 6.86 -1.37
N GLY A 25 11.95 7.68 -1.96
CA GLY A 25 11.51 8.62 -2.99
C GLY A 25 10.92 7.88 -4.17
N ASP A 26 11.59 6.82 -4.62
CA ASP A 26 11.11 6.04 -5.75
C ASP A 26 9.77 5.40 -5.45
N ILE A 27 9.67 4.75 -4.29
CA ILE A 27 8.42 4.09 -3.90
C ILE A 27 7.28 5.10 -3.85
N LEU A 28 7.54 6.25 -3.23
CA LEU A 28 6.52 7.27 -3.13
C LEU A 28 6.06 7.72 -4.51
N THR A 29 7.03 8.02 -5.38
CA THR A 29 6.72 8.46 -6.74
C THR A 29 5.98 7.36 -7.52
N VAL A 30 6.45 6.14 -7.37
CA VAL A 30 5.85 5.00 -8.07
C VAL A 30 4.38 4.82 -7.66
N PHE A 31 4.14 4.82 -6.34
CA PHE A 31 2.78 4.64 -5.82
C PHE A 31 2.02 5.97 -5.75
N SER A 32 2.76 7.08 -5.84
CA SER A 32 2.14 8.41 -5.76
C SER A 32 0.89 8.50 -6.64
N GLU A 33 1.07 8.25 -7.93
CA GLU A 33 -0.03 8.33 -8.87
C GLU A 33 -1.07 7.24 -8.59
N TYR A 34 -0.62 6.16 -7.99
CA TYR A 34 -1.49 5.03 -7.67
C TYR A 34 -1.91 5.04 -6.21
N GLY A 35 -2.11 6.23 -5.63
CA GLY A 35 -2.50 6.32 -4.22
C GLY A 35 -1.31 6.67 -3.32
N VAL A 36 -0.87 7.92 -3.39
CA VAL A 36 0.28 8.35 -2.60
C VAL A 36 0.04 8.09 -1.11
N PRO A 37 0.94 7.36 -0.45
CA PRO A 37 0.83 7.02 1.00
C PRO A 37 1.20 8.19 1.89
N VAL A 38 0.74 8.13 3.12
CA VAL A 38 1.04 9.18 4.09
C VAL A 38 2.32 8.84 4.85
N ASP A 39 2.73 7.56 4.78
CA ASP A 39 3.95 7.12 5.45
C ASP A 39 4.27 5.67 5.08
N VAL A 40 5.55 5.30 5.19
CA VAL A 40 5.97 3.92 4.87
C VAL A 40 7.01 3.45 5.88
N ILE A 41 7.06 2.14 6.11
CA ILE A 41 8.02 1.57 7.06
C ILE A 41 9.07 0.73 6.32
N LEU A 42 10.33 1.12 6.43
CA LEU A 42 11.42 0.41 5.77
C LEU A 42 12.08 -0.57 6.73
N SER A 43 11.83 -1.86 6.52
CA SER A 43 12.41 -2.89 7.37
C SER A 43 13.89 -3.07 7.05
N ARG A 44 14.73 -2.98 8.09
CA ARG A 44 16.17 -3.13 7.90
C ARG A 44 16.80 -3.75 9.15
N ASP A 45 17.61 -4.79 8.94
CA ASP A 45 18.26 -5.46 10.06
C ASP A 45 19.54 -4.73 10.46
N GLU A 46 19.62 -4.32 11.71
CA GLU A 46 20.79 -3.60 12.20
C GLU A 46 21.94 -4.57 12.45
N ASN A 47 21.66 -5.86 12.31
CA ASN A 47 22.69 -6.88 12.53
C ASN A 47 23.82 -6.72 11.51
N THR A 48 23.46 -6.42 10.26
CA THR A 48 24.46 -6.24 9.20
C THR A 48 24.27 -4.89 8.52
N GLY A 49 23.11 -4.28 8.72
CA GLY A 49 22.82 -2.98 8.12
C GLY A 49 22.34 -3.15 6.67
N GLU A 50 22.24 -4.39 6.22
CA GLU A 50 21.80 -4.67 4.85
C GLU A 50 20.80 -5.82 4.84
N SER A 51 19.65 -5.59 4.23
CA SER A 51 18.61 -6.62 4.14
C SER A 51 17.45 -6.15 3.26
N GLN A 52 16.57 -5.35 3.85
CA GLN A 52 15.42 -4.82 3.10
C GLN A 52 14.76 -5.94 2.30
N GLY A 53 14.45 -5.65 1.02
CA GLY A 53 13.82 -6.63 0.15
C GLY A 53 12.30 -6.51 0.21
N PHE A 54 11.81 -5.80 1.22
CA PHE A 54 10.38 -5.62 1.39
C PHE A 54 10.08 -4.44 2.32
N ALA A 55 8.86 -3.92 2.24
CA ALA A 55 8.46 -2.79 3.09
C ALA A 55 6.94 -2.76 3.26
N TYR A 56 6.47 -2.00 4.27
CA TYR A 56 5.03 -1.90 4.52
C TYR A 56 4.53 -0.49 4.20
N LEU A 57 3.58 -0.40 3.28
CA LEU A 57 3.01 0.89 2.89
C LEU A 57 1.81 1.24 3.78
N LYS A 58 1.64 2.52 4.09
CA LYS A 58 0.51 2.98 4.93
C LYS A 58 -0.34 3.99 4.18
N TYR A 59 -1.52 3.56 3.73
CA TYR A 59 -2.43 4.45 3.01
C TYR A 59 -3.72 4.68 3.82
N GLU A 60 -4.52 5.66 3.42
CA GLU A 60 -5.76 5.99 4.14
C GLU A 60 -6.87 4.95 3.86
N ASP A 61 -7.24 4.80 2.60
CA ASP A 61 -8.27 3.83 2.20
C ASP A 61 -7.68 2.73 1.31
N GLN A 62 -7.96 1.48 1.65
CA GLN A 62 -7.44 0.34 0.88
C GLN A 62 -7.94 0.41 -0.57
N ARG A 63 -9.04 1.12 -0.77
CA ARG A 63 -9.61 1.24 -2.11
C ARG A 63 -8.61 1.91 -3.06
N SER A 64 -7.66 2.64 -2.49
CA SER A 64 -6.66 3.32 -3.30
C SER A 64 -5.57 2.35 -3.77
N THR A 65 -5.24 1.39 -2.92
CA THR A 65 -4.21 0.42 -3.24
C THR A 65 -4.65 -0.45 -4.40
N ILE A 66 -5.94 -0.69 -4.49
CA ILE A 66 -6.46 -1.51 -5.55
C ILE A 66 -5.90 -1.05 -6.90
N LEU A 67 -5.64 0.26 -7.00
CA LEU A 67 -5.13 0.82 -8.24
C LEU A 67 -3.68 0.38 -8.47
N ALA A 68 -2.82 0.60 -7.48
CA ALA A 68 -1.42 0.23 -7.59
C ALA A 68 -1.28 -1.27 -7.72
N VAL A 69 -2.15 -2.00 -7.05
CA VAL A 69 -2.09 -3.45 -7.07
C VAL A 69 -2.23 -3.99 -8.48
N ASP A 70 -3.25 -3.52 -9.20
CA ASP A 70 -3.51 -4.00 -10.56
C ASP A 70 -2.70 -3.22 -11.60
N ASN A 71 -2.09 -2.11 -11.18
CA ASN A 71 -1.32 -1.26 -12.09
C ASN A 71 0.19 -1.51 -11.97
N LEU A 72 0.60 -2.19 -10.90
CA LEU A 72 2.03 -2.47 -10.66
C LEU A 72 2.30 -3.98 -10.57
N ASN A 73 1.24 -4.75 -10.38
CA ASN A 73 1.38 -6.20 -10.28
C ASN A 73 1.78 -6.79 -11.64
N GLY A 74 2.97 -7.40 -11.68
CA GLY A 74 3.45 -8.00 -12.91
C GLY A 74 4.18 -6.98 -13.79
N PHE A 75 4.39 -5.78 -13.24
CA PHE A 75 5.08 -4.72 -13.99
C PHE A 75 6.57 -4.72 -13.65
N LYS A 76 7.41 -4.82 -14.68
CA LYS A 76 8.85 -4.82 -14.49
C LYS A 76 9.37 -3.42 -14.21
N ILE A 77 10.16 -3.28 -13.14
CA ILE A 77 10.73 -2.00 -12.77
C ILE A 77 12.16 -2.18 -12.26
N GLY A 78 13.10 -1.40 -12.78
CA GLY A 78 14.48 -1.48 -12.33
C GLY A 78 15.11 -2.82 -12.70
N GLY A 79 14.56 -3.46 -13.72
CA GLY A 79 15.08 -4.76 -14.17
C GLY A 79 14.39 -5.91 -13.45
N ARG A 80 13.58 -5.59 -12.43
CA ARG A 80 12.85 -6.62 -11.68
C ARG A 80 11.40 -6.21 -11.46
N ALA A 81 10.53 -7.19 -11.26
CA ALA A 81 9.11 -6.91 -11.05
C ALA A 81 8.76 -6.95 -9.56
N LEU A 82 7.98 -5.98 -9.11
CA LEU A 82 7.57 -5.90 -7.70
C LEU A 82 6.23 -6.58 -7.50
N LYS A 83 5.96 -7.03 -6.28
CA LYS A 83 4.70 -7.70 -5.96
C LYS A 83 3.97 -6.99 -4.82
N ILE A 84 2.69 -6.64 -5.06
CA ILE A 84 1.88 -5.95 -4.06
C ILE A 84 0.78 -6.88 -3.55
N ASP A 85 0.59 -6.91 -2.24
CA ASP A 85 -0.43 -7.75 -1.64
C ASP A 85 -0.96 -7.13 -0.35
N HIS A 86 -2.23 -7.38 -0.05
CA HIS A 86 -2.84 -6.84 1.16
C HIS A 86 -2.41 -7.65 2.37
N THR A 87 -1.95 -6.95 3.41
CA THR A 87 -1.50 -7.62 4.64
C THR A 87 -2.32 -7.16 5.84
N PHE A 88 -2.79 -5.91 5.79
CA PHE A 88 -3.59 -5.37 6.88
C PHE A 88 -2.85 -5.50 8.20
N TYR A 89 -1.52 -5.45 8.15
CA TYR A 89 -0.70 -5.57 9.34
C TYR A 89 -0.67 -4.23 10.08
N ARG A 90 -0.93 -4.27 11.39
CA ARG A 90 -0.93 -3.06 12.21
C ARG A 90 0.51 -2.71 12.65
N PRO A 91 0.81 -1.43 12.81
CA PRO A 91 2.17 -0.97 13.26
C PRO A 91 2.67 -1.73 14.48
N LYS A 92 3.98 -1.91 14.57
CA LYS A 92 4.58 -2.63 15.69
C LYS A 92 4.44 -1.82 16.97
N ARG A 93 5.05 -2.32 18.04
CA ARG A 93 5.00 -1.63 19.34
C ARG A 93 3.55 -1.55 19.83
N SER A 94 2.69 -2.43 19.32
CA SER A 94 1.29 -2.45 19.72
C SER A 94 0.84 -3.87 20.04
N LEU A 95 -0.20 -3.99 20.87
CA LEU A 95 -0.72 -5.31 21.25
C LEU A 95 -2.25 -5.30 21.20
N GLN A 96 -2.81 -4.85 20.07
CA GLN A 96 -4.25 -4.81 19.91
C GLN A 96 -4.92 -4.23 21.15
N LYS A 97 -4.44 -3.08 21.59
CA LYS A 97 -5.01 -2.43 22.77
C LYS A 97 -5.26 -3.45 23.88
N TYR A 98 -4.28 -4.29 24.14
CA TYR A 98 -4.41 -5.31 25.17
C TYR A 98 -4.86 -4.69 26.48
N TYR A 99 -4.71 -3.37 26.59
CA TYR A 99 -5.10 -2.67 27.81
C TYR A 99 -6.63 -2.76 28.01
N GLU A 100 -7.11 -3.97 28.28
CA GLU A 100 -8.54 -4.18 28.49
C GLU A 100 -8.82 -5.63 28.89
N ALA A 101 -8.09 -6.56 28.28
CA ALA A 101 -8.27 -7.97 28.58
C ALA A 101 -7.80 -8.28 30.01
N VAL A 102 -6.85 -7.49 30.49
CA VAL A 102 -6.31 -7.70 31.83
C VAL A 102 -7.43 -7.69 32.88
N LYS A 103 -8.50 -6.94 32.61
CA LYS A 103 -9.63 -6.84 33.53
C LYS A 103 -10.79 -7.72 33.06
N GLU A 104 -10.84 -7.99 31.75
CA GLU A 104 -11.91 -8.82 31.17
C GLU A 104 -11.43 -10.24 30.94
N GLU A 105 -10.19 -10.53 31.35
CA GLU A 105 -9.62 -11.85 31.19
C GLU A 105 -10.49 -12.90 31.86
N LEU A 106 -10.67 -14.04 31.18
CA LEU A 106 -11.49 -15.11 31.72
C LEU A 106 -12.88 -14.60 32.09
N ASP A 107 -13.30 -13.52 31.44
CA ASP A 107 -14.61 -12.93 31.70
C ASP A 107 -15.09 -12.11 30.51
N ARG A 108 -16.06 -12.65 29.78
CA ARG A 108 -16.59 -11.94 28.62
C ARG A 108 -17.85 -12.65 28.11
N ASP A 109 -17.73 -13.94 27.81
CA ASP A 109 -18.86 -14.71 27.32
C ASP A 109 -18.68 -16.19 27.64
N ILE A 110 -18.84 -16.54 28.91
CA ILE A 110 -18.70 -17.92 29.33
C ILE A 110 -19.18 -18.10 30.77
N VAL A 111 -18.65 -17.28 31.67
CA VAL A 111 -19.04 -17.35 33.08
C VAL A 111 -20.39 -16.66 33.30
N SER A 112 -20.61 -15.59 32.56
CA SER A 112 -21.87 -14.84 32.69
C SER A 112 -23.02 -15.62 32.06
N LYS A 113 -24.24 -15.32 32.50
CA LYS A 113 -25.44 -16.00 31.97
C LYS A 113 -26.49 -14.99 31.56
N ASN A 114 -27.42 -15.42 30.70
CA ASN A 114 -28.47 -14.53 30.23
C ASN A 114 -29.50 -14.30 31.34
N ASN A 115 -29.24 -13.30 32.16
CA ASN A 115 -30.15 -12.97 33.26
C ASN A 115 -31.52 -12.57 32.73
N ALA A 116 -31.52 -11.84 31.62
CA ALA A 116 -32.78 -11.40 31.02
C ALA A 116 -33.41 -12.52 30.20
N GLU A 117 -34.18 -13.38 30.86
CA GLU A 117 -34.82 -14.49 30.18
C GLU A 117 -36.13 -14.04 29.52
N LYS A 118 -36.21 -14.20 28.20
CA LYS A 118 -37.40 -13.81 27.46
C LYS A 118 -38.44 -14.92 27.50
N TYR B 1 -9.40 13.93 -29.47
CA TYR B 1 -10.46 13.98 -28.42
C TYR B 1 -9.98 13.19 -27.21
N ASP B 2 -8.70 12.84 -27.19
CA ASP B 2 -8.14 12.08 -26.08
C ASP B 2 -8.26 12.88 -24.78
N LYS B 3 -8.60 12.18 -23.70
CA LYS B 3 -8.76 12.84 -22.41
C LYS B 3 -7.40 13.35 -21.90
N PRO B 4 -7.41 14.41 -21.11
CA PRO B 4 -6.17 15.00 -20.53
C PRO B 4 -5.51 14.07 -19.50
N ALA B 5 -6.32 13.23 -18.85
CA ALA B 5 -5.81 12.29 -17.85
C ALA B 5 -5.88 10.85 -18.36
N PRO B 6 -5.03 9.98 -17.84
CA PRO B 6 -5.01 8.54 -18.25
C PRO B 6 -6.28 7.80 -17.84
N GLU B 7 -6.63 6.77 -18.61
CA GLU B 7 -7.83 5.99 -18.32
C GLU B 7 -7.75 5.40 -16.91
N ASN B 8 -8.88 5.35 -16.23
CA ASN B 8 -8.93 4.81 -14.88
C ASN B 8 -10.39 4.67 -14.41
N ARG B 9 -10.65 3.64 -13.60
CA ARG B 9 -11.99 3.41 -13.08
C ARG B 9 -12.23 4.24 -11.83
N PHE B 10 -11.18 4.92 -11.36
CA PHE B 10 -11.28 5.74 -10.17
C PHE B 10 -11.09 7.21 -10.50
N ALA B 11 -11.07 8.05 -9.48
CA ALA B 11 -10.88 9.49 -9.68
C ALA B 11 -10.00 10.09 -8.58
N ILE B 12 -8.91 9.39 -8.27
CA ILE B 12 -8.00 9.86 -7.22
C ILE B 12 -7.00 10.87 -7.80
N MET B 13 -6.98 12.06 -7.22
CA MET B 13 -6.07 13.11 -7.69
C MET B 13 -4.60 12.75 -7.40
N PRO B 14 -3.68 13.19 -8.24
CA PRO B 14 -2.22 12.91 -8.05
C PRO B 14 -1.62 13.73 -6.91
N GLY B 15 -0.47 13.29 -6.39
CA GLY B 15 0.20 13.98 -5.30
C GLY B 15 1.40 14.77 -5.81
N SER B 16 1.76 15.84 -5.10
CA SER B 16 2.89 16.67 -5.50
C SER B 16 4.18 15.85 -5.49
N ARG B 17 4.29 14.94 -4.51
CA ARG B 17 5.47 14.10 -4.39
C ARG B 17 5.58 13.16 -5.59
N TRP B 18 4.57 13.20 -6.46
CA TRP B 18 4.58 12.34 -7.64
C TRP B 18 5.74 12.67 -8.56
N ASP B 19 6.36 13.81 -8.33
CA ASP B 19 7.49 14.24 -9.15
C ASP B 19 7.06 14.46 -10.61
N GLY B 20 5.93 13.85 -10.98
CA GLY B 20 5.42 13.98 -12.35
C GLY B 20 5.93 12.85 -13.24
N VAL B 21 6.57 11.85 -12.62
CA VAL B 21 7.10 10.72 -13.37
C VAL B 21 5.97 9.83 -13.88
N HIS B 22 6.06 9.43 -15.15
CA HIS B 22 5.03 8.58 -15.74
C HIS B 22 5.22 7.11 -15.36
N ARG B 23 4.20 6.54 -14.72
CA ARG B 23 4.26 5.12 -14.31
C ARG B 23 2.97 4.42 -14.70
N SER B 24 3.05 3.58 -15.74
CA SER B 24 1.88 2.85 -16.21
C SER B 24 2.29 1.65 -17.06
N ASN B 25 1.59 0.54 -16.89
CA ASN B 25 1.89 -0.66 -17.66
C ASN B 25 0.80 -1.72 -17.44
N GLY B 26 -0.45 -1.33 -17.64
CA GLY B 26 -1.57 -2.26 -17.47
C GLY B 26 -2.05 -2.79 -18.82
N PHE B 27 -2.00 -4.10 -18.98
CA PHE B 27 -2.43 -4.73 -20.22
C PHE B 27 -3.94 -4.56 -20.40
N GLU B 28 -4.65 -4.40 -19.29
CA GLU B 28 -6.09 -4.23 -19.33
C GLU B 28 -6.47 -3.01 -20.17
N GLU B 29 -5.51 -2.10 -20.36
CA GLU B 29 -5.76 -0.89 -21.14
C GLU B 29 -6.43 -1.24 -22.46
N LYS B 30 -6.14 -2.43 -22.99
CA LYS B 30 -6.72 -2.87 -24.24
C LYS B 30 -8.24 -2.84 -24.15
N TRP B 31 -8.76 -3.03 -22.95
CA TRP B 31 -10.20 -3.02 -22.73
C TRP B 31 -10.78 -1.67 -23.14
N PHE B 32 -10.11 -0.60 -22.71
CA PHE B 32 -10.58 0.75 -23.03
C PHE B 32 -10.53 0.98 -24.54
N ALA B 33 -9.47 0.47 -25.17
CA ALA B 33 -9.31 0.63 -26.61
C ALA B 33 -10.48 -0.02 -27.35
N LYS B 34 -10.89 -1.20 -26.89
CA LYS B 34 -12.01 -1.90 -27.52
C LYS B 34 -13.31 -1.13 -27.33
N GLN B 35 -13.47 -0.54 -26.15
CA GLN B 35 -14.68 0.22 -25.85
C GLN B 35 -14.76 1.47 -26.74
N ASN B 36 -13.60 1.93 -27.21
CA ASN B 36 -13.55 3.10 -28.08
C ASN B 36 -13.73 2.69 -29.53
N GLU B 37 -13.10 1.58 -29.90
CA GLU B 37 -13.20 1.07 -31.28
C GLU B 37 -14.63 0.64 -31.58
N ILE B 38 -15.28 0.01 -30.60
CA ILE B 38 -16.65 -0.47 -30.78
C ILE B 38 -17.57 0.70 -31.14
N ASN B 39 -17.20 1.89 -30.70
CA ASN B 39 -18.01 3.08 -30.98
C ASN B 39 -19.40 2.92 -30.40
N GLU B 40 -20.00 4.03 -29.99
CA GLU B 40 -21.35 4.01 -29.42
C GLU B 40 -22.35 3.49 -30.44
N LYS B 41 -22.17 3.89 -31.70
CA LYS B 41 -23.09 3.46 -32.76
C LYS B 41 -22.33 3.26 -34.07
#